data_7XEZ
#
_entry.id   7XEZ
#
loop_
_entity.id
_entity.type
_entity.pdbx_description
1 polymer 'Histone acetyltransferase p300,NUT family member 1'
2 non-polymer 'ZINC ION'
#
_entity_poly.entity_id   1
_entity_poly.type   'polypeptide(L)'
_entity_poly.pdbx_seq_one_letter_code
;SGGRATQSPGDSRRLSIQRAIQSLVHAAQCRNANCSLPSCQKMKRVVQHTKGCKRKTNGGCPICKQLIALAAYHAKHCQE
NKCPVPFCLNIKQKGSGGSGGSGGSGGSGGSSQKVFVSKVEAVIHPQFLADLLSPEKQRDPLALIEELEQEEGLTLAQLV
QKR
;
_entity_poly.pdbx_strand_id   A
#
# COMPACT_ATOMS: atom_id res chain seq x y z
N SER A 1 8.10 -2.59 27.46
CA SER A 1 8.93 -1.56 26.81
C SER A 1 8.99 -1.81 25.30
N GLY A 2 7.83 -1.77 24.66
CA GLY A 2 7.77 -2.03 23.24
C GLY A 2 7.50 -3.48 22.95
N GLY A 3 8.02 -3.98 21.84
CA GLY A 3 7.81 -5.38 21.49
C GLY A 3 6.36 -5.68 21.23
N ARG A 4 5.93 -6.85 21.70
CA ARG A 4 4.54 -7.29 21.54
C ARG A 4 4.19 -7.45 20.05
N ALA A 5 4.73 -8.50 19.46
CA ALA A 5 4.44 -8.81 18.07
C ALA A 5 4.32 -10.32 17.86
N THR A 6 3.37 -10.72 17.02
CA THR A 6 3.14 -12.12 16.74
C THR A 6 3.13 -12.36 15.23
N GLN A 7 3.76 -13.45 14.80
CA GLN A 7 3.91 -13.74 13.38
C GLN A 7 2.68 -14.50 12.83
N SER A 8 1.65 -13.75 12.49
CA SER A 8 0.49 -14.32 11.83
C SER A 8 0.71 -14.32 10.31
N PRO A 9 -0.17 -14.98 9.53
CA PRO A 9 -0.11 -14.89 8.06
C PRO A 9 -0.19 -13.44 7.60
N GLY A 10 -1.04 -12.69 8.27
CA GLY A 10 -1.14 -11.27 8.04
C GLY A 10 0.18 -10.59 8.27
N ASP A 11 0.83 -10.91 9.40
CA ASP A 11 2.11 -10.31 9.76
C ASP A 11 3.10 -10.36 8.62
N SER A 12 3.27 -11.53 8.02
CA SER A 12 4.21 -11.69 6.92
C SER A 12 3.85 -10.79 5.74
N ARG A 13 2.55 -10.67 5.44
CA ARG A 13 2.12 -9.84 4.34
C ARG A 13 2.13 -8.35 4.72
N ARG A 14 1.95 -8.06 6.00
CA ARG A 14 2.09 -6.71 6.51
C ARG A 14 3.56 -6.32 6.50
N LEU A 15 4.41 -7.33 6.69
CA LEU A 15 5.84 -7.16 6.60
C LEU A 15 6.27 -6.92 5.16
N SER A 16 5.53 -7.49 4.23
CA SER A 16 5.75 -7.22 2.81
C SER A 16 5.27 -5.80 2.50
N ILE A 17 4.25 -5.37 3.23
CA ILE A 17 3.79 -3.99 3.20
C ILE A 17 4.88 -3.08 3.71
N GLN A 18 5.39 -3.40 4.88
CA GLN A 18 6.46 -2.63 5.48
C GLN A 18 7.72 -2.66 4.64
N ARG A 19 7.89 -3.76 3.91
CA ARG A 19 9.04 -3.94 3.06
C ARG A 19 8.90 -3.11 1.79
N ALA A 20 7.71 -3.12 1.19
CA ALA A 20 7.41 -2.24 0.08
C ALA A 20 7.43 -0.79 0.55
N ILE A 21 7.12 -0.61 1.81
CA ILE A 21 7.22 0.68 2.47
C ILE A 21 8.67 1.14 2.54
N GLN A 22 9.57 0.20 2.83
CA GLN A 22 11.00 0.49 2.80
C GLN A 22 11.40 0.93 1.41
N SER A 23 10.79 0.28 0.41
CA SER A 23 10.95 0.69 -0.97
C SER A 23 10.44 2.13 -1.11
N LEU A 24 9.18 2.34 -0.69
CA LEU A 24 8.51 3.64 -0.77
C LEU A 24 9.43 4.79 -0.36
N VAL A 25 9.90 4.73 0.89
CA VAL A 25 10.79 5.77 1.40
C VAL A 25 11.97 6.00 0.46
N HIS A 26 12.54 4.90 -0.02
CA HIS A 26 13.70 4.97 -0.90
C HIS A 26 13.39 5.74 -2.17
N ALA A 27 12.39 5.29 -2.93
CA ALA A 27 12.09 5.91 -4.22
C ALA A 27 11.56 7.31 -4.02
N ALA A 28 11.08 7.58 -2.82
CA ALA A 28 10.53 8.88 -2.49
C ALA A 28 11.63 9.92 -2.38
N GLN A 29 12.82 9.51 -1.96
CA GLN A 29 13.92 10.45 -1.83
C GLN A 29 15.18 10.04 -2.59
N CYS A 30 15.08 9.05 -3.45
CA CYS A 30 16.22 8.66 -4.26
C CYS A 30 16.42 9.67 -5.40
N ARG A 31 17.55 10.37 -5.38
CA ARG A 31 17.89 11.28 -6.45
C ARG A 31 19.24 10.91 -7.04
N ASN A 32 19.65 9.68 -6.81
CA ASN A 32 20.89 9.15 -7.34
C ASN A 32 20.63 8.45 -8.67
N ALA A 33 21.09 9.07 -9.74
CA ALA A 33 20.90 8.54 -11.08
C ALA A 33 21.68 7.25 -11.28
N ASN A 34 22.81 7.16 -10.57
CA ASN A 34 23.64 5.97 -10.62
C ASN A 34 22.92 4.76 -10.05
N CYS A 35 21.89 5.01 -9.25
CA CYS A 35 21.10 3.93 -8.68
C CYS A 35 20.04 3.48 -9.67
N SER A 36 20.07 2.19 -9.98
CA SER A 36 19.09 1.61 -10.87
C SER A 36 18.67 0.26 -10.30
N LEU A 37 18.42 0.25 -9.01
CA LEU A 37 18.08 -0.96 -8.30
C LEU A 37 16.70 -1.48 -8.69
N PRO A 38 16.46 -2.78 -8.51
CA PRO A 38 15.22 -3.41 -8.99
C PRO A 38 13.98 -2.82 -8.30
N SER A 39 14.02 -2.78 -6.98
CA SER A 39 12.91 -2.23 -6.20
C SER A 39 12.77 -0.73 -6.45
N CYS A 40 13.87 -0.08 -6.80
CA CYS A 40 13.86 1.36 -6.98
C CYS A 40 13.22 1.74 -8.31
N GLN A 41 13.60 1.05 -9.37
CA GLN A 41 13.11 1.38 -10.70
C GLN A 41 11.62 1.10 -10.83
N LYS A 42 11.21 -0.03 -10.27
CA LYS A 42 9.81 -0.44 -10.28
C LYS A 42 8.98 0.53 -9.47
N MET A 43 9.51 0.94 -8.34
CA MET A 43 8.83 1.88 -7.49
C MET A 43 8.89 3.29 -8.04
N LYS A 44 9.95 3.64 -8.73
CA LYS A 44 10.01 4.95 -9.38
C LYS A 44 8.81 5.08 -10.30
N ARG A 45 8.44 3.98 -10.92
CA ARG A 45 7.25 3.90 -11.74
C ARG A 45 5.99 4.05 -10.88
N VAL A 46 5.91 3.24 -9.82
CA VAL A 46 4.73 3.20 -8.94
C VAL A 46 4.54 4.55 -8.21
N VAL A 47 5.64 5.17 -7.80
CA VAL A 47 5.57 6.47 -7.13
C VAL A 47 5.16 7.55 -8.12
N GLN A 48 5.77 7.55 -9.29
CA GLN A 48 5.44 8.52 -10.32
C GLN A 48 3.98 8.39 -10.75
N HIS A 49 3.42 7.17 -10.60
CA HIS A 49 1.99 6.98 -10.77
C HIS A 49 1.25 7.88 -9.78
N THR A 50 1.61 7.76 -8.50
CA THR A 50 0.89 8.43 -7.42
C THR A 50 0.70 9.92 -7.69
N LYS A 51 1.65 10.50 -8.41
CA LYS A 51 1.65 11.94 -8.65
C LYS A 51 0.91 12.31 -9.93
N GLY A 52 1.07 11.50 -10.97
CA GLY A 52 0.48 11.82 -12.25
C GLY A 52 -0.92 11.26 -12.35
N CYS A 53 -1.43 10.80 -11.23
CA CYS A 53 -2.71 10.16 -11.15
C CYS A 53 -3.83 11.17 -10.89
N LYS A 54 -5.05 10.78 -11.26
CA LYS A 54 -6.23 11.62 -11.04
C LYS A 54 -7.31 10.86 -10.26
N ARG A 55 -7.52 9.59 -10.64
CA ARG A 55 -8.44 8.68 -9.92
C ARG A 55 -7.82 8.22 -8.60
N LYS A 56 -6.73 8.89 -8.21
CA LYS A 56 -5.92 8.57 -7.03
C LYS A 56 -6.73 8.08 -5.84
N THR A 57 -7.46 8.97 -5.20
CA THR A 57 -8.18 8.63 -3.99
C THR A 57 -9.65 8.37 -4.26
N ASN A 58 -10.06 8.54 -5.53
CA ASN A 58 -11.43 8.26 -5.94
C ASN A 58 -11.73 6.78 -5.76
N GLY A 59 -10.69 5.96 -5.77
CA GLY A 59 -10.85 4.54 -5.52
C GLY A 59 -10.72 3.70 -6.77
N GLY A 60 -10.37 4.34 -7.88
CA GLY A 60 -10.28 3.63 -9.14
C GLY A 60 -8.99 2.85 -9.26
N CYS A 61 -7.88 3.57 -9.26
CA CYS A 61 -6.57 2.94 -9.36
C CYS A 61 -6.27 2.20 -8.07
N PRO A 62 -5.73 0.98 -8.15
CA PRO A 62 -5.29 0.25 -6.97
C PRO A 62 -4.12 0.92 -6.27
N ILE A 63 -3.16 1.44 -7.06
CA ILE A 63 -1.90 1.94 -6.51
C ILE A 63 -2.10 2.94 -5.39
N CYS A 64 -2.72 4.06 -5.71
CA CYS A 64 -2.85 5.13 -4.75
C CYS A 64 -3.50 4.68 -3.44
N LYS A 65 -4.41 3.70 -3.51
CA LYS A 65 -5.03 3.17 -2.29
C LYS A 65 -4.03 2.37 -1.47
N GLN A 66 -3.30 1.50 -2.13
CA GLN A 66 -2.28 0.71 -1.46
C GLN A 66 -1.03 1.54 -1.18
N LEU A 67 -0.91 2.66 -1.88
CA LEU A 67 0.19 3.58 -1.65
C LEU A 67 -0.12 4.52 -0.50
N ILE A 68 -1.39 4.89 -0.34
CA ILE A 68 -1.80 5.61 0.86
C ILE A 68 -1.86 4.65 2.02
N ALA A 69 -1.90 3.36 1.68
CA ALA A 69 -1.80 2.32 2.69
C ALA A 69 -0.34 2.17 3.11
N LEU A 70 0.55 2.00 2.13
CA LEU A 70 1.97 1.93 2.41
C LEU A 70 2.42 3.19 3.13
N ALA A 71 2.16 4.34 2.53
CA ALA A 71 2.57 5.62 3.09
C ALA A 71 2.00 5.84 4.49
N ALA A 72 0.78 5.34 4.74
CA ALA A 72 0.18 5.45 6.06
C ALA A 72 0.87 4.53 7.05
N TYR A 73 0.91 3.24 6.71
CA TYR A 73 1.63 2.26 7.51
C TYR A 73 3.05 2.75 7.78
N HIS A 74 3.66 3.27 6.73
CA HIS A 74 4.96 3.90 6.79
C HIS A 74 4.93 5.13 7.72
N ALA A 75 3.90 5.96 7.57
CA ALA A 75 3.77 7.20 8.36
C ALA A 75 3.69 6.89 9.85
N LYS A 76 3.16 5.72 10.18
CA LYS A 76 3.09 5.29 11.57
C LYS A 76 4.50 5.07 12.10
N HIS A 77 5.35 4.51 11.26
CA HIS A 77 6.74 4.25 11.63
C HIS A 77 7.65 5.37 11.12
N CYS A 78 7.07 6.55 10.97
CA CYS A 78 7.80 7.70 10.44
C CYS A 78 7.66 8.88 11.39
N GLN A 79 8.71 9.66 11.54
CA GLN A 79 8.69 10.82 12.42
C GLN A 79 8.98 12.13 11.69
N GLU A 80 8.93 12.09 10.36
CA GLU A 80 9.22 13.30 9.58
C GLU A 80 7.94 13.95 9.08
N ASN A 81 7.85 15.25 9.30
CA ASN A 81 6.72 16.04 8.84
C ASN A 81 6.99 16.54 7.44
N LYS A 82 8.26 16.70 7.14
CA LYS A 82 8.68 17.06 5.79
C LYS A 82 9.25 15.83 5.10
N CYS A 83 8.48 14.75 5.16
CA CYS A 83 8.89 13.47 4.61
C CYS A 83 8.95 13.49 3.08
N PRO A 84 9.83 12.67 2.49
CA PRO A 84 9.87 12.45 1.04
C PRO A 84 8.72 11.58 0.55
N VAL A 85 8.17 10.75 1.44
CA VAL A 85 7.08 9.85 1.09
C VAL A 85 5.79 10.63 0.83
N PRO A 86 5.26 10.53 -0.39
CA PRO A 86 4.17 11.39 -0.86
C PRO A 86 2.94 11.40 0.07
N PHE A 87 2.30 10.23 0.16
CA PHE A 87 1.06 10.12 0.90
C PHE A 87 1.28 10.18 2.40
N CYS A 88 2.54 10.15 2.82
CA CYS A 88 2.88 10.30 4.23
C CYS A 88 2.58 11.72 4.67
N LEU A 89 2.93 12.67 3.82
CA LEU A 89 2.61 14.07 4.05
C LEU A 89 1.12 14.28 4.20
N ASN A 90 0.36 13.87 3.18
CA ASN A 90 -1.10 14.05 3.27
C ASN A 90 -1.69 13.17 4.37
N ILE A 91 -0.95 12.16 4.80
CA ILE A 91 -1.35 11.35 5.96
C ILE A 91 -1.32 12.21 7.23
N LYS A 92 -0.24 12.96 7.42
CA LYS A 92 -0.10 13.81 8.59
C LYS A 92 -1.09 14.96 8.59
N GLN A 93 -1.60 15.32 7.43
CA GLN A 93 -2.55 16.41 7.34
C GLN A 93 -3.99 15.90 7.31
N LYS A 94 -4.18 14.67 6.83
CA LYS A 94 -5.53 14.12 6.69
C LYS A 94 -5.68 12.79 7.42
N GLY A 95 -4.83 11.81 7.09
CA GLY A 95 -4.94 10.48 7.65
C GLY A 95 -4.37 10.36 9.05
N SER A 96 -5.07 10.93 10.01
CA SER A 96 -4.66 10.87 11.40
C SER A 96 -5.04 9.53 12.03
N GLY A 97 -4.19 9.05 12.92
CA GLY A 97 -4.46 7.77 13.57
C GLY A 97 -3.38 7.40 14.57
N GLY A 98 -3.48 6.20 15.12
CA GLY A 98 -2.50 5.77 16.09
C GLY A 98 -1.29 5.14 15.44
N SER A 99 -0.45 4.50 16.23
CA SER A 99 0.74 3.85 15.71
C SER A 99 0.51 2.34 15.61
N GLY A 100 1.55 1.60 15.25
CA GLY A 100 1.43 0.16 15.17
C GLY A 100 1.66 -0.37 13.77
N GLY A 101 1.18 -1.58 13.51
CA GLY A 101 1.33 -2.17 12.20
C GLY A 101 1.54 -3.67 12.28
N SER A 102 2.78 -4.09 12.49
CA SER A 102 3.16 -5.50 12.52
C SER A 102 4.66 -5.62 12.77
N GLY A 103 5.15 -6.84 12.93
CA GLY A 103 6.57 -7.04 13.16
C GLY A 103 6.86 -8.32 13.92
N GLY A 104 6.14 -9.39 13.60
CA GLY A 104 6.36 -10.65 14.27
C GLY A 104 7.39 -11.49 13.56
N SER A 105 7.77 -11.05 12.36
CA SER A 105 8.80 -11.69 11.55
C SER A 105 8.32 -13.03 11.02
N GLY A 106 7.06 -13.09 10.62
CA GLY A 106 6.51 -14.29 10.02
C GLY A 106 6.90 -14.40 8.56
N GLY A 107 6.76 -15.60 8.01
CA GLY A 107 7.09 -15.81 6.61
C GLY A 107 6.07 -16.71 5.94
N SER A 108 4.92 -16.87 6.57
CA SER A 108 3.87 -17.73 6.05
C SER A 108 2.61 -16.92 5.81
N GLY A 109 2.71 -15.94 4.92
CA GLY A 109 1.59 -15.05 4.64
C GLY A 109 0.41 -15.77 4.01
N GLY A 110 -0.78 -15.23 4.22
CA GLY A 110 -1.98 -15.82 3.66
C GLY A 110 -3.09 -14.82 3.53
N SER A 111 -4.22 -15.25 2.98
CA SER A 111 -5.37 -14.38 2.78
C SER A 111 -5.96 -13.92 4.11
N SER A 112 -5.53 -12.73 4.54
CA SER A 112 -5.95 -12.18 5.81
C SER A 112 -6.39 -10.74 5.65
N GLN A 113 -6.73 -10.36 4.43
CA GLN A 113 -7.12 -9.00 4.12
C GLN A 113 -8.64 -8.85 4.15
N LYS A 114 -9.25 -9.50 5.13
CA LYS A 114 -10.66 -9.32 5.41
C LYS A 114 -10.93 -9.25 6.90
N VAL A 115 -10.44 -10.25 7.61
CA VAL A 115 -10.64 -10.37 9.03
C VAL A 115 -10.03 -9.18 9.78
N PHE A 116 -8.93 -8.67 9.22
CA PHE A 116 -8.16 -7.62 9.85
C PHE A 116 -8.88 -6.27 9.79
N VAL A 117 -8.28 -5.26 10.38
CA VAL A 117 -8.82 -3.92 10.33
C VAL A 117 -8.38 -3.21 9.06
N SER A 118 -9.26 -3.20 8.06
CA SER A 118 -8.94 -2.60 6.77
C SER A 118 -9.17 -1.08 6.83
N LYS A 119 -8.47 -0.44 7.74
CA LYS A 119 -8.56 1.02 7.90
C LYS A 119 -7.53 1.70 7.00
N VAL A 120 -6.36 1.09 6.91
CA VAL A 120 -5.25 1.64 6.13
C VAL A 120 -5.09 0.88 4.82
N GLU A 121 -4.99 -0.43 4.95
CA GLU A 121 -4.69 -1.33 3.85
C GLU A 121 -5.94 -1.59 3.00
N ALA A 122 -5.98 -0.97 1.80
CA ALA A 122 -7.14 -1.12 0.91
C ALA A 122 -6.95 -2.32 -0.04
N VAL A 123 -6.20 -2.10 -1.10
CA VAL A 123 -5.91 -3.15 -2.06
C VAL A 123 -4.41 -3.34 -2.22
N ILE A 124 -3.70 -3.38 -1.08
CA ILE A 124 -2.25 -3.55 -1.07
C ILE A 124 -1.80 -4.74 -1.93
N HIS A 125 -2.57 -5.83 -1.88
CA HIS A 125 -2.32 -7.01 -2.72
C HIS A 125 -0.83 -7.38 -2.72
N PRO A 126 -0.33 -7.95 -1.60
CA PRO A 126 1.08 -8.32 -1.37
C PRO A 126 1.89 -8.81 -2.59
N GLN A 127 1.24 -9.36 -3.60
CA GLN A 127 1.92 -9.66 -4.85
C GLN A 127 2.67 -8.42 -5.36
N PHE A 128 2.02 -7.26 -5.28
CA PHE A 128 2.63 -6.00 -5.69
C PHE A 128 3.85 -5.70 -4.82
N LEU A 129 3.71 -5.95 -3.51
CA LEU A 129 4.79 -5.74 -2.57
C LEU A 129 5.93 -6.67 -2.92
N ALA A 130 5.58 -7.93 -3.13
CA ALA A 130 6.52 -8.98 -3.47
C ALA A 130 7.30 -8.64 -4.73
N ASP A 131 6.62 -8.10 -5.73
CA ASP A 131 7.24 -7.80 -7.02
C ASP A 131 8.27 -6.68 -6.90
N LEU A 132 8.01 -5.72 -6.02
CA LEU A 132 8.97 -4.66 -5.76
C LEU A 132 10.25 -5.25 -5.19
N LEU A 133 10.07 -6.21 -4.29
CA LEU A 133 11.18 -6.80 -3.57
C LEU A 133 11.94 -7.79 -4.45
N SER A 134 11.28 -8.26 -5.50
CA SER A 134 11.85 -9.29 -6.36
C SER A 134 12.98 -8.74 -7.23
N PRO A 135 14.13 -9.45 -7.28
CA PRO A 135 15.28 -9.10 -8.12
C PRO A 135 14.95 -9.14 -9.62
N GLU A 136 13.86 -9.83 -9.96
CA GLU A 136 13.38 -9.88 -11.35
C GLU A 136 13.15 -8.49 -11.91
N LYS A 137 13.15 -8.38 -13.24
CA LYS A 137 13.10 -7.08 -13.89
C LYS A 137 11.72 -6.79 -14.49
N GLN A 138 11.23 -7.64 -15.37
CA GLN A 138 9.91 -7.43 -15.98
C GLN A 138 8.82 -7.98 -15.07
N ARG A 139 8.83 -7.49 -13.84
CA ARG A 139 7.92 -7.91 -12.80
C ARG A 139 7.40 -6.68 -12.10
N ASP A 140 6.79 -5.88 -12.91
CA ASP A 140 6.38 -4.52 -12.56
C ASP A 140 5.12 -4.49 -11.70
N PRO A 141 5.13 -3.67 -10.63
CA PRO A 141 3.97 -3.44 -9.74
C PRO A 141 2.76 -2.89 -10.47
N LEU A 142 3.00 -1.97 -11.39
CA LEU A 142 1.91 -1.29 -12.08
C LEU A 142 1.23 -2.23 -13.08
N ALA A 143 2.01 -3.20 -13.58
CA ALA A 143 1.45 -4.28 -14.39
C ALA A 143 0.49 -5.11 -13.56
N LEU A 144 0.97 -5.57 -12.40
CA LEU A 144 0.14 -6.22 -11.41
C LEU A 144 -1.09 -5.38 -11.15
N ILE A 145 -0.88 -4.09 -11.01
CA ILE A 145 -1.92 -3.16 -10.66
C ILE A 145 -3.17 -3.29 -11.50
N GLU A 146 -3.01 -3.26 -12.81
CA GLU A 146 -4.16 -3.40 -13.67
C GLU A 146 -4.80 -4.77 -13.46
N GLU A 147 -3.97 -5.77 -13.19
CA GLU A 147 -4.48 -7.09 -12.80
C GLU A 147 -5.27 -6.99 -11.49
N LEU A 148 -4.74 -6.21 -10.55
CA LEU A 148 -5.30 -6.13 -9.20
C LEU A 148 -6.68 -5.51 -9.22
N GLU A 149 -6.84 -4.42 -9.98
CA GLU A 149 -8.13 -3.77 -10.08
C GLU A 149 -9.14 -4.67 -10.77
N GLN A 150 -8.66 -5.57 -11.63
CA GLN A 150 -9.53 -6.59 -12.20
C GLN A 150 -9.98 -7.56 -11.11
N GLU A 151 -9.05 -7.98 -10.26
CA GLU A 151 -9.35 -8.91 -9.18
C GLU A 151 -10.04 -8.21 -8.01
N GLU A 152 -10.18 -6.89 -8.11
CA GLU A 152 -10.85 -6.12 -7.07
C GLU A 152 -12.35 -6.44 -7.11
N GLY A 153 -12.79 -7.05 -8.20
CA GLY A 153 -14.16 -7.51 -8.31
C GLY A 153 -14.38 -8.81 -7.56
N LEU A 154 -13.32 -9.58 -7.41
CA LEU A 154 -13.39 -10.85 -6.71
C LEU A 154 -12.97 -10.68 -5.25
N THR A 155 -13.38 -11.64 -4.42
CA THR A 155 -13.12 -11.64 -2.96
C THR A 155 -13.74 -10.44 -2.25
N LEU A 156 -14.12 -10.67 -0.99
CA LEU A 156 -14.91 -9.73 -0.19
C LEU A 156 -16.32 -9.61 -0.77
N ALA A 157 -16.38 -9.41 -2.07
CA ALA A 157 -17.60 -9.47 -2.84
C ALA A 157 -18.14 -10.90 -2.83
N GLN A 158 -17.23 -11.86 -2.68
CA GLN A 158 -17.60 -13.27 -2.67
C GLN A 158 -18.55 -13.58 -1.51
N LEU A 159 -19.74 -14.06 -1.85
CA LEU A 159 -20.75 -14.45 -0.87
C LEU A 159 -20.98 -13.36 0.17
N VAL A 160 -21.06 -12.11 -0.28
CA VAL A 160 -21.17 -10.99 0.65
C VAL A 160 -22.63 -10.58 0.85
N GLN A 161 -23.45 -10.78 -0.17
CA GLN A 161 -24.85 -10.40 -0.07
C GLN A 161 -25.55 -11.23 1.00
N LYS A 162 -26.47 -10.59 1.69
CA LYS A 162 -27.16 -11.21 2.80
C LYS A 162 -28.57 -10.66 2.92
N ARG A 163 -29.31 -11.11 3.92
CA ARG A 163 -30.66 -10.62 4.16
C ARG A 163 -30.64 -9.56 5.25
N SER A 1 -1.37 -2.23 24.28
CA SER A 1 -0.82 -3.50 23.77
C SER A 1 0.40 -3.22 22.90
N GLY A 2 1.47 -3.97 23.13
CA GLY A 2 2.68 -3.82 22.36
C GLY A 2 3.54 -5.07 22.38
N GLY A 3 3.72 -5.62 23.57
CA GLY A 3 4.50 -6.83 23.72
C GLY A 3 3.64 -8.07 23.70
N ARG A 4 4.29 -9.23 23.63
CA ARG A 4 3.61 -10.53 23.57
C ARG A 4 2.62 -10.55 22.40
N ALA A 5 3.04 -10.00 21.28
CA ALA A 5 2.22 -9.93 20.09
C ALA A 5 2.44 -11.17 19.22
N THR A 6 1.35 -11.80 18.83
CA THR A 6 1.42 -13.03 18.04
C THR A 6 1.59 -12.71 16.56
N GLN A 7 2.55 -13.39 15.93
CA GLN A 7 2.82 -13.22 14.51
C GLN A 7 1.70 -13.85 13.68
N SER A 8 0.68 -13.05 13.42
CA SER A 8 -0.51 -13.51 12.74
C SER A 8 -0.35 -13.40 11.21
N PRO A 9 -1.27 -13.98 10.41
CA PRO A 9 -1.15 -13.92 8.95
C PRO A 9 -1.25 -12.49 8.43
N GLY A 10 -2.09 -11.72 9.09
CA GLY A 10 -2.24 -10.31 8.73
C GLY A 10 -0.95 -9.55 8.98
N ASP A 11 -0.36 -9.80 10.14
CA ASP A 11 0.90 -9.17 10.54
C ASP A 11 2.00 -9.54 9.54
N SER A 12 1.97 -10.77 9.05
CA SER A 12 2.90 -11.21 8.03
C SER A 12 2.70 -10.43 6.73
N ARG A 13 1.43 -10.22 6.36
CA ARG A 13 1.13 -9.41 5.18
C ARG A 13 1.58 -7.97 5.41
N ARG A 14 1.39 -7.51 6.66
CA ARG A 14 1.84 -6.19 7.05
C ARG A 14 3.34 -6.06 6.91
N LEU A 15 4.03 -7.19 7.09
CA LEU A 15 5.47 -7.21 6.90
C LEU A 15 5.85 -7.05 5.45
N SER A 16 5.06 -7.61 4.55
CA SER A 16 5.28 -7.37 3.12
C SER A 16 5.01 -5.90 2.84
N ILE A 17 4.04 -5.38 3.57
CA ILE A 17 3.68 -3.99 3.50
C ILE A 17 4.81 -3.12 3.98
N GLN A 18 5.34 -3.47 5.14
CA GLN A 18 6.46 -2.76 5.72
C GLN A 18 7.70 -2.86 4.84
N ARG A 19 7.82 -3.98 4.13
CA ARG A 19 8.92 -4.20 3.21
C ARG A 19 8.79 -3.29 1.99
N ALA A 20 7.60 -3.27 1.40
CA ALA A 20 7.32 -2.38 0.28
C ALA A 20 7.34 -0.93 0.75
N ILE A 21 7.10 -0.74 2.03
CA ILE A 21 7.18 0.55 2.65
C ILE A 21 8.63 1.02 2.73
N GLN A 22 9.52 0.11 3.09
CA GLN A 22 10.94 0.40 3.08
C GLN A 22 11.34 0.78 1.66
N SER A 23 10.74 0.07 0.71
CA SER A 23 10.89 0.38 -0.69
C SER A 23 10.42 1.81 -0.94
N LEU A 24 9.15 2.08 -0.59
CA LEU A 24 8.53 3.40 -0.71
C LEU A 24 9.47 4.53 -0.32
N VAL A 25 9.96 4.47 0.93
CA VAL A 25 10.84 5.51 1.45
C VAL A 25 12.02 5.76 0.50
N HIS A 26 12.61 4.67 0.00
CA HIS A 26 13.78 4.78 -0.86
C HIS A 26 13.48 5.62 -2.10
N ALA A 27 12.51 5.20 -2.91
CA ALA A 27 12.23 5.89 -4.16
C ALA A 27 11.69 7.28 -3.92
N ALA A 28 11.16 7.47 -2.72
CA ALA A 28 10.61 8.75 -2.34
C ALA A 28 11.69 9.81 -2.18
N GLN A 29 12.89 9.37 -1.77
CA GLN A 29 14.00 10.30 -1.60
C GLN A 29 15.23 9.94 -2.42
N CYS A 30 15.09 9.01 -3.34
CA CYS A 30 16.21 8.67 -4.21
C CYS A 30 16.31 9.65 -5.37
N ARG A 31 17.31 10.52 -5.32
CA ARG A 31 17.54 11.48 -6.39
C ARG A 31 18.87 11.21 -7.08
N ASN A 32 19.38 9.99 -6.88
CA ASN A 32 20.63 9.58 -7.49
C ASN A 32 20.35 8.84 -8.79
N ALA A 33 20.80 9.43 -9.89
CA ALA A 33 20.60 8.86 -11.21
C ALA A 33 21.38 7.58 -11.38
N ASN A 34 22.51 7.50 -10.68
CA ASN A 34 23.41 6.37 -10.77
C ASN A 34 22.79 5.11 -10.16
N CYS A 35 21.77 5.28 -9.32
CA CYS A 35 21.10 4.14 -8.72
C CYS A 35 20.18 3.48 -9.74
N SER A 36 20.34 2.18 -9.93
CA SER A 36 19.56 1.45 -10.92
C SER A 36 19.03 0.16 -10.32
N LEU A 37 18.73 0.20 -9.03
CA LEU A 37 18.27 -0.97 -8.31
C LEU A 37 16.92 -1.46 -8.81
N PRO A 38 16.61 -2.75 -8.60
CA PRO A 38 15.41 -3.36 -9.15
C PRO A 38 14.14 -2.76 -8.56
N SER A 39 14.10 -2.68 -7.24
CA SER A 39 12.95 -2.13 -6.53
C SER A 39 12.79 -0.66 -6.85
N CYS A 40 13.91 0.02 -7.01
CA CYS A 40 13.92 1.46 -7.21
C CYS A 40 13.29 1.83 -8.55
N GLN A 41 13.65 1.09 -9.60
CA GLN A 41 13.12 1.38 -10.94
C GLN A 41 11.62 1.15 -10.98
N LYS A 42 11.22 0.00 -10.45
CA LYS A 42 9.80 -0.37 -10.40
C LYS A 42 9.02 0.65 -9.61
N MET A 43 9.62 1.10 -8.52
CA MET A 43 8.98 2.01 -7.61
C MET A 43 8.97 3.43 -8.15
N LYS A 44 10.00 3.81 -8.89
CA LYS A 44 10.00 5.13 -9.51
C LYS A 44 8.79 5.24 -10.42
N ARG A 45 8.40 4.11 -10.98
CA ARG A 45 7.18 4.01 -11.75
C ARG A 45 5.95 4.11 -10.85
N VAL A 46 5.94 3.30 -9.79
CA VAL A 46 4.81 3.22 -8.86
C VAL A 46 4.60 4.54 -8.10
N VAL A 47 5.69 5.18 -7.70
CA VAL A 47 5.63 6.45 -7.00
C VAL A 47 5.16 7.55 -7.94
N GLN A 48 5.67 7.54 -9.15
CA GLN A 48 5.27 8.54 -10.13
C GLN A 48 3.81 8.37 -10.50
N HIS A 49 3.28 7.14 -10.40
CA HIS A 49 1.84 6.94 -10.52
C HIS A 49 1.14 7.82 -9.51
N THR A 50 1.54 7.68 -8.24
CA THR A 50 0.87 8.37 -7.14
C THR A 50 0.73 9.87 -7.41
N LYS A 51 1.69 10.41 -8.16
CA LYS A 51 1.71 11.83 -8.48
C LYS A 51 0.93 12.14 -9.77
N GLY A 52 1.08 11.29 -10.78
CA GLY A 52 0.43 11.53 -12.05
C GLY A 52 -0.99 10.99 -12.08
N CYS A 53 -1.39 10.40 -10.96
CA CYS A 53 -2.70 9.83 -10.81
C CYS A 53 -3.78 10.90 -10.63
N LYS A 54 -4.98 10.66 -11.15
CA LYS A 54 -6.08 11.61 -11.03
C LYS A 54 -7.28 11.01 -10.28
N ARG A 55 -7.64 9.77 -10.62
CA ARG A 55 -8.76 9.06 -9.98
C ARG A 55 -8.35 8.56 -8.58
N LYS A 56 -7.25 9.14 -8.12
CA LYS A 56 -6.43 8.69 -7.00
C LYS A 56 -7.22 8.05 -5.85
N THR A 57 -7.94 8.87 -5.09
CA THR A 57 -8.61 8.36 -3.91
C THR A 57 -10.08 8.08 -4.21
N ASN A 58 -10.48 8.38 -5.44
CA ASN A 58 -11.85 8.12 -5.89
C ASN A 58 -12.12 6.62 -5.95
N GLY A 59 -11.07 5.82 -5.83
CA GLY A 59 -11.22 4.39 -5.75
C GLY A 59 -11.16 3.71 -7.11
N GLY A 60 -10.41 4.30 -8.03
CA GLY A 60 -10.28 3.73 -9.35
C GLY A 60 -9.08 2.83 -9.48
N CYS A 61 -7.92 3.43 -9.63
CA CYS A 61 -6.67 2.68 -9.75
C CYS A 61 -6.18 2.22 -8.37
N PRO A 62 -5.62 1.00 -8.29
CA PRO A 62 -5.17 0.38 -7.04
C PRO A 62 -3.96 1.06 -6.37
N ILE A 63 -3.01 1.54 -7.18
CA ILE A 63 -1.73 2.07 -6.66
C ILE A 63 -1.92 3.07 -5.55
N CYS A 64 -2.55 4.16 -5.91
CA CYS A 64 -2.80 5.27 -4.99
C CYS A 64 -3.39 4.79 -3.67
N LYS A 65 -4.34 3.85 -3.72
CA LYS A 65 -4.97 3.34 -2.50
C LYS A 65 -4.00 2.51 -1.68
N GLN A 66 -3.28 1.62 -2.33
CA GLN A 66 -2.32 0.77 -1.64
C GLN A 66 -1.09 1.58 -1.24
N LEU A 67 -0.88 2.69 -1.93
CA LEU A 67 0.24 3.57 -1.65
C LEU A 67 -0.06 4.50 -0.49
N ILE A 68 -1.32 4.93 -0.37
CA ILE A 68 -1.74 5.68 0.81
C ILE A 68 -1.82 4.72 1.99
N ALA A 69 -1.89 3.44 1.68
CA ALA A 69 -1.82 2.40 2.69
C ALA A 69 -0.37 2.21 3.12
N LEU A 70 0.54 2.00 2.16
CA LEU A 70 1.96 1.90 2.46
C LEU A 70 2.44 3.14 3.18
N ALA A 71 2.18 4.30 2.58
CA ALA A 71 2.60 5.57 3.15
C ALA A 71 2.02 5.81 4.55
N ALA A 72 0.79 5.33 4.79
CA ALA A 72 0.17 5.45 6.12
C ALA A 72 0.85 4.55 7.12
N TYR A 73 0.95 3.28 6.79
CA TYR A 73 1.67 2.31 7.60
C TYR A 73 3.09 2.80 7.85
N HIS A 74 3.69 3.32 6.80
CA HIS A 74 5.00 3.93 6.86
C HIS A 74 4.99 5.16 7.77
N ALA A 75 3.96 6.01 7.63
CA ALA A 75 3.86 7.27 8.39
C ALA A 75 3.79 6.99 9.89
N LYS A 76 3.20 5.87 10.25
CA LYS A 76 3.13 5.46 11.66
C LYS A 76 4.53 5.13 12.16
N HIS A 77 5.35 4.57 11.27
CA HIS A 77 6.72 4.24 11.60
C HIS A 77 7.66 5.31 11.06
N CYS A 78 7.15 6.53 10.95
CA CYS A 78 7.92 7.64 10.39
C CYS A 78 7.95 8.80 11.37
N GLN A 79 9.05 9.53 11.38
CA GLN A 79 9.22 10.66 12.29
C GLN A 79 9.46 11.96 11.53
N GLU A 80 9.08 12.01 10.26
CA GLU A 80 9.28 13.21 9.46
C GLU A 80 7.95 13.78 8.98
N ASN A 81 7.76 15.08 9.21
CA ASN A 81 6.58 15.78 8.71
C ASN A 81 6.90 16.42 7.37
N LYS A 82 8.19 16.58 7.09
CA LYS A 82 8.64 16.99 5.77
C LYS A 82 9.24 15.77 5.08
N CYS A 83 8.46 14.71 5.06
CA CYS A 83 8.89 13.41 4.54
C CYS A 83 9.01 13.42 3.02
N PRO A 84 9.92 12.59 2.48
CA PRO A 84 10.00 12.34 1.03
C PRO A 84 8.85 11.46 0.54
N VAL A 85 8.32 10.62 1.42
CA VAL A 85 7.24 9.70 1.05
C VAL A 85 5.95 10.47 0.74
N PRO A 86 5.46 10.33 -0.50
CA PRO A 86 4.38 11.17 -1.04
C PRO A 86 3.14 11.24 -0.15
N PHE A 87 2.51 10.09 0.02
CA PHE A 87 1.24 10.02 0.74
C PHE A 87 1.44 10.12 2.25
N CYS A 88 2.68 10.13 2.70
CA CYS A 88 2.98 10.30 4.13
C CYS A 88 2.67 11.74 4.53
N LEU A 89 3.03 12.67 3.66
CA LEU A 89 2.66 14.07 3.83
C LEU A 89 1.14 14.19 3.82
N ASN A 90 0.53 13.60 2.80
CA ASN A 90 -0.93 13.49 2.72
C ASN A 90 -1.51 12.85 3.98
N ILE A 91 -0.79 11.91 4.55
CA ILE A 91 -1.23 11.23 5.76
C ILE A 91 -1.28 12.20 6.95
N LYS A 92 -0.24 13.01 7.09
CA LYS A 92 -0.20 14.01 8.15
C LYS A 92 -1.14 15.17 7.92
N GLN A 93 -1.40 15.49 6.65
CA GLN A 93 -2.22 16.65 6.33
C GLN A 93 -3.69 16.26 6.12
N LYS A 94 -3.92 15.01 5.77
CA LYS A 94 -5.26 14.52 5.49
C LYS A 94 -5.61 13.34 6.38
N GLY A 95 -4.79 12.30 6.32
CA GLY A 95 -5.03 11.11 7.12
C GLY A 95 -6.14 10.26 6.54
N SER A 96 -5.78 9.42 5.59
CA SER A 96 -6.75 8.58 4.91
C SER A 96 -6.14 7.23 4.57
N GLY A 97 -6.85 6.44 3.78
CA GLY A 97 -6.40 5.11 3.43
C GLY A 97 -7.56 4.27 2.94
N GLY A 98 -7.57 3.00 3.30
CA GLY A 98 -8.67 2.14 2.94
C GLY A 98 -9.04 1.20 4.07
N SER A 99 -10.31 0.86 4.18
CA SER A 99 -10.77 -0.04 5.22
C SER A 99 -11.07 -1.41 4.62
N GLY A 100 -10.12 -1.93 3.85
CA GLY A 100 -10.30 -3.20 3.19
C GLY A 100 -9.21 -4.20 3.53
N GLY A 101 -8.84 -5.01 2.56
CA GLY A 101 -7.81 -6.00 2.77
C GLY A 101 -7.15 -6.41 1.48
N SER A 102 -6.77 -7.67 1.37
CA SER A 102 -6.17 -8.20 0.15
C SER A 102 -6.25 -9.73 0.12
N GLY A 103 -6.01 -10.34 1.27
CA GLY A 103 -5.94 -11.79 1.33
C GLY A 103 -4.49 -12.25 1.41
N GLY A 104 -4.29 -13.51 1.76
CA GLY A 104 -2.96 -14.04 1.86
C GLY A 104 -2.66 -14.62 3.22
N SER A 105 -1.76 -15.57 3.26
CA SER A 105 -1.38 -16.24 4.50
C SER A 105 0.03 -15.82 4.91
N GLY A 106 0.55 -16.44 5.97
CA GLY A 106 1.90 -16.14 6.41
C GLY A 106 2.02 -16.12 7.92
N GLY A 107 3.25 -16.08 8.41
CA GLY A 107 3.50 -16.02 9.83
C GLY A 107 4.83 -15.36 10.13
N SER A 108 4.78 -14.08 10.50
CA SER A 108 5.99 -13.33 10.83
C SER A 108 5.59 -11.94 11.35
N GLY A 109 6.52 -11.27 12.02
CA GLY A 109 6.27 -9.93 12.51
C GLY A 109 5.94 -9.90 13.98
N GLY A 110 4.71 -9.52 14.30
CA GLY A 110 4.26 -9.46 15.67
C GLY A 110 4.42 -8.08 16.27
N SER A 111 3.46 -7.21 16.02
CA SER A 111 3.49 -5.86 16.58
C SER A 111 2.10 -5.23 16.51
N SER A 112 1.92 -4.16 17.27
CA SER A 112 0.63 -3.49 17.35
C SER A 112 0.47 -2.42 16.25
N GLN A 113 -0.77 -1.96 16.06
CA GLN A 113 -1.11 -0.98 15.02
C GLN A 113 -0.65 -1.43 13.63
N LYS A 114 -1.16 -2.60 13.23
CA LYS A 114 -0.85 -3.20 11.93
C LYS A 114 -1.69 -4.47 11.73
N VAL A 115 -1.58 -5.40 12.67
CA VAL A 115 -2.33 -6.66 12.65
C VAL A 115 -3.81 -6.43 12.93
N PHE A 116 -4.10 -5.32 13.57
CA PHE A 116 -5.44 -5.00 14.03
C PHE A 116 -6.37 -4.64 12.86
N VAL A 117 -7.54 -4.10 13.19
CA VAL A 117 -8.52 -3.68 12.20
C VAL A 117 -7.88 -2.75 11.15
N SER A 118 -8.09 -3.05 9.88
CA SER A 118 -7.47 -2.29 8.81
C SER A 118 -8.16 -0.96 8.60
N LYS A 119 -7.48 0.10 9.00
CA LYS A 119 -7.89 1.46 8.70
C LYS A 119 -7.01 2.04 7.60
N VAL A 120 -6.14 1.20 7.07
CA VAL A 120 -5.08 1.67 6.23
C VAL A 120 -5.06 0.94 4.87
N GLU A 121 -4.94 -0.37 4.92
CA GLU A 121 -4.81 -1.17 3.70
C GLU A 121 -6.11 -1.16 2.89
N ALA A 122 -6.04 -0.60 1.69
CA ALA A 122 -7.18 -0.62 0.77
C ALA A 122 -7.10 -1.80 -0.18
N VAL A 123 -6.09 -1.75 -1.07
CA VAL A 123 -5.89 -2.80 -2.05
C VAL A 123 -4.40 -3.14 -2.18
N ILE A 124 -3.70 -3.13 -1.04
CA ILE A 124 -2.24 -3.36 -1.00
C ILE A 124 -1.82 -4.54 -1.88
N HIS A 125 -2.48 -5.68 -1.73
CA HIS A 125 -2.23 -6.85 -2.56
C HIS A 125 -0.74 -7.22 -2.58
N PRO A 126 -0.23 -7.79 -1.46
CA PRO A 126 1.18 -8.19 -1.26
C PRO A 126 1.93 -8.73 -2.49
N GLN A 127 1.22 -9.24 -3.50
CA GLN A 127 1.87 -9.58 -4.76
C GLN A 127 2.65 -8.37 -5.31
N PHE A 128 2.00 -7.20 -5.33
CA PHE A 128 2.65 -5.98 -5.80
C PHE A 128 3.88 -5.69 -4.94
N LEU A 129 3.75 -5.92 -3.65
CA LEU A 129 4.83 -5.68 -2.71
C LEU A 129 5.94 -6.70 -2.91
N ALA A 130 5.53 -7.93 -3.17
CA ALA A 130 6.46 -9.02 -3.43
C ALA A 130 7.32 -8.71 -4.65
N ASP A 131 6.70 -8.14 -5.67
CA ASP A 131 7.42 -7.81 -6.91
C ASP A 131 8.44 -6.71 -6.69
N LEU A 132 8.14 -5.79 -5.77
CA LEU A 132 9.10 -4.75 -5.42
C LEU A 132 10.24 -5.33 -4.61
N LEU A 133 10.01 -6.50 -4.02
CA LEU A 133 11.03 -7.19 -3.24
C LEU A 133 11.75 -8.24 -4.09
N SER A 134 11.34 -8.35 -5.34
CA SER A 134 11.90 -9.36 -6.24
C SER A 134 13.03 -8.78 -7.09
N PRO A 135 14.16 -9.50 -7.20
CA PRO A 135 15.28 -9.09 -8.06
C PRO A 135 14.89 -9.11 -9.54
N GLU A 136 13.74 -9.71 -9.84
CA GLU A 136 13.21 -9.75 -11.20
C GLU A 136 13.05 -8.35 -11.78
N LYS A 137 12.98 -8.27 -13.11
CA LYS A 137 12.95 -7.00 -13.81
C LYS A 137 11.66 -6.86 -14.62
N GLN A 138 11.17 -8.00 -15.12
CA GLN A 138 9.94 -8.01 -15.91
C GLN A 138 8.77 -8.34 -14.99
N ARG A 139 8.82 -7.74 -13.81
CA ARG A 139 7.89 -8.02 -12.73
C ARG A 139 7.49 -6.72 -12.09
N ASP A 140 6.64 -6.04 -12.79
CA ASP A 140 6.31 -4.65 -12.50
C ASP A 140 5.05 -4.50 -11.65
N PRO A 141 5.11 -3.66 -10.60
CA PRO A 141 3.97 -3.34 -9.72
C PRO A 141 2.76 -2.79 -10.48
N LEU A 142 3.01 -1.91 -11.45
CA LEU A 142 1.93 -1.22 -12.15
C LEU A 142 1.24 -2.19 -13.12
N ALA A 143 1.99 -3.16 -13.63
CA ALA A 143 1.42 -4.24 -14.43
C ALA A 143 0.47 -5.08 -13.58
N LEU A 144 0.98 -5.54 -12.44
CA LEU A 144 0.17 -6.20 -11.43
C LEU A 144 -1.05 -5.36 -11.13
N ILE A 145 -0.86 -4.07 -11.04
CA ILE A 145 -1.89 -3.13 -10.67
C ILE A 145 -3.16 -3.27 -11.50
N GLU A 146 -3.02 -3.27 -12.81
CA GLU A 146 -4.20 -3.40 -13.65
C GLU A 146 -4.80 -4.79 -13.47
N GLU A 147 -3.94 -5.76 -13.17
CA GLU A 147 -4.41 -7.09 -12.78
C GLU A 147 -5.22 -7.00 -11.49
N LEU A 148 -4.74 -6.18 -10.55
CA LEU A 148 -5.35 -6.06 -9.24
C LEU A 148 -6.70 -5.36 -9.33
N GLU A 149 -6.77 -4.29 -10.13
CA GLU A 149 -8.01 -3.56 -10.29
C GLU A 149 -9.09 -4.44 -10.90
N GLN A 150 -8.68 -5.42 -11.69
CA GLN A 150 -9.61 -6.40 -12.26
C GLN A 150 -10.03 -7.43 -11.22
N GLU A 151 -9.15 -7.75 -10.28
CA GLU A 151 -9.43 -8.79 -9.30
C GLU A 151 -9.92 -8.20 -7.95
N GLU A 152 -9.89 -6.89 -7.82
CA GLU A 152 -10.41 -6.26 -6.61
C GLU A 152 -11.92 -6.46 -6.52
N GLY A 153 -12.59 -6.40 -7.67
CA GLY A 153 -14.02 -6.60 -7.70
C GLY A 153 -14.40 -7.92 -8.34
N LEU A 154 -14.32 -7.93 -9.68
CA LEU A 154 -14.76 -9.05 -10.53
C LEU A 154 -15.91 -9.88 -9.95
N THR A 155 -15.58 -10.97 -9.30
CA THR A 155 -16.59 -11.84 -8.74
C THR A 155 -17.31 -11.22 -7.53
N LEU A 156 -18.56 -10.88 -7.80
CA LEU A 156 -19.51 -10.23 -6.87
C LEU A 156 -20.37 -9.38 -7.75
N ALA A 157 -19.80 -9.12 -8.91
CA ALA A 157 -20.33 -8.21 -9.87
C ALA A 157 -20.89 -8.98 -11.07
N GLN A 158 -20.08 -9.90 -11.56
CA GLN A 158 -20.42 -10.68 -12.73
C GLN A 158 -21.63 -11.55 -12.49
N LEU A 159 -22.69 -11.28 -13.25
CA LEU A 159 -23.95 -12.03 -13.16
C LEU A 159 -24.56 -11.92 -11.76
N VAL A 160 -24.45 -10.75 -11.16
CA VAL A 160 -25.09 -10.50 -9.88
C VAL A 160 -26.59 -10.25 -10.09
N GLN A 161 -26.92 -9.74 -11.27
CA GLN A 161 -28.29 -9.47 -11.65
C GLN A 161 -28.68 -10.32 -12.85
N LYS A 162 -29.95 -10.68 -12.93
CA LYS A 162 -30.44 -11.51 -14.02
C LYS A 162 -31.37 -10.71 -14.91
N ARG A 163 -30.85 -10.28 -16.06
CA ARG A 163 -31.65 -9.54 -17.03
C ARG A 163 -32.57 -10.50 -17.78
N SER A 1 3.95 -8.75 19.89
CA SER A 1 3.30 -8.54 18.59
C SER A 1 4.33 -8.52 17.47
N GLY A 2 4.65 -9.70 16.95
CA GLY A 2 5.63 -9.80 15.88
C GLY A 2 7.05 -9.64 16.38
N GLY A 3 8.00 -9.67 15.45
CA GLY A 3 9.40 -9.50 15.82
C GLY A 3 10.00 -10.76 16.38
N ARG A 4 9.55 -11.16 17.56
CA ARG A 4 10.04 -12.38 18.19
C ARG A 4 8.93 -13.44 18.18
N ALA A 5 8.21 -13.50 17.06
CA ALA A 5 7.11 -14.43 16.91
C ALA A 5 6.99 -14.89 15.46
N THR A 6 6.44 -16.08 15.27
CA THR A 6 6.27 -16.64 13.93
C THR A 6 5.31 -15.79 13.11
N GLN A 7 5.65 -15.58 11.84
CA GLN A 7 4.83 -14.76 10.94
C GLN A 7 3.47 -15.38 10.70
N SER A 8 2.44 -14.77 11.30
CA SER A 8 1.08 -15.13 11.00
C SER A 8 0.68 -14.56 9.63
N PRO A 9 -0.46 -14.97 9.04
CA PRO A 9 -0.82 -14.50 7.70
C PRO A 9 -0.97 -12.99 7.64
N GLY A 10 -1.48 -12.43 8.73
CA GLY A 10 -1.66 -10.99 8.80
C GLY A 10 -0.33 -10.27 8.90
N ASP A 11 0.50 -10.70 9.84
CA ASP A 11 1.81 -10.07 10.07
C ASP A 11 2.71 -10.22 8.85
N SER A 12 2.68 -11.38 8.22
CA SER A 12 3.50 -11.64 7.05
C SER A 12 3.14 -10.69 5.90
N ARG A 13 1.84 -10.42 5.72
CA ARG A 13 1.42 -9.46 4.72
C ARG A 13 1.90 -8.08 5.08
N ARG A 14 1.77 -7.74 6.36
CA ARG A 14 2.19 -6.45 6.88
C ARG A 14 3.69 -6.27 6.74
N LEU A 15 4.42 -7.35 6.91
CA LEU A 15 5.86 -7.33 6.78
C LEU A 15 6.26 -7.12 5.33
N SER A 16 5.44 -7.62 4.41
CA SER A 16 5.68 -7.39 2.99
C SER A 16 5.28 -5.96 2.65
N ILE A 17 4.25 -5.47 3.34
CA ILE A 17 3.86 -4.08 3.27
C ILE A 17 4.99 -3.19 3.76
N GLN A 18 5.56 -3.56 4.89
CA GLN A 18 6.67 -2.83 5.46
C GLN A 18 7.91 -2.91 4.57
N ARG A 19 8.03 -4.01 3.85
CA ARG A 19 9.11 -4.20 2.88
C ARG A 19 8.94 -3.23 1.71
N ALA A 20 7.75 -3.22 1.13
CA ALA A 20 7.42 -2.29 0.06
C ALA A 20 7.46 -0.85 0.58
N ILE A 21 7.21 -0.70 1.86
CA ILE A 21 7.30 0.59 2.53
C ILE A 21 8.74 1.07 2.57
N GLN A 22 9.66 0.15 2.83
CA GLN A 22 11.08 0.47 2.77
C GLN A 22 11.45 0.90 1.36
N SER A 23 10.81 0.26 0.38
CA SER A 23 10.92 0.68 -1.00
C SER A 23 10.39 2.10 -1.12
N LEU A 24 9.15 2.31 -0.64
CA LEU A 24 8.48 3.60 -0.69
C LEU A 24 9.38 4.74 -0.29
N VAL A 25 9.91 4.68 0.93
CA VAL A 25 10.80 5.72 1.44
C VAL A 25 11.93 5.99 0.45
N HIS A 26 12.52 4.91 -0.08
CA HIS A 26 13.61 5.03 -1.02
C HIS A 26 13.21 5.82 -2.27
N ALA A 27 12.20 5.32 -3.00
CA ALA A 27 11.80 5.95 -4.26
C ALA A 27 11.27 7.35 -4.01
N ALA A 28 10.80 7.57 -2.79
CA ALA A 28 10.24 8.85 -2.41
C ALA A 28 11.32 9.92 -2.40
N GLN A 29 12.52 9.55 -1.99
CA GLN A 29 13.60 10.51 -1.90
C GLN A 29 14.82 10.14 -2.72
N CYS A 30 14.69 9.19 -3.64
CA CYS A 30 15.80 8.87 -4.51
C CYS A 30 16.02 9.99 -5.52
N ARG A 31 17.09 10.75 -5.34
CA ARG A 31 17.40 11.86 -6.23
C ARG A 31 18.68 11.57 -7.00
N ASN A 32 19.03 10.30 -7.07
CA ASN A 32 20.20 9.86 -7.81
C ASN A 32 19.78 9.10 -9.05
N ALA A 33 20.02 9.71 -10.20
CA ALA A 33 19.67 9.12 -11.49
C ALA A 33 20.51 7.89 -11.77
N ASN A 34 21.72 7.91 -11.23
CA ASN A 34 22.68 6.82 -11.41
C ASN A 34 22.20 5.54 -10.75
N CYS A 35 21.32 5.67 -9.76
CA CYS A 35 20.78 4.52 -9.05
C CYS A 35 19.77 3.79 -9.93
N SER A 36 19.86 2.48 -9.96
CA SER A 36 19.01 1.67 -10.81
C SER A 36 18.66 0.36 -10.11
N LEU A 37 18.34 0.46 -8.83
CA LEU A 37 17.98 -0.69 -8.03
C LEU A 37 16.64 -1.27 -8.46
N PRO A 38 16.40 -2.56 -8.19
CA PRO A 38 15.21 -3.24 -8.71
C PRO A 38 13.92 -2.67 -8.11
N SER A 39 13.82 -2.64 -6.79
CA SER A 39 12.67 -2.04 -6.12
C SER A 39 12.54 -0.57 -6.49
N CYS A 40 13.67 0.09 -6.68
CA CYS A 40 13.70 1.50 -7.00
C CYS A 40 13.06 1.78 -8.35
N GLN A 41 13.45 1.04 -9.38
CA GLN A 41 12.96 1.28 -10.73
C GLN A 41 11.47 1.05 -10.79
N LYS A 42 11.06 -0.04 -10.18
CA LYS A 42 9.67 -0.46 -10.17
C LYS A 42 8.82 0.52 -9.37
N MET A 43 9.33 0.94 -8.23
CA MET A 43 8.61 1.84 -7.38
C MET A 43 8.63 3.25 -7.91
N LYS A 44 9.67 3.60 -8.64
CA LYS A 44 9.75 4.95 -9.20
C LYS A 44 8.63 5.12 -10.21
N ARG A 45 8.42 4.07 -10.97
CA ARG A 45 7.27 3.97 -11.86
C ARG A 45 5.95 4.05 -11.08
N VAL A 46 5.93 3.37 -9.94
CA VAL A 46 4.74 3.24 -9.10
C VAL A 46 4.47 4.53 -8.30
N VAL A 47 5.53 5.16 -7.81
CA VAL A 47 5.42 6.44 -7.10
C VAL A 47 5.10 7.56 -8.09
N GLN A 48 5.75 7.55 -9.23
CA GLN A 48 5.49 8.54 -10.26
C GLN A 48 4.06 8.39 -10.77
N HIS A 49 3.50 7.17 -10.67
CA HIS A 49 2.07 6.98 -10.89
C HIS A 49 1.29 7.89 -9.93
N THR A 50 1.60 7.77 -8.64
CA THR A 50 0.83 8.45 -7.58
C THR A 50 0.70 9.96 -7.86
N LYS A 51 1.72 10.53 -8.49
CA LYS A 51 1.77 11.97 -8.72
C LYS A 51 1.12 12.36 -10.03
N GLY A 52 1.24 11.50 -11.04
CA GLY A 52 0.67 11.79 -12.33
C GLY A 52 -0.71 11.20 -12.47
N CYS A 53 -1.28 10.83 -11.34
CA CYS A 53 -2.56 10.19 -11.29
C CYS A 53 -3.72 11.18 -11.10
N LYS A 54 -4.90 10.80 -11.56
CA LYS A 54 -6.12 11.59 -11.37
C LYS A 54 -7.13 10.82 -10.51
N ARG A 55 -7.33 9.55 -10.84
CA ARG A 55 -8.21 8.63 -10.09
C ARG A 55 -7.59 8.23 -8.75
N LYS A 56 -6.56 8.97 -8.32
CA LYS A 56 -5.76 8.67 -7.13
C LYS A 56 -6.59 8.14 -5.96
N THR A 57 -7.36 8.99 -5.33
CA THR A 57 -8.09 8.60 -4.13
C THR A 57 -9.54 8.24 -4.43
N ASN A 58 -9.93 8.40 -5.71
CA ASN A 58 -11.27 8.05 -6.14
C ASN A 58 -11.47 6.53 -6.09
N GLY A 59 -10.36 5.79 -6.13
CA GLY A 59 -10.43 4.35 -5.98
C GLY A 59 -10.30 3.60 -7.30
N GLY A 60 -10.01 4.33 -8.38
CA GLY A 60 -9.93 3.70 -9.68
C GLY A 60 -8.62 2.97 -9.87
N CYS A 61 -7.58 3.47 -9.21
CA CYS A 61 -6.25 2.89 -9.30
C CYS A 61 -5.91 2.21 -7.98
N PRO A 62 -5.51 0.94 -8.03
CA PRO A 62 -5.07 0.21 -6.84
C PRO A 62 -3.82 0.85 -6.21
N ILE A 63 -2.97 1.46 -7.05
CA ILE A 63 -1.70 2.02 -6.59
C ILE A 63 -1.90 3.01 -5.46
N CYS A 64 -2.58 4.10 -5.75
CA CYS A 64 -2.73 5.18 -4.80
C CYS A 64 -3.37 4.71 -3.50
N LYS A 65 -4.27 3.73 -3.57
CA LYS A 65 -4.87 3.19 -2.34
C LYS A 65 -3.85 2.38 -1.55
N GLN A 66 -3.14 1.50 -2.22
CA GLN A 66 -2.14 0.67 -1.56
C GLN A 66 -0.92 1.52 -1.20
N LEU A 67 -0.76 2.64 -1.90
CA LEU A 67 0.34 3.55 -1.65
C LEU A 67 0.03 4.48 -0.48
N ILE A 68 -1.23 4.88 -0.34
CA ILE A 68 -1.65 5.60 0.86
C ILE A 68 -1.68 4.64 2.03
N ALA A 69 -1.80 3.36 1.71
CA ALA A 69 -1.70 2.31 2.70
C ALA A 69 -0.26 2.15 3.14
N LEU A 70 0.64 1.95 2.18
CA LEU A 70 2.07 1.87 2.47
C LEU A 70 2.51 3.13 3.19
N ALA A 71 2.20 4.29 2.62
CA ALA A 71 2.59 5.57 3.19
C ALA A 71 2.02 5.77 4.60
N ALA A 72 0.83 5.23 4.87
CA ALA A 72 0.21 5.33 6.19
C ALA A 72 0.89 4.40 7.19
N TYR A 73 1.03 3.15 6.79
CA TYR A 73 1.77 2.17 7.58
C TYR A 73 3.18 2.68 7.83
N HIS A 74 3.76 3.22 6.78
CA HIS A 74 5.05 3.87 6.84
C HIS A 74 5.01 5.10 7.75
N ALA A 75 3.95 5.91 7.63
CA ALA A 75 3.80 7.14 8.41
C ALA A 75 3.73 6.83 9.90
N LYS A 76 3.25 5.64 10.23
CA LYS A 76 3.25 5.16 11.61
C LYS A 76 4.68 4.98 12.10
N HIS A 77 5.51 4.41 11.24
CA HIS A 77 6.92 4.20 11.56
C HIS A 77 7.76 5.38 11.04
N CYS A 78 7.16 6.55 11.00
CA CYS A 78 7.83 7.74 10.49
C CYS A 78 7.66 8.90 11.47
N GLN A 79 8.69 9.74 11.57
CA GLN A 79 8.66 10.88 12.47
C GLN A 79 8.88 12.18 11.71
N GLU A 80 8.64 12.17 10.41
CA GLU A 80 8.89 13.33 9.57
C GLU A 80 7.59 13.93 9.05
N ASN A 81 7.39 15.22 9.33
CA ASN A 81 6.25 15.96 8.81
C ASN A 81 6.62 16.61 7.49
N LYS A 82 7.89 16.58 7.15
CA LYS A 82 8.36 17.00 5.84
C LYS A 82 8.92 15.80 5.10
N CYS A 83 8.24 14.68 5.28
CA CYS A 83 8.67 13.40 4.73
C CYS A 83 8.79 13.47 3.19
N PRO A 84 9.73 12.68 2.64
CA PRO A 84 9.83 12.48 1.19
C PRO A 84 8.71 11.60 0.65
N VAL A 85 8.19 10.71 1.50
CA VAL A 85 7.13 9.78 1.09
C VAL A 85 5.85 10.54 0.76
N PRO A 86 5.39 10.42 -0.50
CA PRO A 86 4.35 11.28 -1.06
C PRO A 86 3.08 11.31 -0.21
N PHE A 87 2.51 10.14 0.01
CA PHE A 87 1.24 10.03 0.69
C PHE A 87 1.40 10.13 2.20
N CYS A 88 2.64 10.16 2.69
CA CYS A 88 2.89 10.32 4.12
C CYS A 88 2.54 11.74 4.54
N LEU A 89 2.94 12.71 3.72
CA LEU A 89 2.51 14.10 3.91
C LEU A 89 0.99 14.17 3.85
N ASN A 90 0.46 13.59 2.78
CA ASN A 90 -0.99 13.43 2.63
C ASN A 90 -1.62 12.75 3.84
N ILE A 91 -0.88 11.83 4.45
CA ILE A 91 -1.37 11.09 5.61
C ILE A 91 -1.48 12.00 6.84
N LYS A 92 -0.44 12.78 7.11
CA LYS A 92 -0.47 13.70 8.25
C LYS A 92 -1.53 14.77 8.07
N GLN A 93 -1.84 15.08 6.83
CA GLN A 93 -2.85 16.07 6.52
C GLN A 93 -4.25 15.45 6.51
N LYS A 94 -4.33 14.22 6.01
CA LYS A 94 -5.63 13.55 5.84
C LYS A 94 -5.71 12.19 6.53
N GLY A 95 -4.79 11.29 6.16
CA GLY A 95 -4.84 9.91 6.63
C GLY A 95 -4.59 9.76 8.11
N SER A 96 -5.68 9.73 8.88
CA SER A 96 -5.62 9.64 10.33
C SER A 96 -4.96 10.90 10.93
N GLY A 97 -4.95 11.96 10.14
CA GLY A 97 -4.47 13.24 10.64
C GLY A 97 -5.50 13.87 11.55
N GLY A 98 -6.76 13.61 11.24
CA GLY A 98 -7.85 14.03 12.08
C GLY A 98 -8.66 12.85 12.54
N SER A 99 -9.80 13.13 13.17
CA SER A 99 -10.68 12.07 13.68
C SER A 99 -9.95 11.26 14.74
N GLY A 100 -9.05 11.91 15.48
CA GLY A 100 -8.30 11.23 16.51
C GLY A 100 -9.13 11.03 17.76
N GLY A 101 -10.11 11.89 17.94
CA GLY A 101 -11.01 11.78 19.07
C GLY A 101 -12.31 11.11 18.68
N SER A 102 -13.42 11.60 19.25
CA SER A 102 -14.75 11.09 18.96
C SER A 102 -14.90 9.64 19.42
N GLY A 103 -15.48 9.46 20.61
CA GLY A 103 -15.67 8.13 21.15
C GLY A 103 -16.63 7.32 20.30
N GLY A 104 -16.12 6.23 19.73
CA GLY A 104 -16.93 5.42 18.83
C GLY A 104 -17.87 4.49 19.57
N SER A 105 -18.90 5.06 20.17
CA SER A 105 -19.91 4.27 20.85
C SER A 105 -20.94 3.74 19.84
N GLY A 106 -21.01 2.43 19.72
CA GLY A 106 -21.90 1.82 18.77
C GLY A 106 -21.58 0.36 18.56
N GLY A 107 -21.80 -0.13 17.35
CA GLY A 107 -21.53 -1.52 17.06
C GLY A 107 -21.55 -1.80 15.58
N SER A 108 -20.73 -1.07 14.84
CA SER A 108 -20.65 -1.24 13.39
C SER A 108 -19.78 -2.45 13.05
N GLY A 109 -19.74 -2.81 11.78
CA GLY A 109 -18.88 -3.89 11.34
C GLY A 109 -19.65 -5.17 11.04
N GLY A 110 -20.97 -5.12 11.20
CA GLY A 110 -21.79 -6.28 10.90
C GLY A 110 -21.73 -6.66 9.44
N SER A 111 -20.97 -7.71 9.14
CA SER A 111 -20.68 -8.14 7.76
C SER A 111 -20.17 -6.97 6.91
N SER A 112 -19.50 -6.02 7.58
CA SER A 112 -18.97 -4.85 6.91
C SER A 112 -17.51 -4.65 7.29
N GLN A 113 -16.87 -5.73 7.69
CA GLN A 113 -15.44 -5.71 8.00
C GLN A 113 -14.70 -6.56 6.99
N LYS A 114 -14.92 -6.24 5.72
CA LYS A 114 -14.43 -7.03 4.61
C LYS A 114 -14.52 -6.25 3.30
N VAL A 115 -15.73 -5.90 2.91
CA VAL A 115 -16.01 -5.15 1.69
C VAL A 115 -15.59 -3.69 1.86
N PHE A 116 -15.67 -3.21 3.08
CA PHE A 116 -15.42 -1.82 3.41
C PHE A 116 -13.97 -1.43 3.11
N VAL A 117 -13.74 -0.14 2.97
CA VAL A 117 -12.39 0.39 2.85
C VAL A 117 -11.74 0.46 4.22
N SER A 118 -10.68 -0.32 4.41
CA SER A 118 -10.00 -0.39 5.70
C SER A 118 -9.32 0.94 6.02
N LYS A 119 -8.96 1.16 7.27
CA LYS A 119 -8.33 2.41 7.69
C LYS A 119 -7.09 2.72 6.86
N VAL A 120 -6.25 1.71 6.66
CA VAL A 120 -5.00 1.91 5.94
C VAL A 120 -4.93 1.01 4.70
N GLU A 121 -4.86 -0.30 4.95
CA GLU A 121 -4.59 -1.28 3.89
C GLU A 121 -5.83 -1.48 3.01
N ALA A 122 -5.86 -0.79 1.87
CA ALA A 122 -6.99 -0.90 0.94
C ALA A 122 -6.83 -2.11 0.03
N VAL A 123 -6.01 -1.96 -1.00
CA VAL A 123 -5.76 -3.03 -1.96
C VAL A 123 -4.27 -3.28 -2.15
N ILE A 124 -3.55 -3.31 -1.04
CA ILE A 124 -2.10 -3.52 -1.04
C ILE A 124 -1.68 -4.71 -1.91
N HIS A 125 -2.42 -5.82 -1.79
CA HIS A 125 -2.21 -7.00 -2.64
C HIS A 125 -0.74 -7.41 -2.67
N PRO A 126 -0.23 -7.98 -1.56
CA PRO A 126 1.17 -8.41 -1.37
C PRO A 126 1.94 -8.89 -2.62
N GLN A 127 1.26 -9.42 -3.63
CA GLN A 127 1.91 -9.72 -4.89
C GLN A 127 2.64 -8.49 -5.42
N PHE A 128 1.99 -7.34 -5.29
CA PHE A 128 2.58 -6.06 -5.69
C PHE A 128 3.82 -5.77 -4.84
N LEU A 129 3.71 -6.02 -3.54
CA LEU A 129 4.82 -5.84 -2.62
C LEU A 129 5.96 -6.75 -3.04
N ALA A 130 5.61 -8.00 -3.31
CA ALA A 130 6.56 -9.02 -3.71
C ALA A 130 7.28 -8.64 -4.99
N ASP A 131 6.57 -7.98 -5.90
CA ASP A 131 7.18 -7.55 -7.17
C ASP A 131 8.24 -6.49 -6.95
N LEU A 132 8.01 -5.61 -5.99
CA LEU A 132 8.97 -4.56 -5.69
C LEU A 132 10.21 -5.17 -5.05
N LEU A 133 10.00 -6.24 -4.33
CA LEU A 133 11.08 -6.93 -3.63
C LEU A 133 11.80 -7.89 -4.56
N SER A 134 11.14 -8.25 -5.65
CA SER A 134 11.65 -9.21 -6.61
C SER A 134 12.91 -8.68 -7.30
N PRO A 135 14.03 -9.43 -7.24
CA PRO A 135 15.26 -9.10 -7.96
C PRO A 135 15.14 -9.36 -9.48
N GLU A 136 13.90 -9.42 -9.96
CA GLU A 136 13.64 -9.67 -11.37
C GLU A 136 13.28 -8.35 -12.03
N LYS A 137 13.81 -8.12 -13.22
CA LYS A 137 13.50 -6.89 -13.95
C LYS A 137 12.28 -7.10 -14.84
N GLN A 138 11.94 -8.36 -15.08
CA GLN A 138 10.69 -8.70 -15.74
C GLN A 138 9.62 -8.90 -14.68
N ARG A 139 9.43 -7.87 -13.88
CA ARG A 139 8.46 -7.84 -12.80
C ARG A 139 8.00 -6.40 -12.63
N ASP A 140 6.71 -6.16 -12.48
CA ASP A 140 6.22 -4.79 -12.41
C ASP A 140 4.97 -4.64 -11.56
N PRO A 141 5.01 -3.72 -10.58
CA PRO A 141 3.86 -3.41 -9.70
C PRO A 141 2.66 -2.86 -10.46
N LEU A 142 2.92 -2.00 -11.45
CA LEU A 142 1.86 -1.30 -12.16
C LEU A 142 1.12 -2.25 -13.10
N ALA A 143 1.85 -3.23 -13.63
CA ALA A 143 1.25 -4.31 -14.41
C ALA A 143 0.28 -5.11 -13.53
N LEU A 144 0.80 -5.55 -12.38
CA LEU A 144 -0.03 -6.17 -11.36
C LEU A 144 -1.23 -5.31 -11.06
N ILE A 145 -0.98 -4.02 -10.95
CA ILE A 145 -1.99 -3.04 -10.61
C ILE A 145 -3.25 -3.19 -11.44
N GLU A 146 -3.10 -3.24 -12.74
CA GLU A 146 -4.26 -3.38 -13.61
C GLU A 146 -4.94 -4.73 -13.36
N GLU A 147 -4.13 -5.73 -13.03
CA GLU A 147 -4.67 -7.02 -12.60
C GLU A 147 -5.44 -6.88 -11.28
N LEU A 148 -4.89 -6.09 -10.36
CA LEU A 148 -5.45 -5.95 -9.03
C LEU A 148 -6.77 -5.20 -9.08
N GLU A 149 -6.84 -4.16 -9.93
CA GLU A 149 -8.07 -3.41 -10.11
C GLU A 149 -9.18 -4.32 -10.64
N GLN A 150 -8.79 -5.34 -11.39
CA GLN A 150 -9.74 -6.37 -11.80
C GLN A 150 -10.23 -7.18 -10.60
N GLU A 151 -9.29 -7.55 -9.73
CA GLU A 151 -9.60 -8.45 -8.63
C GLU A 151 -10.22 -7.73 -7.43
N GLU A 152 -10.33 -6.41 -7.49
CA GLU A 152 -10.96 -5.66 -6.41
C GLU A 152 -12.43 -6.07 -6.28
N GLY A 153 -12.97 -6.64 -7.34
CA GLY A 153 -14.34 -7.12 -7.32
C GLY A 153 -14.47 -8.50 -6.71
N LEU A 154 -13.34 -9.17 -6.49
CA LEU A 154 -13.36 -10.49 -5.89
C LEU A 154 -12.78 -10.43 -4.47
N THR A 155 -12.65 -11.59 -3.84
CA THR A 155 -12.28 -11.73 -2.41
C THR A 155 -13.25 -11.02 -1.48
N LEU A 156 -13.48 -11.66 -0.32
CA LEU A 156 -14.54 -11.26 0.62
C LEU A 156 -15.91 -11.51 -0.01
N ALA A 157 -16.06 -11.04 -1.24
CA ALA A 157 -17.21 -11.34 -2.07
C ALA A 157 -17.28 -12.82 -2.39
N GLN A 158 -16.10 -13.45 -2.39
CA GLN A 158 -15.92 -14.85 -2.75
C GLN A 158 -16.93 -15.78 -2.08
N LEU A 159 -17.94 -16.17 -2.84
CA LEU A 159 -18.95 -17.13 -2.41
C LEU A 159 -19.57 -16.75 -1.07
N VAL A 160 -19.80 -15.47 -0.87
CA VAL A 160 -20.41 -15.00 0.37
C VAL A 160 -21.89 -14.70 0.16
N GLN A 161 -22.26 -14.34 -1.06
CA GLN A 161 -23.65 -14.04 -1.37
C GLN A 161 -24.39 -15.34 -1.65
N LYS A 162 -23.65 -16.32 -2.16
CA LYS A 162 -24.15 -17.67 -2.41
C LYS A 162 -25.51 -17.68 -3.11
N ARG A 163 -26.22 -18.79 -2.96
CA ARG A 163 -27.56 -18.93 -3.49
C ARG A 163 -28.35 -19.86 -2.59
N SER A 1 13.61 -1.25 20.92
CA SER A 1 12.82 -1.15 19.68
C SER A 1 13.04 -2.39 18.82
N GLY A 2 12.03 -3.24 18.76
CA GLY A 2 12.14 -4.49 18.05
C GLY A 2 12.03 -5.67 18.99
N GLY A 3 12.75 -6.73 18.71
CA GLY A 3 12.71 -7.91 19.54
C GLY A 3 12.89 -9.18 18.74
N ARG A 4 12.23 -10.25 19.17
CA ARG A 4 12.31 -11.52 18.46
C ARG A 4 10.90 -12.08 18.26
N ALA A 5 10.11 -11.37 17.48
CA ALA A 5 8.73 -11.75 17.22
C ALA A 5 8.67 -12.85 16.16
N THR A 6 7.56 -13.57 16.14
CA THR A 6 7.36 -14.62 15.16
C THR A 6 6.45 -14.12 14.04
N GLN A 7 6.84 -14.40 12.80
CA GLN A 7 6.12 -13.91 11.64
C GLN A 7 4.85 -14.73 11.40
N SER A 8 3.75 -14.24 11.95
CA SER A 8 2.43 -14.82 11.69
C SER A 8 1.99 -14.45 10.28
N PRO A 9 0.94 -15.09 9.73
CA PRO A 9 0.51 -14.80 8.35
C PRO A 9 0.11 -13.34 8.19
N GLY A 10 -0.52 -12.80 9.23
CA GLY A 10 -0.93 -11.41 9.22
C GLY A 10 0.27 -10.47 9.25
N ASP A 11 1.13 -10.65 10.23
CA ASP A 11 2.33 -9.83 10.37
C ASP A 11 3.22 -9.94 9.14
N SER A 12 3.34 -11.13 8.59
CA SER A 12 4.14 -11.35 7.39
C SER A 12 3.58 -10.56 6.21
N ARG A 13 2.25 -10.44 6.16
CA ARG A 13 1.60 -9.63 5.14
C ARG A 13 1.94 -8.16 5.35
N ARG A 14 1.94 -7.73 6.61
CA ARG A 14 2.26 -6.36 6.96
C ARG A 14 3.75 -6.09 6.75
N LEU A 15 4.57 -7.12 6.95
CA LEU A 15 6.01 -7.03 6.74
C LEU A 15 6.33 -6.87 5.26
N SER A 16 5.54 -7.50 4.41
CA SER A 16 5.70 -7.31 2.97
C SER A 16 5.28 -5.89 2.60
N ILE A 17 4.30 -5.38 3.35
CA ILE A 17 3.87 -4.00 3.26
C ILE A 17 5.00 -3.08 3.68
N GLN A 18 5.56 -3.35 4.85
CA GLN A 18 6.64 -2.56 5.39
C GLN A 18 7.88 -2.64 4.51
N ARG A 19 8.03 -3.76 3.83
CA ARG A 19 9.11 -3.95 2.86
C ARG A 19 8.89 -3.06 1.64
N ALA A 20 7.68 -3.08 1.09
CA ALA A 20 7.33 -2.23 -0.02
C ALA A 20 7.38 -0.77 0.42
N ILE A 21 7.09 -0.56 1.70
CA ILE A 21 7.21 0.74 2.33
C ILE A 21 8.65 1.23 2.30
N GLN A 22 9.59 0.31 2.52
CA GLN A 22 11.00 0.66 2.44
C GLN A 22 11.35 1.05 1.02
N SER A 23 10.64 0.47 0.06
CA SER A 23 10.75 0.87 -1.33
C SER A 23 10.16 2.26 -1.51
N LEU A 24 8.99 2.48 -0.90
CA LEU A 24 8.30 3.77 -0.92
C LEU A 24 9.21 4.89 -0.45
N VAL A 25 9.66 4.80 0.80
CA VAL A 25 10.51 5.82 1.40
C VAL A 25 11.71 6.08 0.53
N HIS A 26 12.33 5.00 0.07
CA HIS A 26 13.54 5.11 -0.70
C HIS A 26 13.29 5.80 -2.04
N ALA A 27 12.27 5.36 -2.79
CA ALA A 27 12.02 5.96 -4.09
C ALA A 27 11.54 7.39 -3.92
N ALA A 28 11.10 7.70 -2.73
CA ALA A 28 10.67 9.04 -2.40
C ALA A 28 11.87 9.97 -2.25
N GLN A 29 13.03 9.38 -1.96
CA GLN A 29 14.28 10.14 -1.92
C GLN A 29 15.38 9.51 -2.78
N CYS A 30 14.98 8.70 -3.75
CA CYS A 30 15.91 8.06 -4.67
C CYS A 30 16.22 9.01 -5.82
N ARG A 31 17.20 9.87 -5.60
CA ARG A 31 17.61 10.84 -6.60
C ARG A 31 19.01 10.51 -7.09
N ASN A 32 19.50 9.35 -6.66
CA ASN A 32 20.80 8.87 -7.07
C ASN A 32 20.74 8.33 -8.49
N ALA A 33 21.52 8.93 -9.36
CA ALA A 33 21.55 8.55 -10.78
C ALA A 33 22.12 7.16 -10.97
N ASN A 34 23.06 6.81 -10.11
CA ASN A 34 23.72 5.52 -10.16
C ASN A 34 22.77 4.40 -9.73
N CYS A 35 21.75 4.79 -8.97
CA CYS A 35 20.73 3.85 -8.52
C CYS A 35 19.95 3.29 -9.71
N SER A 36 20.26 2.06 -10.10
CA SER A 36 19.58 1.40 -11.21
C SER A 36 18.93 0.11 -10.71
N LEU A 37 18.45 0.18 -9.47
CA LEU A 37 17.96 -0.97 -8.76
C LEU A 37 16.54 -1.37 -9.18
N PRO A 38 16.13 -2.62 -8.86
CA PRO A 38 14.82 -3.13 -9.23
C PRO A 38 13.69 -2.44 -8.45
N SER A 39 13.81 -2.43 -7.12
CA SER A 39 12.83 -1.76 -6.28
C SER A 39 12.81 -0.26 -6.55
N CYS A 40 13.93 0.27 -7.04
CA CYS A 40 14.04 1.68 -7.33
C CYS A 40 13.25 2.04 -8.59
N GLN A 41 13.47 1.29 -9.66
CA GLN A 41 12.87 1.60 -10.95
C GLN A 41 11.37 1.34 -10.91
N LYS A 42 10.98 0.26 -10.27
CA LYS A 42 9.58 -0.10 -10.20
C LYS A 42 8.82 0.88 -9.33
N MET A 43 9.38 1.19 -8.17
CA MET A 43 8.76 2.09 -7.22
C MET A 43 8.71 3.50 -7.80
N LYS A 44 9.69 3.85 -8.62
CA LYS A 44 9.66 5.12 -9.31
C LYS A 44 8.44 5.20 -10.21
N ARG A 45 8.24 4.19 -11.03
CA ARG A 45 7.12 4.14 -11.97
C ARG A 45 5.79 4.16 -11.21
N VAL A 46 5.82 3.61 -10.01
CA VAL A 46 4.66 3.46 -9.15
C VAL A 46 4.43 4.73 -8.31
N VAL A 47 5.51 5.38 -7.88
CA VAL A 47 5.41 6.65 -7.16
C VAL A 47 5.03 7.76 -8.14
N GLN A 48 5.68 7.76 -9.31
CA GLN A 48 5.35 8.71 -10.35
C GLN A 48 3.93 8.51 -10.83
N HIS A 49 3.43 7.28 -10.74
CA HIS A 49 2.02 7.03 -10.98
C HIS A 49 1.20 7.91 -10.05
N THR A 50 1.52 7.87 -8.75
CA THR A 50 0.74 8.59 -7.74
C THR A 50 0.59 10.06 -8.10
N LYS A 51 1.60 10.60 -8.77
CA LYS A 51 1.63 12.01 -9.11
C LYS A 51 0.97 12.29 -10.45
N GLY A 52 1.11 11.36 -11.38
CA GLY A 52 0.54 11.53 -12.70
C GLY A 52 -0.83 10.90 -12.77
N CYS A 53 -1.39 10.66 -11.61
CA CYS A 53 -2.67 9.98 -11.50
C CYS A 53 -3.83 10.97 -11.38
N LYS A 54 -5.05 10.47 -11.59
CA LYS A 54 -6.26 11.27 -11.47
C LYS A 54 -7.33 10.49 -10.68
N ARG A 55 -7.47 9.19 -10.99
CA ARG A 55 -8.35 8.29 -10.23
C ARG A 55 -7.74 7.91 -8.87
N LYS A 56 -6.72 8.67 -8.48
CA LYS A 56 -5.91 8.44 -7.27
C LYS A 56 -6.73 7.95 -6.06
N THR A 57 -7.50 8.83 -5.47
CA THR A 57 -8.19 8.50 -4.22
C THR A 57 -9.65 8.13 -4.48
N ASN A 58 -10.07 8.25 -5.73
CA ASN A 58 -11.42 7.86 -6.12
C ASN A 58 -11.56 6.34 -6.03
N GLY A 59 -10.43 5.64 -6.16
CA GLY A 59 -10.43 4.21 -5.98
C GLY A 59 -10.35 3.43 -7.28
N GLY A 60 -9.99 4.12 -8.36
CA GLY A 60 -9.87 3.44 -9.63
C GLY A 60 -8.58 2.67 -9.72
N CYS A 61 -7.51 3.32 -9.35
CA CYS A 61 -6.18 2.72 -9.38
C CYS A 61 -5.88 2.06 -8.04
N PRO A 62 -5.36 0.84 -8.06
CA PRO A 62 -4.97 0.15 -6.85
C PRO A 62 -3.71 0.74 -6.22
N ILE A 63 -2.90 1.40 -7.05
CA ILE A 63 -1.65 2.01 -6.57
C ILE A 63 -1.91 2.97 -5.45
N CYS A 64 -2.62 4.04 -5.75
CA CYS A 64 -2.80 5.13 -4.82
C CYS A 64 -3.49 4.68 -3.53
N LYS A 65 -4.40 3.71 -3.59
CA LYS A 65 -5.01 3.19 -2.36
C LYS A 65 -3.99 2.41 -1.54
N GLN A 66 -3.20 1.59 -2.19
CA GLN A 66 -2.20 0.81 -1.50
C GLN A 66 -0.98 1.69 -1.19
N LEU A 67 -0.88 2.80 -1.90
CA LEU A 67 0.17 3.78 -1.70
C LEU A 67 -0.13 4.64 -0.49
N ILE A 68 -1.41 4.99 -0.31
CA ILE A 68 -1.82 5.68 0.89
C ILE A 68 -1.87 4.70 2.05
N ALA A 69 -1.91 3.42 1.71
CA ALA A 69 -1.78 2.35 2.70
C ALA A 69 -0.33 2.21 3.12
N LEU A 70 0.57 2.01 2.15
CA LEU A 70 1.99 1.96 2.42
C LEU A 70 2.44 3.22 3.16
N ALA A 71 2.10 4.38 2.62
CA ALA A 71 2.45 5.65 3.22
C ALA A 71 1.92 5.77 4.66
N ALA A 72 0.72 5.23 4.90
CA ALA A 72 0.11 5.27 6.23
C ALA A 72 0.83 4.33 7.19
N TYR A 73 1.03 3.10 6.75
CA TYR A 73 1.80 2.12 7.51
C TYR A 73 3.19 2.66 7.76
N HIS A 74 3.76 3.24 6.72
CA HIS A 74 5.05 3.90 6.79
C HIS A 74 4.98 5.07 7.79
N ALA A 75 3.86 5.80 7.78
CA ALA A 75 3.68 6.96 8.66
C ALA A 75 3.74 6.53 10.13
N LYS A 76 3.27 5.33 10.40
CA LYS A 76 3.37 4.76 11.73
C LYS A 76 4.83 4.56 12.11
N HIS A 77 5.62 4.11 11.13
CA HIS A 77 7.05 3.92 11.31
C HIS A 77 7.82 5.12 10.77
N CYS A 78 7.20 6.28 10.84
CA CYS A 78 7.80 7.50 10.36
C CYS A 78 7.95 8.49 11.51
N GLN A 79 9.13 9.09 11.61
CA GLN A 79 9.43 9.97 12.72
C GLN A 79 9.73 11.39 12.26
N GLU A 80 9.30 11.72 11.04
CA GLU A 80 9.47 13.07 10.52
C GLU A 80 8.16 13.60 9.97
N ASN A 81 7.90 14.87 10.24
CA ASN A 81 6.68 15.51 9.78
C ASN A 81 6.90 16.16 8.42
N LYS A 82 8.14 16.11 7.94
CA LYS A 82 8.46 16.50 6.57
C LYS A 82 9.27 15.41 5.89
N CYS A 83 8.73 14.19 5.87
CA CYS A 83 9.44 13.05 5.32
C CYS A 83 9.37 13.08 3.79
N PRO A 84 10.11 12.19 3.09
CA PRO A 84 10.07 12.12 1.63
C PRO A 84 8.78 11.49 1.09
N VAL A 85 8.16 10.59 1.86
CA VAL A 85 7.01 9.84 1.39
C VAL A 85 5.79 10.73 1.15
N PRO A 86 5.21 10.59 -0.05
CA PRO A 86 4.18 11.50 -0.58
C PRO A 86 2.88 11.50 0.22
N PHE A 87 2.29 10.33 0.37
CA PHE A 87 0.99 10.20 1.00
C PHE A 87 1.11 10.17 2.52
N CYS A 88 2.33 10.13 3.04
CA CYS A 88 2.55 10.16 4.48
C CYS A 88 2.36 11.57 5.02
N LEU A 89 2.88 12.55 4.30
CA LEU A 89 2.60 13.94 4.58
C LEU A 89 1.10 14.17 4.50
N ASN A 90 0.50 13.59 3.47
CA ASN A 90 -0.94 13.56 3.31
C ASN A 90 -1.62 12.82 4.47
N ILE A 91 -0.95 11.80 4.99
CA ILE A 91 -1.47 11.01 6.10
C ILE A 91 -1.51 11.83 7.40
N LYS A 92 -0.50 12.63 7.62
CA LYS A 92 -0.49 13.51 8.79
C LYS A 92 -1.49 14.64 8.64
N GLN A 93 -1.56 15.22 7.46
CA GLN A 93 -2.43 16.36 7.23
C GLN A 93 -3.88 15.93 7.01
N LYS A 94 -4.08 14.75 6.44
CA LYS A 94 -5.42 14.24 6.16
C LYS A 94 -5.62 12.87 6.77
N GLY A 95 -4.75 11.92 6.41
CA GLY A 95 -4.79 10.59 6.98
C GLY A 95 -6.07 9.84 6.69
N SER A 96 -6.77 9.46 7.74
CA SER A 96 -8.02 8.73 7.59
C SER A 96 -9.21 9.64 7.87
N GLY A 97 -8.98 10.94 7.70
CA GLY A 97 -10.05 11.90 7.90
C GLY A 97 -11.19 11.72 6.91
N GLY A 98 -12.35 11.38 7.42
CA GLY A 98 -13.51 11.16 6.58
C GLY A 98 -14.65 10.52 7.33
N SER A 99 -15.86 10.73 6.85
CA SER A 99 -17.05 10.18 7.49
C SER A 99 -17.64 9.08 6.62
N GLY A 100 -17.39 7.84 7.00
CA GLY A 100 -17.93 6.72 6.27
C GLY A 100 -19.12 6.10 6.96
N GLY A 101 -19.40 4.84 6.64
CA GLY A 101 -20.54 4.16 7.24
C GLY A 101 -20.13 2.92 7.99
N SER A 102 -21.10 2.07 8.31
CA SER A 102 -20.84 0.84 9.02
C SER A 102 -20.33 -0.24 8.07
N GLY A 103 -19.04 -0.51 8.15
CA GLY A 103 -18.43 -1.52 7.31
C GLY A 103 -18.35 -1.09 5.87
N GLY A 104 -18.82 -1.93 4.96
CA GLY A 104 -18.78 -1.60 3.55
C GLY A 104 -20.16 -1.34 2.99
N SER A 105 -21.00 -0.67 3.76
CA SER A 105 -22.35 -0.33 3.32
C SER A 105 -22.29 0.63 2.14
N GLY A 106 -22.55 0.10 0.95
CA GLY A 106 -22.45 0.90 -0.26
C GLY A 106 -21.75 0.13 -1.36
N GLY A 107 -20.98 -0.88 -0.96
CA GLY A 107 -20.32 -1.73 -1.93
C GLY A 107 -21.14 -2.96 -2.23
N SER A 108 -21.38 -3.22 -3.50
CA SER A 108 -22.21 -4.34 -3.90
C SER A 108 -21.35 -5.51 -4.37
N GLY A 109 -21.34 -6.58 -3.58
CA GLY A 109 -20.63 -7.78 -3.97
C GLY A 109 -19.18 -7.74 -3.55
N GLY A 110 -18.30 -8.20 -4.44
CA GLY A 110 -16.89 -8.23 -4.15
C GLY A 110 -16.25 -6.85 -4.24
N SER A 111 -16.93 -5.95 -4.93
CA SER A 111 -16.43 -4.60 -5.12
C SER A 111 -16.72 -3.73 -3.89
N SER A 112 -16.08 -4.06 -2.77
CA SER A 112 -16.25 -3.31 -1.55
C SER A 112 -14.92 -2.93 -0.93
N GLN A 113 -13.86 -3.00 -1.71
CA GLN A 113 -12.51 -2.73 -1.22
C GLN A 113 -12.19 -1.24 -1.35
N LYS A 114 -13.00 -0.44 -0.66
CA LYS A 114 -12.94 1.01 -0.74
C LYS A 114 -13.83 1.62 0.33
N VAL A 115 -15.10 1.26 0.28
CA VAL A 115 -16.11 1.74 1.21
C VAL A 115 -15.99 1.05 2.56
N PHE A 116 -15.46 -0.17 2.53
CA PHE A 116 -15.36 -1.02 3.70
C PHE A 116 -14.46 -0.40 4.77
N VAL A 117 -14.27 -1.12 5.87
CA VAL A 117 -13.44 -0.63 6.96
C VAL A 117 -11.96 -0.66 6.57
N SER A 118 -11.56 0.34 5.80
CA SER A 118 -10.17 0.46 5.38
C SER A 118 -9.48 1.48 6.27
N LYS A 119 -8.82 0.99 7.31
CA LYS A 119 -8.11 1.87 8.22
C LYS A 119 -6.80 2.30 7.59
N VAL A 120 -6.11 1.37 6.96
CA VAL A 120 -4.88 1.65 6.27
C VAL A 120 -4.84 0.90 4.94
N GLU A 121 -4.71 -0.41 5.04
CA GLU A 121 -4.54 -1.30 3.90
C GLU A 121 -5.85 -1.39 3.11
N ALA A 122 -5.85 -0.84 1.89
CA ALA A 122 -7.04 -0.89 1.03
C ALA A 122 -6.95 -2.05 0.04
N VAL A 123 -6.04 -1.93 -0.91
CA VAL A 123 -5.80 -2.97 -1.90
C VAL A 123 -4.31 -3.21 -2.07
N ILE A 124 -3.60 -3.33 -0.96
CA ILE A 124 -2.15 -3.52 -0.98
C ILE A 124 -1.74 -4.73 -1.83
N HIS A 125 -2.55 -5.80 -1.78
CA HIS A 125 -2.34 -6.99 -2.62
C HIS A 125 -0.86 -7.41 -2.64
N PRO A 126 -0.36 -7.98 -1.52
CA PRO A 126 1.04 -8.38 -1.31
C PRO A 126 1.86 -8.85 -2.51
N GLN A 127 1.24 -9.41 -3.55
CA GLN A 127 1.98 -9.71 -4.78
C GLN A 127 2.68 -8.45 -5.29
N PHE A 128 2.01 -7.31 -5.16
CA PHE A 128 2.58 -6.02 -5.52
C PHE A 128 3.79 -5.71 -4.65
N LEU A 129 3.65 -5.93 -3.35
CA LEU A 129 4.74 -5.77 -2.41
C LEU A 129 5.89 -6.66 -2.81
N ALA A 130 5.57 -7.94 -3.00
CA ALA A 130 6.54 -8.94 -3.39
C ALA A 130 7.25 -8.57 -4.68
N ASP A 131 6.50 -7.98 -5.61
CA ASP A 131 7.04 -7.61 -6.92
C ASP A 131 8.14 -6.57 -6.78
N LEU A 132 7.92 -5.58 -5.92
CA LEU A 132 8.89 -4.52 -5.70
C LEU A 132 10.13 -5.08 -5.02
N LEU A 133 9.94 -6.13 -4.26
CA LEU A 133 11.04 -6.76 -3.52
C LEU A 133 11.80 -7.74 -4.39
N SER A 134 11.10 -8.32 -5.36
CA SER A 134 11.67 -9.31 -6.26
C SER A 134 12.82 -8.72 -7.07
N PRO A 135 13.94 -9.45 -7.20
CA PRO A 135 15.07 -9.04 -8.05
C PRO A 135 14.71 -9.08 -9.53
N GLU A 136 13.55 -9.65 -9.83
CA GLU A 136 12.97 -9.63 -11.17
C GLU A 136 13.02 -8.20 -11.75
N LYS A 137 13.35 -8.06 -13.02
CA LYS A 137 13.45 -6.73 -13.62
C LYS A 137 12.24 -6.48 -14.51
N GLN A 138 11.80 -7.49 -15.24
CA GLN A 138 10.64 -7.36 -16.12
C GLN A 138 9.37 -7.58 -15.32
N ARG A 139 9.32 -6.93 -14.18
CA ARG A 139 8.22 -7.07 -13.24
C ARG A 139 7.78 -5.70 -12.79
N ASP A 140 6.75 -5.24 -13.42
CA ASP A 140 6.18 -3.94 -13.13
C ASP A 140 5.05 -4.05 -12.12
N PRO A 141 5.13 -3.32 -10.99
CA PRO A 141 4.03 -3.23 -10.02
C PRO A 141 2.76 -2.73 -10.69
N LEU A 142 2.94 -1.85 -11.67
CA LEU A 142 1.82 -1.22 -12.36
C LEU A 142 1.12 -2.23 -13.29
N ALA A 143 1.83 -3.29 -13.65
CA ALA A 143 1.25 -4.38 -14.43
C ALA A 143 0.32 -5.19 -13.53
N LEU A 144 0.86 -5.64 -12.39
CA LEU A 144 0.06 -6.22 -11.33
C LEU A 144 -1.12 -5.32 -11.02
N ILE A 145 -0.83 -4.04 -10.94
CA ILE A 145 -1.84 -3.04 -10.63
C ILE A 145 -3.10 -3.19 -11.44
N GLU A 146 -2.97 -3.24 -12.75
CA GLU A 146 -4.14 -3.39 -13.60
C GLU A 146 -4.85 -4.70 -13.27
N GLU A 147 -4.07 -5.72 -12.95
CA GLU A 147 -4.61 -7.00 -12.48
C GLU A 147 -5.37 -6.80 -11.17
N LEU A 148 -4.80 -6.02 -10.26
CA LEU A 148 -5.37 -5.83 -8.93
C LEU A 148 -6.70 -5.10 -9.01
N GLU A 149 -6.76 -4.06 -9.84
CA GLU A 149 -8.00 -3.30 -10.00
C GLU A 149 -9.09 -4.19 -10.61
N GLN A 150 -8.66 -5.19 -11.38
CA GLN A 150 -9.60 -6.18 -11.91
C GLN A 150 -10.09 -7.10 -10.80
N GLU A 151 -9.23 -7.41 -9.85
CA GLU A 151 -9.59 -8.30 -8.76
C GLU A 151 -10.18 -7.53 -7.57
N GLU A 152 -10.24 -6.21 -7.68
CA GLU A 152 -10.79 -5.39 -6.62
C GLU A 152 -12.27 -5.74 -6.39
N GLY A 153 -12.87 -6.40 -7.38
CA GLY A 153 -14.25 -6.82 -7.26
C GLY A 153 -14.38 -8.28 -6.86
N LEU A 154 -13.29 -8.83 -6.34
CA LEU A 154 -13.30 -10.22 -5.88
C LEU A 154 -12.42 -10.38 -4.64
N THR A 155 -12.23 -11.63 -4.21
CA THR A 155 -11.43 -12.00 -3.02
C THR A 155 -11.99 -11.43 -1.73
N LEU A 156 -11.84 -12.23 -0.65
CA LEU A 156 -12.46 -11.95 0.66
C LEU A 156 -13.98 -12.10 0.56
N ALA A 157 -14.53 -11.59 -0.53
CA ALA A 157 -15.91 -11.78 -0.90
C ALA A 157 -16.13 -13.18 -1.45
N GLN A 158 -15.03 -13.78 -1.89
CA GLN A 158 -15.03 -15.10 -2.52
C GLN A 158 -15.92 -16.11 -1.80
N LEU A 159 -17.08 -16.36 -2.42
CA LEU A 159 -18.08 -17.28 -1.88
C LEU A 159 -18.47 -16.96 -0.45
N VAL A 160 -18.81 -15.70 -0.21
CA VAL A 160 -19.40 -15.31 1.06
C VAL A 160 -20.83 -15.85 1.14
N GLN A 161 -21.47 -15.95 -0.02
CA GLN A 161 -22.71 -16.71 -0.15
C GLN A 161 -22.36 -18.18 -0.28
N LYS A 162 -23.21 -19.05 0.26
CA LYS A 162 -22.96 -20.49 0.24
C LYS A 162 -21.60 -20.82 0.87
N ARG A 163 -20.95 -21.86 0.38
CA ARG A 163 -19.65 -22.26 0.88
C ARG A 163 -18.87 -23.00 -0.22
N SER A 1 4.12 -8.82 28.51
CA SER A 1 4.46 -8.56 27.08
C SER A 1 5.83 -7.88 26.99
N GLY A 2 6.86 -8.65 26.71
CA GLY A 2 8.18 -8.10 26.59
C GLY A 2 8.85 -8.50 25.29
N GLY A 3 8.10 -9.14 24.42
CA GLY A 3 8.63 -9.59 23.16
C GLY A 3 8.17 -10.98 22.80
N ARG A 4 9.00 -11.70 22.05
CA ARG A 4 8.67 -13.05 21.56
C ARG A 4 7.41 -13.00 20.70
N ALA A 5 7.56 -12.47 19.49
CA ALA A 5 6.45 -12.36 18.56
C ALA A 5 6.61 -13.35 17.42
N THR A 6 5.49 -13.86 16.93
CA THR A 6 5.51 -14.85 15.86
C THR A 6 5.06 -14.22 14.55
N GLN A 7 5.64 -14.67 13.44
CA GLN A 7 5.30 -14.14 12.13
C GLN A 7 4.09 -14.86 11.57
N SER A 8 2.92 -14.49 12.04
CA SER A 8 1.67 -15.06 11.57
C SER A 8 1.38 -14.56 10.15
N PRO A 9 0.41 -15.17 9.43
CA PRO A 9 0.15 -14.81 8.04
C PRO A 9 -0.17 -13.33 7.88
N GLY A 10 -0.86 -12.78 8.87
CA GLY A 10 -1.19 -11.37 8.88
C GLY A 10 0.04 -10.51 9.05
N ASP A 11 0.85 -10.85 10.04
CA ASP A 11 2.08 -10.10 10.32
C ASP A 11 3.03 -10.18 9.14
N SER A 12 3.08 -11.34 8.50
CA SER A 12 3.93 -11.52 7.32
C SER A 12 3.47 -10.61 6.18
N ARG A 13 2.16 -10.46 6.03
CA ARG A 13 1.61 -9.54 5.03
C ARG A 13 2.00 -8.12 5.39
N ARG A 14 1.83 -7.77 6.65
CA ARG A 14 2.22 -6.46 7.16
C ARG A 14 3.70 -6.20 6.92
N LEU A 15 4.49 -7.24 7.11
CA LEU A 15 5.93 -7.16 6.90
C LEU A 15 6.26 -6.99 5.43
N SER A 16 5.42 -7.55 4.57
CA SER A 16 5.60 -7.39 3.14
C SER A 16 5.19 -5.98 2.74
N ILE A 17 4.20 -5.46 3.45
CA ILE A 17 3.81 -4.07 3.35
C ILE A 17 4.96 -3.19 3.79
N GLN A 18 5.51 -3.49 4.95
CA GLN A 18 6.63 -2.75 5.48
C GLN A 18 7.85 -2.86 4.58
N ARG A 19 7.97 -3.98 3.89
CA ARG A 19 9.04 -4.19 2.92
C ARG A 19 8.88 -3.25 1.74
N ALA A 20 7.69 -3.23 1.16
CA ALA A 20 7.37 -2.33 0.07
C ALA A 20 7.42 -0.88 0.54
N ILE A 21 7.13 -0.70 1.82
CA ILE A 21 7.26 0.59 2.47
C ILE A 21 8.71 1.03 2.51
N GLN A 22 9.61 0.10 2.77
CA GLN A 22 11.04 0.39 2.74
C GLN A 22 11.41 0.87 1.34
N SER A 23 10.79 0.23 0.35
CA SER A 23 10.92 0.66 -1.03
C SER A 23 10.40 2.10 -1.15
N LEU A 24 9.14 2.31 -0.71
CA LEU A 24 8.48 3.60 -0.75
C LEU A 24 9.40 4.73 -0.32
N VAL A 25 9.89 4.65 0.92
CA VAL A 25 10.78 5.67 1.46
C VAL A 25 11.95 5.92 0.51
N HIS A 26 12.50 4.84 -0.02
CA HIS A 26 13.64 4.93 -0.91
C HIS A 26 13.31 5.73 -2.16
N ALA A 27 12.27 5.32 -2.90
CA ALA A 27 11.94 5.98 -4.16
C ALA A 27 11.41 7.38 -3.90
N ALA A 28 10.99 7.61 -2.68
CA ALA A 28 10.49 8.90 -2.28
C ALA A 28 11.62 9.92 -2.20
N GLN A 29 12.80 9.46 -1.78
CA GLN A 29 13.93 10.37 -1.63
C GLN A 29 15.17 9.93 -2.40
N CYS A 30 15.00 9.09 -3.41
CA CYS A 30 16.14 8.70 -4.24
C CYS A 30 16.49 9.83 -5.21
N ARG A 31 17.64 10.45 -4.99
CA ARG A 31 18.11 11.54 -5.85
C ARG A 31 19.39 11.11 -6.57
N ASN A 32 19.66 9.82 -6.56
CA ASN A 32 20.85 9.27 -7.17
C ASN A 32 20.54 8.68 -8.53
N ALA A 33 21.03 9.34 -9.56
CA ALA A 33 20.82 8.92 -10.94
C ALA A 33 21.49 7.59 -11.22
N ASN A 34 22.63 7.37 -10.57
CA ASN A 34 23.41 6.16 -10.77
C ASN A 34 22.71 4.94 -10.19
N CYS A 35 21.76 5.16 -9.28
CA CYS A 35 21.03 4.08 -8.69
C CYS A 35 20.03 3.49 -9.68
N SER A 36 20.12 2.20 -9.90
CA SER A 36 19.27 1.52 -10.87
C SER A 36 18.82 0.18 -10.31
N LEU A 37 18.41 0.19 -9.05
CA LEU A 37 18.02 -1.02 -8.36
C LEU A 37 16.66 -1.53 -8.83
N PRO A 38 16.36 -2.83 -8.58
CA PRO A 38 15.10 -3.42 -9.04
C PRO A 38 13.90 -2.76 -8.39
N SER A 39 13.87 -2.75 -7.06
CA SER A 39 12.78 -2.16 -6.31
C SER A 39 12.64 -0.68 -6.62
N CYS A 40 13.78 -0.01 -6.74
CA CYS A 40 13.80 1.43 -6.95
C CYS A 40 13.17 1.82 -8.27
N GLN A 41 13.56 1.13 -9.35
CA GLN A 41 13.08 1.47 -10.67
C GLN A 41 11.60 1.13 -10.83
N LYS A 42 11.20 0.01 -10.26
CA LYS A 42 9.79 -0.39 -10.28
C LYS A 42 8.96 0.58 -9.45
N MET A 43 9.51 1.03 -8.34
CA MET A 43 8.81 1.96 -7.49
C MET A 43 8.86 3.37 -8.05
N LYS A 44 9.93 3.73 -8.74
CA LYS A 44 9.96 5.03 -9.39
C LYS A 44 8.84 5.11 -10.41
N ARG A 45 8.45 3.94 -10.93
CA ARG A 45 7.27 3.83 -11.78
C ARG A 45 6.00 4.01 -10.93
N VAL A 46 5.91 3.23 -9.86
CA VAL A 46 4.73 3.20 -8.99
C VAL A 46 4.51 4.56 -8.29
N VAL A 47 5.58 5.19 -7.87
CA VAL A 47 5.52 6.50 -7.23
C VAL A 47 5.13 7.57 -8.25
N GLN A 48 5.74 7.53 -9.42
CA GLN A 48 5.42 8.48 -10.47
C GLN A 48 3.97 8.34 -10.90
N HIS A 49 3.43 7.11 -10.80
CA HIS A 49 2.00 6.90 -10.97
C HIS A 49 1.23 7.80 -10.03
N THR A 50 1.55 7.71 -8.73
CA THR A 50 0.76 8.37 -7.69
C THR A 50 0.56 9.85 -8.00
N LYS A 51 1.60 10.47 -8.55
CA LYS A 51 1.59 11.90 -8.78
C LYS A 51 0.88 12.28 -10.08
N GLY A 52 1.00 11.44 -11.09
CA GLY A 52 0.39 11.73 -12.38
C GLY A 52 -0.99 11.12 -12.48
N CYS A 53 -1.50 10.68 -11.36
CA CYS A 53 -2.77 10.01 -11.29
C CYS A 53 -3.93 10.98 -11.02
N LYS A 54 -5.13 10.63 -11.49
CA LYS A 54 -6.33 11.41 -11.23
C LYS A 54 -7.31 10.63 -10.35
N ARG A 55 -7.52 9.35 -10.66
CA ARG A 55 -8.37 8.48 -9.84
C ARG A 55 -7.67 8.11 -8.53
N LYS A 56 -6.60 8.84 -8.23
CA LYS A 56 -5.73 8.63 -7.07
C LYS A 56 -6.49 8.18 -5.81
N THR A 57 -7.23 9.10 -5.20
CA THR A 57 -7.90 8.80 -3.96
C THR A 57 -9.38 8.52 -4.18
N ASN A 58 -9.81 8.66 -5.44
CA ASN A 58 -11.19 8.32 -5.80
C ASN A 58 -11.43 6.83 -5.59
N GLY A 59 -10.37 6.05 -5.77
CA GLY A 59 -10.45 4.63 -5.48
C GLY A 59 -10.45 3.77 -6.72
N GLY A 60 -10.11 4.36 -7.86
CA GLY A 60 -10.11 3.61 -9.10
C GLY A 60 -8.86 2.79 -9.28
N CYS A 61 -7.71 3.40 -9.00
CA CYS A 61 -6.43 2.74 -9.14
C CYS A 61 -6.07 2.04 -7.84
N PRO A 62 -5.56 0.81 -7.93
CA PRO A 62 -5.08 0.08 -6.75
C PRO A 62 -3.84 0.74 -6.15
N ILE A 63 -3.06 1.42 -6.99
CA ILE A 63 -1.79 2.00 -6.55
C ILE A 63 -1.97 2.99 -5.43
N CYS A 64 -2.63 4.09 -5.73
CA CYS A 64 -2.73 5.17 -4.78
C CYS A 64 -3.37 4.72 -3.47
N LYS A 65 -4.27 3.74 -3.52
CA LYS A 65 -4.84 3.19 -2.28
C LYS A 65 -3.81 2.38 -1.51
N GLN A 66 -3.15 1.46 -2.19
CA GLN A 66 -2.10 0.66 -1.56
C GLN A 66 -0.91 1.55 -1.19
N LEU A 67 -0.76 2.65 -1.91
CA LEU A 67 0.32 3.58 -1.67
C LEU A 67 0.01 4.51 -0.51
N ILE A 68 -1.26 4.89 -0.35
CA ILE A 68 -1.66 5.62 0.85
C ILE A 68 -1.75 4.66 2.02
N ALA A 69 -1.78 3.37 1.69
CA ALA A 69 -1.71 2.33 2.70
C ALA A 69 -0.27 2.15 3.14
N LEU A 70 0.63 1.94 2.17
CA LEU A 70 2.05 1.88 2.45
C LEU A 70 2.50 3.15 3.16
N ALA A 71 2.19 4.29 2.58
CA ALA A 71 2.55 5.58 3.16
C ALA A 71 1.97 5.75 4.57
N ALA A 72 0.77 5.22 4.81
CA ALA A 72 0.14 5.31 6.13
C ALA A 72 0.83 4.41 7.14
N TYR A 73 0.98 3.14 6.76
CA TYR A 73 1.73 2.17 7.56
C TYR A 73 3.13 2.72 7.83
N HIS A 74 3.74 3.21 6.77
CA HIS A 74 5.02 3.88 6.82
C HIS A 74 4.95 5.10 7.76
N ALA A 75 3.91 5.94 7.59
CA ALA A 75 3.75 7.16 8.37
C ALA A 75 3.60 6.85 9.86
N LYS A 76 2.99 5.70 10.15
CA LYS A 76 2.84 5.24 11.52
C LYS A 76 4.20 5.18 12.22
N HIS A 77 5.17 4.54 11.59
CA HIS A 77 6.52 4.48 12.17
C HIS A 77 7.45 5.47 11.48
N CYS A 78 6.89 6.61 11.10
CA CYS A 78 7.66 7.72 10.54
C CYS A 78 7.55 8.93 11.47
N GLN A 79 8.63 9.69 11.58
CA GLN A 79 8.63 10.85 12.46
C GLN A 79 8.89 12.14 11.69
N GLU A 80 8.74 12.10 10.37
CA GLU A 80 8.98 13.29 9.56
C GLU A 80 7.67 13.83 9.00
N ASN A 81 7.40 15.09 9.31
CA ASN A 81 6.26 15.79 8.73
C ASN A 81 6.60 16.26 7.34
N LYS A 82 7.86 16.60 7.13
CA LYS A 82 8.33 17.01 5.83
C LYS A 82 8.98 15.82 5.13
N CYS A 83 8.24 14.73 5.14
CA CYS A 83 8.71 13.45 4.61
C CYS A 83 8.83 13.47 3.09
N PRO A 84 9.77 12.69 2.53
CA PRO A 84 9.87 12.48 1.08
C PRO A 84 8.75 11.58 0.56
N VAL A 85 8.22 10.72 1.42
CA VAL A 85 7.15 9.80 1.04
C VAL A 85 5.87 10.55 0.70
N PRO A 86 5.43 10.45 -0.57
CA PRO A 86 4.38 11.31 -1.13
C PRO A 86 3.11 11.34 -0.28
N PHE A 87 2.55 10.17 -0.05
CA PHE A 87 1.29 10.06 0.64
C PHE A 87 1.45 10.14 2.16
N CYS A 88 2.69 10.18 2.64
CA CYS A 88 2.94 10.35 4.08
C CYS A 88 2.58 11.77 4.48
N LEU A 89 2.96 12.74 3.64
CA LEU A 89 2.51 14.11 3.80
C LEU A 89 0.99 14.17 3.76
N ASN A 90 0.45 13.61 2.69
CA ASN A 90 -1.00 13.42 2.55
C ASN A 90 -1.59 12.76 3.80
N ILE A 91 -0.86 11.81 4.36
CA ILE A 91 -1.31 11.10 5.56
C ILE A 91 -1.41 12.06 6.75
N LYS A 92 -0.38 12.85 6.98
CA LYS A 92 -0.40 13.80 8.09
C LYS A 92 -1.45 14.89 7.91
N GLN A 93 -1.93 15.04 6.68
CA GLN A 93 -2.97 16.02 6.39
C GLN A 93 -4.36 15.38 6.29
N LYS A 94 -4.41 14.09 5.99
CA LYS A 94 -5.69 13.40 5.83
C LYS A 94 -5.82 12.18 6.75
N GLY A 95 -4.86 11.26 6.66
CA GLY A 95 -4.93 10.02 7.43
C GLY A 95 -4.83 10.22 8.92
N SER A 96 -3.89 11.07 9.34
CA SER A 96 -3.72 11.38 10.75
C SER A 96 -4.82 12.30 11.24
N GLY A 97 -5.46 12.98 10.29
CA GLY A 97 -6.58 13.84 10.63
C GLY A 97 -7.83 13.03 10.86
N GLY A 98 -8.00 11.98 10.09
CA GLY A 98 -9.13 11.10 10.25
C GLY A 98 -8.74 9.81 10.92
N SER A 99 -9.45 8.73 10.59
CA SER A 99 -9.23 7.42 11.18
C SER A 99 -9.31 7.49 12.72
N GLY A 100 -10.22 8.33 13.21
CA GLY A 100 -10.36 8.52 14.63
C GLY A 100 -11.62 7.91 15.17
N GLY A 101 -12.17 6.96 14.43
CA GLY A 101 -13.37 6.28 14.87
C GLY A 101 -13.04 5.08 15.73
N SER A 102 -12.56 5.34 16.94
CA SER A 102 -12.19 4.27 17.85
C SER A 102 -13.33 3.97 18.81
N GLY A 103 -14.28 4.88 18.90
CA GLY A 103 -15.43 4.68 19.76
C GLY A 103 -16.53 3.93 19.03
N GLY A 104 -16.71 2.67 19.38
CA GLY A 104 -17.71 1.86 18.71
C GLY A 104 -17.08 0.97 17.66
N SER A 105 -15.90 0.45 17.98
CA SER A 105 -15.16 -0.40 17.06
C SER A 105 -15.79 -1.78 16.97
N GLY A 106 -16.49 -2.18 18.03
CA GLY A 106 -17.17 -3.45 18.03
C GLY A 106 -18.60 -3.32 17.53
N GLY A 107 -19.41 -2.61 18.30
CA GLY A 107 -20.78 -2.37 17.92
C GLY A 107 -21.68 -3.56 18.19
N SER A 108 -22.74 -3.69 17.41
CA SER A 108 -23.68 -4.77 17.55
C SER A 108 -23.97 -5.38 16.17
N GLY A 109 -23.58 -6.63 15.99
CA GLY A 109 -23.77 -7.30 14.72
C GLY A 109 -22.91 -8.54 14.61
N GLY A 110 -21.65 -8.40 14.99
CA GLY A 110 -20.74 -9.53 14.97
C GLY A 110 -20.32 -9.92 13.57
N SER A 111 -20.20 -8.94 12.69
CA SER A 111 -19.77 -9.19 11.33
C SER A 111 -18.29 -8.88 11.17
N SER A 112 -17.86 -7.89 11.95
CA SER A 112 -16.45 -7.53 12.10
C SER A 112 -15.78 -7.18 10.77
N GLN A 113 -16.51 -6.51 9.89
CA GLN A 113 -15.99 -6.18 8.57
C GLN A 113 -15.42 -4.76 8.55
N LYS A 114 -15.29 -4.16 9.72
CA LYS A 114 -14.58 -2.90 9.85
C LYS A 114 -13.27 -3.04 10.62
N VAL A 115 -13.21 -4.03 11.51
CA VAL A 115 -12.07 -4.17 12.39
C VAL A 115 -10.92 -4.85 11.66
N PHE A 116 -11.28 -5.68 10.69
CA PHE A 116 -10.31 -6.53 10.00
C PHE A 116 -9.56 -5.74 8.94
N VAL A 117 -9.03 -6.43 7.95
CA VAL A 117 -8.32 -5.80 6.84
C VAL A 117 -9.25 -4.87 6.02
N SER A 118 -9.52 -3.71 6.59
CA SER A 118 -10.28 -2.64 5.93
C SER A 118 -10.10 -1.34 6.71
N LYS A 119 -8.85 -0.98 6.95
CA LYS A 119 -8.54 0.23 7.73
C LYS A 119 -7.44 1.04 7.02
N VAL A 120 -6.30 0.43 6.78
CA VAL A 120 -5.21 1.09 6.11
C VAL A 120 -4.99 0.48 4.73
N GLU A 121 -4.53 -0.77 4.72
CA GLU A 121 -4.34 -1.50 3.49
C GLU A 121 -5.66 -1.74 2.75
N ALA A 122 -5.99 -0.82 1.84
CA ALA A 122 -7.19 -0.96 1.02
C ALA A 122 -7.02 -2.10 0.02
N VAL A 123 -6.10 -1.90 -0.91
CA VAL A 123 -5.79 -2.91 -1.92
C VAL A 123 -4.29 -3.06 -2.10
N ILE A 124 -3.58 -3.25 -1.00
CA ILE A 124 -2.14 -3.47 -1.01
C ILE A 124 -1.75 -4.64 -1.91
N HIS A 125 -2.50 -5.74 -1.80
CA HIS A 125 -2.30 -6.93 -2.65
C HIS A 125 -0.83 -7.34 -2.67
N PRO A 126 -0.33 -7.96 -1.57
CA PRO A 126 1.06 -8.40 -1.39
C PRO A 126 1.83 -8.85 -2.64
N GLN A 127 1.14 -9.36 -3.66
CA GLN A 127 1.79 -9.65 -4.94
C GLN A 127 2.55 -8.42 -5.45
N PHE A 128 1.95 -7.25 -5.27
CA PHE A 128 2.59 -5.99 -5.65
C PHE A 128 3.80 -5.72 -4.75
N LEU A 129 3.63 -5.96 -3.45
CA LEU A 129 4.73 -5.84 -2.50
C LEU A 129 5.86 -6.76 -2.94
N ALA A 130 5.49 -7.99 -3.26
CA ALA A 130 6.41 -9.02 -3.69
C ALA A 130 7.13 -8.61 -4.97
N ASP A 131 6.44 -7.87 -5.82
CA ASP A 131 7.01 -7.37 -7.08
C ASP A 131 8.27 -6.59 -6.80
N LEU A 132 8.08 -5.59 -5.95
CA LEU A 132 9.14 -4.64 -5.64
C LEU A 132 10.30 -5.33 -4.93
N LEU A 133 9.99 -6.41 -4.22
CA LEU A 133 11.00 -7.15 -3.49
C LEU A 133 11.67 -8.19 -4.38
N SER A 134 11.00 -8.54 -5.46
CA SER A 134 11.49 -9.55 -6.40
C SER A 134 12.65 -8.99 -7.22
N PRO A 135 13.77 -9.73 -7.30
CA PRO A 135 14.91 -9.35 -8.14
C PRO A 135 14.59 -9.41 -9.64
N GLU A 136 13.47 -10.08 -9.97
CA GLU A 136 13.05 -10.24 -11.34
C GLU A 136 12.84 -8.90 -12.02
N LYS A 137 13.43 -8.74 -13.20
CA LYS A 137 13.22 -7.54 -13.99
C LYS A 137 11.90 -7.65 -14.75
N GLN A 138 11.54 -8.88 -15.11
CA GLN A 138 10.24 -9.15 -15.71
C GLN A 138 9.16 -9.12 -14.63
N ARG A 139 9.08 -7.98 -13.96
CA ARG A 139 8.21 -7.80 -12.81
C ARG A 139 7.90 -6.32 -12.68
N ASP A 140 6.63 -5.94 -12.83
CA ASP A 140 6.23 -4.57 -12.73
C ASP A 140 5.01 -4.43 -11.81
N PRO A 141 5.11 -3.59 -10.77
CA PRO A 141 4.01 -3.36 -9.83
C PRO A 141 2.77 -2.81 -10.53
N LEU A 142 3.00 -1.93 -11.51
CA LEU A 142 1.92 -1.25 -12.21
C LEU A 142 1.20 -2.21 -13.16
N ALA A 143 1.93 -3.21 -13.67
CA ALA A 143 1.33 -4.26 -14.49
C ALA A 143 0.38 -5.10 -13.63
N LEU A 144 0.89 -5.57 -12.50
CA LEU A 144 0.06 -6.24 -11.50
C LEU A 144 -1.13 -5.39 -11.17
N ILE A 145 -0.90 -4.11 -11.02
CA ILE A 145 -1.92 -3.17 -10.61
C ILE A 145 -3.18 -3.23 -11.45
N GLU A 146 -3.03 -3.19 -12.75
CA GLU A 146 -4.18 -3.28 -13.62
C GLU A 146 -4.86 -4.63 -13.41
N GLU A 147 -4.05 -5.65 -13.20
CA GLU A 147 -4.56 -6.98 -12.82
C GLU A 147 -5.31 -6.92 -11.48
N LEU A 148 -4.77 -6.16 -10.54
CA LEU A 148 -5.32 -6.09 -9.19
C LEU A 148 -6.67 -5.39 -9.18
N GLU A 149 -6.79 -4.30 -9.94
CA GLU A 149 -8.03 -3.56 -10.00
C GLU A 149 -9.12 -4.40 -10.67
N GLN A 150 -8.71 -5.36 -11.49
CA GLN A 150 -9.65 -6.32 -12.04
C GLN A 150 -10.10 -7.30 -10.95
N GLU A 151 -9.19 -7.62 -10.02
CA GLU A 151 -9.50 -8.53 -8.93
C GLU A 151 -10.10 -7.78 -7.73
N GLU A 152 -10.18 -6.46 -7.82
CA GLU A 152 -10.70 -5.67 -6.72
C GLU A 152 -12.18 -5.99 -6.49
N GLY A 153 -12.80 -6.59 -7.50
CA GLY A 153 -14.17 -7.05 -7.37
C GLY A 153 -14.27 -8.34 -6.60
N LEU A 154 -13.21 -9.12 -6.58
CA LEU A 154 -13.20 -10.38 -5.87
C LEU A 154 -12.58 -10.20 -4.49
N THR A 155 -12.69 -11.23 -3.64
CA THR A 155 -12.28 -11.20 -2.23
C THR A 155 -12.99 -10.10 -1.44
N LEU A 156 -13.22 -10.39 -0.16
CA LEU A 156 -14.08 -9.57 0.71
C LEU A 156 -15.55 -9.66 0.25
N ALA A 157 -15.72 -9.79 -1.05
CA ALA A 157 -17.01 -10.07 -1.65
C ALA A 157 -17.31 -11.56 -1.57
N GLN A 158 -16.24 -12.35 -1.45
CA GLN A 158 -16.33 -13.82 -1.41
C GLN A 158 -17.32 -14.32 -0.36
N LEU A 159 -18.50 -14.71 -0.85
CA LEU A 159 -19.57 -15.24 0.01
C LEU A 159 -19.92 -14.27 1.14
N VAL A 160 -20.00 -12.99 0.81
CA VAL A 160 -20.41 -11.99 1.79
C VAL A 160 -21.91 -11.73 1.67
N GLN A 161 -22.44 -11.88 0.46
CA GLN A 161 -23.87 -11.72 0.22
C GLN A 161 -24.57 -13.06 0.38
N LYS A 162 -23.85 -14.13 0.08
CA LYS A 162 -24.38 -15.47 0.21
C LYS A 162 -23.81 -16.13 1.45
N ARG A 163 -24.67 -16.39 2.42
CA ARG A 163 -24.24 -16.93 3.69
C ARG A 163 -25.05 -18.17 4.01
N SER A 1 3.66 -15.66 24.33
CA SER A 1 4.03 -15.78 25.75
C SER A 1 5.55 -15.86 25.91
N GLY A 2 6.26 -14.96 25.27
CA GLY A 2 7.70 -14.96 25.32
C GLY A 2 8.32 -14.29 24.12
N GLY A 3 9.59 -14.53 23.90
CA GLY A 3 10.28 -13.94 22.77
C GLY A 3 10.21 -14.82 21.54
N ARG A 4 10.64 -14.28 20.41
CA ARG A 4 10.66 -15.01 19.13
C ARG A 4 9.25 -15.45 18.75
N ALA A 5 8.34 -14.50 18.69
CA ALA A 5 6.96 -14.77 18.31
C ALA A 5 6.88 -15.12 16.83
N THR A 6 5.95 -16.00 16.49
CA THR A 6 5.79 -16.45 15.12
C THR A 6 5.19 -15.36 14.24
N GLN A 7 5.73 -15.21 13.04
CA GLN A 7 5.23 -14.24 12.08
C GLN A 7 3.90 -14.71 11.51
N SER A 8 2.81 -14.23 12.11
CA SER A 8 1.47 -14.61 11.69
C SER A 8 1.20 -14.16 10.25
N PRO A 9 0.17 -14.70 9.57
CA PRO A 9 -0.08 -14.36 8.17
C PRO A 9 -0.32 -12.87 7.98
N GLY A 10 -0.97 -12.27 8.97
CA GLY A 10 -1.24 -10.84 8.94
C GLY A 10 0.03 -10.03 9.07
N ASP A 11 0.77 -10.30 10.14
CA ASP A 11 2.04 -9.62 10.40
C ASP A 11 3.02 -9.82 9.25
N SER A 12 3.12 -11.05 8.76
CA SER A 12 4.00 -11.37 7.64
C SER A 12 3.56 -10.61 6.39
N ARG A 13 2.25 -10.43 6.24
CA ARG A 13 1.72 -9.65 5.13
C ARG A 13 2.10 -8.19 5.32
N ARG A 14 1.97 -7.71 6.54
CA ARG A 14 2.36 -6.36 6.91
C ARG A 14 3.84 -6.15 6.72
N LEU A 15 4.61 -7.20 6.93
CA LEU A 15 6.04 -7.16 6.73
C LEU A 15 6.38 -6.95 5.27
N SER A 16 5.57 -7.52 4.38
CA SER A 16 5.76 -7.33 2.96
C SER A 16 5.36 -5.90 2.59
N ILE A 17 4.36 -5.40 3.32
CA ILE A 17 3.97 -4.01 3.24
C ILE A 17 5.10 -3.12 3.71
N GLN A 18 5.68 -3.47 4.84
CA GLN A 18 6.79 -2.72 5.39
C GLN A 18 8.01 -2.79 4.48
N ARG A 19 8.14 -3.91 3.78
CA ARG A 19 9.21 -4.11 2.81
C ARG A 19 9.05 -3.17 1.63
N ALA A 20 7.85 -3.15 1.06
CA ALA A 20 7.51 -2.23 0.00
C ALA A 20 7.53 -0.79 0.50
N ILE A 21 7.25 -0.64 1.78
CA ILE A 21 7.34 0.65 2.45
C ILE A 21 8.77 1.15 2.48
N GLN A 22 9.70 0.24 2.74
CA GLN A 22 11.11 0.58 2.69
C GLN A 22 11.48 1.03 1.29
N SER A 23 10.86 0.40 0.30
CA SER A 23 10.97 0.86 -1.07
C SER A 23 10.43 2.28 -1.17
N LEU A 24 9.18 2.46 -0.70
CA LEU A 24 8.49 3.75 -0.73
C LEU A 24 9.39 4.88 -0.27
N VAL A 25 9.90 4.78 0.95
CA VAL A 25 10.77 5.81 1.50
C VAL A 25 11.93 6.10 0.56
N HIS A 26 12.52 5.04 0.03
CA HIS A 26 13.66 5.16 -0.86
C HIS A 26 13.30 5.94 -2.12
N ALA A 27 12.28 5.48 -2.87
CA ALA A 27 11.94 6.12 -4.12
C ALA A 27 11.44 7.53 -3.88
N ALA A 28 10.99 7.77 -2.67
CA ALA A 28 10.50 9.06 -2.27
C ALA A 28 11.64 10.07 -2.16
N GLN A 29 12.83 9.59 -1.79
CA GLN A 29 13.96 10.47 -1.63
C GLN A 29 15.20 10.01 -2.40
N CYS A 30 15.03 9.16 -3.40
CA CYS A 30 16.15 8.71 -4.21
C CYS A 30 16.66 9.86 -5.09
N ARG A 31 17.79 10.43 -4.71
CA ARG A 31 18.37 11.52 -5.48
C ARG A 31 19.58 11.05 -6.26
N ASN A 32 20.02 9.84 -5.94
CA ASN A 32 21.10 9.20 -6.67
C ASN A 32 20.59 8.67 -8.00
N ALA A 33 20.75 9.48 -9.04
CA ALA A 33 20.47 9.03 -10.40
C ALA A 33 21.31 7.80 -10.73
N ASN A 34 22.49 7.72 -10.13
CA ASN A 34 23.37 6.57 -10.29
C ASN A 34 22.71 5.30 -9.76
N CYS A 35 21.92 5.44 -8.69
CA CYS A 35 21.12 4.30 -8.20
C CYS A 35 20.37 3.60 -9.34
N SER A 36 20.35 2.28 -9.29
CA SER A 36 19.63 1.49 -10.28
C SER A 36 19.14 0.21 -9.61
N LEU A 37 18.63 0.34 -8.39
CA LEU A 37 18.17 -0.81 -7.63
C LEU A 37 16.85 -1.36 -8.17
N PRO A 38 16.57 -2.65 -7.92
CA PRO A 38 15.40 -3.31 -8.51
C PRO A 38 14.08 -2.74 -7.99
N SER A 39 13.94 -2.72 -6.68
CA SER A 39 12.74 -2.18 -6.04
C SER A 39 12.58 -0.70 -6.37
N CYS A 40 13.70 -0.01 -6.47
CA CYS A 40 13.69 1.40 -6.72
C CYS A 40 13.08 1.74 -8.07
N GLN A 41 13.57 1.09 -9.13
CA GLN A 41 13.14 1.42 -10.47
C GLN A 41 11.66 1.07 -10.65
N LYS A 42 11.26 -0.02 -10.04
CA LYS A 42 9.87 -0.47 -10.07
C LYS A 42 9.00 0.52 -9.32
N MET A 43 9.48 0.99 -8.19
CA MET A 43 8.75 1.94 -7.39
C MET A 43 8.79 3.33 -7.99
N LYS A 44 9.88 3.69 -8.65
CA LYS A 44 9.95 4.98 -9.32
C LYS A 44 8.87 5.04 -10.39
N ARG A 45 8.48 3.88 -10.87
CA ARG A 45 7.33 3.74 -11.76
C ARG A 45 6.03 3.95 -10.98
N VAL A 46 5.94 3.29 -9.82
CA VAL A 46 4.73 3.32 -8.98
C VAL A 46 4.53 4.68 -8.28
N VAL A 47 5.62 5.31 -7.86
CA VAL A 47 5.55 6.62 -7.22
C VAL A 47 5.25 7.71 -8.25
N GLN A 48 5.99 7.71 -9.35
CA GLN A 48 5.75 8.67 -10.42
C GLN A 48 4.34 8.51 -10.95
N HIS A 49 3.82 7.28 -10.85
CA HIS A 49 2.43 7.02 -11.12
C HIS A 49 1.56 7.91 -10.22
N THR A 50 1.81 7.85 -8.90
CA THR A 50 0.94 8.49 -7.91
C THR A 50 0.69 9.95 -8.24
N LYS A 51 1.69 10.59 -8.81
CA LYS A 51 1.63 12.01 -9.09
C LYS A 51 0.98 12.29 -10.44
N GLY A 52 1.10 11.34 -11.36
CA GLY A 52 0.49 11.49 -12.67
C GLY A 52 -0.90 10.89 -12.71
N CYS A 53 -1.43 10.59 -11.53
CA CYS A 53 -2.75 9.97 -11.42
C CYS A 53 -3.82 11.04 -11.14
N LYS A 54 -5.05 10.76 -11.55
CA LYS A 54 -6.16 11.71 -11.36
C LYS A 54 -7.13 11.19 -10.31
N ARG A 55 -7.42 9.89 -10.35
CA ARG A 55 -8.31 9.24 -9.38
C ARG A 55 -7.57 8.98 -8.07
N LYS A 56 -6.39 9.61 -7.94
CA LYS A 56 -5.40 9.35 -6.89
C LYS A 56 -6.02 8.84 -5.58
N THR A 57 -6.70 9.72 -4.86
CA THR A 57 -7.23 9.38 -3.56
C THR A 57 -8.74 9.17 -3.59
N ASN A 58 -9.35 9.32 -4.77
CA ASN A 58 -10.79 9.11 -4.95
C ASN A 58 -11.20 7.73 -4.43
N GLY A 59 -10.33 6.75 -4.59
CA GLY A 59 -10.58 5.44 -4.04
C GLY A 59 -10.71 4.36 -5.09
N GLY A 60 -10.56 4.73 -6.35
CA GLY A 60 -10.68 3.77 -7.42
C GLY A 60 -9.37 3.12 -7.79
N CYS A 61 -8.27 3.82 -7.53
CA CYS A 61 -6.95 3.36 -7.93
C CYS A 61 -6.36 2.37 -6.92
N PRO A 62 -6.02 1.15 -7.35
CA PRO A 62 -5.40 0.16 -6.47
C PRO A 62 -4.00 0.62 -6.05
N ILE A 63 -3.25 1.21 -6.99
CA ILE A 63 -1.93 1.79 -6.69
C ILE A 63 -2.04 2.76 -5.56
N CYS A 64 -2.80 3.78 -5.80
CA CYS A 64 -2.86 4.89 -4.90
C CYS A 64 -3.52 4.53 -3.56
N LYS A 65 -4.43 3.56 -3.54
CA LYS A 65 -4.93 3.05 -2.26
C LYS A 65 -3.83 2.31 -1.52
N GLN A 66 -3.17 1.38 -2.21
CA GLN A 66 -2.07 0.64 -1.60
C GLN A 66 -0.89 1.56 -1.29
N LEU A 67 -0.78 2.64 -2.06
CA LEU A 67 0.27 3.62 -1.87
C LEU A 67 -0.03 4.51 -0.67
N ILE A 68 -1.29 4.84 -0.45
CA ILE A 68 -1.68 5.57 0.75
C ILE A 68 -1.72 4.61 1.93
N ALA A 69 -1.77 3.32 1.62
CA ALA A 69 -1.69 2.29 2.64
C ALA A 69 -0.24 2.12 3.08
N LEU A 70 0.67 1.97 2.11
CA LEU A 70 2.08 1.90 2.40
C LEU A 70 2.53 3.17 3.10
N ALA A 71 2.22 4.32 2.51
CA ALA A 71 2.58 5.61 3.09
C ALA A 71 2.03 5.78 4.50
N ALA A 72 0.83 5.23 4.75
CA ALA A 72 0.21 5.31 6.07
C ALA A 72 0.92 4.40 7.06
N TYR A 73 1.05 3.13 6.70
CA TYR A 73 1.80 2.17 7.52
C TYR A 73 3.20 2.69 7.77
N HIS A 74 3.78 3.23 6.72
CA HIS A 74 5.06 3.90 6.78
C HIS A 74 4.99 5.11 7.72
N ALA A 75 3.96 5.94 7.57
CA ALA A 75 3.80 7.15 8.37
C ALA A 75 3.69 6.81 9.85
N LYS A 76 3.08 5.67 10.15
CA LYS A 76 2.92 5.21 11.52
C LYS A 76 4.27 5.03 12.20
N HIS A 77 5.23 4.43 11.51
CA HIS A 77 6.57 4.29 12.08
C HIS A 77 7.52 5.30 11.43
N CYS A 78 6.97 6.45 11.07
CA CYS A 78 7.76 7.56 10.52
C CYS A 78 7.75 8.72 11.49
N GLN A 79 8.84 9.47 11.53
CA GLN A 79 8.92 10.64 12.40
C GLN A 79 9.18 11.91 11.60
N GLU A 80 8.93 11.87 10.30
CA GLU A 80 9.16 13.04 9.47
C GLU A 80 7.85 13.65 9.00
N ASN A 81 7.65 14.92 9.35
CA ASN A 81 6.47 15.64 8.94
C ASN A 81 6.77 16.41 7.67
N LYS A 82 8.05 16.44 7.32
CA LYS A 82 8.49 16.95 6.03
C LYS A 82 9.04 15.78 5.24
N CYS A 83 8.34 14.66 5.35
CA CYS A 83 8.75 13.40 4.78
C CYS A 83 8.88 13.47 3.25
N PRO A 84 9.82 12.71 2.69
CA PRO A 84 9.91 12.53 1.24
C PRO A 84 8.76 11.68 0.70
N VAL A 85 8.22 10.80 1.56
CA VAL A 85 7.16 9.89 1.16
C VAL A 85 5.88 10.65 0.83
N PRO A 86 5.33 10.42 -0.37
CA PRO A 86 4.27 11.27 -0.95
C PRO A 86 3.03 11.36 -0.06
N PHE A 87 2.38 10.23 0.11
CA PHE A 87 1.13 10.16 0.83
C PHE A 87 1.35 10.21 2.33
N CYS A 88 2.60 10.21 2.78
CA CYS A 88 2.89 10.33 4.21
C CYS A 88 2.57 11.75 4.67
N LEU A 89 2.96 12.73 3.86
CA LEU A 89 2.56 14.11 4.08
C LEU A 89 1.04 14.21 4.06
N ASN A 90 0.47 13.66 3.00
CA ASN A 90 -0.98 13.54 2.84
C ASN A 90 -1.61 12.84 4.06
N ILE A 91 -0.88 11.91 4.65
CA ILE A 91 -1.35 11.16 5.81
C ILE A 91 -1.44 12.05 7.04
N LYS A 92 -0.43 12.88 7.26
CA LYS A 92 -0.44 13.80 8.39
C LYS A 92 -1.41 14.96 8.15
N GLN A 93 -1.50 15.41 6.91
CA GLN A 93 -2.36 16.55 6.58
C GLN A 93 -3.82 16.13 6.43
N LYS A 94 -4.05 14.90 6.00
CA LYS A 94 -5.41 14.41 5.78
C LYS A 94 -5.66 13.11 6.56
N GLY A 95 -4.82 12.11 6.32
CA GLY A 95 -4.99 10.84 6.97
C GLY A 95 -5.62 9.82 6.05
N SER A 96 -6.63 9.14 6.56
CA SER A 96 -7.35 8.15 5.78
C SER A 96 -8.76 8.66 5.47
N GLY A 97 -9.39 9.26 6.48
CA GLY A 97 -10.71 9.80 6.30
C GLY A 97 -11.61 9.53 7.49
N GLY A 98 -12.58 8.66 7.29
CA GLY A 98 -13.53 8.35 8.34
C GLY A 98 -13.10 7.17 9.18
N SER A 99 -12.61 7.44 10.38
CA SER A 99 -12.18 6.39 11.28
C SER A 99 -13.14 6.32 12.48
N GLY A 100 -14.21 7.10 12.39
CA GLY A 100 -15.20 7.13 13.47
C GLY A 100 -16.01 5.86 13.54
N GLY A 101 -16.24 5.25 12.37
CA GLY A 101 -17.01 4.02 12.32
C GLY A 101 -16.15 2.81 12.62
N SER A 102 -14.87 3.04 12.85
CA SER A 102 -13.93 1.98 13.16
C SER A 102 -13.93 1.69 14.67
N GLY A 103 -13.10 0.76 15.08
CA GLY A 103 -13.01 0.40 16.48
C GLY A 103 -12.20 -0.86 16.71
N GLY A 104 -12.06 -1.24 17.96
CA GLY A 104 -11.29 -2.42 18.29
C GLY A 104 -9.81 -2.14 18.38
N SER A 105 -9.01 -3.18 18.41
CA SER A 105 -7.57 -3.05 18.50
C SER A 105 -6.99 -2.66 17.13
N GLY A 106 -7.29 -3.47 16.13
CA GLY A 106 -6.78 -3.20 14.79
C GLY A 106 -7.69 -3.74 13.71
N GLY A 107 -7.33 -4.88 13.16
CA GLY A 107 -8.10 -5.47 12.08
C GLY A 107 -9.20 -6.37 12.58
N SER A 108 -8.92 -7.10 13.67
CA SER A 108 -9.87 -8.03 14.27
C SER A 108 -10.04 -9.30 13.41
N GLY A 109 -10.50 -9.13 12.18
CA GLY A 109 -10.67 -10.25 11.29
C GLY A 109 -9.35 -10.84 10.85
N GLY A 110 -9.37 -12.09 10.41
CA GLY A 110 -8.15 -12.74 9.99
C GLY A 110 -7.90 -12.60 8.50
N SER A 111 -8.49 -13.48 7.71
CA SER A 111 -8.31 -13.48 6.26
C SER A 111 -9.11 -12.36 5.60
N SER A 112 -9.98 -11.72 6.37
CA SER A 112 -10.81 -10.67 5.83
C SER A 112 -10.15 -9.30 5.98
N GLN A 113 -8.85 -9.32 6.18
CA GLN A 113 -8.07 -8.09 6.24
C GLN A 113 -7.72 -7.63 4.84
N LYS A 114 -8.78 -7.30 4.11
CA LYS A 114 -8.68 -6.96 2.70
C LYS A 114 -10.02 -6.35 2.25
N VAL A 115 -11.10 -7.07 2.53
CA VAL A 115 -12.44 -6.60 2.23
C VAL A 115 -12.93 -5.59 3.27
N PHE A 116 -12.41 -5.70 4.48
CA PHE A 116 -12.91 -4.95 5.62
C PHE A 116 -12.68 -3.44 5.49
N VAL A 117 -13.01 -2.72 6.56
CA VAL A 117 -12.87 -1.26 6.60
C VAL A 117 -11.48 -0.82 6.12
N SER A 118 -11.47 0.08 5.15
CA SER A 118 -10.24 0.59 4.58
C SER A 118 -9.60 1.62 5.51
N LYS A 119 -9.17 1.17 6.69
CA LYS A 119 -8.50 2.05 7.64
C LYS A 119 -7.13 2.47 7.11
N VAL A 120 -6.32 1.48 6.73
CA VAL A 120 -5.03 1.76 6.13
C VAL A 120 -4.84 0.86 4.91
N GLU A 121 -4.70 -0.43 5.17
CA GLU A 121 -4.46 -1.42 4.13
C GLU A 121 -5.73 -1.66 3.30
N ALA A 122 -5.84 -0.97 2.18
CA ALA A 122 -7.01 -1.08 1.32
C ALA A 122 -6.84 -2.21 0.31
N VAL A 123 -6.11 -1.94 -0.76
CA VAL A 123 -5.85 -2.93 -1.79
C VAL A 123 -4.36 -3.03 -2.07
N ILE A 124 -3.58 -3.25 -1.02
CA ILE A 124 -2.15 -3.43 -1.15
C ILE A 124 -1.84 -4.61 -2.06
N HIS A 125 -2.51 -5.73 -1.81
CA HIS A 125 -2.33 -6.93 -2.63
C HIS A 125 -0.85 -7.33 -2.68
N PRO A 126 -0.32 -7.87 -1.56
CA PRO A 126 1.10 -8.26 -1.36
C PRO A 126 1.87 -8.74 -2.59
N GLN A 127 1.20 -9.32 -3.58
CA GLN A 127 1.87 -9.64 -4.85
C GLN A 127 2.58 -8.39 -5.40
N PHE A 128 1.94 -7.23 -5.25
CA PHE A 128 2.53 -5.95 -5.65
C PHE A 128 3.78 -5.67 -4.81
N LEU A 129 3.66 -5.89 -3.51
CA LEU A 129 4.79 -5.72 -2.59
C LEU A 129 5.92 -6.63 -3.03
N ALA A 130 5.56 -7.87 -3.31
CA ALA A 130 6.51 -8.89 -3.74
C ALA A 130 7.20 -8.47 -5.03
N ASP A 131 6.45 -7.85 -5.94
CA ASP A 131 7.03 -7.41 -7.22
C ASP A 131 8.11 -6.38 -7.00
N LEU A 132 7.91 -5.51 -6.02
CA LEU A 132 8.89 -4.48 -5.71
C LEU A 132 10.14 -5.13 -5.13
N LEU A 133 9.94 -6.22 -4.41
CA LEU A 133 11.04 -6.91 -3.77
C LEU A 133 11.72 -7.89 -4.73
N SER A 134 11.02 -8.20 -5.82
CA SER A 134 11.50 -9.16 -6.81
C SER A 134 12.80 -8.68 -7.46
N PRO A 135 13.85 -9.51 -7.38
CA PRO A 135 15.14 -9.24 -8.03
C PRO A 135 15.00 -9.21 -9.56
N GLU A 136 13.94 -9.85 -10.06
CA GLU A 136 13.65 -9.85 -11.47
C GLU A 136 13.30 -8.45 -11.94
N LYS A 137 13.90 -8.02 -13.05
CA LYS A 137 13.60 -6.71 -13.61
C LYS A 137 12.47 -6.82 -14.63
N GLN A 138 11.89 -8.02 -14.68
CA GLN A 138 10.79 -8.32 -15.58
C GLN A 138 9.47 -8.35 -14.80
N ARG A 139 9.41 -7.59 -13.73
CA ARG A 139 8.22 -7.51 -12.90
C ARG A 139 7.79 -6.05 -12.77
N ASP A 140 6.48 -5.81 -12.69
CA ASP A 140 5.96 -4.47 -12.62
C ASP A 140 4.80 -4.38 -11.65
N PRO A 141 4.89 -3.50 -10.63
CA PRO A 141 3.78 -3.25 -9.71
C PRO A 141 2.55 -2.72 -10.44
N LEU A 142 2.79 -1.92 -11.49
CA LEU A 142 1.73 -1.29 -12.24
C LEU A 142 1.00 -2.29 -13.14
N ALA A 143 1.73 -3.33 -13.59
CA ALA A 143 1.11 -4.39 -14.40
C ALA A 143 0.19 -5.22 -13.52
N LEU A 144 0.73 -5.69 -12.39
CA LEU A 144 -0.07 -6.34 -11.37
C LEU A 144 -1.29 -5.50 -11.05
N ILE A 145 -1.07 -4.22 -10.97
CA ILE A 145 -2.10 -3.28 -10.61
C ILE A 145 -3.32 -3.35 -11.50
N GLU A 146 -3.11 -3.47 -12.81
CA GLU A 146 -4.22 -3.63 -13.71
C GLU A 146 -4.99 -4.92 -13.39
N GLU A 147 -4.23 -5.95 -13.00
CA GLU A 147 -4.83 -7.18 -12.50
C GLU A 147 -5.57 -6.93 -11.19
N LEU A 148 -4.94 -6.21 -10.27
CA LEU A 148 -5.51 -5.96 -8.96
C LEU A 148 -6.81 -5.18 -9.12
N GLU A 149 -6.80 -4.30 -10.12
CA GLU A 149 -7.95 -3.53 -10.51
C GLU A 149 -9.15 -4.44 -10.76
N GLN A 150 -8.94 -5.48 -11.55
CA GLN A 150 -10.02 -6.39 -11.89
C GLN A 150 -10.38 -7.30 -10.70
N GLU A 151 -9.47 -7.43 -9.74
CA GLU A 151 -9.74 -8.29 -8.59
C GLU A 151 -10.33 -7.49 -7.43
N GLU A 152 -10.40 -6.18 -7.55
CA GLU A 152 -11.05 -5.37 -6.52
C GLU A 152 -12.55 -5.64 -6.56
N GLY A 153 -13.00 -6.23 -7.67
CA GLY A 153 -14.39 -6.60 -7.80
C GLY A 153 -14.69 -7.95 -7.20
N LEU A 154 -13.65 -8.65 -6.74
CA LEU A 154 -13.84 -9.95 -6.12
C LEU A 154 -13.40 -9.90 -4.66
N THR A 155 -13.90 -10.86 -3.90
CA THR A 155 -13.71 -10.93 -2.45
C THR A 155 -14.04 -9.63 -1.73
N LEU A 156 -15.33 -9.42 -1.65
CA LEU A 156 -15.98 -8.30 -0.98
C LEU A 156 -17.44 -8.44 -1.34
N ALA A 157 -17.59 -9.15 -2.45
CA ALA A 157 -18.85 -9.63 -2.96
C ALA A 157 -19.32 -10.83 -2.16
N GLN A 158 -18.36 -11.65 -1.76
CA GLN A 158 -18.61 -12.85 -0.98
C GLN A 158 -19.45 -12.55 0.26
N LEU A 159 -20.57 -13.24 0.36
CA LEU A 159 -21.45 -13.19 1.53
C LEU A 159 -22.06 -11.80 1.76
N VAL A 160 -22.01 -10.95 0.75
CA VAL A 160 -22.71 -9.66 0.84
C VAL A 160 -23.95 -9.68 -0.07
N GLN A 161 -23.87 -10.44 -1.14
CA GLN A 161 -24.96 -10.58 -2.09
C GLN A 161 -25.11 -12.03 -2.49
N LYS A 162 -26.34 -12.45 -2.75
CA LYS A 162 -26.61 -13.80 -3.18
C LYS A 162 -26.64 -13.86 -4.70
N ARG A 163 -27.07 -12.75 -5.32
CA ARG A 163 -27.18 -12.63 -6.77
C ARG A 163 -28.09 -13.72 -7.32
N SER A 1 12.27 -15.14 29.06
CA SER A 1 11.30 -14.08 29.33
C SER A 1 11.26 -13.08 28.17
N GLY A 2 10.10 -12.47 27.97
CA GLY A 2 9.93 -11.53 26.88
C GLY A 2 8.77 -11.91 25.98
N GLY A 3 8.27 -13.12 26.16
CA GLY A 3 7.17 -13.60 25.36
C GLY A 3 7.62 -14.52 24.26
N ARG A 4 6.81 -14.63 23.23
CA ARG A 4 7.15 -15.46 22.08
C ARG A 4 6.85 -14.69 20.79
N ALA A 5 7.84 -14.58 19.91
CA ALA A 5 7.64 -13.90 18.65
C ALA A 5 7.14 -14.88 17.59
N THR A 6 6.01 -14.56 16.99
CA THR A 6 5.40 -15.44 16.00
C THR A 6 5.26 -14.72 14.66
N GLN A 7 5.25 -15.47 13.57
CA GLN A 7 5.15 -14.91 12.26
C GLN A 7 3.83 -15.34 11.63
N SER A 8 2.74 -14.65 11.99
CA SER A 8 1.42 -14.97 11.47
C SER A 8 1.26 -14.50 10.03
N PRO A 9 0.34 -15.09 9.26
CA PRO A 9 0.11 -14.71 7.86
C PRO A 9 -0.12 -13.20 7.69
N GLY A 10 -0.98 -12.64 8.52
CA GLY A 10 -1.27 -11.22 8.46
C GLY A 10 -0.03 -10.38 8.70
N ASP A 11 0.75 -10.77 9.71
CA ASP A 11 2.00 -10.08 10.04
C ASP A 11 2.97 -10.17 8.87
N SER A 12 2.96 -11.31 8.18
CA SER A 12 3.81 -11.51 7.01
C SER A 12 3.43 -10.55 5.90
N ARG A 13 2.13 -10.41 5.66
CA ARG A 13 1.63 -9.46 4.68
C ARG A 13 2.04 -8.06 5.05
N ARG A 14 1.88 -7.74 6.33
CA ARG A 14 2.26 -6.43 6.86
C ARG A 14 3.75 -6.20 6.74
N LEU A 15 4.53 -7.25 6.91
CA LEU A 15 5.97 -7.16 6.78
C LEU A 15 6.38 -6.96 5.33
N SER A 16 5.58 -7.50 4.43
CA SER A 16 5.81 -7.26 3.01
C SER A 16 5.33 -5.87 2.64
N ILE A 17 4.30 -5.42 3.34
CA ILE A 17 3.84 -4.05 3.27
C ILE A 17 4.94 -3.13 3.75
N GLN A 18 5.49 -3.44 4.90
CA GLN A 18 6.57 -2.68 5.49
C GLN A 18 7.82 -2.73 4.62
N ARG A 19 8.00 -3.84 3.93
CA ARG A 19 9.12 -4.03 3.06
C ARG A 19 8.95 -3.21 1.78
N ALA A 20 7.74 -3.20 1.23
CA ALA A 20 7.41 -2.32 0.12
C ALA A 20 7.43 -0.87 0.59
N ILE A 21 7.15 -0.69 1.87
CA ILE A 21 7.24 0.62 2.50
C ILE A 21 8.67 1.10 2.58
N GLN A 22 9.58 0.19 2.91
CA GLN A 22 11.00 0.52 2.90
C GLN A 22 11.40 0.92 1.50
N SER A 23 10.79 0.25 0.52
CA SER A 23 10.95 0.64 -0.86
C SER A 23 10.42 2.07 -1.06
N LEU A 24 9.15 2.28 -0.66
CA LEU A 24 8.48 3.58 -0.76
C LEU A 24 9.39 4.71 -0.32
N VAL A 25 9.87 4.64 0.92
CA VAL A 25 10.75 5.67 1.46
C VAL A 25 11.93 5.92 0.52
N HIS A 26 12.50 4.84 0.01
CA HIS A 26 13.65 4.92 -0.87
C HIS A 26 13.33 5.71 -2.13
N ALA A 27 12.32 5.28 -2.90
CA ALA A 27 12.03 5.93 -4.18
C ALA A 27 11.51 7.33 -3.96
N ALA A 28 11.00 7.57 -2.75
CA ALA A 28 10.47 8.86 -2.37
C ALA A 28 11.58 9.90 -2.27
N GLN A 29 12.75 9.48 -1.79
CA GLN A 29 13.86 10.40 -1.60
C GLN A 29 15.08 10.04 -2.44
N CYS A 30 14.98 9.03 -3.30
CA CYS A 30 16.11 8.68 -4.14
C CYS A 30 16.26 9.70 -5.28
N ARG A 31 17.39 10.39 -5.28
CA ARG A 31 17.75 11.28 -6.38
C ARG A 31 19.16 10.92 -6.85
N ASN A 32 19.58 9.74 -6.44
CA ASN A 32 20.91 9.22 -6.75
C ASN A 32 20.91 8.55 -8.12
N ALA A 33 21.52 9.23 -9.09
CA ALA A 33 21.58 8.74 -10.46
C ALA A 33 22.33 7.41 -10.55
N ASN A 34 23.31 7.25 -9.67
CA ASN A 34 24.09 6.03 -9.61
C ASN A 34 23.24 4.83 -9.19
N CYS A 35 22.11 5.09 -8.55
CA CYS A 35 21.22 4.02 -8.16
C CYS A 35 20.33 3.60 -9.32
N SER A 36 20.45 2.35 -9.72
CA SER A 36 19.68 1.83 -10.83
C SER A 36 19.12 0.46 -10.45
N LEU A 37 18.76 0.33 -9.18
CA LEU A 37 18.25 -0.92 -8.65
C LEU A 37 16.86 -1.25 -9.19
N PRO A 38 16.48 -2.53 -9.18
CA PRO A 38 15.21 -2.96 -9.75
C PRO A 38 14.03 -2.41 -8.97
N SER A 39 14.04 -2.65 -7.66
CA SER A 39 12.99 -2.20 -6.76
C SER A 39 12.76 -0.70 -6.92
N CYS A 40 13.85 0.03 -7.10
CA CYS A 40 13.80 1.48 -7.20
C CYS A 40 13.17 1.91 -8.52
N GLN A 41 13.56 1.27 -9.61
CA GLN A 41 13.02 1.60 -10.93
C GLN A 41 11.54 1.21 -11.01
N LYS A 42 11.22 0.04 -10.46
CA LYS A 42 9.84 -0.42 -10.38
C LYS A 42 9.00 0.57 -9.57
N MET A 43 9.54 1.02 -8.44
CA MET A 43 8.83 1.91 -7.56
C MET A 43 8.80 3.33 -8.11
N LYS A 44 9.83 3.73 -8.84
CA LYS A 44 9.78 5.04 -9.49
C LYS A 44 8.56 5.10 -10.39
N ARG A 45 8.23 3.98 -10.99
CA ARG A 45 7.02 3.83 -11.77
C ARG A 45 5.77 3.97 -10.88
N VAL A 46 5.77 3.26 -9.76
CA VAL A 46 4.63 3.22 -8.85
C VAL A 46 4.43 4.58 -8.14
N VAL A 47 5.54 5.20 -7.74
CA VAL A 47 5.48 6.50 -7.08
C VAL A 47 5.06 7.59 -8.06
N GLN A 48 5.68 7.59 -9.24
CA GLN A 48 5.33 8.55 -10.28
C GLN A 48 3.89 8.38 -10.73
N HIS A 49 3.39 7.14 -10.63
CA HIS A 49 1.96 6.90 -10.82
C HIS A 49 1.17 7.81 -9.89
N THR A 50 1.49 7.75 -8.59
CA THR A 50 0.73 8.47 -7.57
C THR A 50 0.58 9.94 -7.91
N LYS A 51 1.60 10.50 -8.56
CA LYS A 51 1.61 11.92 -8.85
C LYS A 51 0.91 12.24 -10.17
N GLY A 52 1.04 11.37 -11.15
CA GLY A 52 0.46 11.63 -12.45
C GLY A 52 -0.92 11.06 -12.58
N CYS A 53 -1.41 10.52 -11.48
CA CYS A 53 -2.70 9.87 -11.42
C CYS A 53 -3.84 10.86 -11.25
N LYS A 54 -5.04 10.48 -11.68
CA LYS A 54 -6.23 11.31 -11.54
C LYS A 54 -7.29 10.61 -10.69
N ARG A 55 -7.47 9.31 -10.91
CA ARG A 55 -8.37 8.48 -10.11
C ARG A 55 -7.74 8.11 -8.76
N LYS A 56 -6.66 8.83 -8.42
CA LYS A 56 -5.87 8.61 -7.20
C LYS A 56 -6.70 8.15 -6.00
N THR A 57 -7.47 9.06 -5.44
CA THR A 57 -8.25 8.75 -4.25
C THR A 57 -9.70 8.48 -4.62
N ASN A 58 -10.01 8.62 -5.91
CA ASN A 58 -11.34 8.36 -6.42
C ASN A 58 -11.70 6.89 -6.24
N GLY A 59 -10.68 6.04 -6.17
CA GLY A 59 -10.90 4.64 -5.87
C GLY A 59 -10.73 3.73 -7.08
N GLY A 60 -10.33 4.31 -8.20
CA GLY A 60 -10.20 3.53 -9.42
C GLY A 60 -8.93 2.72 -9.45
N CYS A 61 -7.80 3.39 -9.28
CA CYS A 61 -6.50 2.74 -9.30
C CYS A 61 -6.27 2.04 -7.97
N PRO A 62 -5.58 0.90 -7.98
CA PRO A 62 -5.18 0.21 -6.76
C PRO A 62 -3.99 0.89 -6.09
N ILE A 63 -3.08 1.42 -6.91
CA ILE A 63 -1.85 2.04 -6.41
C ILE A 63 -2.10 3.04 -5.31
N CYS A 64 -2.76 4.12 -5.65
CA CYS A 64 -2.93 5.22 -4.71
C CYS A 64 -3.59 4.79 -3.40
N LYS A 65 -4.49 3.81 -3.44
CA LYS A 65 -5.12 3.31 -2.21
C LYS A 65 -4.12 2.50 -1.40
N GLN A 66 -3.39 1.64 -2.06
CA GLN A 66 -2.36 0.86 -1.38
C GLN A 66 -1.13 1.71 -1.11
N LEU A 67 -0.99 2.79 -1.85
CA LEU A 67 0.11 3.73 -1.68
C LEU A 67 -0.17 4.61 -0.48
N ILE A 68 -1.45 4.91 -0.25
CA ILE A 68 -1.84 5.61 0.97
C ILE A 68 -1.89 4.61 2.11
N ALA A 69 -1.92 3.34 1.75
CA ALA A 69 -1.79 2.26 2.71
C ALA A 69 -0.34 2.13 3.15
N LEU A 70 0.55 1.97 2.18
CA LEU A 70 1.98 1.90 2.45
C LEU A 70 2.42 3.17 3.16
N ALA A 71 2.11 4.33 2.59
CA ALA A 71 2.50 5.61 3.17
C ALA A 71 1.94 5.78 4.58
N ALA A 72 0.75 5.24 4.85
CA ALA A 72 0.15 5.32 6.18
C ALA A 72 0.86 4.39 7.16
N TYR A 73 0.96 3.13 6.79
CA TYR A 73 1.70 2.14 7.56
C TYR A 73 3.13 2.65 7.80
N HIS A 74 3.66 3.26 6.76
CA HIS A 74 4.95 3.90 6.81
C HIS A 74 4.93 5.12 7.74
N ALA A 75 3.91 5.97 7.60
CA ALA A 75 3.79 7.20 8.39
C ALA A 75 3.76 6.88 9.87
N LYS A 76 3.14 5.76 10.21
CA LYS A 76 3.11 5.30 11.60
C LYS A 76 4.53 5.05 12.11
N HIS A 77 5.33 4.41 11.26
CA HIS A 77 6.74 4.14 11.60
C HIS A 77 7.64 5.26 11.07
N CYS A 78 7.10 6.46 10.99
CA CYS A 78 7.83 7.62 10.48
C CYS A 78 7.71 8.78 11.44
N GLN A 79 8.76 9.58 11.55
CA GLN A 79 8.75 10.74 12.42
C GLN A 79 9.09 12.01 11.64
N GLU A 80 8.99 11.94 10.32
CA GLU A 80 9.34 13.07 9.48
C GLU A 80 8.09 13.82 8.99
N ASN A 81 8.00 15.08 9.36
CA ASN A 81 6.88 15.91 8.97
C ASN A 81 7.12 16.53 7.61
N LYS A 82 8.36 16.44 7.14
CA LYS A 82 8.72 16.92 5.82
C LYS A 82 9.20 15.75 5.00
N CYS A 83 8.50 14.64 5.19
CA CYS A 83 8.86 13.35 4.61
C CYS A 83 8.90 13.40 3.08
N PRO A 84 9.79 12.61 2.48
CA PRO A 84 9.83 12.41 1.03
C PRO A 84 8.68 11.53 0.53
N VAL A 85 8.14 10.71 1.43
CA VAL A 85 7.06 9.80 1.07
C VAL A 85 5.77 10.57 0.80
N PRO A 86 5.26 10.45 -0.45
CA PRO A 86 4.19 11.31 -0.95
C PRO A 86 2.96 11.37 -0.04
N PHE A 87 2.31 10.23 0.13
CA PHE A 87 1.06 10.18 0.88
C PHE A 87 1.30 10.24 2.38
N CYS A 88 2.55 10.21 2.81
CA CYS A 88 2.87 10.32 4.24
C CYS A 88 2.57 11.73 4.71
N LEU A 89 2.96 12.71 3.91
CA LEU A 89 2.61 14.10 4.15
C LEU A 89 1.10 14.24 4.14
N ASN A 90 0.48 13.72 3.08
CA ASN A 90 -0.97 13.66 2.97
C ASN A 90 -1.60 12.94 4.17
N ILE A 91 -0.90 11.96 4.70
CA ILE A 91 -1.39 11.20 5.84
C ILE A 91 -1.51 12.09 7.09
N LYS A 92 -0.51 12.93 7.32
CA LYS A 92 -0.53 13.86 8.45
C LYS A 92 -1.43 15.07 8.20
N GLN A 93 -1.47 15.55 6.97
CA GLN A 93 -2.20 16.78 6.68
C GLN A 93 -3.66 16.48 6.31
N LYS A 94 -3.92 15.27 5.86
CA LYS A 94 -5.25 14.88 5.44
C LYS A 94 -5.71 13.63 6.19
N GLY A 95 -4.93 12.56 6.09
CA GLY A 95 -5.25 11.34 6.79
C GLY A 95 -6.33 10.51 6.09
N SER A 96 -5.99 9.28 5.75
CA SER A 96 -6.93 8.38 5.12
C SER A 96 -7.60 7.51 6.18
N GLY A 97 -6.96 7.44 7.34
CA GLY A 97 -7.49 6.69 8.45
C GLY A 97 -6.77 7.00 9.74
N GLY A 98 -6.85 8.24 10.17
CA GLY A 98 -6.21 8.66 11.39
C GLY A 98 -7.17 9.35 12.33
N SER A 99 -8.24 8.65 12.68
CA SER A 99 -9.25 9.18 13.57
C SER A 99 -8.92 8.85 15.02
N GLY A 100 -9.31 9.73 15.93
CA GLY A 100 -9.05 9.51 17.34
C GLY A 100 -10.13 8.70 17.99
N GLY A 101 -10.08 7.38 17.80
CA GLY A 101 -11.06 6.51 18.41
C GLY A 101 -11.19 5.19 17.68
N SER A 102 -11.92 4.26 18.26
CA SER A 102 -12.10 2.95 17.68
C SER A 102 -13.54 2.80 17.16
N GLY A 103 -14.49 3.16 18.00
CA GLY A 103 -15.88 2.99 17.64
C GLY A 103 -16.25 1.53 17.51
N GLY A 104 -15.84 0.75 18.49
CA GLY A 104 -16.12 -0.67 18.48
C GLY A 104 -17.04 -1.07 19.60
N SER A 105 -18.27 -0.56 19.54
CA SER A 105 -19.28 -0.90 20.55
C SER A 105 -20.54 -1.41 19.85
N GLY A 106 -20.37 -2.08 18.73
CA GLY A 106 -21.50 -2.55 17.96
C GLY A 106 -21.71 -4.06 18.07
N GLY A 107 -20.80 -4.74 18.76
CA GLY A 107 -20.92 -6.17 18.92
C GLY A 107 -19.90 -6.72 19.90
N SER A 108 -18.86 -7.34 19.38
CA SER A 108 -17.79 -7.86 20.20
C SER A 108 -16.45 -7.27 19.75
N GLY A 109 -15.94 -6.34 20.54
CA GLY A 109 -14.74 -5.64 20.16
C GLY A 109 -14.93 -4.82 18.90
N GLY A 110 -14.00 -4.95 17.96
CA GLY A 110 -14.14 -4.26 16.70
C GLY A 110 -15.13 -4.94 15.79
N SER A 111 -15.04 -6.27 15.72
CA SER A 111 -15.94 -7.10 14.91
C SER A 111 -15.69 -6.90 13.40
N SER A 112 -15.22 -7.96 12.75
CA SER A 112 -14.98 -7.95 11.31
C SER A 112 -13.92 -6.92 10.92
N GLN A 113 -12.93 -6.72 11.80
CA GLN A 113 -11.86 -5.78 11.54
C GLN A 113 -10.84 -6.43 10.62
N LYS A 114 -11.23 -6.58 9.36
CA LYS A 114 -10.48 -7.36 8.40
C LYS A 114 -11.22 -7.36 7.06
N VAL A 115 -12.52 -7.63 7.13
CA VAL A 115 -13.37 -7.65 5.94
C VAL A 115 -14.02 -6.28 5.71
N PHE A 116 -14.21 -5.54 6.79
CA PHE A 116 -14.92 -4.27 6.74
C PHE A 116 -14.10 -3.18 6.02
N VAL A 117 -14.64 -1.97 5.98
CA VAL A 117 -13.91 -0.83 5.43
C VAL A 117 -12.55 -0.69 6.08
N SER A 118 -11.51 -0.80 5.28
CA SER A 118 -10.15 -0.77 5.77
C SER A 118 -9.74 0.65 6.15
N LYS A 119 -8.93 0.75 7.19
CA LYS A 119 -8.49 2.05 7.71
C LYS A 119 -7.18 2.47 7.05
N VAL A 120 -6.37 1.49 6.66
CA VAL A 120 -5.10 1.77 6.02
C VAL A 120 -4.95 0.92 4.75
N GLU A 121 -4.86 -0.38 4.95
CA GLU A 121 -4.54 -1.33 3.89
C GLU A 121 -5.74 -1.58 2.97
N ALA A 122 -5.89 -0.77 1.92
CA ALA A 122 -7.02 -0.90 1.01
C ALA A 122 -6.86 -2.07 0.05
N VAL A 123 -6.03 -1.88 -0.97
CA VAL A 123 -5.77 -2.92 -1.96
C VAL A 123 -4.28 -3.15 -2.15
N ILE A 124 -3.58 -3.32 -1.04
CA ILE A 124 -2.14 -3.54 -1.05
C ILE A 124 -1.74 -4.73 -1.94
N HIS A 125 -2.46 -5.84 -1.81
CA HIS A 125 -2.22 -7.03 -2.63
C HIS A 125 -0.74 -7.39 -2.67
N PRO A 126 -0.22 -8.01 -1.58
CA PRO A 126 1.19 -8.42 -1.41
C PRO A 126 1.96 -8.83 -2.66
N GLN A 127 1.31 -9.32 -3.71
CA GLN A 127 1.99 -9.56 -4.98
C GLN A 127 2.73 -8.30 -5.44
N PHE A 128 2.09 -7.15 -5.25
CA PHE A 128 2.71 -5.87 -5.61
C PHE A 128 3.92 -5.61 -4.71
N LEU A 129 3.75 -5.87 -3.42
CA LEU A 129 4.84 -5.75 -2.47
C LEU A 129 5.98 -6.67 -2.90
N ALA A 130 5.62 -7.91 -3.18
CA ALA A 130 6.54 -8.94 -3.57
C ALA A 130 7.26 -8.57 -4.87
N ASP A 131 6.53 -7.93 -5.77
CA ASP A 131 7.06 -7.55 -7.07
C ASP A 131 8.18 -6.54 -6.93
N LEU A 132 8.01 -5.61 -5.99
CA LEU A 132 9.02 -4.60 -5.72
C LEU A 132 10.25 -5.25 -5.11
N LEU A 133 10.02 -6.35 -4.42
CA LEU A 133 11.10 -7.07 -3.77
C LEU A 133 11.72 -8.09 -4.74
N SER A 134 11.05 -8.29 -5.88
CA SER A 134 11.49 -9.23 -6.88
C SER A 134 12.61 -8.62 -7.72
N PRO A 135 13.79 -9.26 -7.74
CA PRO A 135 14.93 -8.81 -8.56
C PRO A 135 14.65 -8.95 -10.04
N GLU A 136 13.56 -9.65 -10.35
CA GLU A 136 13.17 -9.89 -11.73
C GLU A 136 12.54 -8.65 -12.34
N LYS A 137 13.14 -8.14 -13.39
CA LYS A 137 12.64 -6.97 -14.08
C LYS A 137 11.49 -7.37 -15.02
N GLN A 138 11.29 -8.68 -15.16
CA GLN A 138 10.13 -9.20 -15.87
C GLN A 138 8.87 -8.98 -15.04
N ARG A 139 9.07 -8.62 -13.78
CA ARG A 139 7.98 -8.27 -12.89
C ARG A 139 7.83 -6.75 -12.83
N ASP A 140 6.60 -6.27 -12.71
CA ASP A 140 6.34 -4.84 -12.63
C ASP A 140 5.13 -4.57 -11.74
N PRO A 141 5.27 -3.69 -10.72
CA PRO A 141 4.19 -3.35 -9.79
C PRO A 141 2.95 -2.84 -10.50
N LEU A 142 3.15 -1.95 -11.45
CA LEU A 142 2.04 -1.24 -12.07
C LEU A 142 1.27 -2.16 -13.03
N ALA A 143 1.97 -3.16 -13.56
CA ALA A 143 1.35 -4.15 -14.44
C ALA A 143 0.40 -5.07 -13.67
N LEU A 144 0.92 -5.67 -12.61
CA LEU A 144 0.15 -6.54 -11.75
C LEU A 144 -0.94 -5.72 -11.06
N ILE A 145 -0.59 -4.48 -10.77
CA ILE A 145 -1.52 -3.52 -10.18
C ILE A 145 -2.78 -3.34 -11.01
N GLU A 146 -2.66 -3.22 -12.32
CA GLU A 146 -3.85 -3.09 -13.15
C GLU A 146 -4.64 -4.40 -13.12
N GLU A 147 -3.92 -5.51 -12.97
CA GLU A 147 -4.57 -6.78 -12.71
C GLU A 147 -5.32 -6.74 -11.38
N LEU A 148 -4.82 -5.93 -10.45
CA LEU A 148 -5.40 -5.86 -9.11
C LEU A 148 -6.72 -5.12 -9.11
N GLU A 149 -6.80 -4.03 -9.88
CA GLU A 149 -8.06 -3.33 -10.01
C GLU A 149 -9.10 -4.23 -10.66
N GLN A 150 -8.63 -5.18 -11.47
CA GLN A 150 -9.50 -6.21 -12.02
C GLN A 150 -9.95 -7.18 -10.92
N GLU A 151 -9.00 -7.63 -10.10
CA GLU A 151 -9.29 -8.61 -9.05
C GLU A 151 -9.91 -7.97 -7.82
N GLU A 152 -10.06 -6.65 -7.82
CA GLU A 152 -10.62 -5.94 -6.67
C GLU A 152 -12.06 -6.37 -6.42
N GLY A 153 -12.66 -7.01 -7.41
CA GLY A 153 -14.00 -7.53 -7.26
C GLY A 153 -14.01 -8.95 -6.72
N LEU A 154 -12.82 -9.50 -6.49
CA LEU A 154 -12.69 -10.85 -5.98
C LEU A 154 -11.83 -10.89 -4.72
N THR A 155 -11.87 -12.02 -4.04
CA THR A 155 -11.21 -12.22 -2.75
C THR A 155 -11.50 -11.11 -1.74
N LEU A 156 -12.69 -11.22 -1.21
CA LEU A 156 -13.25 -10.37 -0.17
C LEU A 156 -14.68 -10.85 -0.04
N ALA A 157 -15.08 -11.48 -1.13
CA ALA A 157 -16.33 -12.18 -1.30
C ALA A 157 -16.23 -13.59 -0.74
N GLN A 158 -15.01 -14.09 -0.65
CA GLN A 158 -14.74 -15.41 -0.11
C GLN A 158 -15.44 -15.62 1.22
N LEU A 159 -16.47 -16.46 1.19
CA LEU A 159 -17.25 -16.84 2.37
C LEU A 159 -18.03 -15.68 2.97
N VAL A 160 -18.57 -14.81 2.12
CA VAL A 160 -19.46 -13.78 2.58
C VAL A 160 -20.91 -14.27 2.59
N GLN A 161 -21.34 -14.86 1.49
CA GLN A 161 -22.69 -15.38 1.37
C GLN A 161 -22.65 -16.86 1.03
N LYS A 162 -23.58 -17.60 1.60
CA LYS A 162 -23.70 -19.03 1.34
C LYS A 162 -25.12 -19.35 0.91
N ARG A 163 -26.03 -19.31 1.88
CA ARG A 163 -27.43 -19.56 1.63
C ARG A 163 -28.28 -18.97 2.75
N SER A 1 20.32 -11.51 18.99
CA SER A 1 18.98 -11.92 18.53
C SER A 1 18.36 -12.94 19.48
N GLY A 2 17.66 -12.45 20.49
CA GLY A 2 17.01 -13.32 21.45
C GLY A 2 15.51 -13.39 21.23
N GLY A 3 15.00 -12.53 20.36
CA GLY A 3 13.59 -12.50 20.07
C GLY A 3 13.17 -13.66 19.19
N ARG A 4 11.88 -13.96 19.18
CA ARG A 4 11.38 -15.09 18.42
C ARG A 4 9.95 -14.83 17.97
N ALA A 5 9.82 -13.98 16.95
CA ALA A 5 8.52 -13.71 16.36
C ALA A 5 8.40 -14.47 15.04
N THR A 6 7.34 -15.25 14.90
CA THR A 6 7.16 -16.07 13.71
C THR A 6 6.33 -15.34 12.68
N GLN A 7 6.74 -15.46 11.41
CA GLN A 7 6.06 -14.79 10.32
C GLN A 7 4.76 -15.50 9.96
N SER A 8 3.73 -15.22 10.75
CA SER A 8 2.40 -15.75 10.49
C SER A 8 1.80 -15.04 9.27
N PRO A 9 0.76 -15.62 8.63
CA PRO A 9 0.19 -15.08 7.39
C PRO A 9 -0.09 -13.58 7.47
N GLY A 10 -0.69 -13.13 8.57
CA GLY A 10 -1.00 -11.73 8.74
C GLY A 10 0.26 -10.89 8.89
N ASP A 11 1.14 -11.33 9.78
CA ASP A 11 2.38 -10.60 10.07
C ASP A 11 3.29 -10.52 8.86
N SER A 12 3.48 -11.65 8.19
CA SER A 12 4.35 -11.71 7.03
C SER A 12 3.78 -10.86 5.89
N ARG A 13 2.46 -10.73 5.87
CA ARG A 13 1.79 -9.87 4.91
C ARG A 13 2.08 -8.41 5.24
N ARG A 14 2.01 -8.07 6.52
CA ARG A 14 2.33 -6.73 6.99
C ARG A 14 3.80 -6.43 6.74
N LEU A 15 4.63 -7.45 6.89
CA LEU A 15 6.05 -7.33 6.66
C LEU A 15 6.36 -7.08 5.20
N SER A 16 5.56 -7.66 4.31
CA SER A 16 5.72 -7.41 2.89
C SER A 16 5.30 -5.97 2.58
N ILE A 17 4.31 -5.50 3.34
CA ILE A 17 3.88 -4.11 3.31
C ILE A 17 5.02 -3.22 3.78
N GLN A 18 5.60 -3.57 4.92
CA GLN A 18 6.69 -2.80 5.48
C GLN A 18 7.93 -2.86 4.59
N ARG A 19 8.07 -3.96 3.87
CA ARG A 19 9.15 -4.13 2.91
C ARG A 19 8.97 -3.18 1.73
N ALA A 20 7.77 -3.18 1.16
CA ALA A 20 7.43 -2.28 0.09
C ALA A 20 7.42 -0.84 0.59
N ILE A 21 7.17 -0.68 1.87
CA ILE A 21 7.25 0.62 2.54
C ILE A 21 8.69 1.09 2.61
N GLN A 22 9.60 0.20 2.94
CA GLN A 22 11.02 0.52 2.93
C GLN A 22 11.43 0.91 1.51
N SER A 23 10.80 0.25 0.54
CA SER A 23 10.95 0.63 -0.85
C SER A 23 10.44 2.05 -1.02
N LEU A 24 9.18 2.28 -0.61
CA LEU A 24 8.52 3.59 -0.70
C LEU A 24 9.44 4.72 -0.26
N VAL A 25 9.92 4.64 0.98
CA VAL A 25 10.81 5.67 1.51
C VAL A 25 11.99 5.91 0.57
N HIS A 26 12.57 4.82 0.08
CA HIS A 26 13.73 4.90 -0.79
C HIS A 26 13.44 5.70 -2.06
N ALA A 27 12.46 5.26 -2.84
CA ALA A 27 12.18 5.90 -4.12
C ALA A 27 11.67 7.32 -3.90
N ALA A 28 11.11 7.54 -2.72
CA ALA A 28 10.56 8.83 -2.36
C ALA A 28 11.65 9.88 -2.24
N GLN A 29 12.82 9.46 -1.76
CA GLN A 29 13.92 10.40 -1.56
C GLN A 29 15.14 10.09 -2.43
N CYS A 30 15.08 9.04 -3.23
CA CYS A 30 16.20 8.72 -4.11
C CYS A 30 16.27 9.69 -5.29
N ARG A 31 17.43 10.27 -5.53
CA ARG A 31 17.61 11.11 -6.71
C ARG A 31 18.87 10.68 -7.47
N ASN A 32 19.37 9.49 -7.13
CA ASN A 32 20.53 8.93 -7.81
C ASN A 32 20.14 8.51 -9.22
N ALA A 33 20.74 9.15 -10.21
CA ALA A 33 20.51 8.77 -11.59
C ALA A 33 21.17 7.44 -11.89
N ASN A 34 22.26 7.18 -11.20
CA ASN A 34 23.01 5.95 -11.36
C ASN A 34 22.32 4.78 -10.67
N CYS A 35 21.68 5.02 -9.52
CA CYS A 35 20.97 3.96 -8.83
C CYS A 35 19.90 3.37 -9.74
N SER A 36 19.98 2.07 -9.96
CA SER A 36 19.05 1.39 -10.85
C SER A 36 18.60 0.09 -10.21
N LEU A 37 18.45 0.14 -8.90
CA LEU A 37 18.05 -1.02 -8.12
C LEU A 37 16.67 -1.53 -8.52
N PRO A 38 16.39 -2.80 -8.26
CA PRO A 38 15.15 -3.42 -8.72
C PRO A 38 13.92 -2.77 -8.09
N SER A 39 13.92 -2.65 -6.78
CA SER A 39 12.80 -2.06 -6.06
C SER A 39 12.69 -0.58 -6.37
N CYS A 40 13.81 0.05 -6.68
CA CYS A 40 13.84 1.47 -6.93
C CYS A 40 13.21 1.82 -8.26
N GLN A 41 13.57 1.07 -9.30
CA GLN A 41 13.11 1.38 -10.65
C GLN A 41 11.62 1.11 -10.79
N LYS A 42 11.17 0.01 -10.19
CA LYS A 42 9.76 -0.35 -10.21
C LYS A 42 8.96 0.63 -9.40
N MET A 43 9.50 1.02 -8.25
CA MET A 43 8.82 1.95 -7.39
C MET A 43 8.87 3.36 -7.94
N LYS A 44 9.94 3.70 -8.64
CA LYS A 44 9.99 4.99 -9.30
C LYS A 44 8.78 5.12 -10.22
N ARG A 45 8.45 4.03 -10.88
CA ARG A 45 7.25 3.95 -11.69
C ARG A 45 6.00 4.15 -10.83
N VAL A 46 5.92 3.38 -9.74
CA VAL A 46 4.74 3.39 -8.87
C VAL A 46 4.61 4.72 -8.10
N VAL A 47 5.73 5.35 -7.79
CA VAL A 47 5.73 6.64 -7.09
C VAL A 47 5.44 7.78 -8.06
N GLN A 48 6.12 7.77 -9.20
CA GLN A 48 5.88 8.79 -10.22
C GLN A 48 4.44 8.70 -10.69
N HIS A 49 3.92 7.47 -10.72
CA HIS A 49 2.50 7.24 -10.85
C HIS A 49 1.75 8.19 -9.89
N THR A 50 2.07 8.10 -8.58
CA THR A 50 1.27 8.76 -7.54
C THR A 50 1.12 10.26 -7.83
N LYS A 51 2.15 10.84 -8.41
CA LYS A 51 2.15 12.27 -8.63
C LYS A 51 1.50 12.63 -9.96
N GLY A 52 1.61 11.76 -10.94
CA GLY A 52 1.00 12.02 -12.22
C GLY A 52 -0.38 11.41 -12.33
N CYS A 53 -0.82 10.80 -11.24
CA CYS A 53 -2.10 10.13 -11.20
C CYS A 53 -3.23 11.15 -11.11
N LYS A 54 -4.31 10.94 -11.85
CA LYS A 54 -5.44 11.87 -11.84
C LYS A 54 -6.59 11.33 -10.98
N ARG A 55 -6.90 10.05 -11.16
CA ARG A 55 -7.94 9.38 -10.39
C ARG A 55 -7.50 9.10 -8.95
N LYS A 56 -6.38 9.75 -8.57
CA LYS A 56 -5.60 9.43 -7.37
C LYS A 56 -6.41 8.78 -6.24
N THR A 57 -7.24 9.55 -5.58
CA THR A 57 -7.94 9.07 -4.38
C THR A 57 -9.39 8.73 -4.66
N ASN A 58 -9.84 8.94 -5.90
CA ASN A 58 -11.24 8.73 -6.26
C ASN A 58 -11.69 7.30 -5.95
N GLY A 59 -10.74 6.36 -5.95
CA GLY A 59 -11.03 5.03 -5.48
C GLY A 59 -10.80 3.95 -6.52
N GLY A 60 -10.71 4.33 -7.78
CA GLY A 60 -10.53 3.36 -8.84
C GLY A 60 -9.10 2.87 -8.93
N CYS A 61 -8.16 3.76 -8.63
CA CYS A 61 -6.74 3.44 -8.66
C CYS A 61 -6.35 2.44 -7.57
N PRO A 62 -5.88 1.24 -7.95
CA PRO A 62 -5.40 0.26 -6.98
C PRO A 62 -4.10 0.71 -6.35
N ILE A 63 -3.28 1.43 -7.13
CA ILE A 63 -1.98 1.86 -6.64
C ILE A 63 -2.16 2.83 -5.53
N CYS A 64 -2.88 3.90 -5.82
CA CYS A 64 -3.06 4.96 -4.85
C CYS A 64 -3.56 4.43 -3.52
N LYS A 65 -4.51 3.50 -3.53
CA LYS A 65 -5.01 2.94 -2.28
C LYS A 65 -3.93 2.17 -1.54
N GLN A 66 -3.24 1.31 -2.27
CA GLN A 66 -2.13 0.54 -1.67
C GLN A 66 -0.96 1.46 -1.32
N LEU A 67 -0.84 2.56 -2.04
CA LEU A 67 0.23 3.53 -1.81
C LEU A 67 -0.09 4.43 -0.63
N ILE A 68 -1.37 4.79 -0.47
CA ILE A 68 -1.79 5.52 0.73
C ILE A 68 -1.86 4.55 1.90
N ALA A 69 -1.85 3.27 1.59
CA ALA A 69 -1.77 2.23 2.61
C ALA A 69 -0.33 2.09 3.07
N LEU A 70 0.58 1.93 2.11
CA LEU A 70 1.98 1.85 2.42
C LEU A 70 2.43 3.14 3.10
N ALA A 71 2.15 4.27 2.47
CA ALA A 71 2.51 5.57 3.03
C ALA A 71 1.92 5.77 4.42
N ALA A 72 0.71 5.24 4.65
CA ALA A 72 0.06 5.33 5.96
C ALA A 72 0.81 4.50 6.99
N TYR A 73 0.93 3.20 6.70
CA TYR A 73 1.67 2.28 7.54
C TYR A 73 3.08 2.81 7.78
N HIS A 74 3.66 3.31 6.71
CA HIS A 74 4.95 3.96 6.76
C HIS A 74 4.89 5.22 7.65
N ALA A 75 3.86 6.04 7.47
CA ALA A 75 3.71 7.30 8.22
C ALA A 75 3.62 7.04 9.71
N LYS A 76 3.00 5.94 10.09
CA LYS A 76 2.90 5.56 11.50
C LYS A 76 4.29 5.27 12.05
N HIS A 77 5.12 4.67 11.22
CA HIS A 77 6.49 4.33 11.58
C HIS A 77 7.45 5.40 11.09
N CYS A 78 6.92 6.62 10.92
CA CYS A 78 7.70 7.73 10.39
C CYS A 78 7.60 8.91 11.33
N GLN A 79 8.68 9.67 11.46
CA GLN A 79 8.71 10.82 12.34
C GLN A 79 9.02 12.12 11.60
N GLU A 80 8.90 12.10 10.29
CA GLU A 80 9.22 13.30 9.50
C GLU A 80 7.95 13.95 8.97
N ASN A 81 7.85 15.27 9.18
CA ASN A 81 6.70 16.03 8.73
C ASN A 81 6.96 16.68 7.37
N LYS A 82 8.21 16.64 6.94
CA LYS A 82 8.57 17.03 5.58
C LYS A 82 9.10 15.82 4.84
N CYS A 83 8.43 14.70 5.10
CA CYS A 83 8.83 13.41 4.56
C CYS A 83 8.88 13.41 3.03
N PRO A 84 9.80 12.63 2.45
CA PRO A 84 9.86 12.42 1.00
C PRO A 84 8.73 11.53 0.49
N VAL A 85 8.19 10.68 1.38
CA VAL A 85 7.12 9.77 1.00
C VAL A 85 5.84 10.54 0.70
N PRO A 86 5.35 10.43 -0.56
CA PRO A 86 4.30 11.30 -1.09
C PRO A 86 3.05 11.34 -0.22
N PHE A 87 2.41 10.18 -0.08
CA PHE A 87 1.14 10.09 0.64
C PHE A 87 1.33 10.16 2.16
N CYS A 88 2.59 10.17 2.61
CA CYS A 88 2.87 10.30 4.04
C CYS A 88 2.55 11.71 4.50
N LEU A 89 2.96 12.68 3.71
CA LEU A 89 2.57 14.08 3.92
C LEU A 89 1.06 14.20 3.88
N ASN A 90 0.48 13.65 2.83
CA ASN A 90 -0.97 13.59 2.65
C ASN A 90 -1.64 12.87 3.83
N ILE A 91 -0.91 11.94 4.45
CA ILE A 91 -1.43 11.20 5.59
C ILE A 91 -1.54 12.09 6.83
N LYS A 92 -0.55 12.95 7.04
CA LYS A 92 -0.57 13.86 8.18
C LYS A 92 -1.45 15.08 7.93
N GLN A 93 -1.64 15.44 6.68
CA GLN A 93 -2.47 16.59 6.35
C GLN A 93 -3.92 16.19 6.11
N LYS A 94 -4.13 14.97 5.65
CA LYS A 94 -5.47 14.48 5.36
C LYS A 94 -5.80 13.22 6.16
N GLY A 95 -4.96 12.21 6.01
CA GLY A 95 -5.17 10.95 6.70
C GLY A 95 -5.58 9.85 5.75
N SER A 96 -5.88 8.69 6.30
CA SER A 96 -6.28 7.54 5.50
C SER A 96 -7.79 7.32 5.63
N GLY A 97 -8.29 7.58 6.83
CA GLY A 97 -9.70 7.41 7.11
C GLY A 97 -9.91 6.56 8.35
N GLY A 98 -10.12 5.29 8.15
CA GLY A 98 -10.28 4.38 9.27
C GLY A 98 -11.62 4.52 9.95
N SER A 99 -12.60 3.76 9.48
CA SER A 99 -13.90 3.69 10.14
C SER A 99 -13.73 3.06 11.52
N GLY A 100 -13.63 3.89 12.53
CA GLY A 100 -13.38 3.42 13.88
C GLY A 100 -12.06 3.93 14.43
N GLY A 101 -11.47 4.89 13.73
CA GLY A 101 -10.24 5.49 14.20
C GLY A 101 -9.02 4.93 13.50
N SER A 102 -7.85 5.40 13.90
CA SER A 102 -6.60 4.93 13.31
C SER A 102 -6.24 3.54 13.83
N GLY A 103 -6.64 3.25 15.07
CA GLY A 103 -6.36 1.96 15.66
C GLY A 103 -7.58 1.05 15.65
N GLY A 104 -7.51 -0.01 16.44
CA GLY A 104 -8.61 -0.96 16.51
C GLY A 104 -9.62 -0.57 17.57
N SER A 105 -9.82 0.73 17.73
CA SER A 105 -10.76 1.27 18.71
C SER A 105 -12.20 1.08 18.24
N GLY A 106 -12.67 -0.15 18.31
CA GLY A 106 -14.01 -0.47 17.86
C GLY A 106 -14.01 -1.71 16.99
N GLY A 107 -13.36 -2.76 17.48
CA GLY A 107 -13.27 -3.99 16.74
C GLY A 107 -13.97 -5.13 17.44
N SER A 108 -14.15 -4.99 18.75
CA SER A 108 -14.81 -6.00 19.55
C SER A 108 -16.33 -5.97 19.31
N GLY A 109 -16.84 -7.01 18.67
CA GLY A 109 -18.25 -7.08 18.41
C GLY A 109 -18.56 -7.93 17.19
N GLY A 110 -19.84 -8.05 16.86
CA GLY A 110 -20.24 -8.83 15.71
C GLY A 110 -19.85 -8.15 14.41
N SER A 111 -20.36 -6.94 14.21
CA SER A 111 -20.06 -6.19 13.00
C SER A 111 -18.65 -5.60 13.08
N SER A 112 -17.73 -6.20 12.33
CA SER A 112 -16.35 -5.76 12.31
C SER A 112 -15.97 -5.25 10.94
N GLN A 113 -16.98 -4.86 10.17
CA GLN A 113 -16.79 -4.43 8.80
C GLN A 113 -16.40 -2.96 8.76
N LYS A 114 -15.25 -2.67 9.35
CA LYS A 114 -14.79 -1.31 9.56
C LYS A 114 -13.35 -1.32 10.07
N VAL A 115 -13.16 -1.99 11.20
CA VAL A 115 -11.88 -2.08 11.88
C VAL A 115 -10.95 -3.07 11.19
N PHE A 116 -11.58 -4.01 10.49
CA PHE A 116 -10.87 -5.11 9.86
C PHE A 116 -10.06 -4.64 8.65
N VAL A 117 -9.80 -5.53 7.72
CA VAL A 117 -9.15 -5.16 6.46
C VAL A 117 -10.04 -4.18 5.68
N SER A 118 -10.03 -2.93 6.13
CA SER A 118 -10.78 -1.85 5.51
C SER A 118 -10.43 -0.54 6.19
N LYS A 119 -9.16 -0.41 6.55
CA LYS A 119 -8.70 0.76 7.28
C LYS A 119 -7.51 1.41 6.56
N VAL A 120 -6.45 0.65 6.40
CA VAL A 120 -5.25 1.14 5.75
C VAL A 120 -5.03 0.38 4.45
N GLU A 121 -4.84 -0.91 4.62
CA GLU A 121 -4.53 -1.82 3.55
C GLU A 121 -5.76 -2.13 2.70
N ALA A 122 -6.12 -1.19 1.83
CA ALA A 122 -7.27 -1.37 0.94
C ALA A 122 -7.01 -2.48 -0.07
N VAL A 123 -6.10 -2.22 -0.99
CA VAL A 123 -5.73 -3.17 -2.01
C VAL A 123 -4.22 -3.31 -2.12
N ILE A 124 -3.56 -3.40 -0.97
CA ILE A 124 -2.11 -3.57 -0.91
C ILE A 124 -1.64 -4.73 -1.79
N HIS A 125 -2.40 -5.83 -1.75
CA HIS A 125 -2.17 -6.97 -2.64
C HIS A 125 -0.69 -7.36 -2.67
N PRO A 126 -0.18 -7.97 -1.57
CA PRO A 126 1.23 -8.39 -1.39
C PRO A 126 1.99 -8.85 -2.63
N GLN A 127 1.30 -9.35 -3.64
CA GLN A 127 1.96 -9.64 -4.92
C GLN A 127 2.68 -8.40 -5.44
N PHE A 128 2.03 -7.24 -5.34
CA PHE A 128 2.64 -5.97 -5.73
C PHE A 128 3.87 -5.68 -4.87
N LEU A 129 3.74 -5.94 -3.58
CA LEU A 129 4.84 -5.76 -2.63
C LEU A 129 5.98 -6.68 -3.04
N ALA A 130 5.62 -7.92 -3.35
CA ALA A 130 6.56 -8.95 -3.71
C ALA A 130 7.29 -8.59 -5.01
N ASP A 131 6.59 -7.96 -5.93
CA ASP A 131 7.19 -7.54 -7.21
C ASP A 131 8.27 -6.51 -6.99
N LEU A 132 8.05 -5.61 -6.05
CA LEU A 132 9.04 -4.59 -5.72
C LEU A 132 10.26 -5.24 -5.09
N LEU A 133 10.03 -6.31 -4.35
CA LEU A 133 11.10 -7.00 -3.65
C LEU A 133 11.79 -8.01 -4.55
N SER A 134 11.18 -8.27 -5.71
CA SER A 134 11.68 -9.26 -6.64
C SER A 134 12.96 -8.78 -7.32
N PRO A 135 14.03 -9.59 -7.29
CA PRO A 135 15.28 -9.29 -7.99
C PRO A 135 15.11 -9.29 -9.52
N GLU A 136 14.00 -9.86 -9.98
CA GLU A 136 13.66 -9.83 -11.39
C GLU A 136 13.39 -8.39 -11.82
N LYS A 137 14.21 -7.86 -12.72
CA LYS A 137 14.04 -6.48 -13.15
C LYS A 137 12.79 -6.33 -14.01
N GLN A 138 12.33 -7.43 -14.58
CA GLN A 138 11.05 -7.48 -15.25
C GLN A 138 9.98 -7.91 -14.25
N ARG A 139 9.44 -6.95 -13.54
CA ARG A 139 8.47 -7.23 -12.49
C ARG A 139 7.81 -5.93 -12.02
N ASP A 140 7.03 -5.33 -12.90
CA ASP A 140 6.45 -4.03 -12.65
C ASP A 140 5.22 -4.12 -11.75
N PRO A 141 5.19 -3.30 -10.68
CA PRO A 141 4.05 -3.22 -9.76
C PRO A 141 2.80 -2.70 -10.45
N LEU A 142 3.00 -1.77 -11.39
CA LEU A 142 1.91 -1.12 -12.09
C LEU A 142 1.23 -2.09 -13.08
N ALA A 143 1.97 -3.13 -13.48
CA ALA A 143 1.40 -4.20 -14.32
C ALA A 143 0.42 -5.02 -13.51
N LEU A 144 0.89 -5.53 -12.38
CA LEU A 144 0.03 -6.15 -11.38
C LEU A 144 -1.15 -5.27 -11.09
N ILE A 145 -0.88 -4.00 -10.94
CA ILE A 145 -1.89 -3.00 -10.65
C ILE A 145 -3.14 -3.15 -11.50
N GLU A 146 -2.97 -3.18 -12.80
CA GLU A 146 -4.09 -3.34 -13.70
C GLU A 146 -4.82 -4.65 -13.38
N GLU A 147 -4.03 -5.69 -13.12
CA GLU A 147 -4.58 -6.97 -12.67
C GLU A 147 -5.35 -6.81 -11.35
N LEU A 148 -4.80 -6.01 -10.44
CA LEU A 148 -5.34 -5.88 -9.09
C LEU A 148 -6.73 -5.24 -9.11
N GLU A 149 -6.90 -4.18 -9.89
CA GLU A 149 -8.20 -3.53 -9.99
C GLU A 149 -9.23 -4.49 -10.55
N GLN A 150 -8.78 -5.38 -11.45
CA GLN A 150 -9.67 -6.40 -11.98
C GLN A 150 -10.05 -7.40 -10.89
N GLU A 151 -9.19 -7.56 -9.89
CA GLU A 151 -9.46 -8.50 -8.81
C GLU A 151 -10.10 -7.81 -7.60
N GLU A 152 -10.26 -6.50 -7.66
CA GLU A 152 -10.90 -5.76 -6.57
C GLU A 152 -12.36 -6.19 -6.42
N GLY A 153 -12.89 -6.81 -7.47
CA GLY A 153 -14.26 -7.30 -7.44
C GLY A 153 -14.34 -8.74 -6.97
N LEU A 154 -13.22 -9.31 -6.56
CA LEU A 154 -13.19 -10.69 -6.10
C LEU A 154 -12.55 -10.79 -4.72
N THR A 155 -12.71 -11.96 -4.09
CA THR A 155 -12.24 -12.25 -2.72
C THR A 155 -12.80 -11.29 -1.68
N LEU A 156 -13.28 -11.88 -0.58
CA LEU A 156 -14.06 -11.16 0.45
C LEU A 156 -15.40 -10.73 -0.13
N ALA A 157 -15.34 -10.20 -1.34
CA ALA A 157 -16.51 -9.94 -2.15
C ALA A 157 -17.14 -11.25 -2.61
N GLN A 158 -16.30 -12.29 -2.67
CA GLN A 158 -16.73 -13.61 -3.13
C GLN A 158 -17.97 -14.11 -2.40
N LEU A 159 -19.09 -14.06 -3.12
CA LEU A 159 -20.39 -14.50 -2.60
C LEU A 159 -20.70 -13.89 -1.24
N VAL A 160 -20.29 -12.64 -1.04
CA VAL A 160 -20.56 -11.94 0.21
C VAL A 160 -21.97 -11.36 0.17
N GLN A 161 -22.43 -11.05 -1.03
CA GLN A 161 -23.76 -10.52 -1.21
C GLN A 161 -24.68 -11.60 -1.73
N LYS A 162 -25.86 -11.69 -1.14
CA LYS A 162 -26.81 -12.71 -1.50
C LYS A 162 -27.90 -12.09 -2.37
N ARG A 163 -27.81 -12.34 -3.66
CA ARG A 163 -28.75 -11.80 -4.62
C ARG A 163 -29.91 -12.77 -4.79
N SER A 1 20.28 -10.31 22.60
CA SER A 1 18.92 -10.07 23.13
C SER A 1 17.89 -10.13 22.01
N GLY A 2 16.76 -10.77 22.29
CA GLY A 2 15.70 -10.88 21.30
C GLY A 2 15.98 -11.96 20.28
N GLY A 3 15.79 -11.64 19.01
CA GLY A 3 16.04 -12.58 17.95
C GLY A 3 14.99 -13.68 17.88
N ARG A 4 13.76 -13.32 18.22
CA ARG A 4 12.67 -14.29 18.26
C ARG A 4 11.47 -13.77 17.50
N ALA A 5 11.72 -13.26 16.31
CA ALA A 5 10.66 -12.68 15.51
C ALA A 5 9.92 -13.74 14.72
N THR A 6 8.61 -13.77 14.84
CA THR A 6 7.77 -14.69 14.11
C THR A 6 6.75 -13.92 13.29
N GLN A 7 6.59 -14.26 12.02
CA GLN A 7 5.64 -13.59 11.17
C GLN A 7 4.45 -14.52 10.86
N SER A 8 3.33 -14.27 11.53
CA SER A 8 2.09 -14.98 11.22
C SER A 8 1.53 -14.47 9.89
N PRO A 9 0.68 -15.25 9.19
CA PRO A 9 0.17 -14.90 7.87
C PRO A 9 -0.30 -13.44 7.74
N GLY A 10 -1.05 -12.96 8.74
CA GLY A 10 -1.54 -11.60 8.73
C GLY A 10 -0.41 -10.58 8.89
N ASP A 11 0.40 -10.79 9.90
CA ASP A 11 1.58 -9.95 10.17
C ASP A 11 2.56 -9.99 9.01
N SER A 12 2.73 -11.17 8.43
CA SER A 12 3.59 -11.35 7.28
C SER A 12 3.13 -10.46 6.13
N ARG A 13 1.82 -10.45 5.88
CA ARG A 13 1.23 -9.62 4.83
C ARG A 13 1.58 -8.15 5.06
N ARG A 14 1.56 -7.74 6.32
CA ARG A 14 1.86 -6.38 6.70
C ARG A 14 3.35 -6.13 6.69
N LEU A 15 4.11 -7.17 6.93
CA LEU A 15 5.57 -7.11 6.83
C LEU A 15 6.01 -6.96 5.37
N SER A 16 5.27 -7.59 4.46
CA SER A 16 5.53 -7.44 3.05
C SER A 16 5.18 -6.01 2.63
N ILE A 17 4.22 -5.43 3.34
CA ILE A 17 3.86 -4.03 3.22
C ILE A 17 5.00 -3.16 3.69
N GLN A 18 5.51 -3.46 4.87
CA GLN A 18 6.62 -2.73 5.44
C GLN A 18 7.86 -2.82 4.55
N ARG A 19 7.96 -3.90 3.79
CA ARG A 19 9.04 -4.08 2.84
C ARG A 19 8.86 -3.18 1.62
N ALA A 20 7.65 -3.17 1.06
CA ALA A 20 7.34 -2.30 -0.06
C ALA A 20 7.41 -0.85 0.38
N ILE A 21 7.12 -0.65 1.66
CA ILE A 21 7.25 0.64 2.31
C ILE A 21 8.69 1.10 2.29
N GLN A 22 9.62 0.17 2.47
CA GLN A 22 11.03 0.49 2.40
C GLN A 22 11.39 0.92 0.99
N SER A 23 10.70 0.33 0.01
CA SER A 23 10.83 0.75 -1.37
C SER A 23 10.24 2.15 -1.54
N LEU A 24 9.08 2.37 -0.91
CA LEU A 24 8.39 3.65 -0.93
C LEU A 24 9.33 4.77 -0.49
N VAL A 25 9.81 4.68 0.74
CA VAL A 25 10.69 5.70 1.31
C VAL A 25 11.87 5.97 0.38
N HIS A 26 12.46 4.89 -0.12
CA HIS A 26 13.63 5.00 -0.99
C HIS A 26 13.33 5.82 -2.24
N ALA A 27 12.36 5.38 -3.03
CA ALA A 27 12.05 6.04 -4.29
C ALA A 27 11.53 7.46 -4.04
N ALA A 28 11.01 7.66 -2.86
CA ALA A 28 10.48 8.95 -2.47
C ALA A 28 11.59 9.97 -2.32
N GLN A 29 12.77 9.53 -1.88
CA GLN A 29 13.90 10.43 -1.69
C GLN A 29 15.08 10.12 -2.61
N CYS A 30 14.95 9.09 -3.44
CA CYS A 30 16.01 8.78 -4.40
C CYS A 30 16.03 9.82 -5.51
N ARG A 31 17.16 10.53 -5.64
CA ARG A 31 17.31 11.51 -6.71
C ARG A 31 18.51 11.15 -7.58
N ASN A 32 18.95 9.91 -7.48
CA ASN A 32 20.11 9.44 -8.20
C ASN A 32 19.71 8.67 -9.45
N ALA A 33 20.15 9.17 -10.59
CA ALA A 33 19.83 8.56 -11.87
C ALA A 33 20.62 7.29 -12.08
N ASN A 34 21.82 7.26 -11.48
CA ASN A 34 22.70 6.11 -11.57
C ASN A 34 22.10 4.91 -10.83
N CYS A 35 21.19 5.18 -9.91
CA CYS A 35 20.54 4.13 -9.16
C CYS A 35 19.49 3.44 -10.03
N SER A 36 19.66 2.14 -10.23
CA SER A 36 18.77 1.39 -11.10
C SER A 36 18.34 0.10 -10.41
N LEU A 37 18.20 0.17 -9.10
CA LEU A 37 17.85 -1.00 -8.31
C LEU A 37 16.46 -1.49 -8.64
N PRO A 38 16.19 -2.79 -8.40
CA PRO A 38 14.93 -3.41 -8.83
C PRO A 38 13.72 -2.76 -8.17
N SER A 39 13.73 -2.68 -6.85
CA SER A 39 12.65 -2.04 -6.11
C SER A 39 12.58 -0.56 -6.46
N CYS A 40 13.74 0.07 -6.60
CA CYS A 40 13.80 1.50 -6.86
C CYS A 40 13.11 1.86 -8.17
N GLN A 41 13.43 1.14 -9.23
CA GLN A 41 12.94 1.47 -10.55
C GLN A 41 11.45 1.24 -10.65
N LYS A 42 11.00 0.15 -10.07
CA LYS A 42 9.59 -0.18 -10.06
C LYS A 42 8.83 0.79 -9.17
N MET A 43 9.39 1.08 -8.01
CA MET A 43 8.79 1.99 -7.07
C MET A 43 8.76 3.40 -7.65
N LYS A 44 9.82 3.78 -8.36
CA LYS A 44 9.86 5.08 -9.02
C LYS A 44 8.66 5.24 -9.94
N ARG A 45 8.38 4.20 -10.72
CA ARG A 45 7.24 4.16 -11.62
C ARG A 45 5.92 4.24 -10.85
N VAL A 46 5.86 3.49 -9.76
CA VAL A 46 4.66 3.37 -8.94
C VAL A 46 4.44 4.63 -8.10
N VAL A 47 5.52 5.21 -7.58
CA VAL A 47 5.46 6.49 -6.91
C VAL A 47 5.04 7.58 -7.90
N GLN A 48 5.71 7.62 -9.04
CA GLN A 48 5.41 8.63 -10.04
C GLN A 48 3.98 8.46 -10.55
N HIS A 49 3.47 7.22 -10.53
CA HIS A 49 2.06 6.98 -10.83
C HIS A 49 1.20 7.85 -9.93
N THR A 50 1.39 7.73 -8.61
CA THR A 50 0.53 8.43 -7.64
C THR A 50 0.47 9.92 -7.93
N LYS A 51 1.56 10.42 -8.50
CA LYS A 51 1.71 11.84 -8.76
C LYS A 51 1.09 12.22 -10.10
N GLY A 52 1.23 11.36 -11.10
CA GLY A 52 0.69 11.65 -12.41
C GLY A 52 -0.69 11.07 -12.57
N CYS A 53 -1.30 10.77 -11.45
CA CYS A 53 -2.62 10.16 -11.42
C CYS A 53 -3.73 11.18 -11.15
N LYS A 54 -4.92 10.88 -11.67
CA LYS A 54 -6.12 11.69 -11.39
C LYS A 54 -7.13 10.89 -10.55
N ARG A 55 -7.37 9.64 -10.96
CA ARG A 55 -8.24 8.70 -10.23
C ARG A 55 -7.61 8.24 -8.90
N LYS A 56 -6.57 8.96 -8.47
CA LYS A 56 -5.78 8.63 -7.29
C LYS A 56 -6.62 8.08 -6.13
N THR A 57 -7.41 8.93 -5.50
CA THR A 57 -8.13 8.52 -4.30
C THR A 57 -9.56 8.08 -4.64
N ASN A 58 -9.93 8.20 -5.91
CA ASN A 58 -11.24 7.76 -6.38
C ASN A 58 -11.38 6.25 -6.21
N GLY A 59 -10.34 5.52 -6.59
CA GLY A 59 -10.37 4.07 -6.49
C GLY A 59 -10.19 3.40 -7.83
N GLY A 60 -10.07 4.21 -8.88
CA GLY A 60 -9.84 3.69 -10.22
C GLY A 60 -8.52 2.95 -10.32
N CYS A 61 -7.57 3.35 -9.50
CA CYS A 61 -6.26 2.74 -9.48
C CYS A 61 -6.02 2.06 -8.14
N PRO A 62 -5.53 0.81 -8.15
CA PRO A 62 -5.12 0.12 -6.92
C PRO A 62 -3.90 0.78 -6.28
N ILE A 63 -3.05 1.41 -7.10
CA ILE A 63 -1.80 1.99 -6.61
C ILE A 63 -2.02 3.00 -5.50
N CYS A 64 -2.69 4.08 -5.82
CA CYS A 64 -2.84 5.17 -4.89
C CYS A 64 -3.48 4.73 -3.59
N LYS A 65 -4.37 3.73 -3.62
CA LYS A 65 -4.95 3.20 -2.40
C LYS A 65 -3.93 2.39 -1.60
N GLN A 66 -3.23 1.51 -2.27
CA GLN A 66 -2.18 0.72 -1.60
C GLN A 66 -1.01 1.60 -1.22
N LEU A 67 -0.84 2.70 -1.94
CA LEU A 67 0.23 3.65 -1.69
C LEU A 67 -0.10 4.55 -0.52
N ILE A 68 -1.36 4.93 -0.37
CA ILE A 68 -1.78 5.66 0.82
C ILE A 68 -1.81 4.72 2.01
N ALA A 69 -1.88 3.43 1.70
CA ALA A 69 -1.78 2.39 2.71
C ALA A 69 -0.31 2.22 3.12
N LEU A 70 0.57 1.99 2.13
CA LEU A 70 2.00 1.91 2.40
C LEU A 70 2.47 3.18 3.13
N ALA A 71 2.13 4.33 2.56
CA ALA A 71 2.52 5.61 3.14
C ALA A 71 1.98 5.77 4.56
N ALA A 72 0.79 5.25 4.84
CA ALA A 72 0.18 5.33 6.17
C ALA A 72 0.87 4.39 7.14
N TYR A 73 1.07 3.15 6.72
CA TYR A 73 1.82 2.17 7.49
C TYR A 73 3.23 2.70 7.74
N HIS A 74 3.80 3.25 6.68
CA HIS A 74 5.08 3.93 6.74
C HIS A 74 5.01 5.12 7.71
N ALA A 75 3.91 5.88 7.63
CA ALA A 75 3.71 7.07 8.48
C ALA A 75 3.67 6.68 9.96
N LYS A 76 3.17 5.49 10.24
CA LYS A 76 3.11 5.00 11.61
C LYS A 76 4.49 4.91 12.22
N HIS A 77 5.44 4.33 11.49
CA HIS A 77 6.81 4.24 11.98
C HIS A 77 7.68 5.31 11.31
N CYS A 78 7.06 6.43 10.96
CA CYS A 78 7.77 7.58 10.43
C CYS A 78 7.84 8.67 11.48
N GLN A 79 9.03 9.20 11.72
CA GLN A 79 9.22 10.19 12.76
C GLN A 79 9.58 11.56 12.21
N GLU A 80 9.35 11.76 10.92
CA GLU A 80 9.58 13.07 10.32
C GLU A 80 8.29 13.58 9.67
N ASN A 81 7.95 14.82 9.99
CA ASN A 81 6.74 15.45 9.47
C ASN A 81 7.02 16.04 8.11
N LYS A 82 8.30 16.08 7.77
CA LYS A 82 8.74 16.51 6.45
C LYS A 82 9.54 15.40 5.78
N CYS A 83 8.92 14.25 5.55
CA CYS A 83 9.61 13.14 4.95
C CYS A 83 9.44 13.19 3.43
N PRO A 84 10.13 12.33 2.68
CA PRO A 84 10.00 12.28 1.21
C PRO A 84 8.74 11.55 0.73
N VAL A 85 8.19 10.67 1.56
CA VAL A 85 7.09 9.80 1.16
C VAL A 85 5.82 10.61 0.89
N PRO A 86 5.30 10.51 -0.34
CA PRO A 86 4.23 11.38 -0.83
C PRO A 86 3.00 11.42 0.08
N PHE A 87 2.33 10.29 0.19
CA PHE A 87 1.06 10.22 0.89
C PHE A 87 1.23 10.24 2.41
N CYS A 88 2.46 10.16 2.90
CA CYS A 88 2.70 10.21 4.33
C CYS A 88 2.51 11.63 4.83
N LEU A 89 3.04 12.58 4.07
CA LEU A 89 2.80 13.98 4.31
C LEU A 89 1.30 14.24 4.31
N ASN A 90 0.65 13.73 3.29
CA ASN A 90 -0.80 13.80 3.17
C ASN A 90 -1.48 13.04 4.32
N ILE A 91 -0.84 12.01 4.81
CA ILE A 91 -1.39 11.18 5.89
C ILE A 91 -1.44 11.96 7.21
N LYS A 92 -0.40 12.72 7.49
CA LYS A 92 -0.34 13.49 8.74
C LYS A 92 -0.92 14.88 8.59
N GLN A 93 -0.65 15.52 7.47
CA GLN A 93 -1.22 16.83 7.17
C GLN A 93 -2.73 16.76 6.89
N LYS A 94 -3.17 15.69 6.24
CA LYS A 94 -4.57 15.57 5.81
C LYS A 94 -5.27 14.41 6.51
N GLY A 95 -4.69 13.22 6.43
CA GLY A 95 -5.31 12.01 6.96
C GLY A 95 -5.72 12.12 8.42
N SER A 96 -6.89 11.59 8.72
CA SER A 96 -7.43 11.63 10.07
C SER A 96 -7.09 10.33 10.80
N GLY A 97 -6.85 10.44 12.10
CA GLY A 97 -6.57 9.27 12.91
C GLY A 97 -5.21 9.35 13.57
N GLY A 98 -4.16 9.01 12.83
CA GLY A 98 -2.82 9.03 13.39
C GLY A 98 -2.53 7.80 14.22
N SER A 99 -3.29 7.64 15.30
CA SER A 99 -3.17 6.49 16.15
C SER A 99 -4.38 5.57 15.96
N GLY A 100 -4.31 4.38 16.53
CA GLY A 100 -5.37 3.41 16.37
C GLY A 100 -4.87 2.14 15.72
N GLY A 101 -3.57 1.92 15.80
CA GLY A 101 -2.96 0.76 15.18
C GLY A 101 -2.53 -0.27 16.20
N SER A 102 -3.50 -0.83 16.90
CA SER A 102 -3.23 -1.86 17.88
C SER A 102 -3.10 -3.22 17.20
N GLY A 103 -3.83 -3.40 16.13
CA GLY A 103 -3.78 -4.64 15.38
C GLY A 103 -5.01 -5.49 15.60
N GLY A 104 -4.98 -6.71 15.10
CA GLY A 104 -6.08 -7.62 15.29
C GLY A 104 -5.81 -8.60 16.41
N SER A 105 -6.72 -8.67 17.37
CA SER A 105 -6.58 -9.58 18.49
C SER A 105 -7.74 -10.59 18.52
N GLY A 106 -8.88 -10.17 17.99
CA GLY A 106 -10.03 -11.05 17.94
C GLY A 106 -11.33 -10.29 17.90
N GLY A 107 -12.28 -10.77 17.10
CA GLY A 107 -13.56 -10.13 16.98
C GLY A 107 -13.59 -9.08 15.89
N SER A 108 -12.57 -9.11 15.04
CA SER A 108 -12.45 -8.17 13.95
C SER A 108 -11.56 -8.76 12.86
N GLY A 109 -11.97 -8.57 11.60
CA GLY A 109 -11.18 -9.04 10.49
C GLY A 109 -11.13 -10.55 10.41
N GLY A 110 -12.30 -11.18 10.45
CA GLY A 110 -12.37 -12.62 10.33
C GLY A 110 -12.19 -13.08 8.90
N SER A 111 -10.94 -13.39 8.53
CA SER A 111 -10.57 -13.82 7.18
C SER A 111 -11.13 -12.87 6.12
N SER A 112 -11.07 -11.58 6.40
CA SER A 112 -11.59 -10.57 5.49
C SER A 112 -10.67 -9.35 5.44
N GLN A 113 -9.37 -9.58 5.60
CA GLN A 113 -8.39 -8.50 5.63
C GLN A 113 -8.16 -7.95 4.22
N LYS A 114 -9.14 -7.16 3.78
CA LYS A 114 -9.15 -6.55 2.44
C LYS A 114 -10.46 -5.78 2.27
N VAL A 115 -11.56 -6.46 2.58
CA VAL A 115 -12.91 -5.90 2.48
C VAL A 115 -13.27 -5.16 3.75
N PHE A 116 -12.64 -5.57 4.85
CA PHE A 116 -12.94 -5.04 6.16
C PHE A 116 -12.64 -3.54 6.24
N VAL A 117 -12.88 -2.94 7.39
CA VAL A 117 -12.65 -1.51 7.59
C VAL A 117 -11.25 -1.10 7.12
N SER A 118 -11.19 -0.45 5.98
CA SER A 118 -9.93 -0.07 5.37
C SER A 118 -9.42 1.23 5.98
N LYS A 119 -8.99 1.13 7.24
CA LYS A 119 -8.41 2.28 7.92
C LYS A 119 -7.12 2.69 7.24
N VAL A 120 -6.32 1.69 6.88
CA VAL A 120 -5.05 1.91 6.24
C VAL A 120 -4.97 1.13 4.94
N GLU A 121 -4.78 -0.18 5.06
CA GLU A 121 -4.57 -1.07 3.93
C GLU A 121 -5.85 -1.18 3.10
N ALA A 122 -5.78 -0.82 1.83
CA ALA A 122 -6.93 -0.88 0.94
C ALA A 122 -6.81 -2.04 -0.04
N VAL A 123 -6.00 -1.85 -1.07
CA VAL A 123 -5.75 -2.90 -2.06
C VAL A 123 -4.25 -3.12 -2.23
N ILE A 124 -3.56 -3.24 -1.10
CA ILE A 124 -2.11 -3.45 -1.09
C ILE A 124 -1.71 -4.67 -1.92
N HIS A 125 -2.44 -5.78 -1.75
CA HIS A 125 -2.24 -6.98 -2.56
C HIS A 125 -0.77 -7.39 -2.60
N PRO A 126 -0.24 -7.93 -1.48
CA PRO A 126 1.17 -8.33 -1.30
C PRO A 126 1.95 -8.82 -2.52
N GLN A 127 1.31 -9.40 -3.52
CA GLN A 127 1.98 -9.72 -4.78
C GLN A 127 2.70 -8.48 -5.32
N PHE A 128 2.02 -7.34 -5.23
CA PHE A 128 2.59 -6.06 -5.64
C PHE A 128 3.83 -5.74 -4.79
N LEU A 129 3.71 -5.94 -3.49
CA LEU A 129 4.83 -5.70 -2.58
C LEU A 129 5.98 -6.62 -2.93
N ALA A 130 5.63 -7.90 -3.11
CA ALA A 130 6.57 -8.94 -3.43
C ALA A 130 7.34 -8.62 -4.71
N ASP A 131 6.63 -8.06 -5.68
CA ASP A 131 7.22 -7.81 -7.00
C ASP A 131 8.24 -6.67 -6.94
N LEU A 132 7.99 -5.68 -6.08
CA LEU A 132 8.93 -4.59 -5.89
C LEU A 132 10.23 -5.15 -5.30
N LEU A 133 10.07 -6.14 -4.45
CA LEU A 133 11.19 -6.74 -3.75
C LEU A 133 11.93 -7.74 -4.64
N SER A 134 11.19 -8.39 -5.54
CA SER A 134 11.76 -9.39 -6.43
C SER A 134 12.94 -8.83 -7.23
N PRO A 135 14.06 -9.57 -7.32
CA PRO A 135 15.22 -9.20 -8.13
C PRO A 135 14.88 -9.10 -9.62
N GLU A 136 13.68 -9.56 -9.95
CA GLU A 136 13.10 -9.41 -11.28
C GLU A 136 13.24 -7.97 -11.78
N LYS A 137 13.42 -7.80 -13.08
CA LYS A 137 13.56 -6.48 -13.67
C LYS A 137 12.34 -6.16 -14.52
N GLN A 138 12.00 -7.06 -15.43
CA GLN A 138 10.83 -6.89 -16.29
C GLN A 138 9.57 -7.27 -15.53
N ARG A 139 9.39 -6.62 -14.38
CA ARG A 139 8.31 -6.92 -13.47
C ARG A 139 7.81 -5.65 -12.86
N ASP A 140 6.71 -5.19 -13.42
CA ASP A 140 6.13 -3.92 -13.05
C ASP A 140 5.04 -4.08 -12.00
N PRO A 141 5.11 -3.30 -10.90
CA PRO A 141 4.02 -3.22 -9.92
C PRO A 141 2.75 -2.71 -10.59
N LEU A 142 2.93 -1.80 -11.53
CA LEU A 142 1.83 -1.19 -12.25
C LEU A 142 1.13 -2.21 -13.16
N ALA A 143 1.88 -3.22 -13.59
CA ALA A 143 1.33 -4.31 -14.38
C ALA A 143 0.43 -5.18 -13.52
N LEU A 144 0.98 -5.60 -12.37
CA LEU A 144 0.19 -6.26 -11.34
C LEU A 144 -1.03 -5.44 -11.03
N ILE A 145 -0.82 -4.14 -10.90
CA ILE A 145 -1.86 -3.20 -10.52
C ILE A 145 -3.12 -3.33 -11.37
N GLU A 146 -2.98 -3.33 -12.67
CA GLU A 146 -4.14 -3.45 -13.53
C GLU A 146 -4.79 -4.82 -13.32
N GLU A 147 -3.95 -5.82 -13.06
CA GLU A 147 -4.44 -7.15 -12.67
C GLU A 147 -5.21 -7.07 -11.34
N LEU A 148 -4.69 -6.29 -10.41
CA LEU A 148 -5.25 -6.20 -9.07
C LEU A 148 -6.62 -5.54 -9.10
N GLU A 149 -6.75 -4.49 -9.90
CA GLU A 149 -8.04 -3.82 -10.04
C GLU A 149 -9.06 -4.78 -10.62
N GLN A 150 -8.59 -5.72 -11.43
CA GLN A 150 -9.44 -6.78 -11.96
C GLN A 150 -9.89 -7.71 -10.83
N GLU A 151 -8.94 -8.10 -9.98
CA GLU A 151 -9.23 -9.03 -8.89
C GLU A 151 -9.96 -8.32 -7.75
N GLU A 152 -9.99 -7.00 -7.78
CA GLU A 152 -10.77 -6.24 -6.83
C GLU A 152 -12.23 -6.24 -7.26
N GLY A 153 -12.46 -6.69 -8.49
CA GLY A 153 -13.80 -6.84 -9.01
C GLY A 153 -14.42 -8.16 -8.59
N LEU A 154 -13.58 -9.12 -8.25
CA LEU A 154 -14.06 -10.41 -7.81
C LEU A 154 -14.26 -10.41 -6.30
N THR A 155 -14.92 -11.46 -5.80
CA THR A 155 -15.35 -11.58 -4.40
C THR A 155 -16.24 -10.43 -3.94
N LEU A 156 -17.06 -10.69 -2.92
CA LEU A 156 -18.15 -9.79 -2.50
C LEU A 156 -19.20 -9.73 -3.58
N ALA A 157 -18.80 -9.14 -4.69
CA ALA A 157 -19.54 -9.14 -5.93
C ALA A 157 -19.97 -10.55 -6.34
N GLN A 158 -19.17 -11.54 -5.95
CA GLN A 158 -19.40 -12.92 -6.35
C GLN A 158 -20.81 -13.40 -6.05
N LEU A 159 -21.59 -13.59 -7.13
CA LEU A 159 -22.94 -14.14 -7.07
C LEU A 159 -23.84 -13.39 -6.07
N VAL A 160 -23.55 -12.12 -5.82
CA VAL A 160 -24.33 -11.37 -4.84
C VAL A 160 -25.57 -10.73 -5.48
N GLN A 161 -25.42 -10.26 -6.71
CA GLN A 161 -26.53 -9.65 -7.42
C GLN A 161 -26.74 -10.28 -8.78
N LYS A 162 -25.67 -10.79 -9.38
CA LYS A 162 -25.74 -11.46 -10.67
C LYS A 162 -25.24 -12.89 -10.53
N ARG A 163 -26.06 -13.83 -10.97
CA ARG A 163 -25.71 -15.24 -10.89
C ARG A 163 -26.32 -15.99 -12.08
N SER A 1 3.94 -7.38 23.83
CA SER A 1 5.41 -7.31 23.87
C SER A 1 5.98 -8.60 24.46
N GLY A 2 5.84 -9.69 23.72
CA GLY A 2 6.36 -10.95 24.16
C GLY A 2 7.47 -11.45 23.28
N GLY A 3 8.25 -12.40 23.78
CA GLY A 3 9.35 -12.94 23.03
C GLY A 3 8.94 -14.16 22.23
N ARG A 4 9.75 -14.50 21.24
CA ARG A 4 9.46 -15.65 20.36
C ARG A 4 8.14 -15.45 19.64
N ALA A 5 8.00 -14.31 19.00
CA ALA A 5 6.79 -13.97 18.28
C ALA A 5 6.82 -14.59 16.89
N THR A 6 5.80 -15.36 16.55
CA THR A 6 5.77 -16.04 15.26
C THR A 6 5.12 -15.16 14.20
N GLN A 7 5.58 -15.29 12.96
CA GLN A 7 5.05 -14.52 11.86
C GLN A 7 3.76 -15.12 11.34
N SER A 8 2.65 -14.60 11.82
CA SER A 8 1.34 -15.02 11.36
C SER A 8 1.11 -14.52 9.93
N PRO A 9 0.20 -15.16 9.17
CA PRO A 9 -0.07 -14.77 7.78
C PRO A 9 -0.29 -13.27 7.63
N GLY A 10 -1.08 -12.70 8.53
CA GLY A 10 -1.36 -11.28 8.49
C GLY A 10 -0.11 -10.45 8.69
N ASP A 11 0.63 -10.74 9.76
CA ASP A 11 1.81 -9.95 10.11
C ASP A 11 2.88 -10.08 9.04
N SER A 12 3.02 -11.28 8.50
CA SER A 12 3.98 -11.54 7.43
C SER A 12 3.62 -10.73 6.19
N ARG A 13 2.31 -10.60 5.93
CA ARG A 13 1.84 -9.81 4.81
C ARG A 13 2.03 -8.32 5.10
N ARG A 14 1.87 -7.93 6.36
CA ARG A 14 2.14 -6.55 6.77
C ARG A 14 3.63 -6.27 6.64
N LEU A 15 4.43 -7.29 6.88
CA LEU A 15 5.87 -7.17 6.73
C LEU A 15 6.26 -6.99 5.28
N SER A 16 5.47 -7.57 4.37
CA SER A 16 5.70 -7.34 2.96
C SER A 16 5.28 -5.92 2.62
N ILE A 17 4.27 -5.43 3.33
CA ILE A 17 3.86 -4.04 3.27
C ILE A 17 4.99 -3.16 3.75
N GLN A 18 5.54 -3.50 4.91
CA GLN A 18 6.61 -2.73 5.49
C GLN A 18 7.89 -2.83 4.66
N ARG A 19 8.06 -3.96 3.98
CA ARG A 19 9.17 -4.15 3.05
C ARG A 19 9.02 -3.22 1.85
N ALA A 20 7.85 -3.23 1.24
CA ALA A 20 7.57 -2.33 0.13
C ALA A 20 7.57 -0.88 0.60
N ILE A 21 7.26 -0.70 1.87
CA ILE A 21 7.34 0.61 2.51
C ILE A 21 8.79 1.09 2.54
N GLN A 22 9.71 0.16 2.77
CA GLN A 22 11.12 0.49 2.73
C GLN A 22 11.49 0.92 1.32
N SER A 23 10.90 0.25 0.35
CA SER A 23 11.01 0.66 -1.04
C SER A 23 10.47 2.08 -1.17
N LEU A 24 9.22 2.28 -0.72
CA LEU A 24 8.54 3.57 -0.78
C LEU A 24 9.44 4.71 -0.35
N VAL A 25 9.95 4.64 0.88
CA VAL A 25 10.81 5.67 1.41
C VAL A 25 11.96 5.96 0.44
N HIS A 26 12.56 4.90 -0.09
CA HIS A 26 13.69 5.03 -0.99
C HIS A 26 13.31 5.80 -2.25
N ALA A 27 12.31 5.31 -2.99
CA ALA A 27 11.93 5.93 -4.25
C ALA A 27 11.38 7.33 -4.03
N ALA A 28 10.89 7.56 -2.82
CA ALA A 28 10.34 8.84 -2.46
C ALA A 28 11.42 9.90 -2.39
N GLN A 29 12.60 9.51 -1.92
CA GLN A 29 13.69 10.44 -1.76
C GLN A 29 14.89 10.15 -2.67
N CYS A 30 14.77 9.19 -3.56
CA CYS A 30 15.88 8.90 -4.45
C CYS A 30 15.91 9.94 -5.57
N ARG A 31 16.95 10.76 -5.57
CA ARG A 31 17.10 11.77 -6.61
C ARG A 31 18.32 11.45 -7.46
N ASN A 32 18.72 10.19 -7.41
CA ASN A 32 19.87 9.71 -8.14
C ASN A 32 19.41 8.81 -9.30
N ALA A 33 19.49 9.35 -10.50
CA ALA A 33 19.09 8.63 -11.71
C ALA A 33 20.03 7.47 -11.97
N ASN A 34 21.28 7.66 -11.56
CA ASN A 34 22.32 6.67 -11.74
C ASN A 34 22.00 5.40 -10.97
N CYS A 35 21.19 5.52 -9.93
CA CYS A 35 20.73 4.37 -9.18
C CYS A 35 19.72 3.61 -10.02
N SER A 36 20.03 2.36 -10.31
CA SER A 36 19.22 1.55 -11.22
C SER A 36 18.81 0.26 -10.54
N LEU A 37 18.53 0.36 -9.25
CA LEU A 37 18.19 -0.78 -8.44
C LEU A 37 16.81 -1.33 -8.78
N PRO A 38 16.57 -2.62 -8.50
CA PRO A 38 15.34 -3.29 -8.94
C PRO A 38 14.09 -2.70 -8.31
N SER A 39 14.06 -2.63 -6.98
CA SER A 39 12.90 -2.10 -6.27
C SER A 39 12.75 -0.60 -6.55
N CYS A 40 13.86 0.06 -6.84
CA CYS A 40 13.83 1.50 -7.05
C CYS A 40 13.19 1.84 -8.38
N GLN A 41 13.59 1.17 -9.45
CA GLN A 41 13.08 1.49 -10.78
C GLN A 41 11.60 1.17 -10.88
N LYS A 42 11.23 0.02 -10.32
CA LYS A 42 9.85 -0.41 -10.29
C LYS A 42 9.00 0.58 -9.52
N MET A 43 9.50 1.01 -8.38
CA MET A 43 8.79 1.92 -7.52
C MET A 43 8.82 3.35 -8.05
N LYS A 44 9.91 3.74 -8.71
CA LYS A 44 9.96 5.07 -9.31
C LYS A 44 8.80 5.21 -10.29
N ARG A 45 8.40 4.09 -10.88
CA ARG A 45 7.23 4.06 -11.76
C ARG A 45 5.93 4.10 -10.93
N VAL A 46 5.87 3.29 -9.87
CA VAL A 46 4.69 3.22 -9.00
C VAL A 46 4.47 4.55 -8.27
N VAL A 47 5.56 5.18 -7.83
CA VAL A 47 5.50 6.47 -7.16
C VAL A 47 5.11 7.57 -8.14
N GLN A 48 5.71 7.56 -9.32
CA GLN A 48 5.39 8.55 -10.34
C GLN A 48 3.94 8.41 -10.79
N HIS A 49 3.40 7.20 -10.68
CA HIS A 49 1.97 7.01 -10.87
C HIS A 49 1.22 7.91 -9.91
N THR A 50 1.55 7.80 -8.62
CA THR A 50 0.81 8.50 -7.56
C THR A 50 0.66 9.99 -7.86
N LYS A 51 1.68 10.56 -8.51
CA LYS A 51 1.72 11.99 -8.75
C LYS A 51 1.03 12.38 -10.05
N GLY A 52 1.15 11.52 -11.06
CA GLY A 52 0.58 11.83 -12.35
C GLY A 52 -0.83 11.32 -12.46
N CYS A 53 -1.34 10.83 -11.35
CA CYS A 53 -2.65 10.24 -11.29
C CYS A 53 -3.73 11.28 -10.95
N LYS A 54 -4.92 11.09 -11.48
CA LYS A 54 -6.06 11.95 -11.17
C LYS A 54 -7.11 11.19 -10.35
N ARG A 55 -7.40 9.97 -10.79
CA ARG A 55 -8.27 9.02 -10.06
C ARG A 55 -7.65 8.56 -8.74
N LYS A 56 -6.59 9.26 -8.32
CA LYS A 56 -5.77 8.90 -7.15
C LYS A 56 -6.60 8.37 -5.98
N THR A 57 -7.33 9.25 -5.31
CA THR A 57 -8.04 8.88 -4.10
C THR A 57 -9.50 8.53 -4.38
N ASN A 58 -9.88 8.67 -5.64
CA ASN A 58 -11.25 8.36 -6.06
C ASN A 58 -11.50 6.86 -6.04
N GLY A 59 -10.43 6.09 -6.24
CA GLY A 59 -10.54 4.65 -6.13
C GLY A 59 -10.60 3.97 -7.49
N GLY A 60 -10.15 4.66 -8.53
CA GLY A 60 -10.13 4.07 -9.86
C GLY A 60 -8.84 3.31 -10.11
N CYS A 61 -7.84 3.61 -9.30
CA CYS A 61 -6.54 2.98 -9.39
C CYS A 61 -6.25 2.25 -8.09
N PRO A 62 -5.75 1.01 -8.15
CA PRO A 62 -5.33 0.28 -6.96
C PRO A 62 -4.10 0.92 -6.30
N ILE A 63 -3.24 1.52 -7.12
CA ILE A 63 -1.97 2.09 -6.63
C ILE A 63 -2.18 3.06 -5.50
N CYS A 64 -2.82 4.16 -5.80
CA CYS A 64 -2.93 5.25 -4.83
C CYS A 64 -3.60 4.80 -3.54
N LYS A 65 -4.52 3.85 -3.60
CA LYS A 65 -5.13 3.31 -2.38
C LYS A 65 -4.12 2.51 -1.58
N GLN A 66 -3.44 1.61 -2.24
CA GLN A 66 -2.41 0.80 -1.59
C GLN A 66 -1.18 1.64 -1.28
N LEU A 67 -1.03 2.73 -2.02
CA LEU A 67 0.08 3.64 -1.83
C LEU A 67 -0.17 4.53 -0.62
N ILE A 68 -1.44 4.87 -0.38
CA ILE A 68 -1.80 5.59 0.84
C ILE A 68 -1.83 4.61 1.99
N ALA A 69 -2.01 3.33 1.66
CA ALA A 69 -1.88 2.26 2.63
C ALA A 69 -0.41 2.10 3.02
N LEU A 70 0.42 1.91 2.00
CA LEU A 70 1.85 1.83 2.13
C LEU A 70 2.41 3.06 2.87
N ALA A 71 2.05 4.26 2.42
CA ALA A 71 2.51 5.49 3.05
C ALA A 71 1.97 5.65 4.47
N ALA A 72 0.77 5.13 4.74
CA ALA A 72 0.17 5.24 6.08
C ALA A 72 0.89 4.33 7.06
N TYR A 73 1.02 3.06 6.70
CA TYR A 73 1.77 2.11 7.49
C TYR A 73 3.18 2.64 7.73
N HIS A 74 3.76 3.15 6.66
CA HIS A 74 5.04 3.83 6.72
C HIS A 74 4.97 5.05 7.66
N ALA A 75 3.93 5.87 7.49
CA ALA A 75 3.76 7.10 8.27
C ALA A 75 3.63 6.79 9.75
N LYS A 76 3.04 5.64 10.07
CA LYS A 76 2.88 5.22 11.45
C LYS A 76 4.23 5.11 12.15
N HIS A 77 5.20 4.51 11.49
CA HIS A 77 6.55 4.44 12.07
C HIS A 77 7.46 5.49 11.43
N CYS A 78 6.86 6.60 11.03
CA CYS A 78 7.62 7.72 10.47
C CYS A 78 7.47 8.94 11.36
N GLN A 79 8.59 9.56 11.71
CA GLN A 79 8.57 10.71 12.61
C GLN A 79 8.73 12.03 11.87
N GLU A 80 8.81 11.98 10.55
CA GLU A 80 9.07 13.19 9.77
C GLU A 80 7.77 13.79 9.23
N ASN A 81 7.60 15.07 9.54
CA ASN A 81 6.54 15.86 8.94
C ASN A 81 6.85 16.11 7.49
N LYS A 82 8.04 16.61 7.21
CA LYS A 82 8.44 16.94 5.85
C LYS A 82 9.09 15.72 5.20
N CYS A 83 8.36 14.62 5.25
CA CYS A 83 8.81 13.34 4.73
C CYS A 83 8.91 13.37 3.19
N PRO A 84 9.82 12.58 2.62
CA PRO A 84 9.90 12.39 1.16
C PRO A 84 8.76 11.53 0.62
N VAL A 85 8.23 10.66 1.48
CA VAL A 85 7.16 9.75 1.08
C VAL A 85 5.87 10.52 0.75
N PRO A 86 5.39 10.35 -0.49
CA PRO A 86 4.32 11.18 -1.06
C PRO A 86 3.09 11.26 -0.16
N PHE A 87 2.42 10.13 -0.01
CA PHE A 87 1.16 10.07 0.72
C PHE A 87 1.36 10.14 2.22
N CYS A 88 2.62 10.13 2.68
CA CYS A 88 2.90 10.26 4.10
C CYS A 88 2.56 11.67 4.56
N LEU A 89 2.94 12.65 3.74
CA LEU A 89 2.52 14.03 3.95
C LEU A 89 0.99 14.11 3.93
N ASN A 90 0.43 13.59 2.85
CA ASN A 90 -1.02 13.45 2.71
C ASN A 90 -1.64 12.73 3.90
N ILE A 91 -0.88 11.86 4.53
CA ILE A 91 -1.39 11.07 5.63
C ILE A 91 -1.48 11.89 6.92
N LYS A 92 -0.41 12.56 7.29
CA LYS A 92 -0.38 13.24 8.59
C LYS A 92 -0.98 14.63 8.52
N GLN A 93 -0.91 15.22 7.35
CA GLN A 93 -1.51 16.54 7.13
C GLN A 93 -2.96 16.45 6.65
N LYS A 94 -3.32 15.39 5.95
CA LYS A 94 -4.64 15.32 5.33
C LYS A 94 -5.47 14.15 5.88
N GLY A 95 -4.95 12.93 5.76
CA GLY A 95 -5.68 11.76 6.16
C GLY A 95 -5.24 11.22 7.49
N SER A 96 -5.22 12.10 8.49
CA SER A 96 -4.70 11.75 9.81
C SER A 96 -5.46 10.58 10.43
N GLY A 97 -4.74 9.77 11.20
CA GLY A 97 -5.34 8.60 11.82
C GLY A 97 -6.09 8.96 13.07
N GLY A 98 -7.09 9.80 12.91
CA GLY A 98 -7.90 10.24 14.02
C GLY A 98 -9.22 10.81 13.54
N SER A 99 -10.08 11.20 14.47
CA SER A 99 -11.39 11.73 14.14
C SER A 99 -12.22 10.68 13.40
N GLY A 100 -12.16 9.45 13.89
CA GLY A 100 -12.90 8.36 13.28
C GLY A 100 -14.36 8.38 13.67
N GLY A 101 -15.23 8.28 12.67
CA GLY A 101 -16.65 8.28 12.92
C GLY A 101 -17.24 6.90 12.77
N SER A 102 -18.27 6.79 11.95
CA SER A 102 -18.91 5.52 11.68
C SER A 102 -19.23 5.38 10.20
N GLY A 103 -19.59 4.18 9.77
CA GLY A 103 -19.90 3.97 8.37
C GLY A 103 -20.56 2.63 8.12
N GLY A 104 -21.00 2.42 6.89
CA GLY A 104 -21.65 1.18 6.53
C GLY A 104 -22.48 1.33 5.28
N SER A 105 -23.65 1.91 5.41
CA SER A 105 -24.52 2.16 4.28
C SER A 105 -24.60 3.65 3.98
N GLY A 106 -23.78 4.09 3.04
CA GLY A 106 -23.75 5.50 2.66
C GLY A 106 -24.49 5.74 1.37
N GLY A 107 -24.63 4.69 0.57
CA GLY A 107 -25.36 4.78 -0.67
C GLY A 107 -26.19 3.55 -0.90
N SER A 108 -25.67 2.65 -1.73
CA SER A 108 -26.33 1.38 -1.97
C SER A 108 -26.05 0.42 -0.81
N GLY A 109 -27.10 -0.21 -0.31
CA GLY A 109 -26.96 -1.14 0.79
C GLY A 109 -26.23 -2.39 0.38
N GLY A 110 -24.97 -2.48 0.77
CA GLY A 110 -24.15 -3.61 0.37
C GLY A 110 -22.81 -3.15 -0.18
N SER A 111 -22.74 -1.87 -0.55
CA SER A 111 -21.51 -1.28 -1.03
C SER A 111 -20.61 -0.93 0.15
N SER A 112 -19.84 -1.90 0.60
CA SER A 112 -19.05 -1.74 1.81
C SER A 112 -17.55 -1.80 1.49
N GLN A 113 -17.22 -1.53 0.24
CA GLN A 113 -15.83 -1.63 -0.23
C GLN A 113 -15.03 -0.40 0.20
N LYS A 114 -15.03 -0.15 1.51
CA LYS A 114 -14.42 1.06 2.07
C LYS A 114 -14.40 0.99 3.60
N VAL A 115 -15.59 0.88 4.19
CA VAL A 115 -15.77 0.82 5.64
C VAL A 115 -15.30 -0.54 6.17
N PHE A 116 -15.32 -1.52 5.28
CA PHE A 116 -14.94 -2.88 5.61
C PHE A 116 -13.45 -2.98 5.95
N VAL A 117 -12.90 -4.18 5.82
CA VAL A 117 -11.47 -4.40 6.05
C VAL A 117 -10.62 -3.59 5.06
N SER A 118 -10.46 -2.32 5.37
CA SER A 118 -9.63 -1.40 4.60
C SER A 118 -9.34 -0.14 5.41
N LYS A 119 -9.05 -0.33 6.70
CA LYS A 119 -8.76 0.78 7.60
C LYS A 119 -7.51 1.52 7.16
N VAL A 120 -6.42 0.79 6.96
CA VAL A 120 -5.20 1.37 6.45
C VAL A 120 -4.88 0.74 5.10
N GLU A 121 -4.68 -0.56 5.13
CA GLU A 121 -4.37 -1.33 3.94
C GLU A 121 -5.60 -1.43 3.05
N ALA A 122 -5.63 -0.60 2.01
CA ALA A 122 -6.75 -0.55 1.08
C ALA A 122 -6.74 -1.76 0.15
N VAL A 123 -5.85 -1.73 -0.82
CA VAL A 123 -5.73 -2.81 -1.80
C VAL A 123 -4.26 -3.15 -2.04
N ILE A 124 -3.52 -3.26 -0.96
CA ILE A 124 -2.07 -3.48 -1.00
C ILE A 124 -1.70 -4.69 -1.86
N HIS A 125 -2.38 -5.81 -1.65
CA HIS A 125 -2.20 -7.00 -2.48
C HIS A 125 -0.72 -7.42 -2.53
N PRO A 126 -0.21 -7.99 -1.42
CA PRO A 126 1.20 -8.43 -1.23
C PRO A 126 1.96 -8.93 -2.46
N GLN A 127 1.28 -9.42 -3.49
CA GLN A 127 1.96 -9.75 -4.73
C GLN A 127 2.69 -8.52 -5.28
N PHE A 128 2.05 -7.35 -5.18
CA PHE A 128 2.68 -6.10 -5.60
C PHE A 128 3.90 -5.80 -4.73
N LEU A 129 3.75 -6.02 -3.42
CA LEU A 129 4.85 -5.84 -2.48
C LEU A 129 5.98 -6.78 -2.86
N ALA A 130 5.63 -8.04 -3.08
CA ALA A 130 6.57 -9.07 -3.45
C ALA A 130 7.32 -8.70 -4.72
N ASP A 131 6.60 -8.12 -5.67
CA ASP A 131 7.16 -7.77 -6.98
C ASP A 131 8.29 -6.75 -6.82
N LEU A 132 8.06 -5.76 -5.95
CA LEU A 132 9.04 -4.72 -5.72
C LEU A 132 10.29 -5.30 -5.09
N LEU A 133 10.10 -6.27 -4.22
CA LEU A 133 11.19 -6.90 -3.49
C LEU A 133 11.96 -7.88 -4.37
N SER A 134 11.33 -8.28 -5.45
CA SER A 134 11.89 -9.30 -6.34
C SER A 134 13.03 -8.75 -7.18
N PRO A 135 14.13 -9.53 -7.31
CA PRO A 135 15.21 -9.23 -8.25
C PRO A 135 14.75 -9.36 -9.70
N GLU A 136 13.53 -9.87 -9.85
CA GLU A 136 12.84 -9.96 -11.13
C GLU A 136 12.89 -8.62 -11.88
N LYS A 137 12.98 -8.67 -13.20
CA LYS A 137 13.02 -7.46 -14.01
C LYS A 137 11.83 -7.43 -14.98
N GLN A 138 11.34 -8.61 -15.36
CA GLN A 138 10.12 -8.71 -16.15
C GLN A 138 8.92 -8.66 -15.22
N ARG A 139 8.95 -7.69 -14.34
CA ARG A 139 8.04 -7.61 -13.21
C ARG A 139 7.77 -6.16 -12.91
N ASP A 140 6.52 -5.77 -13.04
CA ASP A 140 6.12 -4.40 -12.80
C ASP A 140 4.92 -4.31 -11.87
N PRO A 141 5.02 -3.47 -10.81
CA PRO A 141 3.93 -3.25 -9.85
C PRO A 141 2.68 -2.70 -10.51
N LEU A 142 2.86 -1.83 -11.50
CA LEU A 142 1.75 -1.18 -12.16
C LEU A 142 1.03 -2.19 -13.07
N ALA A 143 1.79 -3.19 -13.55
CA ALA A 143 1.23 -4.29 -14.32
C ALA A 143 0.35 -5.16 -13.43
N LEU A 144 0.92 -5.62 -12.32
CA LEU A 144 0.16 -6.30 -11.29
C LEU A 144 -1.07 -5.50 -10.93
N ILE A 145 -0.86 -4.21 -10.80
CA ILE A 145 -1.90 -3.29 -10.40
C ILE A 145 -3.15 -3.36 -11.26
N GLU A 146 -2.99 -3.45 -12.56
CA GLU A 146 -4.14 -3.60 -13.43
C GLU A 146 -4.83 -4.93 -13.16
N GLU A 147 -4.03 -5.95 -12.88
CA GLU A 147 -4.56 -7.23 -12.45
C GLU A 147 -5.31 -7.09 -11.11
N LEU A 148 -4.80 -6.23 -10.24
CA LEU A 148 -5.37 -6.07 -8.92
C LEU A 148 -6.71 -5.35 -8.99
N GLU A 149 -6.81 -4.36 -9.86
CA GLU A 149 -8.06 -3.66 -10.06
C GLU A 149 -9.12 -4.60 -10.61
N GLN A 150 -8.67 -5.68 -11.25
CA GLN A 150 -9.57 -6.75 -11.64
C GLN A 150 -10.04 -7.55 -10.44
N GLU A 151 -9.15 -7.78 -9.47
CA GLU A 151 -9.52 -8.59 -8.31
C GLU A 151 -10.12 -7.72 -7.19
N GLU A 152 -10.13 -6.41 -7.36
CA GLU A 152 -10.71 -5.54 -6.36
C GLU A 152 -12.24 -5.66 -6.39
N GLY A 153 -12.73 -6.22 -7.48
CA GLY A 153 -14.15 -6.47 -7.62
C GLY A 153 -14.54 -7.83 -7.09
N LEU A 154 -13.63 -8.45 -6.33
CA LEU A 154 -13.90 -9.72 -5.71
C LEU A 154 -13.22 -9.75 -4.33
N THR A 155 -13.28 -10.92 -3.68
CA THR A 155 -12.78 -11.14 -2.31
C THR A 155 -13.47 -10.25 -1.28
N LEU A 156 -13.59 -10.78 -0.05
CA LEU A 156 -14.37 -10.17 1.04
C LEU A 156 -15.87 -10.20 0.71
N ALA A 157 -16.16 -10.07 -0.57
CA ALA A 157 -17.49 -10.25 -1.12
C ALA A 157 -17.74 -11.72 -1.39
N GLN A 158 -16.64 -12.45 -1.58
CA GLN A 158 -16.67 -13.87 -1.95
C GLN A 158 -17.62 -14.70 -1.10
N LEU A 159 -18.82 -14.91 -1.64
CA LEU A 159 -19.87 -15.70 -0.97
C LEU A 159 -20.10 -15.18 0.45
N VAL A 160 -20.22 -13.88 0.59
CA VAL A 160 -20.44 -13.27 1.88
C VAL A 160 -21.91 -13.36 2.28
N GLN A 161 -22.78 -13.50 1.29
CA GLN A 161 -24.20 -13.68 1.55
C GLN A 161 -24.56 -15.15 1.43
N LYS A 162 -25.43 -15.62 2.30
CA LYS A 162 -25.82 -17.02 2.30
C LYS A 162 -27.14 -17.20 1.55
N ARG A 163 -27.23 -18.29 0.81
CA ARG A 163 -28.43 -18.61 0.05
C ARG A 163 -28.73 -20.11 0.15
N SER A 1 13.37 -20.73 16.09
CA SER A 1 14.56 -20.64 16.95
C SER A 1 14.16 -20.14 18.35
N GLY A 2 13.03 -20.62 18.85
CA GLY A 2 12.58 -20.23 20.17
C GLY A 2 11.39 -19.30 20.11
N GLY A 3 11.65 -18.01 19.99
CA GLY A 3 10.58 -17.04 19.99
C GLY A 3 10.91 -15.83 19.14
N ARG A 4 10.82 -14.67 19.77
CA ARG A 4 11.08 -13.38 19.12
C ARG A 4 10.08 -13.14 18.00
N ALA A 5 8.80 -13.26 18.35
CA ALA A 5 7.69 -13.03 17.44
C ALA A 5 7.63 -14.05 16.30
N THR A 6 6.55 -13.98 15.55
CA THR A 6 6.32 -14.87 14.43
C THR A 6 5.61 -14.13 13.31
N GLN A 7 6.08 -14.29 12.08
CA GLN A 7 5.44 -13.65 10.94
C GLN A 7 4.20 -14.45 10.51
N SER A 8 3.16 -14.38 11.34
CA SER A 8 1.88 -15.00 11.06
C SER A 8 1.32 -14.49 9.72
N PRO A 9 0.33 -15.19 9.12
CA PRO A 9 -0.21 -14.83 7.81
C PRO A 9 -0.53 -13.34 7.68
N GLY A 10 -1.19 -12.80 8.71
CA GLY A 10 -1.50 -11.38 8.72
C GLY A 10 -0.25 -10.54 8.89
N ASP A 11 0.59 -10.90 9.84
CA ASP A 11 1.80 -10.15 10.17
C ASP A 11 2.76 -10.14 8.98
N SER A 12 2.92 -11.28 8.34
CA SER A 12 3.79 -11.41 7.17
C SER A 12 3.30 -10.51 6.04
N ARG A 13 1.98 -10.45 5.87
CA ARG A 13 1.38 -9.59 4.86
C ARG A 13 1.70 -8.14 5.17
N ARG A 14 1.61 -7.77 6.45
CA ARG A 14 1.92 -6.41 6.87
C ARG A 14 3.42 -6.15 6.77
N LEU A 15 4.21 -7.18 7.01
CA LEU A 15 5.66 -7.08 6.91
C LEU A 15 6.10 -6.93 5.47
N SER A 16 5.37 -7.55 4.54
CA SER A 16 5.65 -7.37 3.13
C SER A 16 5.23 -5.97 2.71
N ILE A 17 4.20 -5.47 3.37
CA ILE A 17 3.79 -4.08 3.26
C ILE A 17 4.93 -3.18 3.72
N GLN A 18 5.49 -3.51 4.86
CA GLN A 18 6.61 -2.77 5.41
C GLN A 18 7.82 -2.85 4.48
N ARG A 19 7.96 -3.98 3.80
CA ARG A 19 9.04 -4.19 2.86
C ARG A 19 8.88 -3.29 1.63
N ALA A 20 7.68 -3.29 1.07
CA ALA A 20 7.35 -2.39 -0.03
C ALA A 20 7.44 -0.94 0.44
N ILE A 21 7.11 -0.73 1.70
CA ILE A 21 7.24 0.56 2.35
C ILE A 21 8.70 1.02 2.33
N GLN A 22 9.62 0.08 2.51
CA GLN A 22 11.03 0.39 2.44
C GLN A 22 11.37 0.87 1.03
N SER A 23 10.73 0.26 0.04
CA SER A 23 10.86 0.70 -1.34
C SER A 23 10.26 2.09 -1.51
N LEU A 24 9.12 2.32 -0.86
CA LEU A 24 8.43 3.60 -0.89
C LEU A 24 9.36 4.74 -0.46
N VAL A 25 9.85 4.66 0.78
CA VAL A 25 10.72 5.69 1.32
C VAL A 25 11.89 5.97 0.40
N HIS A 26 12.48 4.89 -0.11
CA HIS A 26 13.62 4.99 -0.99
C HIS A 26 13.30 5.80 -2.24
N ALA A 27 12.30 5.37 -3.01
CA ALA A 27 11.98 6.02 -4.27
C ALA A 27 11.44 7.43 -4.03
N ALA A 28 10.98 7.65 -2.81
CA ALA A 28 10.43 8.93 -2.44
C ALA A 28 11.53 9.98 -2.30
N GLN A 29 12.71 9.55 -1.87
CA GLN A 29 13.82 10.48 -1.70
C GLN A 29 15.03 10.11 -2.55
N CYS A 30 14.91 9.11 -3.40
CA CYS A 30 16.00 8.75 -4.29
C CYS A 30 16.10 9.77 -5.42
N ARG A 31 17.23 10.48 -5.48
CA ARG A 31 17.49 11.42 -6.55
C ARG A 31 18.73 11.00 -7.32
N ASN A 32 19.06 9.72 -7.18
CA ASN A 32 20.25 9.14 -7.83
C ASN A 32 19.92 8.77 -9.26
N ALA A 33 20.60 9.40 -10.20
CA ALA A 33 20.46 9.05 -11.61
C ALA A 33 21.17 7.74 -11.90
N ASN A 34 22.24 7.49 -11.15
CA ASN A 34 23.02 6.27 -11.30
C ASN A 34 22.35 5.07 -10.63
N CYS A 35 21.59 5.30 -9.55
CA CYS A 35 20.91 4.19 -8.87
C CYS A 35 19.97 3.48 -9.83
N SER A 36 20.24 2.21 -10.08
CA SER A 36 19.47 1.42 -11.01
C SER A 36 19.08 0.09 -10.35
N LEU A 37 18.42 0.22 -9.20
CA LEU A 37 18.02 -0.94 -8.43
C LEU A 37 16.64 -1.44 -8.83
N PRO A 38 16.32 -2.70 -8.52
CA PRO A 38 15.06 -3.32 -8.94
C PRO A 38 13.85 -2.68 -8.28
N SER A 39 13.83 -2.68 -6.96
CA SER A 39 12.73 -2.11 -6.19
C SER A 39 12.62 -0.62 -6.45
N CYS A 40 13.74 0.02 -6.76
CA CYS A 40 13.75 1.46 -6.92
C CYS A 40 13.04 1.87 -8.21
N GLN A 41 13.38 1.22 -9.31
CA GLN A 41 12.85 1.62 -10.61
C GLN A 41 11.37 1.31 -10.71
N LYS A 42 10.96 0.22 -10.08
CA LYS A 42 9.57 -0.17 -10.08
C LYS A 42 8.76 0.74 -9.17
N MET A 43 9.30 1.02 -8.00
CA MET A 43 8.66 1.91 -7.05
C MET A 43 8.63 3.31 -7.62
N LYS A 44 9.70 3.70 -8.31
CA LYS A 44 9.73 4.99 -8.98
C LYS A 44 8.53 5.12 -9.92
N ARG A 45 8.27 4.05 -10.66
CA ARG A 45 7.14 4.02 -11.58
C ARG A 45 5.82 4.12 -10.81
N VAL A 46 5.71 3.34 -9.74
CA VAL A 46 4.49 3.28 -8.94
C VAL A 46 4.31 4.60 -8.14
N VAL A 47 5.41 5.17 -7.67
CA VAL A 47 5.40 6.44 -6.97
C VAL A 47 5.09 7.58 -7.94
N GLN A 48 5.73 7.56 -9.10
CA GLN A 48 5.49 8.57 -10.12
C GLN A 48 4.07 8.48 -10.64
N HIS A 49 3.47 7.29 -10.53
CA HIS A 49 2.05 7.16 -10.76
C HIS A 49 1.29 8.07 -9.78
N THR A 50 1.61 7.93 -8.48
CA THR A 50 0.86 8.63 -7.43
C THR A 50 0.78 10.13 -7.68
N LYS A 51 1.81 10.67 -8.31
CA LYS A 51 1.90 12.10 -8.55
C LYS A 51 1.23 12.49 -9.86
N GLY A 52 1.37 11.63 -10.86
CA GLY A 52 0.81 11.91 -12.17
C GLY A 52 -0.55 11.28 -12.33
N CYS A 53 -1.18 11.03 -11.19
CA CYS A 53 -2.47 10.38 -11.17
C CYS A 53 -3.61 11.39 -11.01
N LYS A 54 -4.84 10.93 -11.28
CA LYS A 54 -6.05 11.74 -11.09
C LYS A 54 -7.13 10.92 -10.38
N ARG A 55 -7.28 9.65 -10.78
CA ARG A 55 -8.16 8.68 -10.10
C ARG A 55 -7.60 8.26 -8.74
N LYS A 56 -6.61 9.01 -8.26
CA LYS A 56 -5.83 8.69 -7.05
C LYS A 56 -6.68 8.14 -5.91
N THR A 57 -7.46 8.99 -5.28
CA THR A 57 -8.20 8.58 -4.10
C THR A 57 -9.65 8.23 -4.43
N ASN A 58 -10.00 8.36 -5.72
CA ASN A 58 -11.31 7.95 -6.21
C ASN A 58 -11.53 6.46 -5.97
N GLY A 59 -10.43 5.73 -5.78
CA GLY A 59 -10.51 4.34 -5.42
C GLY A 59 -10.37 3.41 -6.61
N GLY A 60 -9.97 3.96 -7.74
CA GLY A 60 -9.86 3.17 -8.96
C GLY A 60 -8.50 2.54 -9.10
N CYS A 61 -7.47 3.36 -9.13
CA CYS A 61 -6.10 2.89 -9.27
C CYS A 61 -5.66 2.20 -7.98
N PRO A 62 -5.28 0.92 -8.06
CA PRO A 62 -4.85 0.16 -6.89
C PRO A 62 -3.58 0.75 -6.28
N ILE A 63 -2.85 1.53 -7.08
CA ILE A 63 -1.59 2.11 -6.66
C ILE A 63 -1.79 3.05 -5.52
N CYS A 64 -2.53 4.11 -5.78
CA CYS A 64 -2.73 5.16 -4.79
C CYS A 64 -3.37 4.61 -3.52
N LYS A 65 -4.21 3.59 -3.64
CA LYS A 65 -4.78 2.94 -2.46
C LYS A 65 -3.68 2.25 -1.66
N GLN A 66 -2.94 1.37 -2.31
CA GLN A 66 -1.87 0.62 -1.65
C GLN A 66 -0.75 1.58 -1.25
N LEU A 67 -0.67 2.69 -1.96
CA LEU A 67 0.32 3.72 -1.69
C LEU A 67 -0.07 4.57 -0.49
N ILE A 68 -1.36 4.85 -0.33
CA ILE A 68 -1.83 5.55 0.86
C ILE A 68 -1.85 4.58 2.04
N ALA A 69 -1.89 3.29 1.71
CA ALA A 69 -1.77 2.25 2.71
C ALA A 69 -0.31 2.11 3.15
N LEU A 70 0.59 1.91 2.17
CA LEU A 70 2.01 1.85 2.46
C LEU A 70 2.46 3.12 3.18
N ALA A 71 2.15 4.27 2.59
CA ALA A 71 2.55 5.55 3.17
C ALA A 71 2.00 5.74 4.58
N ALA A 72 0.80 5.21 4.85
CA ALA A 72 0.21 5.30 6.19
C ALA A 72 0.92 4.37 7.16
N TYR A 73 1.06 3.11 6.77
CA TYR A 73 1.82 2.14 7.55
C TYR A 73 3.24 2.66 7.79
N HIS A 74 3.80 3.20 6.72
CA HIS A 74 5.10 3.84 6.76
C HIS A 74 5.07 5.06 7.69
N ALA A 75 4.01 5.87 7.59
CA ALA A 75 3.88 7.09 8.40
C ALA A 75 3.85 6.76 9.88
N LYS A 76 3.35 5.58 10.21
CA LYS A 76 3.37 5.08 11.59
C LYS A 76 4.81 4.91 12.06
N HIS A 77 5.63 4.35 11.17
CA HIS A 77 7.05 4.14 11.46
C HIS A 77 7.88 5.32 10.96
N CYS A 78 7.25 6.47 10.86
CA CYS A 78 7.91 7.66 10.34
C CYS A 78 7.78 8.80 11.34
N GLN A 79 8.80 9.63 11.44
CA GLN A 79 8.76 10.76 12.34
C GLN A 79 9.04 12.08 11.62
N GLU A 80 8.88 12.09 10.30
CA GLU A 80 9.12 13.30 9.53
C GLU A 80 7.80 13.85 8.97
N ASN A 81 7.57 15.13 9.19
CA ASN A 81 6.40 15.80 8.65
C ASN A 81 6.73 16.46 7.32
N LYS A 82 8.01 16.59 7.02
CA LYS A 82 8.44 17.04 5.71
C LYS A 82 9.01 15.84 4.96
N CYS A 83 8.33 14.73 5.13
CA CYS A 83 8.75 13.44 4.58
C CYS A 83 8.78 13.45 3.05
N PRO A 84 9.69 12.69 2.46
CA PRO A 84 9.74 12.48 1.01
C PRO A 84 8.61 11.59 0.50
N VAL A 85 8.09 10.72 1.39
CA VAL A 85 7.03 9.80 1.02
C VAL A 85 5.72 10.55 0.72
N PRO A 86 5.23 10.43 -0.52
CA PRO A 86 4.16 11.28 -1.05
C PRO A 86 2.91 11.30 -0.14
N PHE A 87 2.33 10.14 0.07
CA PHE A 87 1.08 10.05 0.80
C PHE A 87 1.28 10.11 2.30
N CYS A 88 2.54 10.12 2.74
CA CYS A 88 2.84 10.26 4.17
C CYS A 88 2.52 11.69 4.61
N LEU A 89 2.88 12.66 3.77
CA LEU A 89 2.46 14.04 3.95
C LEU A 89 0.95 14.12 3.97
N ASN A 90 0.35 13.56 2.92
CA ASN A 90 -1.10 13.40 2.83
C ASN A 90 -1.67 12.74 4.09
N ILE A 91 -0.91 11.80 4.64
CA ILE A 91 -1.33 11.07 5.84
C ILE A 91 -1.40 12.00 7.05
N LYS A 92 -0.35 12.78 7.27
CA LYS A 92 -0.32 13.72 8.39
C LYS A 92 -1.36 14.82 8.23
N GLN A 93 -1.74 15.10 7.00
CA GLN A 93 -2.76 16.10 6.73
C GLN A 93 -4.15 15.49 6.82
N LYS A 94 -4.30 14.27 6.33
CA LYS A 94 -5.60 13.66 6.19
C LYS A 94 -5.73 12.31 6.91
N GLY A 95 -4.86 11.38 6.58
CA GLY A 95 -5.01 10.03 7.06
C GLY A 95 -4.13 9.70 8.25
N SER A 96 -4.31 10.42 9.34
CA SER A 96 -3.59 10.13 10.56
C SER A 96 -4.46 9.26 11.47
N GLY A 97 -4.54 7.98 11.13
CA GLY A 97 -5.38 7.07 11.87
C GLY A 97 -6.33 6.32 10.98
N GLY A 98 -7.02 7.06 10.11
CA GLY A 98 -7.95 6.46 9.18
C GLY A 98 -9.21 5.97 9.88
N SER A 99 -9.56 6.63 10.98
CA SER A 99 -10.73 6.25 11.75
C SER A 99 -11.31 7.46 12.46
N GLY A 100 -12.35 8.05 11.88
CA GLY A 100 -12.97 9.22 12.48
C GLY A 100 -14.11 8.82 13.41
N GLY A 101 -13.78 8.03 14.42
CA GLY A 101 -14.78 7.56 15.35
C GLY A 101 -15.26 6.17 15.01
N SER A 102 -16.39 6.09 14.33
CA SER A 102 -16.91 4.82 13.88
C SER A 102 -17.72 5.01 12.60
N GLY A 103 -17.08 4.78 11.47
CA GLY A 103 -17.74 4.90 10.19
C GLY A 103 -18.85 3.88 10.04
N GLY A 104 -20.08 4.36 9.96
CA GLY A 104 -21.22 3.48 9.85
C GLY A 104 -21.87 3.19 11.19
N SER A 105 -21.09 3.34 12.26
CA SER A 105 -21.54 3.06 13.62
C SER A 105 -22.07 1.63 13.74
N GLY A 106 -21.36 0.70 13.13
CA GLY A 106 -21.80 -0.68 13.14
C GLY A 106 -21.69 -1.30 11.76
N GLY A 107 -22.66 -2.14 11.41
CA GLY A 107 -22.64 -2.80 10.12
C GLY A 107 -21.65 -3.94 10.09
N SER A 108 -20.75 -3.92 9.11
CA SER A 108 -19.72 -4.96 8.96
C SER A 108 -20.36 -6.34 8.83
N GLY A 109 -21.55 -6.38 8.24
CA GLY A 109 -22.24 -7.63 8.06
C GLY A 109 -21.72 -8.40 6.86
N GLY A 110 -21.60 -9.71 7.02
CA GLY A 110 -21.12 -10.54 5.94
C GLY A 110 -19.68 -10.95 6.15
N SER A 111 -18.97 -11.19 5.07
CA SER A 111 -17.58 -11.61 5.14
C SER A 111 -16.71 -10.77 4.23
N SER A 112 -17.14 -9.55 3.98
CA SER A 112 -16.37 -8.63 3.14
C SER A 112 -15.36 -7.88 3.99
N GLN A 113 -15.03 -8.47 5.13
CA GLN A 113 -14.08 -7.88 6.07
C GLN A 113 -12.65 -8.19 5.65
N LYS A 114 -12.31 -7.78 4.42
CA LYS A 114 -11.00 -8.09 3.84
C LYS A 114 -10.75 -7.25 2.58
N VAL A 115 -11.66 -7.36 1.62
CA VAL A 115 -11.60 -6.60 0.36
C VAL A 115 -11.89 -5.12 0.61
N PHE A 116 -12.72 -4.88 1.61
CA PHE A 116 -13.18 -3.55 1.94
C PHE A 116 -12.02 -2.62 2.30
N VAL A 117 -12.28 -1.32 2.29
CA VAL A 117 -11.29 -0.34 2.68
C VAL A 117 -10.98 -0.48 4.16
N SER A 118 -9.79 -0.99 4.45
CA SER A 118 -9.37 -1.19 5.83
C SER A 118 -8.95 0.15 6.45
N LYS A 119 -8.73 0.18 7.76
CA LYS A 119 -8.29 1.39 8.44
C LYS A 119 -7.09 2.04 7.74
N VAL A 120 -6.12 1.21 7.35
CA VAL A 120 -4.94 1.69 6.68
C VAL A 120 -4.81 1.09 5.28
N GLU A 121 -4.80 -0.23 5.21
CA GLU A 121 -4.56 -0.95 3.99
C GLU A 121 -5.74 -0.80 3.02
N ALA A 122 -5.42 -0.65 1.74
CA ALA A 122 -6.39 -0.39 0.70
C ALA A 122 -5.88 -0.98 -0.59
N VAL A 123 -6.18 -2.23 -0.79
CA VAL A 123 -5.85 -2.93 -2.05
C VAL A 123 -4.32 -2.92 -2.26
N ILE A 124 -3.60 -3.23 -1.18
CA ILE A 124 -2.16 -3.43 -1.28
C ILE A 124 -1.85 -4.62 -2.19
N HIS A 125 -2.57 -5.73 -1.98
CA HIS A 125 -2.36 -6.94 -2.78
C HIS A 125 -0.89 -7.36 -2.75
N PRO A 126 -0.43 -7.95 -1.61
CA PRO A 126 0.96 -8.39 -1.37
C PRO A 126 1.79 -8.86 -2.56
N GLN A 127 1.17 -9.38 -3.62
CA GLN A 127 1.90 -9.67 -4.84
C GLN A 127 2.65 -8.42 -5.32
N PHE A 128 2.01 -7.27 -5.16
CA PHE A 128 2.61 -5.98 -5.48
C PHE A 128 3.83 -5.74 -4.59
N LEU A 129 3.68 -6.01 -3.30
CA LEU A 129 4.78 -5.91 -2.35
C LEU A 129 5.90 -6.84 -2.78
N ALA A 130 5.53 -8.08 -3.00
CA ALA A 130 6.46 -9.12 -3.42
C ALA A 130 7.17 -8.75 -4.71
N ASP A 131 6.43 -8.09 -5.61
CA ASP A 131 6.97 -7.70 -6.90
C ASP A 131 8.09 -6.69 -6.73
N LEU A 132 7.86 -5.69 -5.89
CA LEU A 132 8.86 -4.66 -5.65
C LEU A 132 10.09 -5.27 -5.00
N LEU A 133 9.90 -6.37 -4.30
CA LEU A 133 10.98 -7.07 -3.62
C LEU A 133 11.67 -8.05 -4.56
N SER A 134 11.04 -8.36 -5.68
CA SER A 134 11.57 -9.34 -6.63
C SER A 134 12.79 -8.78 -7.34
N PRO A 135 13.87 -9.59 -7.47
CA PRO A 135 15.06 -9.23 -8.25
C PRO A 135 14.74 -9.16 -9.76
N GLU A 136 13.49 -9.43 -10.09
CA GLU A 136 12.97 -9.29 -11.44
C GLU A 136 13.25 -7.89 -11.98
N LYS A 137 13.14 -7.73 -13.28
CA LYS A 137 13.46 -6.46 -13.90
C LYS A 137 12.31 -5.96 -14.76
N GLN A 138 11.94 -6.71 -15.79
CA GLN A 138 10.78 -6.37 -16.61
C GLN A 138 9.50 -6.87 -15.92
N ARG A 139 9.40 -6.54 -14.65
CA ARG A 139 8.31 -6.98 -13.79
C ARG A 139 7.84 -5.82 -12.96
N ASP A 140 6.89 -5.12 -13.51
CA ASP A 140 6.43 -3.85 -12.99
C ASP A 140 5.23 -4.01 -12.06
N PRO A 141 5.22 -3.24 -10.95
CA PRO A 141 4.08 -3.19 -10.02
C PRO A 141 2.84 -2.65 -10.71
N LEU A 142 3.04 -1.76 -11.67
CA LEU A 142 1.95 -1.09 -12.36
C LEU A 142 1.24 -2.08 -13.29
N ALA A 143 1.97 -3.10 -13.73
CA ALA A 143 1.38 -4.18 -14.52
C ALA A 143 0.47 -5.02 -13.63
N LEU A 144 1.02 -5.48 -12.50
CA LEU A 144 0.24 -6.10 -11.46
C LEU A 144 -0.96 -5.24 -11.12
N ILE A 145 -0.72 -3.94 -11.03
CA ILE A 145 -1.74 -2.97 -10.67
C ILE A 145 -3.04 -3.20 -11.43
N GLU A 146 -2.97 -3.19 -12.75
CA GLU A 146 -4.17 -3.36 -13.54
C GLU A 146 -4.80 -4.74 -13.27
N GLU A 147 -3.95 -5.72 -13.01
CA GLU A 147 -4.41 -7.03 -12.57
C GLU A 147 -5.11 -6.94 -11.21
N LEU A 148 -4.57 -6.08 -10.34
CA LEU A 148 -5.06 -5.96 -8.98
C LEU A 148 -6.46 -5.37 -8.96
N GLU A 149 -6.69 -4.33 -9.76
CA GLU A 149 -7.99 -3.69 -9.82
C GLU A 149 -9.03 -4.65 -10.42
N GLN A 150 -8.56 -5.58 -11.24
CA GLN A 150 -9.43 -6.63 -11.75
C GLN A 150 -9.76 -7.65 -10.66
N GLU A 151 -8.85 -7.81 -9.70
CA GLU A 151 -9.03 -8.79 -8.63
C GLU A 151 -9.58 -8.14 -7.34
N GLU A 152 -9.81 -6.84 -7.36
CA GLU A 152 -10.46 -6.18 -6.24
C GLU A 152 -11.85 -6.80 -6.02
N GLY A 153 -12.60 -6.88 -7.10
CA GLY A 153 -13.96 -7.41 -7.03
C GLY A 153 -14.11 -8.80 -7.65
N LEU A 154 -14.01 -8.83 -8.99
CA LEU A 154 -14.20 -10.03 -9.83
C LEU A 154 -15.16 -11.07 -9.24
N THR A 155 -14.65 -11.96 -8.44
CA THR A 155 -15.40 -13.03 -7.80
C THR A 155 -16.80 -12.64 -7.33
N LEU A 156 -17.69 -13.64 -7.37
CA LEU A 156 -19.12 -13.49 -7.08
C LEU A 156 -19.82 -12.72 -8.20
N ALA A 157 -19.04 -11.94 -8.90
CA ALA A 157 -19.46 -11.23 -10.08
C ALA A 157 -18.92 -11.94 -11.31
N GLN A 158 -17.84 -12.69 -11.10
CA GLN A 158 -17.11 -13.37 -12.17
C GLN A 158 -18.04 -14.25 -13.02
N LEU A 159 -18.12 -13.89 -14.30
CA LEU A 159 -18.97 -14.59 -15.28
C LEU A 159 -20.44 -14.63 -14.84
N VAL A 160 -20.77 -13.77 -13.88
CA VAL A 160 -22.12 -13.68 -13.36
C VAL A 160 -22.71 -12.29 -13.64
N GLN A 161 -21.89 -11.27 -13.45
CA GLN A 161 -22.28 -9.91 -13.75
C GLN A 161 -21.34 -9.34 -14.80
N LYS A 162 -21.89 -8.68 -15.80
CA LYS A 162 -21.12 -8.09 -16.87
C LYS A 162 -21.52 -6.63 -17.04
N ARG A 163 -22.83 -6.38 -16.96
CA ARG A 163 -23.35 -5.03 -17.12
C ARG A 163 -23.60 -4.39 -15.75
N SER A 1 -3.13 -8.24 24.93
CA SER A 1 -2.91 -9.19 23.83
C SER A 1 -1.43 -9.35 23.52
N GLY A 2 -0.95 -10.59 23.48
CA GLY A 2 0.44 -10.84 23.18
C GLY A 2 0.93 -12.12 23.82
N GLY A 3 2.24 -12.22 24.00
CA GLY A 3 2.82 -13.40 24.58
C GLY A 3 4.10 -13.80 23.88
N ARG A 4 3.99 -14.64 22.86
CA ARG A 4 5.14 -15.07 22.08
C ARG A 4 4.71 -15.35 20.65
N ALA A 5 4.14 -14.35 20.01
CA ALA A 5 3.68 -14.48 18.64
C ALA A 5 4.82 -14.21 17.66
N THR A 6 5.08 -15.16 16.78
CA THR A 6 6.12 -15.00 15.80
C THR A 6 5.52 -14.87 14.41
N GLN A 7 5.78 -13.73 13.78
CA GLN A 7 5.20 -13.33 12.49
C GLN A 7 3.83 -13.99 12.23
N SER A 8 2.78 -13.43 12.82
CA SER A 8 1.44 -13.94 12.62
C SER A 8 0.97 -13.66 11.18
N PRO A 9 0.00 -14.44 10.65
CA PRO A 9 -0.42 -14.33 9.25
C PRO A 9 -0.70 -12.89 8.80
N GLY A 10 -1.46 -12.16 9.61
CA GLY A 10 -1.77 -10.78 9.28
C GLY A 10 -0.54 -9.91 9.31
N ASP A 11 0.18 -9.95 10.44
CA ASP A 11 1.40 -9.17 10.65
C ASP A 11 2.44 -9.48 9.58
N SER A 12 2.47 -10.74 9.14
CA SER A 12 3.39 -11.16 8.11
C SER A 12 3.13 -10.42 6.81
N ARG A 13 1.86 -10.30 6.43
CA ARG A 13 1.50 -9.55 5.23
C ARG A 13 1.76 -8.06 5.45
N ARG A 14 1.64 -7.61 6.70
CA ARG A 14 1.96 -6.25 7.06
C ARG A 14 3.46 -6.02 6.93
N LEU A 15 4.23 -7.08 7.17
CA LEU A 15 5.66 -7.05 7.01
C LEU A 15 6.05 -6.96 5.54
N SER A 16 5.26 -7.57 4.67
CA SER A 16 5.45 -7.44 3.25
C SER A 16 5.13 -6.01 2.83
N ILE A 17 4.15 -5.44 3.52
CA ILE A 17 3.79 -4.04 3.39
C ILE A 17 4.93 -3.15 3.84
N GLN A 18 5.46 -3.44 5.01
CA GLN A 18 6.57 -2.68 5.55
C GLN A 18 7.81 -2.79 4.67
N ARG A 19 7.93 -3.90 3.96
CA ARG A 19 9.02 -4.10 3.02
C ARG A 19 8.86 -3.17 1.83
N ALA A 20 7.67 -3.18 1.24
CA ALA A 20 7.35 -2.29 0.13
C ALA A 20 7.37 -0.85 0.60
N ILE A 21 7.11 -0.67 1.89
CA ILE A 21 7.18 0.63 2.53
C ILE A 21 8.61 1.12 2.59
N GLN A 22 9.53 0.24 3.00
CA GLN A 22 10.94 0.57 3.00
C GLN A 22 11.37 0.93 1.59
N SER A 23 10.75 0.25 0.64
CA SER A 23 10.93 0.56 -0.76
C SER A 23 10.38 1.97 -1.03
N LEU A 24 9.09 2.19 -0.70
CA LEU A 24 8.42 3.49 -0.82
C LEU A 24 9.32 4.63 -0.38
N VAL A 25 9.74 4.60 0.87
CA VAL A 25 10.57 5.65 1.45
C VAL A 25 11.77 5.93 0.55
N HIS A 26 12.40 4.87 0.10
CA HIS A 26 13.60 5.00 -0.70
C HIS A 26 13.33 5.68 -2.03
N ALA A 27 12.35 5.19 -2.82
CA ALA A 27 12.08 5.78 -4.12
C ALA A 27 11.62 7.22 -3.94
N ALA A 28 11.03 7.48 -2.79
CA ALA A 28 10.53 8.79 -2.47
C ALA A 28 11.68 9.78 -2.37
N GLN A 29 12.83 9.30 -1.92
CA GLN A 29 14.03 10.14 -1.84
C GLN A 29 15.19 9.57 -2.67
N CYS A 30 14.85 8.72 -3.62
CA CYS A 30 15.83 8.19 -4.57
C CYS A 30 16.01 9.19 -5.70
N ARG A 31 16.73 10.26 -5.41
CA ARG A 31 16.93 11.34 -6.38
C ARG A 31 18.32 11.21 -7.01
N ASN A 32 19.07 10.26 -6.50
CA ASN A 32 20.38 9.94 -7.05
C ASN A 32 20.22 9.24 -8.39
N ALA A 33 20.68 9.91 -9.44
CA ALA A 33 20.58 9.40 -10.79
C ALA A 33 21.38 8.11 -10.95
N ASN A 34 22.45 8.01 -10.18
CA ASN A 34 23.32 6.86 -10.21
C ASN A 34 22.61 5.63 -9.63
N CYS A 35 21.59 5.87 -8.80
CA CYS A 35 20.81 4.79 -8.23
C CYS A 35 19.70 4.42 -9.20
N SER A 36 19.91 3.32 -9.91
CA SER A 36 19.03 2.94 -11.00
C SER A 36 18.57 1.50 -10.79
N LEU A 37 18.48 1.15 -9.54
CA LEU A 37 18.11 -0.19 -9.09
C LEU A 37 16.75 -0.65 -9.62
N PRO A 38 16.50 -1.97 -9.64
CA PRO A 38 15.24 -2.52 -10.12
C PRO A 38 14.05 -1.94 -9.35
N SER A 39 14.10 -2.09 -8.02
CA SER A 39 13.05 -1.56 -7.15
C SER A 39 12.90 -0.07 -7.35
N CYS A 40 14.03 0.61 -7.49
CA CYS A 40 14.07 2.05 -7.68
C CYS A 40 13.36 2.45 -8.96
N GLN A 41 13.55 1.68 -10.03
CA GLN A 41 12.88 1.94 -11.30
C GLN A 41 11.40 1.59 -11.21
N LYS A 42 11.13 0.36 -10.75
CA LYS A 42 9.76 -0.13 -10.60
C LYS A 42 8.92 0.84 -9.80
N MET A 43 9.50 1.31 -8.71
CA MET A 43 8.82 2.18 -7.80
C MET A 43 8.76 3.60 -8.33
N LYS A 44 9.69 3.96 -9.19
CA LYS A 44 9.64 5.28 -9.80
C LYS A 44 8.48 5.31 -10.79
N ARG A 45 8.05 4.14 -11.22
CA ARG A 45 6.87 4.02 -12.05
C ARG A 45 5.62 4.06 -11.16
N VAL A 46 5.70 3.39 -10.01
CA VAL A 46 4.59 3.31 -9.06
C VAL A 46 4.40 4.65 -8.34
N VAL A 47 5.48 5.30 -7.95
CA VAL A 47 5.44 6.58 -7.27
C VAL A 47 5.03 7.68 -8.24
N GLN A 48 5.63 7.68 -9.44
CA GLN A 48 5.28 8.67 -10.45
C GLN A 48 3.82 8.49 -10.88
N HIS A 49 3.31 7.26 -10.80
CA HIS A 49 1.89 7.03 -10.98
C HIS A 49 1.12 7.95 -10.03
N THR A 50 1.46 7.86 -8.73
CA THR A 50 0.72 8.56 -7.68
C THR A 50 0.59 10.06 -8.02
N LYS A 51 1.60 10.60 -8.68
CA LYS A 51 1.64 12.03 -8.96
C LYS A 51 0.93 12.37 -10.26
N GLY A 52 1.05 11.49 -11.25
CA GLY A 52 0.45 11.76 -12.54
C GLY A 52 -0.96 11.22 -12.62
N CYS A 53 -1.48 10.84 -11.47
CA CYS A 53 -2.79 10.23 -11.38
C CYS A 53 -3.87 11.26 -11.04
N LYS A 54 -5.13 10.93 -11.37
CA LYS A 54 -6.28 11.78 -11.04
C LYS A 54 -7.36 10.98 -10.30
N ARG A 55 -7.58 9.73 -10.74
CA ARG A 55 -8.46 8.79 -10.02
C ARG A 55 -7.82 8.31 -8.70
N LYS A 56 -6.79 9.04 -8.28
CA LYS A 56 -5.95 8.70 -7.13
C LYS A 56 -6.74 8.16 -5.92
N THR A 57 -7.48 9.03 -5.24
CA THR A 57 -8.11 8.64 -3.99
C THR A 57 -9.57 8.27 -4.19
N ASN A 58 -10.07 8.48 -5.40
CA ASN A 58 -11.44 8.11 -5.74
C ASN A 58 -11.55 6.59 -5.91
N GLY A 59 -10.40 5.92 -5.98
CA GLY A 59 -10.38 4.48 -5.98
C GLY A 59 -10.42 3.86 -7.35
N GLY A 60 -10.11 4.66 -8.38
CA GLY A 60 -10.10 4.14 -9.73
C GLY A 60 -8.84 3.34 -10.02
N CYS A 61 -7.82 3.57 -9.22
CA CYS A 61 -6.54 2.89 -9.36
C CYS A 61 -6.20 2.18 -8.06
N PRO A 62 -5.70 0.93 -8.15
CA PRO A 62 -5.26 0.19 -6.98
C PRO A 62 -4.02 0.82 -6.34
N ILE A 63 -3.20 1.48 -7.17
CA ILE A 63 -1.93 2.05 -6.71
C ILE A 63 -2.13 3.01 -5.56
N CYS A 64 -2.82 4.10 -5.84
CA CYS A 64 -2.93 5.18 -4.89
C CYS A 64 -3.58 4.71 -3.58
N LYS A 65 -4.47 3.73 -3.64
CA LYS A 65 -5.04 3.17 -2.41
C LYS A 65 -3.99 2.40 -1.62
N GLN A 66 -3.29 1.50 -2.29
CA GLN A 66 -2.23 0.72 -1.65
C GLN A 66 -1.05 1.63 -1.30
N LEU A 67 -0.93 2.73 -2.03
CA LEU A 67 0.13 3.70 -1.81
C LEU A 67 -0.19 4.58 -0.61
N ILE A 68 -1.46 4.93 -0.43
CA ILE A 68 -1.86 5.65 0.77
C ILE A 68 -1.90 4.70 1.95
N ALA A 69 -1.95 3.41 1.63
CA ALA A 69 -1.85 2.37 2.63
C ALA A 69 -0.40 2.19 3.06
N LEU A 70 0.51 2.00 2.10
CA LEU A 70 1.93 1.93 2.40
C LEU A 70 2.38 3.19 3.11
N ALA A 71 2.08 4.35 2.52
CA ALA A 71 2.45 5.63 3.11
C ALA A 71 1.90 5.80 4.52
N ALA A 72 0.70 5.28 4.77
CA ALA A 72 0.06 5.39 6.09
C ALA A 72 0.72 4.46 7.10
N TYR A 73 0.86 3.19 6.73
CA TYR A 73 1.59 2.24 7.55
C TYR A 73 2.99 2.76 7.82
N HIS A 74 3.59 3.25 6.76
CA HIS A 74 4.88 3.92 6.82
C HIS A 74 4.84 5.12 7.78
N ALA A 75 3.81 5.95 7.64
CA ALA A 75 3.65 7.15 8.45
C ALA A 75 3.52 6.79 9.93
N LYS A 76 2.95 5.62 10.21
CA LYS A 76 2.85 5.12 11.58
C LYS A 76 4.23 5.08 12.23
N HIS A 77 5.18 4.46 11.55
CA HIS A 77 6.54 4.38 12.08
C HIS A 77 7.46 5.37 11.37
N CYS A 78 6.91 6.54 11.05
CA CYS A 78 7.68 7.62 10.46
C CYS A 78 7.73 8.79 11.41
N GLN A 79 8.88 9.45 11.50
CA GLN A 79 9.03 10.58 12.39
C GLN A 79 9.38 11.85 11.61
N GLU A 80 9.12 11.85 10.31
CA GLU A 80 9.42 13.01 9.48
C GLU A 80 8.12 13.69 9.02
N ASN A 81 7.98 14.96 9.37
CA ASN A 81 6.84 15.76 8.91
C ASN A 81 7.20 16.42 7.59
N LYS A 82 8.49 16.46 7.29
CA LYS A 82 8.95 16.89 5.97
C LYS A 82 9.43 15.66 5.23
N CYS A 83 8.55 14.68 5.17
CA CYS A 83 8.88 13.37 4.63
C CYS A 83 8.97 13.39 3.10
N PRO A 84 9.83 12.52 2.54
CA PRO A 84 9.89 12.30 1.08
C PRO A 84 8.70 11.47 0.58
N VAL A 85 8.13 10.64 1.46
CA VAL A 85 7.02 9.77 1.08
C VAL A 85 5.76 10.58 0.80
N PRO A 86 5.18 10.40 -0.39
CA PRO A 86 4.13 11.27 -0.92
C PRO A 86 2.90 11.39 -0.02
N PHE A 87 2.22 10.27 0.13
CA PHE A 87 0.97 10.24 0.86
C PHE A 87 1.19 10.30 2.36
N CYS A 88 2.44 10.26 2.80
CA CYS A 88 2.76 10.36 4.21
C CYS A 88 2.53 11.80 4.68
N LEU A 89 2.97 12.74 3.86
CA LEU A 89 2.67 14.16 4.07
C LEU A 89 1.16 14.35 4.13
N ASN A 90 0.50 13.81 3.12
CA ASN A 90 -0.96 13.81 3.05
C ASN A 90 -1.57 13.11 4.27
N ILE A 91 -0.88 12.10 4.78
CA ILE A 91 -1.38 11.31 5.90
C ILE A 91 -1.38 12.13 7.19
N LYS A 92 -0.30 12.83 7.46
CA LYS A 92 -0.17 13.55 8.73
C LYS A 92 -0.73 14.95 8.67
N GLN A 93 -0.61 15.58 7.52
CA GLN A 93 -1.13 16.92 7.33
C GLN A 93 -2.63 16.92 7.00
N LYS A 94 -3.12 15.81 6.46
CA LYS A 94 -4.53 15.72 6.07
C LYS A 94 -5.24 14.57 6.79
N GLY A 95 -4.70 13.36 6.66
CA GLY A 95 -5.34 12.18 7.22
C GLY A 95 -5.58 12.28 8.71
N SER A 96 -4.49 12.27 9.48
CA SER A 96 -4.55 12.33 10.93
C SER A 96 -5.41 11.20 11.48
N GLY A 97 -5.06 9.97 11.09
CA GLY A 97 -5.79 8.81 11.53
C GLY A 97 -4.92 7.85 12.31
N GLY A 98 -5.10 7.82 13.62
CA GLY A 98 -4.32 6.93 14.44
C GLY A 98 -2.87 7.37 14.56
N SER A 99 -2.66 8.67 14.56
CA SER A 99 -1.32 9.23 14.70
C SER A 99 -0.92 9.21 16.16
N GLY A 100 -1.89 9.42 17.02
CA GLY A 100 -1.65 9.39 18.45
C GLY A 100 -2.89 8.98 19.20
N GLY A 101 -3.33 7.74 18.98
CA GLY A 101 -4.51 7.24 19.65
C GLY A 101 -4.31 7.18 21.16
N SER A 102 -5.03 8.03 21.87
CA SER A 102 -4.89 8.13 23.31
C SER A 102 -5.62 6.98 24.01
N GLY A 103 -6.73 6.56 23.43
CA GLY A 103 -7.50 5.49 24.02
C GLY A 103 -8.12 4.58 22.99
N GLY A 104 -8.96 3.67 23.43
CA GLY A 104 -9.60 2.74 22.52
C GLY A 104 -10.83 3.34 21.87
N SER A 105 -10.62 4.38 21.08
CA SER A 105 -11.69 5.03 20.35
C SER A 105 -11.40 5.02 18.85
N GLY A 106 -12.05 4.11 18.14
CA GLY A 106 -11.81 4.01 16.72
C GLY A 106 -12.84 3.14 16.03
N GLY A 107 -14.08 3.57 16.09
CA GLY A 107 -15.17 2.83 15.48
C GLY A 107 -16.37 2.74 16.39
N SER A 108 -16.86 1.52 16.60
CA SER A 108 -17.98 1.27 17.49
C SER A 108 -19.23 2.01 17.03
N GLY A 109 -19.66 1.72 15.81
CA GLY A 109 -20.83 2.36 15.26
C GLY A 109 -21.56 1.45 14.28
N GLY A 110 -22.63 1.96 13.69
CA GLY A 110 -23.38 1.19 12.71
C GLY A 110 -22.60 1.01 11.43
N SER A 111 -21.96 2.07 10.98
CA SER A 111 -21.09 2.00 9.83
C SER A 111 -19.67 1.71 10.28
N SER A 112 -19.22 0.48 10.09
CA SER A 112 -17.92 0.07 10.59
C SER A 112 -16.89 0.04 9.47
N GLN A 113 -17.17 0.77 8.42
CA GLN A 113 -16.28 0.83 7.26
C GLN A 113 -15.15 1.81 7.54
N LYS A 114 -14.41 1.52 8.60
CA LYS A 114 -13.37 2.40 9.10
C LYS A 114 -12.52 1.67 10.14
N VAL A 115 -13.19 1.05 11.11
CA VAL A 115 -12.50 0.25 12.12
C VAL A 115 -12.12 -1.11 11.57
N PHE A 116 -12.85 -1.56 10.56
CA PHE A 116 -12.64 -2.89 10.00
C PHE A 116 -11.41 -2.91 9.10
N VAL A 117 -11.25 -3.99 8.36
CA VAL A 117 -10.10 -4.16 7.47
C VAL A 117 -10.17 -3.22 6.25
N SER A 118 -10.05 -1.91 6.51
CA SER A 118 -9.89 -0.90 5.46
C SER A 118 -9.49 0.43 6.08
N LYS A 119 -8.87 0.34 7.25
CA LYS A 119 -8.43 1.53 7.97
C LYS A 119 -7.21 2.13 7.29
N VAL A 120 -6.31 1.26 6.86
CA VAL A 120 -5.11 1.67 6.16
C VAL A 120 -5.00 0.90 4.85
N GLU A 121 -4.81 -0.41 4.99
CA GLU A 121 -4.65 -1.30 3.85
C GLU A 121 -5.95 -1.37 3.04
N ALA A 122 -5.91 -0.88 1.81
CA ALA A 122 -7.07 -0.93 0.93
C ALA A 122 -6.96 -2.07 -0.07
N VAL A 123 -6.03 -1.94 -1.00
CA VAL A 123 -5.76 -2.98 -1.98
C VAL A 123 -4.26 -3.18 -2.16
N ILE A 124 -3.55 -3.23 -1.03
CA ILE A 124 -2.10 -3.39 -1.01
C ILE A 124 -1.64 -4.57 -1.87
N HIS A 125 -2.34 -5.70 -1.75
CA HIS A 125 -2.09 -6.88 -2.57
C HIS A 125 -0.60 -7.25 -2.55
N PRO A 126 -0.12 -7.85 -1.43
CA PRO A 126 1.28 -8.27 -1.22
C PRO A 126 2.07 -8.75 -2.45
N GLN A 127 1.40 -9.26 -3.47
CA GLN A 127 2.06 -9.58 -4.72
C GLN A 127 2.79 -8.34 -5.28
N PHE A 128 2.16 -7.17 -5.16
CA PHE A 128 2.78 -5.91 -5.58
C PHE A 128 3.99 -5.61 -4.71
N LEU A 129 3.85 -5.87 -3.42
CA LEU A 129 4.95 -5.70 -2.48
C LEU A 129 6.11 -6.61 -2.90
N ALA A 130 5.76 -7.86 -3.15
CA ALA A 130 6.70 -8.88 -3.55
C ALA A 130 7.40 -8.51 -4.86
N ASP A 131 6.64 -7.87 -5.75
CA ASP A 131 7.15 -7.45 -7.06
C ASP A 131 8.31 -6.49 -6.89
N LEU A 132 8.14 -5.53 -5.99
CA LEU A 132 9.16 -4.51 -5.75
C LEU A 132 10.37 -5.10 -5.05
N LEU A 133 10.15 -6.22 -4.36
CA LEU A 133 11.22 -6.88 -3.65
C LEU A 133 11.93 -7.92 -4.54
N SER A 134 11.26 -8.32 -5.62
CA SER A 134 11.82 -9.27 -6.56
C SER A 134 12.81 -8.58 -7.49
N PRO A 135 14.06 -9.06 -7.54
CA PRO A 135 15.10 -8.51 -8.44
C PRO A 135 14.75 -8.69 -9.92
N GLU A 136 13.71 -9.47 -10.19
CA GLU A 136 13.21 -9.65 -11.55
C GLU A 136 12.90 -8.32 -12.19
N LYS A 137 13.47 -8.12 -13.37
CA LYS A 137 13.29 -6.88 -14.09
C LYS A 137 12.03 -6.95 -14.94
N GLN A 138 11.65 -8.16 -15.35
CA GLN A 138 10.41 -8.36 -16.10
C GLN A 138 9.20 -8.38 -15.15
N ARG A 139 9.23 -7.49 -14.18
CA ARG A 139 8.16 -7.35 -13.22
C ARG A 139 7.84 -5.88 -13.07
N ASP A 140 6.57 -5.55 -12.88
CA ASP A 140 6.15 -4.19 -12.66
C ASP A 140 5.00 -4.14 -11.68
N PRO A 141 5.08 -3.27 -10.67
CA PRO A 141 3.98 -3.07 -9.73
C PRO A 141 2.74 -2.58 -10.44
N LEU A 142 2.94 -1.78 -11.48
CA LEU A 142 1.86 -1.17 -12.22
C LEU A 142 1.18 -2.20 -13.14
N ALA A 143 1.94 -3.21 -13.57
CA ALA A 143 1.38 -4.30 -14.37
C ALA A 143 0.48 -5.17 -13.48
N LEU A 144 1.05 -5.64 -12.38
CA LEU A 144 0.29 -6.32 -11.34
C LEU A 144 -0.94 -5.53 -11.01
N ILE A 145 -0.75 -4.23 -10.87
CA ILE A 145 -1.80 -3.30 -10.52
C ILE A 145 -3.03 -3.43 -11.40
N GLU A 146 -2.82 -3.55 -12.70
CA GLU A 146 -3.92 -3.76 -13.62
C GLU A 146 -4.67 -5.03 -13.24
N GLU A 147 -3.91 -6.07 -12.94
CA GLU A 147 -4.48 -7.33 -12.46
C GLU A 147 -5.22 -7.13 -11.13
N LEU A 148 -4.66 -6.28 -10.28
CA LEU A 148 -5.19 -6.10 -8.94
C LEU A 148 -6.55 -5.43 -8.97
N GLU A 149 -6.71 -4.42 -9.83
CA GLU A 149 -7.98 -3.74 -9.96
C GLU A 149 -9.04 -4.71 -10.47
N GLN A 150 -8.61 -5.70 -11.26
CA GLN A 150 -9.51 -6.77 -11.67
C GLN A 150 -9.93 -7.59 -10.45
N GLU A 151 -8.95 -8.00 -9.64
CA GLU A 151 -9.22 -8.83 -8.47
C GLU A 151 -9.78 -8.02 -7.30
N GLU A 152 -9.87 -6.71 -7.48
CA GLU A 152 -10.51 -5.87 -6.48
C GLU A 152 -11.97 -6.28 -6.34
N GLY A 153 -12.54 -6.73 -7.45
CA GLY A 153 -13.89 -7.26 -7.44
C GLY A 153 -13.96 -8.73 -7.86
N LEU A 154 -13.09 -9.10 -8.81
CA LEU A 154 -13.04 -10.45 -9.38
C LEU A 154 -14.23 -10.68 -10.30
N THR A 155 -15.40 -10.88 -9.72
CA THR A 155 -16.58 -11.22 -10.48
C THR A 155 -17.30 -9.99 -11.01
N LEU A 156 -16.89 -9.63 -12.20
CA LEU A 156 -17.39 -8.49 -12.99
C LEU A 156 -16.27 -8.20 -13.97
N ALA A 157 -15.12 -8.71 -13.55
CA ALA A 157 -13.87 -8.65 -14.27
C ALA A 157 -13.66 -9.92 -15.07
N GLN A 158 -14.03 -11.04 -14.43
CA GLN A 158 -13.88 -12.39 -14.99
C GLN A 158 -14.17 -12.49 -16.49
N LEU A 159 -13.11 -12.38 -17.28
CA LEU A 159 -13.19 -12.45 -18.73
C LEU A 159 -14.27 -11.53 -19.28
N VAL A 160 -14.32 -10.31 -18.74
CA VAL A 160 -15.28 -9.32 -19.20
C VAL A 160 -15.01 -8.99 -20.66
N GLN A 161 -13.75 -9.01 -21.05
CA GLN A 161 -13.36 -8.83 -22.44
C GLN A 161 -13.12 -10.19 -23.05
N LYS A 162 -13.66 -10.40 -24.22
CA LYS A 162 -13.59 -11.71 -24.87
C LYS A 162 -12.37 -11.79 -25.77
N ARG A 163 -11.49 -12.73 -25.45
CA ARG A 163 -10.29 -12.96 -26.25
C ARG A 163 -9.81 -14.39 -26.05
N SER A 1 5.35 -16.93 20.41
CA SER A 1 5.65 -18.26 20.95
C SER A 1 6.95 -18.24 21.75
N GLY A 2 7.94 -17.52 21.25
CA GLY A 2 9.21 -17.41 21.94
C GLY A 2 10.38 -17.37 21.00
N GLY A 3 10.36 -16.43 20.07
CA GLY A 3 11.45 -16.31 19.11
C GLY A 3 11.36 -15.01 18.33
N ARG A 4 11.06 -13.93 19.06
CA ARG A 4 10.88 -12.61 18.45
C ARG A 4 9.74 -12.64 17.44
N ALA A 5 8.61 -13.23 17.86
CA ALA A 5 7.40 -13.33 17.04
C ALA A 5 7.57 -14.29 15.86
N THR A 6 6.46 -14.76 15.32
CA THR A 6 6.46 -15.62 14.15
C THR A 6 5.83 -14.89 12.97
N GLN A 7 6.08 -15.36 11.76
CA GLN A 7 5.48 -14.76 10.58
C GLN A 7 4.12 -15.37 10.31
N SER A 8 3.11 -14.87 11.00
CA SER A 8 1.74 -15.32 10.81
C SER A 8 1.18 -14.72 9.53
N PRO A 9 0.13 -15.34 8.94
CA PRO A 9 -0.42 -14.89 7.66
C PRO A 9 -0.68 -13.39 7.60
N GLY A 10 -1.28 -12.84 8.65
CA GLY A 10 -1.57 -11.43 8.69
C GLY A 10 -0.32 -10.58 8.84
N ASP A 11 0.52 -10.95 9.79
CA ASP A 11 1.76 -10.22 10.06
C ASP A 11 2.69 -10.25 8.86
N SER A 12 2.81 -11.43 8.24
CA SER A 12 3.67 -11.60 7.07
C SER A 12 3.19 -10.71 5.93
N ARG A 13 1.87 -10.56 5.80
CA ARG A 13 1.31 -9.70 4.77
C ARG A 13 1.66 -8.24 5.07
N ARG A 14 1.55 -7.88 6.34
CA ARG A 14 1.90 -6.54 6.79
C ARG A 14 3.38 -6.29 6.66
N LEU A 15 4.17 -7.33 6.89
CA LEU A 15 5.62 -7.25 6.73
C LEU A 15 6.00 -7.04 5.27
N SER A 16 5.19 -7.59 4.37
CA SER A 16 5.43 -7.37 2.95
C SER A 16 5.07 -5.94 2.60
N ILE A 17 4.05 -5.43 3.28
CA ILE A 17 3.67 -4.03 3.21
C ILE A 17 4.80 -3.16 3.72
N GLN A 18 5.33 -3.52 4.88
CA GLN A 18 6.40 -2.78 5.50
C GLN A 18 7.69 -2.87 4.68
N ARG A 19 7.88 -4.00 4.00
CA ARG A 19 9.01 -4.19 3.10
C ARG A 19 8.89 -3.26 1.90
N ALA A 20 7.71 -3.25 1.27
CA ALA A 20 7.45 -2.34 0.17
C ALA A 20 7.49 -0.89 0.65
N ILE A 21 7.16 -0.71 1.91
CA ILE A 21 7.26 0.59 2.56
C ILE A 21 8.71 1.05 2.63
N GLN A 22 9.61 0.10 2.87
CA GLN A 22 11.03 0.39 2.86
C GLN A 22 11.42 0.85 1.46
N SER A 23 10.85 0.18 0.45
CA SER A 23 10.99 0.61 -0.92
C SER A 23 10.48 2.04 -1.07
N LEU A 24 9.23 2.26 -0.62
CA LEU A 24 8.56 3.56 -0.70
C LEU A 24 9.49 4.69 -0.28
N VAL A 25 9.97 4.63 0.95
CA VAL A 25 10.85 5.67 1.49
C VAL A 25 12.01 5.92 0.54
N HIS A 26 12.60 4.84 0.03
CA HIS A 26 13.74 4.94 -0.87
C HIS A 26 13.40 5.72 -2.13
N ALA A 27 12.41 5.26 -2.89
CA ALA A 27 12.07 5.89 -4.16
C ALA A 27 11.54 7.28 -3.95
N ALA A 28 11.06 7.53 -2.75
CA ALA A 28 10.53 8.82 -2.40
C ALA A 28 11.63 9.86 -2.31
N GLN A 29 12.79 9.45 -1.82
CA GLN A 29 13.90 10.38 -1.63
C GLN A 29 15.11 10.07 -2.51
N CYS A 30 15.02 9.08 -3.39
CA CYS A 30 16.14 8.77 -4.26
C CYS A 30 16.25 9.83 -5.35
N ARG A 31 17.35 10.57 -5.34
CA ARG A 31 17.58 11.60 -6.35
C ARG A 31 18.75 11.21 -7.24
N ASN A 32 19.21 9.98 -7.07
CA ASN A 32 20.34 9.48 -7.85
C ASN A 32 19.84 8.66 -9.02
N ALA A 33 20.05 9.19 -10.22
CA ALA A 33 19.62 8.53 -11.44
C ALA A 33 20.50 7.32 -11.73
N ASN A 34 21.74 7.39 -11.27
CA ASN A 34 22.69 6.32 -11.43
C ASN A 34 22.22 5.06 -10.73
N CYS A 35 21.47 5.24 -9.65
CA CYS A 35 20.89 4.11 -8.94
C CYS A 35 19.82 3.46 -9.81
N SER A 36 20.06 2.23 -10.19
CA SER A 36 19.20 1.53 -11.12
C SER A 36 18.76 0.21 -10.53
N LEU A 37 18.63 0.20 -9.21
CA LEU A 37 18.25 -0.99 -8.48
C LEU A 37 16.84 -1.45 -8.84
N PRO A 38 16.54 -2.73 -8.63
CA PRO A 38 15.29 -3.32 -9.10
C PRO A 38 14.07 -2.67 -8.47
N SER A 39 14.01 -2.71 -7.15
CA SER A 39 12.90 -2.15 -6.41
C SER A 39 12.75 -0.66 -6.68
N CYS A 40 13.88 0.02 -6.73
CA CYS A 40 13.90 1.46 -6.91
C CYS A 40 13.24 1.87 -8.23
N GLN A 41 13.62 1.22 -9.32
CA GLN A 41 13.11 1.60 -10.63
C GLN A 41 11.65 1.27 -10.77
N LYS A 42 11.27 0.10 -10.26
CA LYS A 42 9.89 -0.32 -10.25
C LYS A 42 9.04 0.65 -9.44
N MET A 43 9.58 1.08 -8.31
CA MET A 43 8.87 1.98 -7.44
C MET A 43 8.91 3.42 -7.93
N LYS A 44 9.99 3.84 -8.56
CA LYS A 44 10.03 5.17 -9.15
C LYS A 44 8.86 5.31 -10.12
N ARG A 45 8.49 4.18 -10.71
CA ARG A 45 7.31 4.10 -11.56
C ARG A 45 6.03 4.19 -10.72
N VAL A 46 5.93 3.35 -9.70
CA VAL A 46 4.75 3.25 -8.83
C VAL A 46 4.52 4.57 -8.07
N VAL A 47 5.59 5.18 -7.61
CA VAL A 47 5.51 6.46 -6.92
C VAL A 47 5.06 7.55 -7.88
N GLN A 48 5.61 7.52 -9.09
CA GLN A 48 5.23 8.50 -10.09
C GLN A 48 3.78 8.33 -10.51
N HIS A 49 3.23 7.12 -10.33
CA HIS A 49 1.80 6.91 -10.52
C HIS A 49 1.04 7.79 -9.55
N THR A 50 1.40 7.69 -8.28
CA THR A 50 0.66 8.37 -7.22
C THR A 50 0.51 9.86 -7.54
N LYS A 51 1.55 10.43 -8.15
CA LYS A 51 1.56 11.84 -8.47
C LYS A 51 0.86 12.13 -9.80
N GLY A 52 1.02 11.24 -10.77
CA GLY A 52 0.41 11.47 -12.08
C GLY A 52 -1.02 10.97 -12.13
N CYS A 53 -1.46 10.36 -11.04
CA CYS A 53 -2.79 9.81 -10.94
C CYS A 53 -3.84 10.90 -10.72
N LYS A 54 -5.08 10.63 -11.16
CA LYS A 54 -6.21 11.55 -10.94
C LYS A 54 -7.42 10.76 -10.40
N ARG A 55 -7.66 9.59 -11.00
CA ARG A 55 -8.54 8.54 -10.45
C ARG A 55 -8.09 8.04 -9.06
N LYS A 56 -7.29 8.84 -8.38
CA LYS A 56 -6.53 8.42 -7.22
C LYS A 56 -7.39 7.89 -6.05
N THR A 57 -8.09 8.78 -5.36
CA THR A 57 -8.72 8.40 -4.09
C THR A 57 -10.19 8.04 -4.25
N ASN A 58 -10.72 8.17 -5.45
CA ASN A 58 -12.12 7.81 -5.70
C ASN A 58 -12.24 6.30 -5.89
N GLY A 59 -11.10 5.61 -5.89
CA GLY A 59 -11.10 4.18 -6.02
C GLY A 59 -10.91 3.72 -7.45
N GLY A 60 -10.35 4.60 -8.27
CA GLY A 60 -10.13 4.28 -9.66
C GLY A 60 -9.08 3.20 -9.86
N CYS A 61 -7.92 3.39 -9.25
CA CYS A 61 -6.81 2.47 -9.44
C CYS A 61 -6.28 1.95 -8.09
N PRO A 62 -5.65 0.76 -8.09
CA PRO A 62 -5.15 0.14 -6.85
C PRO A 62 -3.97 0.89 -6.21
N ILE A 63 -2.99 1.33 -7.02
CA ILE A 63 -1.75 1.93 -6.51
C ILE A 63 -2.02 2.99 -5.47
N CYS A 64 -2.65 4.06 -5.88
CA CYS A 64 -2.95 5.19 -5.03
C CYS A 64 -3.59 4.76 -3.69
N LYS A 65 -4.58 3.85 -3.73
CA LYS A 65 -5.22 3.39 -2.49
C LYS A 65 -4.26 2.60 -1.62
N GLN A 66 -3.52 1.71 -2.25
CA GLN A 66 -2.57 0.90 -1.51
C GLN A 66 -1.31 1.68 -1.21
N LEU A 67 -1.13 2.80 -1.91
CA LEU A 67 -0.01 3.69 -1.70
C LEU A 67 -0.30 4.60 -0.52
N ILE A 68 -1.57 4.93 -0.34
CA ILE A 68 -1.98 5.66 0.85
C ILE A 68 -2.04 4.71 2.02
N ALA A 69 -2.11 3.42 1.69
CA ALA A 69 -1.94 2.37 2.67
C ALA A 69 -0.46 2.24 3.02
N LEU A 70 0.35 2.04 1.99
CA LEU A 70 1.78 1.97 2.10
C LEU A 70 2.36 3.18 2.85
N ALA A 71 2.00 4.38 2.41
CA ALA A 71 2.48 5.61 3.04
C ALA A 71 1.93 5.81 4.46
N ALA A 72 0.70 5.36 4.72
CA ALA A 72 0.11 5.48 6.05
C ALA A 72 0.78 4.53 7.03
N TYR A 73 0.89 3.28 6.63
CA TYR A 73 1.61 2.27 7.39
C TYR A 73 3.03 2.74 7.65
N HIS A 74 3.63 3.28 6.60
CA HIS A 74 4.94 3.89 6.68
C HIS A 74 4.93 5.11 7.62
N ALA A 75 3.89 5.95 7.49
CA ALA A 75 3.78 7.17 8.29
C ALA A 75 3.72 6.84 9.77
N LYS A 76 3.14 5.70 10.10
CA LYS A 76 3.12 5.20 11.47
C LYS A 76 4.55 5.00 11.96
N HIS A 77 5.38 4.43 11.10
CA HIS A 77 6.78 4.16 11.45
C HIS A 77 7.67 5.30 10.96
N CYS A 78 7.09 6.49 10.83
CA CYS A 78 7.81 7.64 10.33
C CYS A 78 7.71 8.78 11.34
N GLN A 79 8.75 9.60 11.42
CA GLN A 79 8.77 10.73 12.32
C GLN A 79 8.99 12.05 11.59
N GLU A 80 8.88 12.02 10.27
CA GLU A 80 9.20 13.19 9.46
C GLU A 80 7.94 13.86 8.92
N ASN A 81 7.78 15.14 9.26
CA ASN A 81 6.68 15.94 8.74
C ASN A 81 7.07 16.59 7.42
N LYS A 82 8.35 16.49 7.09
CA LYS A 82 8.84 16.94 5.79
C LYS A 82 9.35 15.73 5.02
N CYS A 83 8.58 14.66 5.12
CA CYS A 83 8.94 13.37 4.55
C CYS A 83 9.00 13.43 3.01
N PRO A 84 9.89 12.62 2.42
CA PRO A 84 9.92 12.42 0.96
C PRO A 84 8.77 11.55 0.46
N VAL A 85 8.23 10.72 1.36
CA VAL A 85 7.14 9.81 1.00
C VAL A 85 5.85 10.57 0.72
N PRO A 86 5.32 10.42 -0.50
CA PRO A 86 4.22 11.25 -1.02
C PRO A 86 3.02 11.35 -0.09
N PHE A 87 2.30 10.23 0.06
CA PHE A 87 1.06 10.22 0.80
C PHE A 87 1.30 10.31 2.31
N CYS A 88 2.55 10.25 2.73
CA CYS A 88 2.88 10.36 4.15
C CYS A 88 2.64 11.80 4.61
N LEU A 89 3.06 12.75 3.78
CA LEU A 89 2.75 14.16 3.99
C LEU A 89 1.24 14.35 4.03
N ASN A 90 0.58 13.79 3.03
CA ASN A 90 -0.88 13.78 2.95
C ASN A 90 -1.50 13.11 4.17
N ILE A 91 -0.76 12.21 4.79
CA ILE A 91 -1.22 11.46 5.95
C ILE A 91 -1.18 12.33 7.23
N LYS A 92 -0.10 13.07 7.40
CA LYS A 92 0.00 13.96 8.57
C LYS A 92 -0.90 15.17 8.41
N GLN A 93 -1.11 15.60 7.19
CA GLN A 93 -1.96 16.75 6.92
C GLN A 93 -3.42 16.33 6.90
N LYS A 94 -3.69 15.16 6.34
CA LYS A 94 -5.06 14.68 6.19
C LYS A 94 -5.22 13.29 6.81
N GLY A 95 -4.43 12.34 6.33
CA GLY A 95 -4.50 10.98 6.81
C GLY A 95 -5.65 10.22 6.21
N SER A 96 -6.71 10.08 6.99
CA SER A 96 -7.92 9.43 6.53
C SER A 96 -9.12 10.26 6.96
N GLY A 97 -9.03 10.82 8.16
CA GLY A 97 -10.10 11.65 8.68
C GLY A 97 -10.17 11.57 10.18
N GLY A 98 -10.66 12.64 10.81
CA GLY A 98 -10.80 12.65 12.25
C GLY A 98 -11.75 11.60 12.75
N SER A 99 -12.98 11.65 12.25
CA SER A 99 -14.01 10.67 12.58
C SER A 99 -14.28 10.65 14.09
N GLY A 100 -14.13 11.80 14.73
CA GLY A 100 -14.37 11.89 16.15
C GLY A 100 -15.52 12.83 16.48
N GLY A 101 -16.29 13.19 15.46
CA GLY A 101 -17.40 14.10 15.66
C GLY A 101 -18.64 13.38 16.15
N SER A 102 -19.09 12.38 15.41
CA SER A 102 -20.28 11.63 15.77
C SER A 102 -19.92 10.46 16.67
N GLY A 103 -18.75 9.90 16.45
CA GLY A 103 -18.30 8.76 17.22
C GLY A 103 -17.68 7.70 16.35
N GLY A 104 -18.49 6.74 15.93
CA GLY A 104 -18.01 5.67 15.08
C GLY A 104 -18.58 4.33 15.45
N SER A 105 -18.85 4.15 16.74
CA SER A 105 -19.36 2.88 17.24
C SER A 105 -20.86 2.95 17.47
N GLY A 106 -21.42 4.15 17.36
CA GLY A 106 -22.84 4.32 17.59
C GLY A 106 -23.61 4.56 16.31
N GLY A 107 -23.97 3.49 15.63
CA GLY A 107 -24.70 3.61 14.39
C GLY A 107 -24.31 2.55 13.38
N SER A 108 -24.66 1.31 13.68
CA SER A 108 -24.35 0.20 12.80
C SER A 108 -25.49 -0.01 11.78
N GLY A 109 -25.12 -0.17 10.53
CA GLY A 109 -26.11 -0.42 9.49
C GLY A 109 -25.81 0.35 8.22
N GLY A 110 -26.10 -0.28 7.09
CA GLY A 110 -25.89 0.38 5.81
C GLY A 110 -24.58 -0.03 5.18
N SER A 111 -23.85 0.94 4.66
CA SER A 111 -22.56 0.68 4.04
C SER A 111 -21.54 0.26 5.10
N SER A 112 -21.25 -1.03 5.15
CA SER A 112 -20.39 -1.58 6.17
C SER A 112 -18.94 -1.68 5.68
N GLN A 113 -18.59 -0.84 4.73
CA GLN A 113 -17.26 -0.87 4.15
C GLN A 113 -16.39 0.25 4.75
N LYS A 114 -16.84 0.79 5.88
CA LYS A 114 -16.01 1.69 6.66
C LYS A 114 -15.52 1.02 7.95
N VAL A 115 -16.21 -0.03 8.36
CA VAL A 115 -15.96 -0.62 9.66
C VAL A 115 -14.96 -1.77 9.56
N PHE A 116 -14.96 -2.42 8.40
CA PHE A 116 -14.17 -3.61 8.20
C PHE A 116 -12.71 -3.25 7.90
N VAL A 117 -11.95 -4.21 7.38
CA VAL A 117 -10.57 -3.98 7.00
C VAL A 117 -10.50 -2.98 5.84
N SER A 118 -10.45 -1.70 6.17
CA SER A 118 -10.26 -0.65 5.18
C SER A 118 -9.79 0.63 5.85
N LYS A 119 -9.16 0.49 7.00
CA LYS A 119 -8.70 1.65 7.76
C LYS A 119 -7.47 2.26 7.08
N VAL A 120 -6.57 1.41 6.63
CA VAL A 120 -5.36 1.84 5.96
C VAL A 120 -5.18 1.05 4.67
N GLU A 121 -5.02 -0.25 4.83
CA GLU A 121 -4.72 -1.17 3.74
C GLU A 121 -5.96 -1.37 2.86
N ALA A 122 -6.02 -0.66 1.73
CA ALA A 122 -7.16 -0.77 0.82
C ALA A 122 -7.00 -1.97 -0.12
N VAL A 123 -6.11 -1.83 -1.10
CA VAL A 123 -5.89 -2.88 -2.09
C VAL A 123 -4.40 -3.13 -2.29
N ILE A 124 -3.68 -3.28 -1.17
CA ILE A 124 -2.24 -3.49 -1.19
C ILE A 124 -1.81 -4.67 -2.07
N HIS A 125 -2.52 -5.79 -1.97
CA HIS A 125 -2.25 -6.97 -2.80
C HIS A 125 -0.75 -7.34 -2.81
N PRO A 126 -0.26 -7.93 -1.69
CA PRO A 126 1.15 -8.34 -1.49
C PRO A 126 1.93 -8.81 -2.72
N GLN A 127 1.28 -9.35 -3.74
CA GLN A 127 1.97 -9.68 -4.98
C GLN A 127 2.73 -8.46 -5.52
N PHE A 128 2.12 -7.28 -5.38
CA PHE A 128 2.76 -6.03 -5.77
C PHE A 128 3.97 -5.74 -4.87
N LEU A 129 3.79 -5.95 -3.58
CA LEU A 129 4.86 -5.78 -2.61
C LEU A 129 6.00 -6.73 -2.93
N ALA A 130 5.61 -7.98 -3.17
CA ALA A 130 6.53 -9.05 -3.49
C ALA A 130 7.38 -8.70 -4.70
N ASP A 131 6.76 -8.07 -5.70
CA ASP A 131 7.48 -7.73 -6.92
C ASP A 131 8.53 -6.66 -6.66
N LEU A 132 8.22 -5.72 -5.78
CA LEU A 132 9.18 -4.69 -5.42
C LEU A 132 10.31 -5.28 -4.58
N LEU A 133 10.08 -6.48 -4.08
CA LEU A 133 11.09 -7.21 -3.34
C LEU A 133 11.77 -8.24 -4.24
N SER A 134 11.32 -8.31 -5.49
CA SER A 134 11.82 -9.29 -6.43
C SER A 134 12.99 -8.75 -7.24
N PRO A 135 14.07 -9.54 -7.39
CA PRO A 135 15.20 -9.21 -8.28
C PRO A 135 14.78 -9.24 -9.75
N GLU A 136 13.55 -9.67 -9.99
CA GLU A 136 12.93 -9.62 -11.31
C GLU A 136 13.12 -8.24 -11.94
N LYS A 137 13.25 -8.19 -13.26
CA LYS A 137 13.43 -6.93 -13.97
C LYS A 137 12.38 -6.75 -15.07
N GLN A 138 11.85 -7.86 -15.55
CA GLN A 138 10.76 -7.84 -16.51
C GLN A 138 9.45 -7.86 -15.73
N ARG A 139 9.38 -6.96 -14.77
CA ARG A 139 8.36 -6.99 -13.74
C ARG A 139 8.00 -5.58 -13.33
N ASP A 140 6.74 -5.24 -13.49
CA ASP A 140 6.25 -3.92 -13.15
C ASP A 140 5.09 -4.00 -12.15
N PRO A 141 5.22 -3.34 -10.96
CA PRO A 141 4.12 -3.23 -10.00
C PRO A 141 2.86 -2.69 -10.64
N LEU A 142 3.03 -1.77 -11.59
CA LEU A 142 1.90 -1.12 -12.23
C LEU A 142 1.20 -2.08 -13.19
N ALA A 143 1.93 -3.08 -13.66
CA ALA A 143 1.34 -4.13 -14.51
C ALA A 143 0.45 -5.03 -13.65
N LEU A 144 1.04 -5.54 -12.56
CA LEU A 144 0.29 -6.27 -11.55
C LEU A 144 -0.93 -5.47 -11.15
N ILE A 145 -0.71 -4.18 -10.96
CA ILE A 145 -1.75 -3.27 -10.48
C ILE A 145 -3.01 -3.30 -11.33
N GLU A 146 -2.87 -3.24 -12.63
CA GLU A 146 -4.02 -3.33 -13.51
C GLU A 146 -4.75 -4.65 -13.24
N GLU A 147 -3.96 -5.70 -13.10
CA GLU A 147 -4.48 -7.02 -12.74
C GLU A 147 -5.21 -6.99 -11.40
N LEU A 148 -4.66 -6.24 -10.45
CA LEU A 148 -5.17 -6.23 -9.09
C LEU A 148 -6.56 -5.63 -9.02
N GLU A 149 -6.77 -4.51 -9.71
CA GLU A 149 -8.07 -3.88 -9.73
C GLU A 149 -9.09 -4.81 -10.38
N GLN A 150 -8.62 -5.65 -11.29
CA GLN A 150 -9.48 -6.65 -11.92
C GLN A 150 -9.86 -7.73 -10.90
N GLU A 151 -8.87 -8.24 -10.15
CA GLU A 151 -9.12 -9.34 -9.23
C GLU A 151 -9.69 -8.87 -7.89
N GLU A 152 -9.75 -7.57 -7.68
CA GLU A 152 -10.34 -7.06 -6.45
C GLU A 152 -11.85 -7.30 -6.46
N GLY A 153 -12.37 -7.60 -7.65
CA GLY A 153 -13.77 -7.96 -7.78
C GLY A 153 -14.00 -9.43 -7.51
N LEU A 154 -12.93 -10.15 -7.20
CA LEU A 154 -13.03 -11.57 -6.92
C LEU A 154 -12.40 -11.89 -5.56
N THR A 155 -12.86 -12.99 -4.97
CA THR A 155 -12.42 -13.47 -3.64
C THR A 155 -12.62 -12.48 -2.52
N LEU A 156 -12.90 -13.02 -1.34
CA LEU A 156 -13.35 -12.26 -0.16
C LEU A 156 -14.74 -11.67 -0.44
N ALA A 157 -14.88 -11.07 -1.60
CA ALA A 157 -16.15 -10.64 -2.13
C ALA A 157 -17.04 -11.84 -2.45
N GLN A 158 -16.40 -12.96 -2.75
CA GLN A 158 -17.07 -14.18 -3.20
C GLN A 158 -18.26 -14.57 -2.31
N LEU A 159 -18.00 -14.85 -1.04
CA LEU A 159 -19.03 -15.26 -0.13
C LEU A 159 -19.07 -14.37 1.10
N VAL A 160 -18.73 -13.10 0.92
CA VAL A 160 -18.81 -12.13 1.99
C VAL A 160 -20.27 -11.97 2.42
N GLN A 161 -21.16 -12.11 1.45
CA GLN A 161 -22.58 -12.19 1.70
C GLN A 161 -23.09 -13.53 1.20
N LYS A 162 -23.75 -14.26 2.07
CA LYS A 162 -24.25 -15.57 1.72
C LYS A 162 -25.47 -15.47 0.83
N ARG A 163 -25.49 -16.30 -0.20
CA ARG A 163 -26.53 -16.25 -1.22
C ARG A 163 -26.78 -17.66 -1.78
N SER A 1 -0.05 -8.87 23.14
CA SER A 1 -1.17 -9.82 23.27
C SER A 1 -0.79 -11.16 22.66
N GLY A 2 -0.89 -12.23 23.44
CA GLY A 2 -0.60 -13.55 22.93
C GLY A 2 0.70 -14.10 23.46
N GLY A 3 1.72 -13.25 23.51
CA GLY A 3 3.02 -13.67 24.01
C GLY A 3 4.15 -13.18 23.13
N ARG A 4 4.19 -13.67 21.91
CA ARG A 4 5.25 -13.32 20.97
C ARG A 4 4.70 -13.23 19.54
N ALA A 5 5.05 -12.16 18.82
CA ALA A 5 4.60 -12.01 17.46
C ALA A 5 5.41 -12.90 16.52
N THR A 6 4.72 -13.71 15.73
CA THR A 6 5.37 -14.59 14.78
C THR A 6 4.92 -14.26 13.35
N GLN A 7 5.71 -14.66 12.37
CA GLN A 7 5.42 -14.32 10.98
C GLN A 7 4.31 -15.20 10.42
N SER A 8 3.10 -14.96 10.89
CA SER A 8 1.92 -15.63 10.40
C SER A 8 1.54 -15.06 9.02
N PRO A 9 0.67 -15.74 8.26
CA PRO A 9 0.31 -15.32 6.89
C PRO A 9 -0.05 -13.84 6.79
N GLY A 10 -0.89 -13.37 7.71
CA GLY A 10 -1.30 -11.98 7.69
C GLY A 10 -0.14 -11.05 7.99
N ASP A 11 0.58 -11.35 9.07
CA ASP A 11 1.73 -10.55 9.49
C ASP A 11 2.79 -10.51 8.42
N SER A 12 2.99 -11.64 7.74
CA SER A 12 3.98 -11.73 6.68
C SER A 12 3.61 -10.83 5.51
N ARG A 13 2.30 -10.69 5.24
CA ARG A 13 1.85 -9.78 4.20
C ARG A 13 2.05 -8.34 4.65
N ARG A 14 1.79 -8.09 5.93
CA ARG A 14 2.01 -6.78 6.53
C ARG A 14 3.48 -6.44 6.50
N LEU A 15 4.31 -7.46 6.66
CA LEU A 15 5.75 -7.30 6.56
C LEU A 15 6.17 -7.02 5.15
N SER A 16 5.40 -7.52 4.20
CA SER A 16 5.65 -7.25 2.79
C SER A 16 5.24 -5.80 2.50
N ILE A 17 4.21 -5.35 3.20
CA ILE A 17 3.80 -3.96 3.20
C ILE A 17 4.93 -3.11 3.74
N GLN A 18 5.45 -3.50 4.88
CA GLN A 18 6.56 -2.80 5.50
C GLN A 18 7.81 -2.87 4.64
N ARG A 19 7.98 -3.97 3.92
CA ARG A 19 9.08 -4.14 2.97
C ARG A 19 8.95 -3.15 1.82
N ALA A 20 7.80 -3.14 1.17
CA ALA A 20 7.52 -2.20 0.10
C ALA A 20 7.54 -0.78 0.61
N ILE A 21 7.25 -0.63 1.89
CA ILE A 21 7.30 0.66 2.55
C ILE A 21 8.75 1.15 2.62
N GLN A 22 9.67 0.23 2.89
CA GLN A 22 11.08 0.56 2.88
C GLN A 22 11.49 0.97 1.48
N SER A 23 10.88 0.32 0.49
CA SER A 23 11.02 0.73 -0.90
C SER A 23 10.52 2.17 -1.04
N LEU A 24 9.26 2.39 -0.63
CA LEU A 24 8.58 3.68 -0.71
C LEU A 24 9.49 4.82 -0.29
N VAL A 25 9.94 4.78 0.96
CA VAL A 25 10.81 5.83 1.50
C VAL A 25 12.01 6.07 0.58
N HIS A 26 12.61 4.97 0.15
CA HIS A 26 13.80 5.06 -0.68
C HIS A 26 13.48 5.70 -2.02
N ALA A 27 12.46 5.21 -2.74
CA ALA A 27 12.17 5.73 -4.06
C ALA A 27 11.74 7.17 -3.98
N ALA A 28 11.27 7.57 -2.81
CA ALA A 28 10.84 8.94 -2.59
C ALA A 28 12.05 9.87 -2.61
N GLN A 29 13.17 9.41 -2.06
CA GLN A 29 14.40 10.19 -2.05
C GLN A 29 15.35 9.81 -3.19
N CYS A 30 15.13 8.64 -3.80
CA CYS A 30 16.02 8.09 -4.82
C CYS A 30 16.10 9.03 -6.03
N ARG A 31 17.16 9.80 -6.09
CA ARG A 31 17.40 10.67 -7.24
C ARG A 31 18.86 10.54 -7.65
N ASN A 32 19.46 9.46 -7.19
CA ASN A 32 20.85 9.16 -7.48
C ASN A 32 20.97 8.52 -8.85
N ALA A 33 21.76 9.15 -9.71
CA ALA A 33 21.99 8.67 -11.07
C ALA A 33 22.63 7.30 -11.08
N ASN A 34 23.45 7.05 -10.07
CA ASN A 34 24.13 5.77 -9.91
C ASN A 34 23.13 4.68 -9.53
N CYS A 35 22.07 5.08 -8.82
CA CYS A 35 21.08 4.12 -8.35
C CYS A 35 20.18 3.69 -9.50
N SER A 36 20.46 2.51 -10.04
CA SER A 36 19.70 1.97 -11.16
C SER A 36 19.09 0.64 -10.74
N LEU A 37 18.71 0.61 -9.49
CA LEU A 37 18.22 -0.59 -8.85
C LEU A 37 16.84 -1.00 -9.36
N PRO A 38 16.47 -2.29 -9.16
CA PRO A 38 15.19 -2.78 -9.63
C PRO A 38 14.03 -2.12 -8.90
N SER A 39 14.00 -2.25 -7.58
CA SER A 39 12.96 -1.66 -6.75
C SER A 39 12.84 -0.16 -7.03
N CYS A 40 13.99 0.47 -7.24
CA CYS A 40 14.06 1.88 -7.51
C CYS A 40 13.30 2.25 -8.78
N GLN A 41 13.59 1.59 -9.89
CA GLN A 41 12.92 1.90 -11.16
C GLN A 41 11.47 1.45 -11.13
N LYS A 42 11.21 0.29 -10.54
CA LYS A 42 9.85 -0.22 -10.39
C LYS A 42 9.00 0.76 -9.59
N MET A 43 9.52 1.17 -8.43
CA MET A 43 8.79 2.03 -7.55
C MET A 43 8.77 3.46 -8.06
N LYS A 44 9.76 3.86 -8.84
CA LYS A 44 9.71 5.16 -9.49
C LYS A 44 8.45 5.23 -10.36
N ARG A 45 8.12 4.10 -10.98
CA ARG A 45 6.91 4.01 -11.80
C ARG A 45 5.65 4.02 -10.92
N VAL A 46 5.73 3.37 -9.75
CA VAL A 46 4.61 3.29 -8.82
C VAL A 46 4.40 4.62 -8.09
N VAL A 47 5.50 5.26 -7.69
CA VAL A 47 5.44 6.54 -7.01
C VAL A 47 4.99 7.63 -7.98
N GLN A 48 5.59 7.64 -9.17
CA GLN A 48 5.22 8.62 -10.19
C GLN A 48 3.79 8.41 -10.63
N HIS A 49 3.30 7.17 -10.54
CA HIS A 49 1.88 6.92 -10.74
C HIS A 49 1.09 7.81 -9.80
N THR A 50 1.42 7.75 -8.50
CA THR A 50 0.66 8.46 -7.47
C THR A 50 0.51 9.94 -7.83
N LYS A 51 1.52 10.49 -8.48
CA LYS A 51 1.54 11.91 -8.80
C LYS A 51 0.85 12.21 -10.12
N GLY A 52 1.01 11.31 -11.08
CA GLY A 52 0.44 11.54 -12.40
C GLY A 52 -0.96 10.98 -12.51
N CYS A 53 -1.48 10.59 -11.36
CA CYS A 53 -2.77 9.95 -11.29
C CYS A 53 -3.89 10.98 -11.06
N LYS A 54 -5.08 10.66 -11.56
CA LYS A 54 -6.27 11.48 -11.38
C LYS A 54 -7.32 10.76 -10.52
N ARG A 55 -7.54 9.49 -10.83
CA ARG A 55 -8.41 8.60 -10.03
C ARG A 55 -7.76 8.22 -8.70
N LYS A 56 -6.71 8.96 -8.33
CA LYS A 56 -5.88 8.69 -7.13
C LYS A 56 -6.71 8.19 -5.95
N THR A 57 -7.48 9.07 -5.35
CA THR A 57 -8.25 8.71 -4.16
C THR A 57 -9.68 8.38 -4.53
N ASN A 58 -9.99 8.55 -5.82
CA ASN A 58 -11.30 8.18 -6.36
C ASN A 58 -11.56 6.70 -6.13
N GLY A 59 -10.53 5.89 -6.30
CA GLY A 59 -10.66 4.47 -6.03
C GLY A 59 -10.52 3.61 -7.27
N GLY A 60 -10.39 4.26 -8.42
CA GLY A 60 -10.24 3.53 -9.67
C GLY A 60 -8.94 2.75 -9.75
N CYS A 61 -7.87 3.36 -9.29
CA CYS A 61 -6.55 2.73 -9.32
C CYS A 61 -6.28 2.04 -7.99
N PRO A 62 -5.70 0.83 -8.01
CA PRO A 62 -5.29 0.14 -6.79
C PRO A 62 -4.11 0.84 -6.11
N ILE A 63 -3.19 1.38 -6.91
CA ILE A 63 -1.94 1.96 -6.38
C ILE A 63 -2.19 2.97 -5.30
N CYS A 64 -2.83 4.08 -5.65
CA CYS A 64 -2.99 5.18 -4.70
C CYS A 64 -3.66 4.77 -3.41
N LYS A 65 -4.63 3.85 -3.47
CA LYS A 65 -5.29 3.35 -2.25
C LYS A 65 -4.31 2.56 -1.41
N GLN A 66 -3.55 1.72 -2.05
CA GLN A 66 -2.58 0.90 -1.34
C GLN A 66 -1.31 1.70 -1.08
N LEU A 67 -1.16 2.80 -1.80
CA LEU A 67 -0.03 3.71 -1.62
C LEU A 67 -0.30 4.62 -0.44
N ILE A 68 -1.56 4.97 -0.24
CA ILE A 68 -1.94 5.71 0.95
C ILE A 68 -1.99 4.75 2.12
N ALA A 69 -2.05 3.47 1.80
CA ALA A 69 -1.86 2.42 2.80
C ALA A 69 -0.37 2.29 3.12
N LEU A 70 0.43 2.10 2.07
CA LEU A 70 1.86 2.03 2.15
C LEU A 70 2.45 3.24 2.88
N ALA A 71 2.09 4.44 2.44
CA ALA A 71 2.56 5.66 3.06
C ALA A 71 2.03 5.84 4.49
N ALA A 72 0.80 5.39 4.76
CA ALA A 72 0.22 5.50 6.10
C ALA A 72 0.92 4.57 7.06
N TYR A 73 0.99 3.29 6.69
CA TYR A 73 1.71 2.29 7.47
C TYR A 73 3.13 2.77 7.72
N HIS A 74 3.72 3.29 6.67
CA HIS A 74 5.02 3.93 6.74
C HIS A 74 4.98 5.14 7.71
N ALA A 75 3.97 6.00 7.55
CA ALA A 75 3.82 7.22 8.34
C ALA A 75 3.71 6.89 9.83
N LYS A 76 3.11 5.74 10.13
CA LYS A 76 2.94 5.31 11.51
C LYS A 76 4.29 5.11 12.19
N HIS A 77 5.23 4.47 11.50
CA HIS A 77 6.56 4.31 12.05
C HIS A 77 7.52 5.33 11.42
N CYS A 78 6.96 6.45 11.00
CA CYS A 78 7.76 7.55 10.46
C CYS A 78 7.76 8.69 11.45
N GLN A 79 8.85 9.44 11.50
CA GLN A 79 8.94 10.58 12.40
C GLN A 79 9.27 11.86 11.65
N GLU A 80 9.10 11.85 10.34
CA GLU A 80 9.43 13.01 9.51
C GLU A 80 8.15 13.71 9.05
N ASN A 81 8.02 14.97 9.41
CA ASN A 81 6.85 15.76 9.03
C ASN A 81 7.11 16.50 7.73
N LYS A 82 8.37 16.47 7.28
CA LYS A 82 8.73 16.96 5.96
C LYS A 82 9.25 15.79 5.16
N CYS A 83 8.51 14.71 5.24
CA CYS A 83 8.90 13.42 4.67
C CYS A 83 8.95 13.46 3.14
N PRO A 84 9.87 12.70 2.53
CA PRO A 84 9.90 12.50 1.08
C PRO A 84 8.75 11.62 0.58
N VAL A 85 8.25 10.75 1.47
CA VAL A 85 7.15 9.86 1.12
C VAL A 85 5.87 10.64 0.85
N PRO A 86 5.28 10.41 -0.33
CA PRO A 86 4.20 11.27 -0.87
C PRO A 86 2.99 11.38 0.05
N PHE A 87 2.29 10.26 0.19
CA PHE A 87 1.05 10.23 0.94
C PHE A 87 1.30 10.28 2.44
N CYS A 88 2.57 10.26 2.85
CA CYS A 88 2.91 10.39 4.27
C CYS A 88 2.64 11.81 4.74
N LEU A 89 3.02 12.77 3.91
CA LEU A 89 2.68 14.16 4.15
C LEU A 89 1.17 14.34 4.16
N ASN A 90 0.55 13.80 3.13
CA ASN A 90 -0.92 13.76 3.02
C ASN A 90 -1.53 13.05 4.25
N ILE A 91 -0.82 12.07 4.78
CA ILE A 91 -1.27 11.35 5.97
C ILE A 91 -1.30 12.29 7.18
N LYS A 92 -0.25 13.07 7.36
CA LYS A 92 -0.21 14.02 8.47
C LYS A 92 -1.19 15.17 8.26
N GLN A 93 -1.27 15.69 7.05
CA GLN A 93 -2.12 16.83 6.76
C GLN A 93 -3.59 16.43 6.60
N LYS A 94 -3.84 15.21 6.17
CA LYS A 94 -5.20 14.77 5.90
C LYS A 94 -5.56 13.50 6.68
N GLY A 95 -4.77 12.45 6.48
CA GLY A 95 -5.10 11.16 7.05
C GLY A 95 -4.74 11.01 8.51
N SER A 96 -5.30 11.87 9.34
CA SER A 96 -5.05 11.82 10.78
C SER A 96 -5.77 10.64 11.40
N GLY A 97 -5.01 9.77 12.06
CA GLY A 97 -5.59 8.59 12.67
C GLY A 97 -6.04 8.84 14.08
N GLY A 98 -5.36 9.74 14.77
CA GLY A 98 -5.72 10.06 16.13
C GLY A 98 -4.80 11.08 16.75
N SER A 99 -5.38 12.17 17.24
CA SER A 99 -4.61 13.20 17.92
C SER A 99 -4.70 13.02 19.43
N GLY A 100 -5.36 11.94 19.83
CA GLY A 100 -5.51 11.61 21.23
C GLY A 100 -5.86 10.16 21.42
N GLY A 101 -6.12 9.76 22.65
CA GLY A 101 -6.49 8.39 22.92
C GLY A 101 -7.90 8.09 22.46
N SER A 102 -8.88 8.53 23.24
CA SER A 102 -10.28 8.34 22.92
C SER A 102 -10.60 6.85 22.72
N GLY A 103 -10.24 6.05 23.70
CA GLY A 103 -10.45 4.62 23.61
C GLY A 103 -9.25 3.91 23.03
N GLY A 104 -9.33 2.59 22.94
CA GLY A 104 -8.23 1.80 22.43
C GLY A 104 -7.85 0.71 23.41
N SER A 105 -8.27 -0.51 23.12
CA SER A 105 -7.99 -1.64 23.98
C SER A 105 -7.32 -2.75 23.18
N GLY A 106 -6.00 -2.75 23.20
CA GLY A 106 -5.26 -3.74 22.44
C GLY A 106 -5.10 -3.36 20.99
N GLY A 107 -6.20 -3.42 20.25
CA GLY A 107 -6.16 -3.10 18.83
C GLY A 107 -5.72 -4.30 18.01
N SER A 108 -5.95 -5.48 18.54
CA SER A 108 -5.57 -6.71 17.89
C SER A 108 -6.80 -7.55 17.52
N GLY A 109 -7.23 -7.44 16.27
CA GLY A 109 -8.40 -8.15 15.82
C GLY A 109 -8.06 -9.49 15.18
N GLY A 110 -6.89 -10.01 15.49
CA GLY A 110 -6.50 -11.30 14.98
C GLY A 110 -6.00 -11.22 13.55
N SER A 111 -5.97 -12.36 12.88
CA SER A 111 -5.49 -12.41 11.50
C SER A 111 -6.61 -12.02 10.53
N SER A 112 -7.29 -10.93 10.84
CA SER A 112 -8.36 -10.42 9.99
C SER A 112 -7.83 -9.31 9.11
N GLN A 113 -6.52 -9.32 8.89
CA GLN A 113 -5.83 -8.26 8.16
C GLN A 113 -6.05 -8.41 6.65
N LYS A 114 -7.31 -8.31 6.25
CA LYS A 114 -7.72 -8.45 4.86
C LYS A 114 -9.21 -8.14 4.72
N VAL A 115 -10.01 -8.81 5.53
CA VAL A 115 -11.47 -8.64 5.54
C VAL A 115 -11.87 -7.36 6.25
N PHE A 116 -11.06 -6.99 7.25
CA PHE A 116 -11.33 -5.86 8.11
C PHE A 116 -11.50 -4.57 7.31
N VAL A 117 -12.12 -3.58 7.94
CA VAL A 117 -12.29 -2.26 7.33
C VAL A 117 -10.94 -1.73 6.86
N SER A 118 -10.85 -1.43 5.57
CA SER A 118 -9.61 -1.01 4.94
C SER A 118 -9.31 0.45 5.26
N LYS A 119 -9.24 0.77 6.55
CA LYS A 119 -8.93 2.13 7.00
C LYS A 119 -7.57 2.57 6.44
N VAL A 120 -6.63 1.65 6.40
CA VAL A 120 -5.32 1.93 5.82
C VAL A 120 -5.10 1.05 4.60
N GLU A 121 -4.85 -0.23 4.86
CA GLU A 121 -4.58 -1.21 3.81
C GLU A 121 -5.83 -1.47 2.96
N ALA A 122 -5.94 -0.77 1.83
CA ALA A 122 -7.09 -0.94 0.94
C ALA A 122 -6.90 -2.13 0.01
N VAL A 123 -6.11 -1.94 -1.04
CA VAL A 123 -5.82 -2.99 -1.99
C VAL A 123 -4.32 -3.17 -2.17
N ILE A 124 -3.60 -3.27 -1.05
CA ILE A 124 -2.15 -3.44 -1.06
C ILE A 124 -1.72 -4.63 -1.92
N HIS A 125 -2.39 -5.77 -1.72
CA HIS A 125 -2.16 -6.95 -2.55
C HIS A 125 -0.68 -7.32 -2.60
N PRO A 126 -0.15 -7.91 -1.51
CA PRO A 126 1.26 -8.31 -1.35
C PRO A 126 2.00 -8.79 -2.59
N GLN A 127 1.30 -9.32 -3.59
CA GLN A 127 1.95 -9.64 -4.86
C GLN A 127 2.68 -8.41 -5.42
N PHE A 128 2.07 -7.25 -5.30
CA PHE A 128 2.69 -6.00 -5.73
C PHE A 128 3.92 -5.70 -4.87
N LEU A 129 3.78 -5.89 -3.56
CA LEU A 129 4.88 -5.70 -2.62
C LEU A 129 6.01 -6.65 -2.99
N ALA A 130 5.63 -7.90 -3.23
CA ALA A 130 6.56 -8.95 -3.61
C ALA A 130 7.32 -8.57 -4.87
N ASP A 131 6.63 -7.93 -5.80
CA ASP A 131 7.23 -7.52 -7.07
C ASP A 131 8.34 -6.51 -6.84
N LEU A 132 8.11 -5.59 -5.92
CA LEU A 132 9.10 -4.56 -5.61
C LEU A 132 10.30 -5.17 -4.90
N LEU A 133 10.07 -6.34 -4.32
CA LEU A 133 11.12 -7.07 -3.62
C LEU A 133 11.73 -8.12 -4.53
N SER A 134 11.25 -8.19 -5.76
CA SER A 134 11.72 -9.16 -6.72
C SER A 134 12.71 -8.54 -7.70
N PRO A 135 13.89 -9.16 -7.87
CA PRO A 135 14.91 -8.72 -8.83
C PRO A 135 14.45 -8.79 -10.28
N GLU A 136 13.33 -9.47 -10.51
CA GLU A 136 12.69 -9.52 -11.83
C GLU A 136 12.59 -8.14 -12.44
N LYS A 137 13.39 -7.89 -13.46
CA LYS A 137 13.52 -6.55 -14.01
C LYS A 137 12.37 -6.23 -14.98
N GLN A 138 11.83 -7.26 -15.62
CA GLN A 138 10.71 -7.09 -16.55
C GLN A 138 9.39 -7.18 -15.79
N ARG A 139 9.43 -6.75 -14.54
CA ARG A 139 8.30 -6.88 -13.63
C ARG A 139 7.97 -5.55 -13.00
N ASP A 140 6.92 -4.95 -13.50
CA ASP A 140 6.45 -3.66 -13.03
C ASP A 140 5.28 -3.84 -12.06
N PRO A 141 5.32 -3.11 -10.91
CA PRO A 141 4.22 -3.10 -9.93
C PRO A 141 2.91 -2.65 -10.55
N LEU A 142 2.99 -1.78 -11.54
CA LEU A 142 1.80 -1.21 -12.17
C LEU A 142 1.13 -2.21 -13.10
N ALA A 143 1.91 -3.18 -13.58
CA ALA A 143 1.36 -4.25 -14.41
C ALA A 143 0.46 -5.14 -13.56
N LEU A 144 1.03 -5.63 -12.45
CA LEU A 144 0.27 -6.33 -11.43
C LEU A 144 -0.94 -5.52 -11.04
N ILE A 145 -0.76 -4.23 -10.93
CA ILE A 145 -1.80 -3.32 -10.48
C ILE A 145 -3.07 -3.43 -11.30
N GLU A 146 -2.95 -3.44 -12.61
CA GLU A 146 -4.13 -3.57 -13.45
C GLU A 146 -4.74 -4.95 -13.25
N GLU A 147 -3.90 -5.92 -12.98
CA GLU A 147 -4.35 -7.25 -12.61
C GLU A 147 -5.08 -7.22 -11.27
N LEU A 148 -4.62 -6.36 -10.37
CA LEU A 148 -5.19 -6.26 -9.04
C LEU A 148 -6.57 -5.62 -9.09
N GLU A 149 -6.72 -4.60 -9.93
CA GLU A 149 -8.01 -3.98 -10.12
C GLU A 149 -9.01 -4.96 -10.72
N GLN A 150 -8.49 -5.97 -11.41
CA GLN A 150 -9.32 -7.08 -11.87
C GLN A 150 -9.77 -7.96 -10.70
N GLU A 151 -8.93 -8.06 -9.67
CA GLU A 151 -9.27 -8.92 -8.51
C GLU A 151 -9.93 -8.14 -7.37
N GLU A 152 -10.05 -6.82 -7.51
CA GLU A 152 -10.54 -5.99 -6.41
C GLU A 152 -11.88 -6.47 -5.85
N GLY A 153 -12.78 -6.91 -6.72
CA GLY A 153 -14.06 -7.38 -6.27
C GLY A 153 -14.11 -8.88 -6.25
N LEU A 154 -14.53 -9.43 -7.37
CA LEU A 154 -14.77 -10.87 -7.57
C LEU A 154 -15.33 -11.58 -6.32
N THR A 155 -15.25 -12.92 -6.30
CA THR A 155 -15.80 -13.78 -5.24
C THR A 155 -17.30 -13.59 -5.01
N LEU A 156 -17.99 -14.72 -4.85
CA LEU A 156 -19.46 -14.78 -4.83
C LEU A 156 -20.01 -14.43 -6.21
N ALA A 157 -19.45 -13.39 -6.80
CA ALA A 157 -19.63 -13.05 -8.18
C ALA A 157 -18.98 -14.11 -9.06
N GLN A 158 -17.96 -14.75 -8.51
CA GLN A 158 -17.22 -15.78 -9.21
C GLN A 158 -18.11 -16.98 -9.50
N LEU A 159 -18.32 -17.22 -10.78
CA LEU A 159 -19.12 -18.35 -11.25
C LEU A 159 -20.53 -18.26 -10.63
N VAL A 160 -21.20 -17.16 -10.89
CA VAL A 160 -22.56 -16.97 -10.39
C VAL A 160 -23.56 -17.31 -11.48
N GLN A 161 -23.11 -17.20 -12.72
CA GLN A 161 -23.90 -17.57 -13.88
C GLN A 161 -23.13 -18.58 -14.72
N LYS A 162 -23.85 -19.48 -15.36
CA LYS A 162 -23.22 -20.48 -16.20
C LYS A 162 -23.17 -19.97 -17.64
N ARG A 163 -23.73 -18.79 -17.84
CA ARG A 163 -23.72 -18.14 -19.14
C ARG A 163 -23.10 -16.76 -19.01
N SER A 1 3.03 -32.58 16.66
CA SER A 1 4.35 -32.24 17.24
C SER A 1 4.45 -30.74 17.49
N GLY A 2 4.29 -29.95 16.42
CA GLY A 2 4.38 -28.51 16.53
C GLY A 2 4.34 -27.85 15.19
N GLY A 3 4.64 -26.57 15.14
CA GLY A 3 4.62 -25.84 13.89
C GLY A 3 3.93 -24.50 14.03
N ARG A 4 3.53 -23.93 12.89
CA ARG A 4 2.89 -22.61 12.86
C ARG A 4 3.82 -21.56 13.47
N ALA A 5 5.03 -21.51 12.95
CA ALA A 5 6.04 -20.57 13.40
C ALA A 5 6.52 -19.71 12.24
N THR A 6 7.56 -18.92 12.48
CA THR A 6 8.13 -18.00 11.47
C THR A 6 7.03 -17.02 10.98
N GLN A 7 7.34 -16.24 9.94
CA GLN A 7 6.38 -15.29 9.36
C GLN A 7 5.02 -15.95 9.10
N SER A 8 4.04 -15.61 9.93
CA SER A 8 2.69 -16.07 9.75
C SER A 8 2.00 -15.25 8.65
N PRO A 9 0.86 -15.73 8.11
CA PRO A 9 0.18 -15.08 6.98
C PRO A 9 -0.04 -13.58 7.18
N GLY A 10 -0.64 -13.19 8.30
CA GLY A 10 -0.92 -11.79 8.54
C GLY A 10 0.34 -10.97 8.71
N ASP A 11 1.24 -11.48 9.53
CA ASP A 11 2.51 -10.82 9.81
C ASP A 11 3.33 -10.66 8.54
N SER A 12 3.41 -11.71 7.74
CA SER A 12 4.17 -11.69 6.50
C SER A 12 3.59 -10.66 5.54
N ARG A 13 2.25 -10.58 5.49
CA ARG A 13 1.59 -9.58 4.65
C ARG A 13 1.98 -8.18 5.11
N ARG A 14 1.86 -7.93 6.41
CA ARG A 14 2.22 -6.64 6.98
C ARG A 14 3.69 -6.34 6.76
N LEU A 15 4.51 -7.38 6.88
CA LEU A 15 5.93 -7.25 6.68
C LEU A 15 6.27 -6.98 5.23
N SER A 16 5.49 -7.56 4.32
CA SER A 16 5.70 -7.30 2.91
C SER A 16 5.25 -5.88 2.59
N ILE A 17 4.29 -5.41 3.35
CA ILE A 17 3.86 -4.02 3.32
C ILE A 17 4.99 -3.14 3.80
N GLN A 18 5.56 -3.50 4.94
CA GLN A 18 6.68 -2.76 5.50
C GLN A 18 7.89 -2.84 4.57
N ARG A 19 8.02 -3.95 3.86
CA ARG A 19 9.09 -4.13 2.89
C ARG A 19 8.93 -3.19 1.71
N ALA A 20 7.71 -3.15 1.17
CA ALA A 20 7.40 -2.23 0.09
C ALA A 20 7.42 -0.80 0.60
N ILE A 21 7.18 -0.65 1.89
CA ILE A 21 7.28 0.63 2.56
C ILE A 21 8.73 1.09 2.62
N GLN A 22 9.63 0.17 2.94
CA GLN A 22 11.05 0.45 2.91
C GLN A 22 11.44 0.89 1.50
N SER A 23 10.80 0.26 0.52
CA SER A 23 10.93 0.66 -0.86
C SER A 23 10.43 2.10 -1.00
N LEU A 24 9.16 2.31 -0.60
CA LEU A 24 8.50 3.61 -0.68
C LEU A 24 9.40 4.75 -0.25
N VAL A 25 9.85 4.71 1.00
CA VAL A 25 10.71 5.77 1.54
C VAL A 25 11.91 5.99 0.64
N HIS A 26 12.51 4.90 0.21
CA HIS A 26 13.70 4.98 -0.58
C HIS A 26 13.43 5.60 -1.95
N ALA A 27 12.45 5.08 -2.70
CA ALA A 27 12.17 5.61 -4.04
C ALA A 27 11.71 7.06 -3.93
N ALA A 28 11.20 7.41 -2.76
CA ALA A 28 10.75 8.76 -2.49
C ALA A 28 11.92 9.73 -2.48
N GLN A 29 13.07 9.23 -2.03
CA GLN A 29 14.29 10.03 -2.02
C GLN A 29 15.43 9.37 -2.80
N CYS A 30 15.07 8.48 -3.72
CA CYS A 30 16.05 7.79 -4.56
C CYS A 30 16.42 8.68 -5.75
N ARG A 31 17.40 9.52 -5.55
CA ARG A 31 17.90 10.41 -6.59
C ARG A 31 19.36 10.09 -6.87
N ASN A 32 19.76 8.89 -6.45
CA ASN A 32 21.14 8.43 -6.61
C ASN A 32 21.36 7.92 -8.03
N ALA A 33 22.39 8.46 -8.66
CA ALA A 33 22.74 8.07 -10.02
C ALA A 33 23.30 6.66 -10.06
N ASN A 34 24.00 6.29 -8.99
CA ASN A 34 24.60 4.97 -8.89
C ASN A 34 23.55 3.91 -8.59
N CYS A 35 22.35 4.35 -8.25
CA CYS A 35 21.24 3.44 -8.03
C CYS A 35 20.72 2.92 -9.36
N SER A 36 20.95 1.65 -9.62
CA SER A 36 20.43 0.99 -10.80
C SER A 36 19.72 -0.29 -10.35
N LEU A 37 18.88 -0.12 -9.34
CA LEU A 37 18.24 -1.25 -8.68
C LEU A 37 16.87 -1.54 -9.25
N PRO A 38 16.37 -2.78 -9.06
CA PRO A 38 15.06 -3.16 -9.53
C PRO A 38 13.96 -2.46 -8.73
N SER A 39 14.00 -2.63 -7.41
CA SER A 39 13.01 -2.03 -6.52
C SER A 39 13.01 -0.50 -6.67
N CYS A 40 14.15 0.06 -7.06
CA CYS A 40 14.26 1.50 -7.23
C CYS A 40 13.51 1.95 -8.47
N GLN A 41 13.75 1.26 -9.59
CA GLN A 41 13.13 1.61 -10.87
C GLN A 41 11.64 1.30 -10.83
N LYS A 42 11.31 0.12 -10.33
CA LYS A 42 9.92 -0.32 -10.23
C LYS A 42 9.10 0.68 -9.44
N MET A 43 9.63 1.08 -8.29
CA MET A 43 8.91 1.97 -7.44
C MET A 43 8.99 3.41 -7.93
N LYS A 44 10.04 3.77 -8.66
CA LYS A 44 10.05 5.10 -9.27
C LYS A 44 8.87 5.21 -10.21
N ARG A 45 8.58 4.11 -10.88
CA ARG A 45 7.40 4.00 -11.74
C ARG A 45 6.12 4.11 -10.90
N VAL A 46 6.06 3.36 -9.80
CA VAL A 46 4.88 3.33 -8.94
C VAL A 46 4.68 4.66 -8.19
N VAL A 47 5.78 5.30 -7.77
CA VAL A 47 5.70 6.58 -7.08
C VAL A 47 5.34 7.70 -8.05
N GLN A 48 6.05 7.76 -9.17
CA GLN A 48 5.77 8.78 -10.19
C GLN A 48 4.36 8.58 -10.72
N HIS A 49 3.91 7.34 -10.70
CA HIS A 49 2.52 7.04 -10.98
C HIS A 49 1.62 7.85 -10.04
N THR A 50 1.86 7.72 -8.73
CA THR A 50 0.95 8.26 -7.70
C THR A 50 0.63 9.71 -7.97
N LYS A 51 1.63 10.45 -8.43
CA LYS A 51 1.51 11.88 -8.57
C LYS A 51 0.79 12.26 -9.85
N GLY A 52 0.99 11.48 -10.90
CA GLY A 52 0.34 11.77 -12.17
C GLY A 52 -1.06 11.19 -12.24
N CYS A 53 -1.47 10.57 -11.16
CA CYS A 53 -2.78 9.93 -11.09
C CYS A 53 -3.84 10.96 -10.66
N LYS A 54 -4.90 11.08 -11.45
CA LYS A 54 -5.90 12.13 -11.24
C LYS A 54 -6.93 11.73 -10.20
N ARG A 55 -7.47 10.52 -10.32
CA ARG A 55 -8.42 9.98 -9.35
C ARG A 55 -7.74 9.62 -8.01
N LYS A 56 -6.50 10.08 -7.88
CA LYS A 56 -5.52 9.67 -6.86
C LYS A 56 -6.09 9.06 -5.56
N THR A 57 -6.93 9.77 -4.83
CA THR A 57 -7.40 9.27 -3.56
C THR A 57 -8.88 8.90 -3.55
N ASN A 58 -9.56 9.08 -4.67
CA ASN A 58 -11.02 8.82 -4.73
C ASN A 58 -11.34 7.34 -4.50
N GLY A 59 -10.42 6.44 -4.84
CA GLY A 59 -10.58 5.04 -4.47
C GLY A 59 -10.65 4.06 -5.64
N GLY A 60 -10.68 4.55 -6.87
CA GLY A 60 -10.74 3.66 -8.02
C GLY A 60 -9.44 2.90 -8.25
N CYS A 61 -8.35 3.64 -8.49
CA CYS A 61 -7.04 3.02 -8.76
C CYS A 61 -6.49 2.29 -7.53
N PRO A 62 -5.98 1.06 -7.74
CA PRO A 62 -5.40 0.22 -6.68
C PRO A 62 -4.08 0.78 -6.14
N ILE A 63 -3.20 1.26 -7.05
CA ILE A 63 -1.88 1.77 -6.66
C ILE A 63 -2.00 2.75 -5.52
N CYS A 64 -2.69 3.81 -5.81
CA CYS A 64 -2.76 4.93 -4.91
C CYS A 64 -3.47 4.62 -3.61
N LYS A 65 -4.33 3.60 -3.59
CA LYS A 65 -4.88 3.13 -2.33
C LYS A 65 -3.83 2.39 -1.54
N GLN A 66 -3.21 1.41 -2.18
CA GLN A 66 -2.16 0.62 -1.53
C GLN A 66 -0.94 1.51 -1.23
N LEU A 67 -0.80 2.59 -1.98
CA LEU A 67 0.29 3.52 -1.78
C LEU A 67 -0.01 4.47 -0.63
N ILE A 68 -1.27 4.86 -0.46
CA ILE A 68 -1.65 5.62 0.73
C ILE A 68 -1.73 4.69 1.91
N ALA A 69 -1.82 3.39 1.62
CA ALA A 69 -1.76 2.37 2.66
C ALA A 69 -0.32 2.16 3.11
N LEU A 70 0.59 1.98 2.14
CA LEU A 70 2.01 1.91 2.44
C LEU A 70 2.44 3.17 3.14
N ALA A 71 2.14 4.31 2.54
CA ALA A 71 2.51 5.61 3.11
C ALA A 71 1.92 5.80 4.50
N ALA A 72 0.75 5.23 4.76
CA ALA A 72 0.11 5.32 6.08
C ALA A 72 0.79 4.41 7.08
N TYR A 73 0.91 3.13 6.74
CA TYR A 73 1.65 2.17 7.55
C TYR A 73 3.06 2.71 7.80
N HIS A 74 3.64 3.26 6.75
CA HIS A 74 4.92 3.92 6.82
C HIS A 74 4.84 5.15 7.73
N ALA A 75 3.79 5.96 7.57
CA ALA A 75 3.63 7.19 8.35
C ALA A 75 3.53 6.89 9.84
N LYS A 76 3.01 5.71 10.16
CA LYS A 76 2.97 5.25 11.55
C LYS A 76 4.39 5.03 12.07
N HIS A 77 5.24 4.49 11.20
CA HIS A 77 6.64 4.24 11.53
C HIS A 77 7.50 5.41 11.06
N CYS A 78 6.89 6.59 11.02
CA CYS A 78 7.55 7.78 10.53
C CYS A 78 7.30 8.94 11.48
N GLN A 79 8.28 9.81 11.65
CA GLN A 79 8.12 10.98 12.49
C GLN A 79 8.38 12.27 11.72
N GLU A 80 8.42 12.18 10.40
CA GLU A 80 8.78 13.33 9.58
C GLU A 80 7.54 13.98 8.99
N ASN A 81 7.38 15.27 9.28
CA ASN A 81 6.26 16.04 8.74
C ASN A 81 6.64 16.67 7.42
N LYS A 82 7.93 16.61 7.09
CA LYS A 82 8.42 16.98 5.76
C LYS A 82 9.01 15.75 5.09
N CYS A 83 8.26 14.68 5.17
CA CYS A 83 8.69 13.38 4.67
C CYS A 83 8.86 13.38 3.14
N PRO A 84 9.79 12.56 2.63
CA PRO A 84 9.93 12.33 1.18
C PRO A 84 8.80 11.47 0.61
N VAL A 85 8.22 10.63 1.46
CA VAL A 85 7.13 9.74 1.05
C VAL A 85 5.88 10.53 0.66
N PRO A 86 5.46 10.40 -0.60
CA PRO A 86 4.44 11.28 -1.18
C PRO A 86 3.15 11.33 -0.36
N PHE A 87 2.56 10.17 -0.15
CA PHE A 87 1.27 10.07 0.51
C PHE A 87 1.40 10.18 2.02
N CYS A 88 2.62 10.22 2.54
CA CYS A 88 2.84 10.37 3.98
C CYS A 88 2.52 11.79 4.39
N LEU A 89 2.94 12.75 3.57
CA LEU A 89 2.51 14.14 3.73
C LEU A 89 0.99 14.21 3.64
N ASN A 90 0.47 13.61 2.59
CA ASN A 90 -0.97 13.44 2.40
C ASN A 90 -1.62 12.77 3.61
N ILE A 91 -0.90 11.89 4.27
CA ILE A 91 -1.40 11.18 5.43
C ILE A 91 -1.55 12.14 6.62
N LYS A 92 -0.51 12.91 6.90
CA LYS A 92 -0.56 13.87 8.01
C LYS A 92 -1.53 15.00 7.76
N GLN A 93 -1.67 15.40 6.51
CA GLN A 93 -2.50 16.54 6.17
C GLN A 93 -3.92 16.11 5.84
N LYS A 94 -4.07 14.91 5.31
CA LYS A 94 -5.36 14.47 4.78
C LYS A 94 -5.82 13.13 5.39
N GLY A 95 -5.00 12.10 5.25
CA GLY A 95 -5.44 10.78 5.61
C GLY A 95 -4.79 10.24 6.87
N SER A 96 -5.08 10.88 8.00
CA SER A 96 -4.56 10.42 9.28
C SER A 96 -5.44 9.30 9.81
N GLY A 97 -5.32 8.13 9.21
CA GLY A 97 -6.15 7.00 9.58
C GLY A 97 -5.91 6.53 11.00
N GLY A 98 -6.86 6.86 11.87
CA GLY A 98 -6.78 6.43 13.25
C GLY A 98 -8.12 6.49 13.93
N SER A 99 -8.69 7.68 13.99
CA SER A 99 -9.99 7.88 14.63
C SER A 99 -11.12 7.64 13.62
N GLY A 100 -11.20 6.42 13.11
CA GLY A 100 -12.22 6.06 12.15
C GLY A 100 -11.91 4.74 11.48
N GLY A 101 -12.84 4.27 10.67
CA GLY A 101 -12.64 3.01 9.97
C GLY A 101 -13.86 2.61 9.16
N SER A 102 -14.95 2.34 9.85
CA SER A 102 -16.19 1.93 9.19
C SER A 102 -16.91 3.12 8.56
N GLY A 103 -16.24 3.77 7.62
CA GLY A 103 -16.82 4.91 6.94
C GLY A 103 -15.94 5.39 5.81
N GLY A 104 -16.40 6.39 5.08
CA GLY A 104 -15.62 6.93 3.99
C GLY A 104 -16.05 6.39 2.65
N SER A 105 -16.12 5.07 2.56
CA SER A 105 -16.55 4.39 1.34
C SER A 105 -18.05 4.51 1.14
N GLY A 106 -18.77 4.72 2.24
CA GLY A 106 -20.21 4.89 2.17
C GLY A 106 -20.78 5.14 3.55
N GLY A 107 -22.03 5.59 3.59
CA GLY A 107 -22.68 5.84 4.87
C GLY A 107 -22.86 4.56 5.66
N SER A 108 -23.46 3.57 5.02
CA SER A 108 -23.67 2.27 5.63
C SER A 108 -22.47 1.36 5.39
N GLY A 109 -21.60 1.79 4.49
CA GLY A 109 -20.42 1.03 4.17
C GLY A 109 -20.25 0.84 2.68
N GLY A 110 -21.11 0.02 2.09
CA GLY A 110 -21.04 -0.22 0.67
C GLY A 110 -20.61 -1.62 0.34
N SER A 111 -21.59 -2.53 0.26
CA SER A 111 -21.34 -3.93 -0.06
C SER A 111 -20.52 -4.61 1.04
N SER A 112 -19.19 -4.53 0.93
CA SER A 112 -18.30 -5.08 1.93
C SER A 112 -17.16 -4.10 2.21
N GLN A 113 -17.34 -2.88 1.72
CA GLN A 113 -16.34 -1.83 1.90
C GLN A 113 -16.61 -1.14 3.24
N LYS A 114 -16.46 -1.93 4.30
CA LYS A 114 -16.74 -1.48 5.66
C LYS A 114 -16.15 -2.47 6.66
N VAL A 115 -16.53 -3.74 6.51
CA VAL A 115 -16.04 -4.81 7.37
C VAL A 115 -14.56 -5.09 7.13
N PHE A 116 -14.15 -4.92 5.88
CA PHE A 116 -12.78 -5.15 5.47
C PHE A 116 -11.84 -4.14 6.14
N VAL A 117 -10.54 -4.26 5.88
CA VAL A 117 -9.57 -3.33 6.43
C VAL A 117 -9.82 -1.93 5.86
N SER A 118 -10.52 -1.11 6.61
CA SER A 118 -10.99 0.17 6.13
C SER A 118 -10.36 1.32 6.93
N LYS A 119 -9.06 1.25 7.12
CA LYS A 119 -8.36 2.31 7.82
C LYS A 119 -7.04 2.62 7.11
N VAL A 120 -6.18 1.62 6.95
CA VAL A 120 -4.91 1.82 6.27
C VAL A 120 -4.83 0.96 5.01
N GLU A 121 -4.75 -0.34 5.22
CA GLU A 121 -4.49 -1.30 4.15
C GLU A 121 -5.73 -1.52 3.27
N ALA A 122 -5.83 -0.77 2.18
CA ALA A 122 -6.98 -0.87 1.28
C ALA A 122 -6.86 -2.08 0.36
N VAL A 123 -6.05 -1.94 -0.69
CA VAL A 123 -5.89 -2.99 -1.69
C VAL A 123 -4.41 -3.30 -1.93
N ILE A 124 -3.66 -3.34 -0.84
CA ILE A 124 -2.21 -3.53 -0.88
C ILE A 124 -1.78 -4.70 -1.77
N HIS A 125 -2.50 -5.81 -1.70
CA HIS A 125 -2.24 -6.98 -2.56
C HIS A 125 -0.75 -7.34 -2.58
N PRO A 126 -0.24 -7.96 -1.49
CA PRO A 126 1.16 -8.36 -1.30
C PRO A 126 1.93 -8.83 -2.55
N GLN A 127 1.25 -9.34 -3.56
CA GLN A 127 1.91 -9.65 -4.83
C GLN A 127 2.63 -8.43 -5.38
N PHE A 128 2.01 -7.25 -5.24
CA PHE A 128 2.63 -6.00 -5.67
C PHE A 128 3.85 -5.70 -4.78
N LEU A 129 3.67 -5.89 -3.47
CA LEU A 129 4.76 -5.72 -2.52
C LEU A 129 5.91 -6.64 -2.91
N ALA A 130 5.56 -7.89 -3.13
CA ALA A 130 6.50 -8.93 -3.52
C ALA A 130 7.21 -8.56 -4.82
N ASP A 131 6.46 -7.97 -5.75
CA ASP A 131 6.99 -7.61 -7.06
C ASP A 131 8.12 -6.61 -6.93
N LEU A 132 7.93 -5.64 -6.04
CA LEU A 132 8.94 -4.61 -5.80
C LEU A 132 10.19 -5.24 -5.20
N LEU A 133 9.98 -6.26 -4.38
CA LEU A 133 11.06 -6.94 -3.70
C LEU A 133 11.75 -7.95 -4.61
N SER A 134 11.04 -8.37 -5.65
CA SER A 134 11.55 -9.37 -6.59
C SER A 134 12.64 -8.78 -7.49
N PRO A 135 13.71 -9.55 -7.77
CA PRO A 135 14.74 -9.15 -8.73
C PRO A 135 14.22 -9.21 -10.17
N GLU A 136 12.98 -9.65 -10.32
CA GLU A 136 12.29 -9.67 -11.62
C GLU A 136 12.39 -8.29 -12.28
N LYS A 137 12.60 -8.27 -13.58
CA LYS A 137 12.74 -7.00 -14.31
C LYS A 137 11.55 -6.80 -15.25
N GLN A 138 11.03 -7.89 -15.80
CA GLN A 138 9.86 -7.83 -16.66
C GLN A 138 8.60 -7.90 -15.80
N ARG A 139 8.71 -7.30 -14.64
CA ARG A 139 7.69 -7.35 -13.62
C ARG A 139 7.52 -5.98 -13.03
N ASP A 140 6.42 -5.36 -13.38
CA ASP A 140 6.10 -4.03 -12.91
C ASP A 140 4.95 -4.05 -11.92
N PRO A 141 5.05 -3.27 -10.83
CA PRO A 141 3.96 -3.11 -9.85
C PRO A 141 2.70 -2.61 -10.52
N LEU A 142 2.89 -1.78 -11.54
CA LEU A 142 1.78 -1.16 -12.25
C LEU A 142 1.08 -2.17 -13.16
N ALA A 143 1.81 -3.21 -13.58
CA ALA A 143 1.23 -4.26 -14.41
C ALA A 143 0.33 -5.16 -13.56
N LEU A 144 0.87 -5.62 -12.43
CA LEU A 144 0.07 -6.30 -11.42
C LEU A 144 -1.16 -5.48 -11.10
N ILE A 145 -0.95 -4.19 -10.99
CA ILE A 145 -1.99 -3.25 -10.62
C ILE A 145 -3.21 -3.33 -11.53
N GLU A 146 -2.98 -3.40 -12.82
CA GLU A 146 -4.07 -3.56 -13.77
C GLU A 146 -4.84 -4.85 -13.43
N GLU A 147 -4.07 -5.90 -13.14
CA GLU A 147 -4.64 -7.15 -12.69
C GLU A 147 -5.43 -6.97 -11.38
N LEU A 148 -4.85 -6.22 -10.45
CA LEU A 148 -5.42 -6.07 -9.12
C LEU A 148 -6.77 -5.37 -9.19
N GLU A 149 -6.87 -4.34 -10.00
CA GLU A 149 -8.13 -3.61 -10.13
C GLU A 149 -9.20 -4.51 -10.72
N GLN A 150 -8.79 -5.48 -11.54
CA GLN A 150 -9.71 -6.47 -12.05
C GLN A 150 -10.16 -7.42 -10.95
N GLU A 151 -9.26 -7.76 -10.04
CA GLU A 151 -9.59 -8.68 -8.95
C GLU A 151 -10.33 -7.93 -7.84
N GLU A 152 -10.04 -6.66 -7.70
CA GLU A 152 -10.79 -5.81 -6.80
C GLU A 152 -12.14 -5.49 -7.43
N GLY A 153 -12.27 -5.92 -8.69
CA GLY A 153 -13.52 -5.79 -9.40
C GLY A 153 -14.38 -7.03 -9.26
N LEU A 154 -13.76 -8.16 -8.96
CA LEU A 154 -14.49 -9.39 -8.83
C LEU A 154 -15.06 -9.56 -7.42
N THR A 155 -14.21 -9.87 -6.48
CA THR A 155 -14.61 -9.96 -5.09
C THR A 155 -15.13 -8.63 -4.57
N LEU A 156 -15.92 -8.71 -3.48
CA LEU A 156 -16.60 -7.54 -2.90
C LEU A 156 -17.71 -7.04 -3.82
N ALA A 157 -17.66 -7.53 -5.06
CA ALA A 157 -18.67 -7.25 -6.06
C ALA A 157 -19.39 -8.54 -6.41
N GLN A 158 -18.71 -9.65 -6.13
CA GLN A 158 -19.18 -10.99 -6.42
C GLN A 158 -20.64 -11.23 -6.01
N LEU A 159 -21.53 -11.05 -6.97
CA LEU A 159 -22.96 -11.26 -6.78
C LEU A 159 -23.51 -10.39 -5.65
N VAL A 160 -22.93 -9.20 -5.48
CA VAL A 160 -23.48 -8.23 -4.54
C VAL A 160 -24.75 -7.61 -5.12
N GLN A 161 -24.79 -7.60 -6.44
CA GLN A 161 -25.97 -7.18 -7.17
C GLN A 161 -26.51 -8.38 -7.94
N LYS A 162 -27.82 -8.51 -7.96
CA LYS A 162 -28.45 -9.63 -8.62
C LYS A 162 -28.33 -9.48 -10.13
N ARG A 163 -27.61 -10.40 -10.76
CA ARG A 163 -27.30 -10.31 -12.17
C ARG A 163 -27.36 -11.70 -12.82
N SER A 1 0.73 -8.27 15.59
CA SER A 1 0.42 -7.13 16.47
C SER A 1 0.28 -7.60 17.92
N GLY A 2 1.23 -7.20 18.76
CA GLY A 2 1.19 -7.59 20.14
C GLY A 2 2.46 -8.30 20.57
N GLY A 3 2.38 -9.61 20.74
CA GLY A 3 3.52 -10.39 21.18
C GLY A 3 4.42 -10.80 20.03
N ARG A 4 5.61 -11.27 20.35
CA ARG A 4 6.56 -11.72 19.34
C ARG A 4 6.22 -13.14 18.89
N ALA A 5 5.14 -13.27 18.14
CA ALA A 5 4.71 -14.56 17.65
C ALA A 5 5.39 -14.89 16.33
N THR A 6 4.95 -15.96 15.69
CA THR A 6 5.51 -16.39 14.42
C THR A 6 4.94 -15.55 13.27
N GLN A 7 5.64 -15.54 12.14
CA GLN A 7 5.19 -14.80 10.97
C GLN A 7 3.97 -15.46 10.36
N SER A 8 2.81 -15.12 10.90
CA SER A 8 1.54 -15.61 10.40
C SER A 8 1.24 -15.00 9.02
N PRO A 9 0.18 -15.44 8.31
CA PRO A 9 -0.13 -14.89 7.01
C PRO A 9 -0.38 -13.39 7.09
N GLY A 10 -0.98 -12.99 8.19
CA GLY A 10 -1.27 -11.58 8.42
C GLY A 10 0.00 -10.77 8.58
N ASP A 11 0.82 -11.16 9.55
CA ASP A 11 2.08 -10.46 9.83
C ASP A 11 3.00 -10.48 8.61
N SER A 12 2.99 -11.60 7.90
CA SER A 12 3.82 -11.74 6.70
C SER A 12 3.36 -10.76 5.61
N ARG A 13 2.06 -10.60 5.45
CA ARG A 13 1.53 -9.66 4.47
C ARG A 13 1.87 -8.24 4.88
N ARG A 14 1.73 -7.95 6.17
CA ARG A 14 2.08 -6.62 6.70
C ARG A 14 3.58 -6.40 6.58
N LEU A 15 4.35 -7.46 6.76
CA LEU A 15 5.79 -7.38 6.64
C LEU A 15 6.19 -7.10 5.21
N SER A 16 5.43 -7.64 4.27
CA SER A 16 5.68 -7.37 2.86
C SER A 16 5.27 -5.94 2.54
N ILE A 17 4.25 -5.48 3.26
CA ILE A 17 3.83 -4.08 3.23
C ILE A 17 4.96 -3.21 3.75
N GLN A 18 5.52 -3.60 4.88
CA GLN A 18 6.64 -2.89 5.46
C GLN A 18 7.86 -2.95 4.55
N ARG A 19 7.98 -4.05 3.82
CA ARG A 19 9.06 -4.24 2.87
C ARG A 19 8.92 -3.26 1.71
N ALA A 20 7.72 -3.21 1.13
CA ALA A 20 7.43 -2.26 0.08
C ALA A 20 7.45 -0.85 0.62
N ILE A 21 7.15 -0.71 1.89
CA ILE A 21 7.24 0.57 2.58
C ILE A 21 8.69 1.04 2.68
N GLN A 22 9.59 0.11 2.96
CA GLN A 22 11.01 0.41 2.94
C GLN A 22 11.41 0.87 1.55
N SER A 23 10.83 0.22 0.55
CA SER A 23 10.98 0.65 -0.83
C SER A 23 10.46 2.09 -0.95
N LEU A 24 9.18 2.29 -0.56
CA LEU A 24 8.50 3.58 -0.63
C LEU A 24 9.40 4.73 -0.19
N VAL A 25 9.87 4.66 1.06
CA VAL A 25 10.74 5.70 1.60
C VAL A 25 11.92 5.96 0.65
N HIS A 26 12.54 4.88 0.24
CA HIS A 26 13.72 4.98 -0.57
C HIS A 26 13.43 5.58 -1.93
N ALA A 27 12.43 5.07 -2.65
CA ALA A 27 12.15 5.57 -3.98
C ALA A 27 11.65 6.98 -3.91
N ALA A 28 11.07 7.31 -2.76
CA ALA A 28 10.57 8.65 -2.51
C ALA A 28 11.71 9.63 -2.55
N GLN A 29 12.90 9.17 -2.16
CA GLN A 29 14.10 9.99 -2.23
C GLN A 29 15.20 9.35 -3.09
N CYS A 30 14.83 8.44 -3.98
CA CYS A 30 15.80 7.83 -4.88
C CYS A 30 15.99 8.74 -6.10
N ARG A 31 16.63 9.87 -5.88
CA ARG A 31 16.85 10.84 -6.93
C ARG A 31 18.20 10.63 -7.58
N ASN A 32 18.97 9.73 -6.99
CA ASN A 32 20.31 9.41 -7.47
C ASN A 32 20.24 8.68 -8.80
N ALA A 33 20.83 9.28 -9.81
CA ALA A 33 20.85 8.71 -11.16
C ALA A 33 21.68 7.44 -11.19
N ASN A 34 22.72 7.41 -10.35
CA ASN A 34 23.60 6.27 -10.26
C ASN A 34 22.95 5.11 -9.50
N CYS A 35 21.79 5.37 -8.93
CA CYS A 35 21.03 4.31 -8.29
C CYS A 35 20.06 3.72 -9.31
N SER A 36 20.43 2.58 -9.86
CA SER A 36 19.73 2.02 -11.00
C SER A 36 19.22 0.63 -10.67
N LEU A 37 18.74 0.49 -9.45
CA LEU A 37 18.28 -0.77 -8.93
C LEU A 37 16.89 -1.14 -9.45
N PRO A 38 16.49 -2.42 -9.32
CA PRO A 38 15.19 -2.87 -9.80
C PRO A 38 14.04 -2.23 -9.03
N SER A 39 13.96 -2.54 -7.73
CA SER A 39 12.94 -1.99 -6.84
C SER A 39 12.89 -0.47 -6.96
N CYS A 40 14.07 0.14 -7.11
CA CYS A 40 14.19 1.57 -7.26
C CYS A 40 13.38 2.05 -8.46
N GLN A 41 13.66 1.50 -9.64
CA GLN A 41 13.00 1.93 -10.87
C GLN A 41 11.54 1.50 -10.88
N LYS A 42 11.28 0.30 -10.37
CA LYS A 42 9.92 -0.23 -10.26
C LYS A 42 9.06 0.73 -9.46
N MET A 43 9.59 1.18 -8.34
CA MET A 43 8.87 2.07 -7.46
C MET A 43 8.93 3.50 -7.97
N LYS A 44 9.95 3.84 -8.75
CA LYS A 44 9.96 5.15 -9.44
C LYS A 44 8.64 5.29 -10.17
N ARG A 45 8.30 4.22 -10.88
CA ARG A 45 7.07 4.11 -11.63
C ARG A 45 5.85 4.23 -10.72
N VAL A 46 5.84 3.42 -9.66
CA VAL A 46 4.70 3.36 -8.75
C VAL A 46 4.51 4.68 -7.99
N VAL A 47 5.62 5.31 -7.59
CA VAL A 47 5.57 6.60 -6.92
C VAL A 47 5.08 7.68 -7.87
N GLN A 48 5.65 7.70 -9.06
CA GLN A 48 5.29 8.70 -10.06
C GLN A 48 3.85 8.53 -10.51
N HIS A 49 3.36 7.29 -10.45
CA HIS A 49 1.93 7.04 -10.64
C HIS A 49 1.15 7.91 -9.65
N THR A 50 1.49 7.80 -8.37
CA THR A 50 0.74 8.46 -7.31
C THR A 50 0.54 9.95 -7.61
N LYS A 51 1.53 10.54 -8.27
CA LYS A 51 1.52 11.97 -8.55
C LYS A 51 0.84 12.28 -9.88
N GLY A 52 1.04 11.45 -10.88
CA GLY A 52 0.53 11.73 -12.20
C GLY A 52 -0.86 11.17 -12.38
N CYS A 53 -1.42 10.71 -11.28
CA CYS A 53 -2.71 10.05 -11.29
C CYS A 53 -3.88 11.03 -11.18
N LYS A 54 -5.07 10.55 -11.55
CA LYS A 54 -6.32 11.32 -11.46
C LYS A 54 -7.39 10.54 -10.68
N ARG A 55 -7.49 9.24 -10.98
CA ARG A 55 -8.41 8.33 -10.26
C ARG A 55 -7.85 7.96 -8.88
N LYS A 56 -6.85 8.72 -8.44
CA LYS A 56 -6.09 8.45 -7.20
C LYS A 56 -6.97 7.97 -6.04
N THR A 57 -7.76 8.85 -5.47
CA THR A 57 -8.52 8.53 -4.28
C THR A 57 -9.99 8.25 -4.60
N ASN A 58 -10.36 8.43 -5.87
CA ASN A 58 -11.70 8.06 -6.33
C ASN A 58 -11.91 6.55 -6.15
N GLY A 59 -10.81 5.81 -6.11
CA GLY A 59 -10.88 4.40 -5.82
C GLY A 59 -10.74 3.51 -7.02
N GLY A 60 -10.24 4.08 -8.12
CA GLY A 60 -10.09 3.31 -9.34
C GLY A 60 -8.78 2.56 -9.37
N CYS A 61 -7.69 3.29 -9.20
CA CYS A 61 -6.37 2.70 -9.23
C CYS A 61 -6.05 2.04 -7.90
N PRO A 62 -5.59 0.79 -7.92
CA PRO A 62 -5.18 0.09 -6.71
C PRO A 62 -3.95 0.74 -6.08
N ILE A 63 -3.13 1.40 -6.91
CA ILE A 63 -1.88 2.00 -6.45
C ILE A 63 -2.11 3.01 -5.35
N CYS A 64 -2.78 4.08 -5.67
CA CYS A 64 -2.94 5.18 -4.75
C CYS A 64 -3.55 4.73 -3.43
N LYS A 65 -4.43 3.74 -3.47
CA LYS A 65 -5.02 3.21 -2.24
C LYS A 65 -4.01 2.37 -1.45
N GLN A 66 -3.29 1.51 -2.16
CA GLN A 66 -2.26 0.70 -1.50
C GLN A 66 -1.07 1.57 -1.12
N LEU A 67 -0.90 2.67 -1.82
CA LEU A 67 0.19 3.59 -1.58
C LEU A 67 -0.13 4.51 -0.41
N ILE A 68 -1.39 4.89 -0.25
CA ILE A 68 -1.80 5.60 0.95
C ILE A 68 -1.86 4.63 2.11
N ALA A 69 -1.92 3.35 1.77
CA ALA A 69 -1.81 2.31 2.78
C ALA A 69 -0.36 2.14 3.22
N LEU A 70 0.54 1.94 2.24
CA LEU A 70 1.96 1.89 2.53
C LEU A 70 2.41 3.16 3.24
N ALA A 71 2.13 4.30 2.63
CA ALA A 71 2.52 5.59 3.19
C ALA A 71 1.93 5.81 4.59
N ALA A 72 0.75 5.26 4.86
CA ALA A 72 0.13 5.38 6.18
C ALA A 72 0.82 4.47 7.18
N TYR A 73 0.91 3.19 6.82
CA TYR A 73 1.65 2.21 7.62
C TYR A 73 3.06 2.73 7.87
N HIS A 74 3.62 3.31 6.83
CA HIS A 74 4.92 3.95 6.87
C HIS A 74 4.90 5.20 7.76
N ALA A 75 3.88 6.06 7.58
CA ALA A 75 3.78 7.32 8.34
C ALA A 75 3.74 7.03 9.84
N LYS A 76 3.14 5.91 10.21
CA LYS A 76 3.13 5.48 11.61
C LYS A 76 4.57 5.24 12.09
N HIS A 77 5.34 4.57 11.26
CA HIS A 77 6.74 4.28 11.58
C HIS A 77 7.65 5.37 11.02
N CYS A 78 7.12 6.58 10.92
CA CYS A 78 7.86 7.70 10.37
C CYS A 78 7.78 8.90 11.30
N GLN A 79 8.91 9.58 11.48
CA GLN A 79 8.96 10.74 12.34
C GLN A 79 9.25 12.03 11.57
N GLU A 80 9.18 11.97 10.25
CA GLU A 80 9.47 13.15 9.43
C GLU A 80 8.19 13.79 8.90
N ASN A 81 8.06 15.09 9.14
CA ASN A 81 6.90 15.84 8.70
C ASN A 81 7.17 16.50 7.35
N LYS A 82 8.43 16.50 6.95
CA LYS A 82 8.81 16.95 5.62
C LYS A 82 9.32 15.75 4.82
N CYS A 83 8.67 14.63 5.06
CA CYS A 83 9.03 13.33 4.51
C CYS A 83 9.06 13.34 2.97
N PRO A 84 9.93 12.52 2.36
CA PRO A 84 9.95 12.31 0.91
C PRO A 84 8.79 11.44 0.43
N VAL A 85 8.23 10.63 1.34
CA VAL A 85 7.16 9.71 0.99
C VAL A 85 5.88 10.48 0.64
N PRO A 86 5.39 10.31 -0.60
CA PRO A 86 4.33 11.14 -1.16
C PRO A 86 3.11 11.24 -0.26
N PHE A 87 2.48 10.11 -0.02
CA PHE A 87 1.21 10.08 0.70
C PHE A 87 1.43 10.19 2.21
N CYS A 88 2.67 10.19 2.67
CA CYS A 88 2.96 10.34 4.09
C CYS A 88 2.67 11.78 4.51
N LEU A 89 3.11 12.72 3.69
CA LEU A 89 2.76 14.12 3.85
C LEU A 89 1.26 14.27 3.79
N ASN A 90 0.69 13.69 2.74
CA ASN A 90 -0.76 13.64 2.54
C ASN A 90 -1.46 12.97 3.74
N ILE A 91 -0.77 12.04 4.39
CA ILE A 91 -1.34 11.28 5.50
C ILE A 91 -1.52 12.17 6.74
N LYS A 92 -0.51 12.95 7.06
CA LYS A 92 -0.57 13.80 8.25
C LYS A 92 -1.20 15.15 7.96
N GLN A 93 -0.97 15.65 6.75
CA GLN A 93 -1.55 16.92 6.33
C GLN A 93 -3.01 16.78 5.90
N LYS A 94 -3.40 15.62 5.38
CA LYS A 94 -4.78 15.43 4.92
C LYS A 94 -5.42 14.23 5.63
N GLY A 95 -4.79 13.07 5.53
CA GLY A 95 -5.28 11.88 6.19
C GLY A 95 -6.34 11.16 5.39
N SER A 96 -7.20 10.43 6.09
CA SER A 96 -8.30 9.73 5.45
C SER A 96 -9.49 10.68 5.24
N GLY A 97 -9.35 11.90 5.76
CA GLY A 97 -10.39 12.91 5.60
C GLY A 97 -10.53 13.34 4.15
N GLY A 98 -11.47 12.72 3.45
CA GLY A 98 -11.64 12.97 2.04
C GLY A 98 -12.03 11.71 1.31
N SER A 99 -12.05 10.60 2.04
CA SER A 99 -12.50 9.33 1.50
C SER A 99 -13.98 9.38 1.17
N GLY A 100 -14.73 10.13 1.97
CA GLY A 100 -16.15 10.32 1.72
C GLY A 100 -17.04 9.69 2.78
N GLY A 101 -16.46 8.79 3.57
CA GLY A 101 -17.21 8.14 4.62
C GLY A 101 -18.33 7.27 4.07
N SER A 102 -18.13 6.77 2.86
CA SER A 102 -19.11 5.96 2.14
C SER A 102 -20.36 6.77 1.83
N GLY A 103 -20.21 8.10 1.85
CA GLY A 103 -21.32 8.97 1.56
C GLY A 103 -22.07 9.38 2.81
N GLY A 104 -21.33 9.93 3.78
CA GLY A 104 -21.95 10.40 5.01
C GLY A 104 -22.62 11.75 4.84
N SER A 105 -23.71 11.75 4.09
CA SER A 105 -24.42 12.98 3.78
C SER A 105 -25.60 13.19 4.73
N GLY A 106 -26.35 12.13 4.99
CA GLY A 106 -27.53 12.24 5.83
C GLY A 106 -27.91 10.92 6.45
N GLY A 107 -27.11 10.47 7.39
CA GLY A 107 -27.37 9.22 8.07
C GLY A 107 -26.17 8.31 8.04
N SER A 108 -25.38 8.44 6.98
CA SER A 108 -24.16 7.68 6.79
C SER A 108 -24.46 6.18 6.81
N GLY A 109 -25.37 5.77 5.94
CA GLY A 109 -25.69 4.36 5.82
C GLY A 109 -24.61 3.63 5.04
N GLY A 110 -24.27 4.20 3.89
CA GLY A 110 -23.21 3.64 3.08
C GLY A 110 -23.65 2.44 2.28
N SER A 111 -23.88 1.33 2.97
CA SER A 111 -24.21 0.05 2.35
C SER A 111 -23.07 -0.43 1.45
N SER A 112 -22.20 -1.25 2.04
CA SER A 112 -21.03 -1.85 1.37
C SER A 112 -20.00 -0.80 0.95
N GLN A 113 -18.79 -1.26 0.59
CA GLN A 113 -17.67 -0.36 0.28
C GLN A 113 -17.41 0.64 1.40
N LYS A 114 -17.34 0.13 2.64
CA LYS A 114 -17.06 0.95 3.82
C LYS A 114 -16.67 0.09 5.02
N VAL A 115 -17.55 -0.84 5.39
CA VAL A 115 -17.34 -1.74 6.52
C VAL A 115 -16.22 -2.72 6.23
N PHE A 116 -15.99 -2.95 4.95
CA PHE A 116 -15.00 -3.90 4.49
C PHE A 116 -13.58 -3.44 4.85
N VAL A 117 -12.58 -4.09 4.28
CA VAL A 117 -11.19 -3.70 4.51
C VAL A 117 -10.96 -2.28 4.00
N SER A 118 -11.12 -1.31 4.89
CA SER A 118 -11.05 0.10 4.52
C SER A 118 -10.49 0.94 5.66
N LYS A 119 -9.56 0.37 6.41
CA LYS A 119 -8.95 1.08 7.53
C LYS A 119 -7.64 1.76 7.09
N VAL A 120 -6.65 0.97 6.72
CA VAL A 120 -5.39 1.50 6.23
C VAL A 120 -5.06 0.84 4.92
N GLU A 121 -4.85 -0.47 5.01
CA GLU A 121 -4.54 -1.30 3.86
C GLU A 121 -5.79 -1.50 3.01
N ALA A 122 -5.97 -0.66 1.99
CA ALA A 122 -7.12 -0.78 1.11
C ALA A 122 -6.97 -1.95 0.16
N VAL A 123 -6.14 -1.79 -0.85
CA VAL A 123 -5.88 -2.83 -1.83
C VAL A 123 -4.39 -2.96 -2.11
N ILE A 124 -3.61 -3.21 -1.07
CA ILE A 124 -2.18 -3.42 -1.21
C ILE A 124 -1.88 -4.62 -2.13
N HIS A 125 -2.51 -5.75 -1.85
CA HIS A 125 -2.32 -6.96 -2.67
C HIS A 125 -0.84 -7.33 -2.70
N PRO A 126 -0.31 -7.91 -1.60
CA PRO A 126 1.10 -8.32 -1.41
C PRO A 126 1.86 -8.80 -2.65
N GLN A 127 1.18 -9.31 -3.66
CA GLN A 127 1.85 -9.61 -4.93
C GLN A 127 2.58 -8.37 -5.45
N PHE A 128 1.95 -7.20 -5.29
CA PHE A 128 2.58 -5.93 -5.64
C PHE A 128 3.82 -5.70 -4.79
N LEU A 129 3.69 -5.92 -3.49
CA LEU A 129 4.81 -5.81 -2.57
C LEU A 129 5.92 -6.74 -3.00
N ALA A 130 5.54 -7.98 -3.25
CA ALA A 130 6.46 -9.03 -3.67
C ALA A 130 7.16 -8.66 -4.98
N ASP A 131 6.44 -7.95 -5.84
CA ASP A 131 6.98 -7.54 -7.13
C ASP A 131 8.10 -6.51 -6.94
N LEU A 132 7.92 -5.59 -6.00
CA LEU A 132 8.93 -4.59 -5.72
C LEU A 132 10.15 -5.25 -5.10
N LEU A 133 9.92 -6.35 -4.42
CA LEU A 133 10.98 -7.10 -3.77
C LEU A 133 11.56 -8.13 -4.74
N SER A 134 10.98 -8.17 -5.94
CA SER A 134 11.43 -9.08 -6.98
C SER A 134 12.58 -8.44 -7.76
N PRO A 135 13.76 -9.08 -7.75
CA PRO A 135 14.92 -8.61 -8.51
C PRO A 135 14.69 -8.66 -10.02
N GLU A 136 13.64 -9.36 -10.44
CA GLU A 136 13.31 -9.47 -11.85
C GLU A 136 12.76 -8.15 -12.36
N LYS A 137 13.56 -7.45 -13.17
CA LYS A 137 13.18 -6.13 -13.66
C LYS A 137 12.08 -6.22 -14.72
N GLN A 138 11.74 -7.43 -15.14
CA GLN A 138 10.63 -7.65 -16.07
C GLN A 138 9.30 -7.47 -15.34
N ARG A 139 9.33 -7.64 -14.02
CA ARG A 139 8.14 -7.48 -13.19
C ARG A 139 7.92 -6.02 -12.83
N ASP A 140 6.69 -5.53 -13.00
CA ASP A 140 6.33 -4.18 -12.63
C ASP A 140 5.10 -4.16 -11.73
N PRO A 141 5.14 -3.39 -10.62
CA PRO A 141 3.99 -3.19 -9.73
C PRO A 141 2.77 -2.68 -10.46
N LEU A 142 2.99 -1.73 -11.35
CA LEU A 142 1.92 -1.07 -12.07
C LEU A 142 1.22 -2.04 -13.03
N ALA A 143 1.96 -3.05 -13.49
CA ALA A 143 1.40 -4.09 -14.34
C ALA A 143 0.43 -4.95 -13.53
N LEU A 144 0.96 -5.51 -12.43
CA LEU A 144 0.14 -6.20 -11.45
C LEU A 144 -1.06 -5.37 -11.08
N ILE A 145 -0.82 -4.10 -10.88
CA ILE A 145 -1.82 -3.15 -10.46
C ILE A 145 -3.09 -3.18 -11.31
N GLU A 146 -2.92 -3.15 -12.62
CA GLU A 146 -4.06 -3.24 -13.50
C GLU A 146 -4.79 -4.56 -13.26
N GLU A 147 -3.99 -5.61 -13.07
CA GLU A 147 -4.52 -6.92 -12.70
C GLU A 147 -5.25 -6.88 -11.35
N LEU A 148 -4.71 -6.11 -10.41
CA LEU A 148 -5.25 -6.07 -9.06
C LEU A 148 -6.62 -5.42 -9.04
N GLU A 149 -6.81 -4.35 -9.81
CA GLU A 149 -8.12 -3.72 -9.91
C GLU A 149 -9.09 -4.67 -10.60
N GLN A 150 -8.55 -5.58 -11.40
CA GLN A 150 -9.36 -6.64 -12.01
C GLN A 150 -9.80 -7.67 -10.97
N GLU A 151 -9.03 -7.80 -9.89
CA GLU A 151 -9.41 -8.72 -8.81
C GLU A 151 -10.08 -7.95 -7.67
N GLU A 152 -10.11 -6.63 -7.80
CA GLU A 152 -10.61 -5.78 -6.74
C GLU A 152 -12.12 -5.94 -6.59
N GLY A 153 -12.74 -6.56 -7.59
CA GLY A 153 -14.16 -6.85 -7.53
C GLY A 153 -14.42 -8.28 -7.09
N LEU A 154 -13.38 -8.97 -6.65
CA LEU A 154 -13.51 -10.34 -6.21
C LEU A 154 -12.85 -10.54 -4.84
N THR A 155 -13.29 -11.57 -4.14
CA THR A 155 -12.85 -11.92 -2.78
C THR A 155 -13.04 -10.79 -1.77
N LEU A 156 -13.55 -11.18 -0.59
CA LEU A 156 -14.02 -10.24 0.45
C LEU A 156 -15.26 -9.50 -0.04
N ALA A 157 -15.26 -9.19 -1.33
CA ALA A 157 -16.43 -8.69 -2.03
C ALA A 157 -17.38 -9.84 -2.34
N GLN A 158 -16.81 -11.04 -2.38
CA GLN A 158 -17.52 -12.27 -2.74
C GLN A 158 -18.87 -12.42 -2.04
N LEU A 159 -19.93 -12.07 -2.75
CA LEU A 159 -21.30 -12.21 -2.27
C LEU A 159 -21.51 -11.51 -0.93
N VAL A 160 -20.88 -10.35 -0.77
CA VAL A 160 -21.02 -9.58 0.45
C VAL A 160 -22.37 -8.85 0.48
N GLN A 161 -22.90 -8.58 -0.70
CA GLN A 161 -24.19 -7.91 -0.83
C GLN A 161 -25.32 -8.92 -0.85
N LYS A 162 -24.99 -10.13 -1.28
CA LYS A 162 -25.94 -11.23 -1.26
C LYS A 162 -25.85 -11.96 0.07
N ARG A 163 -26.72 -12.95 0.25
CA ARG A 163 -26.75 -13.71 1.50
C ARG A 163 -25.72 -14.83 1.48
N SER A 1 18.04 -7.24 15.97
CA SER A 1 19.22 -8.09 16.24
C SER A 1 18.83 -9.30 17.07
N GLY A 2 17.97 -9.09 18.05
CA GLY A 2 17.52 -10.19 18.89
C GLY A 2 16.11 -9.97 19.42
N GLY A 3 15.14 -10.06 18.52
CA GLY A 3 13.75 -9.91 18.92
C GLY A 3 13.10 -11.25 19.18
N ARG A 4 11.82 -11.23 19.53
CA ARG A 4 11.08 -12.45 19.80
C ARG A 4 9.75 -12.44 19.07
N ALA A 5 9.76 -11.90 17.86
CA ALA A 5 8.54 -11.78 17.07
C ALA A 5 8.43 -12.94 16.08
N THR A 6 7.20 -13.39 15.84
CA THR A 6 6.97 -14.50 14.94
C THR A 6 6.15 -14.04 13.73
N GLN A 7 6.59 -14.41 12.54
CA GLN A 7 5.95 -13.96 11.30
C GLN A 7 4.72 -14.79 10.99
N SER A 8 3.61 -14.45 11.61
CA SER A 8 2.31 -15.05 11.28
C SER A 8 1.90 -14.63 9.87
N PRO A 9 0.83 -15.24 9.29
CA PRO A 9 0.45 -14.92 7.90
C PRO A 9 0.06 -13.46 7.76
N GLY A 10 -0.60 -12.93 8.78
CA GLY A 10 -0.97 -11.52 8.78
C GLY A 10 0.25 -10.63 8.90
N ASP A 11 1.15 -10.99 9.81
CA ASP A 11 2.36 -10.23 10.06
C ASP A 11 3.25 -10.24 8.83
N SER A 12 3.32 -11.37 8.15
CA SER A 12 4.11 -11.50 6.93
C SER A 12 3.60 -10.52 5.87
N ARG A 13 2.29 -10.40 5.75
CA ARG A 13 1.69 -9.45 4.83
C ARG A 13 2.06 -8.03 5.23
N ARG A 14 1.99 -7.76 6.53
CA ARG A 14 2.36 -6.46 7.07
C ARG A 14 3.84 -6.18 6.86
N LEU A 15 4.63 -7.23 6.95
CA LEU A 15 6.06 -7.15 6.73
C LEU A 15 6.37 -6.92 5.27
N SER A 16 5.53 -7.45 4.40
CA SER A 16 5.69 -7.23 2.97
C SER A 16 5.25 -5.80 2.63
N ILE A 17 4.22 -5.34 3.34
CA ILE A 17 3.81 -3.95 3.31
C ILE A 17 4.97 -3.08 3.78
N GLN A 18 5.53 -3.42 4.92
CA GLN A 18 6.64 -2.67 5.48
C GLN A 18 7.88 -2.75 4.60
N ARG A 19 8.04 -3.88 3.93
CA ARG A 19 9.13 -4.07 2.99
C ARG A 19 8.98 -3.16 1.77
N ALA A 20 7.78 -3.16 1.20
CA ALA A 20 7.46 -2.27 0.09
C ALA A 20 7.48 -0.83 0.55
N ILE A 21 7.14 -0.65 1.80
CA ILE A 21 7.23 0.65 2.45
C ILE A 21 8.66 1.14 2.48
N GLN A 22 9.58 0.23 2.75
CA GLN A 22 11.00 0.55 2.73
C GLN A 22 11.39 1.01 1.32
N SER A 23 10.78 0.36 0.33
CA SER A 23 10.92 0.81 -1.06
C SER A 23 10.37 2.22 -1.18
N LEU A 24 9.11 2.40 -0.74
CA LEU A 24 8.41 3.70 -0.80
C LEU A 24 9.32 4.83 -0.35
N VAL A 25 9.85 4.71 0.85
CA VAL A 25 10.74 5.73 1.39
C VAL A 25 11.90 6.00 0.45
N HIS A 26 12.48 4.94 -0.08
CA HIS A 26 13.63 5.07 -0.99
C HIS A 26 13.25 5.84 -2.25
N ALA A 27 12.24 5.38 -2.96
CA ALA A 27 11.87 6.00 -4.24
C ALA A 27 11.39 7.41 -4.03
N ALA A 28 10.98 7.70 -2.81
CA ALA A 28 10.51 9.03 -2.46
C ALA A 28 11.68 10.01 -2.40
N GLN A 29 12.80 9.56 -1.85
CA GLN A 29 13.99 10.41 -1.74
C GLN A 29 14.90 10.29 -2.96
N CYS A 30 14.85 9.18 -3.68
CA CYS A 30 15.86 8.89 -4.68
C CYS A 30 15.78 9.89 -5.84
N ARG A 31 16.84 10.65 -6.02
CA ARG A 31 16.95 11.58 -7.14
C ARG A 31 18.21 11.28 -7.93
N ASN A 32 18.73 10.08 -7.74
CA ASN A 32 19.94 9.65 -8.42
C ASN A 32 19.61 8.76 -9.60
N ALA A 33 20.03 9.19 -10.78
CA ALA A 33 19.79 8.45 -12.01
C ALA A 33 20.70 7.24 -12.09
N ASN A 34 21.86 7.36 -11.45
CA ASN A 34 22.86 6.30 -11.42
C ASN A 34 22.34 5.08 -10.67
N CYS A 35 21.41 5.31 -9.75
CA CYS A 35 20.80 4.23 -9.01
C CYS A 35 19.85 3.45 -9.93
N SER A 36 19.97 2.14 -9.92
CA SER A 36 19.19 1.30 -10.81
C SER A 36 18.80 0.02 -10.08
N LEU A 37 18.49 0.16 -8.81
CA LEU A 37 18.07 -0.96 -8.00
C LEU A 37 16.70 -1.47 -8.43
N PRO A 38 16.41 -2.75 -8.20
CA PRO A 38 15.20 -3.37 -8.72
C PRO A 38 13.95 -2.72 -8.16
N SER A 39 13.85 -2.68 -6.84
CA SER A 39 12.71 -2.07 -6.17
C SER A 39 12.57 -0.61 -6.57
N CYS A 40 13.70 0.07 -6.70
CA CYS A 40 13.72 1.48 -6.99
C CYS A 40 13.10 1.80 -8.34
N GLN A 41 13.48 1.05 -9.37
CA GLN A 41 13.00 1.33 -10.72
C GLN A 41 11.52 1.03 -10.80
N LYS A 42 11.13 -0.09 -10.21
CA LYS A 42 9.73 -0.50 -10.18
C LYS A 42 8.90 0.54 -9.45
N MET A 43 9.42 1.01 -8.33
CA MET A 43 8.71 1.96 -7.52
C MET A 43 8.77 3.37 -8.08
N LYS A 44 9.84 3.74 -8.75
CA LYS A 44 9.90 5.06 -9.39
C LYS A 44 8.74 5.17 -10.38
N ARG A 45 8.37 4.03 -10.95
CA ARG A 45 7.21 3.93 -11.82
C ARG A 45 5.91 4.03 -11.00
N VAL A 46 5.82 3.24 -9.93
CA VAL A 46 4.63 3.20 -9.07
C VAL A 46 4.41 4.56 -8.37
N VAL A 47 5.51 5.18 -7.93
CA VAL A 47 5.46 6.48 -7.29
C VAL A 47 5.06 7.56 -8.29
N GLN A 48 5.60 7.49 -9.49
CA GLN A 48 5.26 8.46 -10.51
C GLN A 48 3.79 8.35 -10.88
N HIS A 49 3.23 7.14 -10.81
CA HIS A 49 1.79 6.99 -10.94
C HIS A 49 1.09 7.93 -9.96
N THR A 50 1.49 7.84 -8.69
CA THR A 50 0.80 8.58 -7.61
C THR A 50 0.70 10.07 -7.93
N LYS A 51 1.69 10.59 -8.65
CA LYS A 51 1.76 12.02 -8.94
C LYS A 51 1.08 12.36 -10.26
N GLY A 52 1.17 11.44 -11.23
CA GLY A 52 0.59 11.71 -12.54
C GLY A 52 -0.82 11.21 -12.63
N CYS A 53 -1.36 10.83 -11.49
CA CYS A 53 -2.70 10.28 -11.41
C CYS A 53 -3.76 11.38 -11.21
N LYS A 54 -5.00 11.03 -11.57
CA LYS A 54 -6.15 11.91 -11.38
C LYS A 54 -7.20 11.25 -10.49
N ARG A 55 -7.50 9.98 -10.76
CA ARG A 55 -8.48 9.19 -10.01
C ARG A 55 -7.87 8.68 -8.69
N LYS A 56 -6.74 9.29 -8.31
CA LYS A 56 -5.94 8.93 -7.14
C LYS A 56 -6.78 8.43 -5.94
N THR A 57 -7.48 9.32 -5.28
CA THR A 57 -8.14 8.95 -4.04
C THR A 57 -9.60 8.55 -4.25
N ASN A 58 -10.07 8.65 -5.50
CA ASN A 58 -11.41 8.20 -5.84
C ASN A 58 -11.58 6.72 -5.52
N GLY A 59 -10.50 5.97 -5.69
CA GLY A 59 -10.51 4.57 -5.33
C GLY A 59 -10.55 3.65 -6.53
N GLY A 60 -10.29 4.21 -7.71
CA GLY A 60 -10.26 3.40 -8.92
C GLY A 60 -8.95 2.65 -9.08
N CYS A 61 -7.86 3.40 -9.10
CA CYS A 61 -6.52 2.82 -9.24
C CYS A 61 -6.09 2.15 -7.95
N PRO A 62 -5.63 0.89 -8.04
CA PRO A 62 -5.13 0.16 -6.87
C PRO A 62 -3.89 0.81 -6.29
N ILE A 63 -3.12 1.50 -7.13
CA ILE A 63 -1.88 2.14 -6.69
C ILE A 63 -2.11 3.09 -5.55
N CYS A 64 -2.85 4.13 -5.83
CA CYS A 64 -3.03 5.21 -4.87
C CYS A 64 -3.60 4.70 -3.55
N LYS A 65 -4.45 3.68 -3.58
CA LYS A 65 -5.00 3.12 -2.35
C LYS A 65 -3.95 2.31 -1.60
N GLN A 66 -3.19 1.48 -2.32
CA GLN A 66 -2.12 0.71 -1.70
C GLN A 66 -0.96 1.63 -1.34
N LEU A 67 -0.84 2.73 -2.06
CA LEU A 67 0.20 3.72 -1.83
C LEU A 67 -0.13 4.54 -0.59
N ILE A 68 -1.41 4.84 -0.39
CA ILE A 68 -1.82 5.48 0.85
C ILE A 68 -1.89 4.45 1.97
N ALA A 69 -1.89 3.17 1.59
CA ALA A 69 -1.81 2.11 2.57
C ALA A 69 -0.37 1.94 3.05
N LEU A 70 0.57 1.90 2.10
CA LEU A 70 1.98 1.85 2.45
C LEU A 70 2.39 3.13 3.14
N ALA A 71 2.12 4.27 2.53
CA ALA A 71 2.48 5.56 3.11
C ALA A 71 1.90 5.74 4.52
N ALA A 72 0.70 5.21 4.75
CA ALA A 72 0.07 5.26 6.07
C ALA A 72 0.80 4.36 7.05
N TYR A 73 0.93 3.09 6.68
CA TYR A 73 1.68 2.13 7.48
C TYR A 73 3.09 2.65 7.75
N HIS A 74 3.68 3.17 6.69
CA HIS A 74 4.98 3.83 6.75
C HIS A 74 4.94 5.02 7.70
N ALA A 75 3.89 5.84 7.60
CA ALA A 75 3.74 7.03 8.43
C ALA A 75 3.64 6.66 9.92
N LYS A 76 3.29 5.41 10.20
CA LYS A 76 3.29 4.91 11.58
C LYS A 76 4.71 4.90 12.11
N HIS A 77 5.58 4.17 11.43
CA HIS A 77 6.98 4.10 11.85
C HIS A 77 7.81 5.16 11.12
N CYS A 78 7.22 6.32 10.92
CA CYS A 78 7.92 7.46 10.35
C CYS A 78 7.91 8.62 11.35
N GLN A 79 9.03 9.31 11.46
CA GLN A 79 9.14 10.43 12.38
C GLN A 79 9.38 11.74 11.63
N GLU A 80 9.13 11.73 10.33
CA GLU A 80 9.36 12.93 9.52
C GLU A 80 8.04 13.55 9.09
N ASN A 81 7.87 14.83 9.42
CA ASN A 81 6.68 15.57 9.02
C ASN A 81 6.95 16.32 7.73
N LYS A 82 8.21 16.32 7.32
CA LYS A 82 8.59 16.86 6.01
C LYS A 82 9.09 15.71 5.15
N CYS A 83 8.41 14.59 5.31
CA CYS A 83 8.78 13.32 4.71
C CYS A 83 8.82 13.39 3.17
N PRO A 84 9.75 12.63 2.57
CA PRO A 84 9.79 12.46 1.11
C PRO A 84 8.65 11.59 0.59
N VAL A 85 8.14 10.71 1.45
CA VAL A 85 7.06 9.80 1.07
C VAL A 85 5.77 10.57 0.78
N PRO A 86 5.29 10.46 -0.47
CA PRO A 86 4.22 11.32 -0.99
C PRO A 86 2.98 11.37 -0.09
N PHE A 87 2.36 10.22 0.08
CA PHE A 87 1.10 10.13 0.81
C PHE A 87 1.31 10.16 2.32
N CYS A 88 2.56 10.17 2.77
CA CYS A 88 2.84 10.25 4.21
C CYS A 88 2.55 11.66 4.71
N LEU A 89 2.94 12.65 3.93
CA LEU A 89 2.54 14.02 4.18
C LEU A 89 1.02 14.13 4.13
N ASN A 90 0.47 13.61 3.05
CA ASN A 90 -0.98 13.50 2.88
C ASN A 90 -1.63 12.75 4.06
N ILE A 91 -0.90 11.83 4.67
CA ILE A 91 -1.39 11.06 5.80
C ILE A 91 -1.50 11.95 7.05
N LYS A 92 -0.50 12.76 7.30
CA LYS A 92 -0.51 13.66 8.45
C LYS A 92 -1.45 14.84 8.24
N GLN A 93 -1.73 15.16 6.99
CA GLN A 93 -2.59 16.30 6.69
C GLN A 93 -4.03 15.88 6.42
N LYS A 94 -4.21 14.64 5.96
CA LYS A 94 -5.54 14.14 5.65
C LYS A 94 -5.81 12.83 6.40
N GLY A 95 -4.94 11.84 6.18
CA GLY A 95 -5.02 10.58 6.91
C GLY A 95 -6.40 9.92 6.88
N SER A 96 -6.78 9.44 5.70
CA SER A 96 -8.07 8.75 5.51
C SER A 96 -9.25 9.68 5.80
N GLY A 97 -10.46 9.17 5.61
CA GLY A 97 -11.65 9.95 5.84
C GLY A 97 -12.85 9.39 5.12
N GLY A 98 -13.69 8.68 5.85
CA GLY A 98 -14.85 8.05 5.26
C GLY A 98 -14.92 6.57 5.61
N SER A 99 -13.81 6.04 6.09
CA SER A 99 -13.72 4.64 6.46
C SER A 99 -14.37 4.39 7.82
N GLY A 100 -14.45 5.43 8.64
CA GLY A 100 -15.06 5.30 9.94
C GLY A 100 -16.20 6.28 10.13
N GLY A 101 -17.42 5.82 9.87
CA GLY A 101 -18.57 6.68 9.99
C GLY A 101 -19.66 6.07 10.85
N SER A 102 -19.24 5.34 11.89
CA SER A 102 -20.17 4.70 12.82
C SER A 102 -20.92 3.55 12.16
N GLY A 103 -20.68 2.34 12.63
CA GLY A 103 -21.35 1.18 12.09
C GLY A 103 -22.06 0.37 13.15
N GLY A 104 -23.37 0.54 13.24
CA GLY A 104 -24.16 -0.19 14.22
C GLY A 104 -24.60 -1.53 13.69
N SER A 105 -25.37 -1.50 12.61
CA SER A 105 -25.83 -2.71 11.97
C SER A 105 -25.62 -2.62 10.47
N GLY A 106 -25.43 -3.75 9.81
CA GLY A 106 -25.21 -3.76 8.39
C GLY A 106 -24.17 -4.79 7.99
N GLY A 107 -24.09 -5.88 8.75
CA GLY A 107 -23.17 -6.95 8.43
C GLY A 107 -23.57 -7.63 7.14
N SER A 108 -22.82 -7.36 6.08
CA SER A 108 -23.16 -7.83 4.74
C SER A 108 -24.53 -7.27 4.33
N GLY A 109 -24.73 -5.99 4.63
CA GLY A 109 -26.00 -5.35 4.32
C GLY A 109 -25.93 -4.47 3.10
N GLY A 110 -25.00 -4.78 2.20
CA GLY A 110 -24.88 -4.01 0.97
C GLY A 110 -23.44 -3.85 0.56
N SER A 111 -22.86 -2.71 0.90
CA SER A 111 -21.48 -2.43 0.56
C SER A 111 -20.62 -2.45 1.83
N SER A 112 -20.06 -3.62 2.13
CA SER A 112 -19.32 -3.79 3.35
C SER A 112 -17.81 -3.82 3.10
N GLN A 113 -17.39 -3.21 2.01
CA GLN A 113 -15.99 -3.20 1.64
C GLN A 113 -15.25 -2.06 2.35
N LYS A 114 -15.56 -1.90 3.62
CA LYS A 114 -14.89 -0.94 4.48
C LYS A 114 -14.83 -1.42 5.92
N VAL A 115 -15.97 -1.88 6.42
CA VAL A 115 -16.06 -2.36 7.79
C VAL A 115 -15.16 -3.57 8.00
N PHE A 116 -14.97 -4.32 6.92
CA PHE A 116 -14.18 -5.54 6.95
C PHE A 116 -12.70 -5.23 7.11
N VAL A 117 -11.84 -6.22 6.88
CA VAL A 117 -10.40 -6.01 6.94
C VAL A 117 -9.97 -4.96 5.91
N SER A 118 -9.91 -3.72 6.36
CA SER A 118 -9.54 -2.60 5.50
C SER A 118 -9.21 -1.39 6.37
N LYS A 119 -8.46 -1.62 7.44
CA LYS A 119 -8.09 -0.56 8.36
C LYS A 119 -7.15 0.44 7.67
N VAL A 120 -6.18 -0.09 6.93
CA VAL A 120 -5.21 0.73 6.23
C VAL A 120 -5.05 0.24 4.80
N GLU A 121 -4.46 -0.95 4.66
CA GLU A 121 -4.28 -1.59 3.39
C GLU A 121 -5.60 -1.80 2.65
N ALA A 122 -5.93 -0.88 1.74
CA ALA A 122 -7.14 -0.99 0.93
C ALA A 122 -6.99 -2.11 -0.10
N VAL A 123 -6.14 -1.86 -1.09
CA VAL A 123 -5.80 -2.86 -2.09
C VAL A 123 -4.29 -2.96 -2.27
N ILE A 124 -3.59 -3.22 -1.17
CA ILE A 124 -2.16 -3.45 -1.20
C ILE A 124 -1.83 -4.59 -2.17
N HIS A 125 -2.47 -5.74 -1.93
CA HIS A 125 -2.25 -6.94 -2.73
C HIS A 125 -0.77 -7.33 -2.71
N PRO A 126 -0.31 -7.91 -1.59
CA PRO A 126 1.10 -8.31 -1.33
C PRO A 126 1.92 -8.80 -2.54
N GLN A 127 1.30 -9.34 -3.58
CA GLN A 127 2.03 -9.64 -4.80
C GLN A 127 2.74 -8.38 -5.31
N PHE A 128 2.06 -7.24 -5.18
CA PHE A 128 2.64 -5.96 -5.54
C PHE A 128 3.86 -5.67 -4.66
N LEU A 129 3.72 -5.93 -3.36
CA LEU A 129 4.82 -5.77 -2.42
C LEU A 129 5.97 -6.68 -2.82
N ALA A 130 5.63 -7.95 -3.03
CA ALA A 130 6.59 -8.98 -3.40
C ALA A 130 7.30 -8.62 -4.71
N ASP A 131 6.56 -7.99 -5.61
CA ASP A 131 7.09 -7.60 -6.91
C ASP A 131 8.22 -6.60 -6.74
N LEU A 132 8.02 -5.62 -5.88
CA LEU A 132 9.00 -4.57 -5.65
C LEU A 132 10.25 -5.15 -5.01
N LEU A 133 10.05 -6.11 -4.14
CA LEU A 133 11.14 -6.74 -3.42
C LEU A 133 11.88 -7.73 -4.30
N SER A 134 11.18 -8.24 -5.30
CA SER A 134 11.71 -9.27 -6.16
C SER A 134 12.88 -8.76 -6.99
N PRO A 135 14.01 -9.49 -6.99
CA PRO A 135 15.16 -9.19 -7.83
C PRO A 135 14.84 -9.30 -9.30
N GLU A 136 13.70 -9.95 -9.60
CA GLU A 136 13.22 -10.09 -10.96
C GLU A 136 13.01 -8.73 -11.61
N LYS A 137 13.49 -8.58 -12.82
CA LYS A 137 13.29 -7.36 -13.57
C LYS A 137 12.13 -7.54 -14.55
N GLN A 138 11.66 -8.78 -14.68
CA GLN A 138 10.51 -9.09 -15.52
C GLN A 138 9.24 -8.98 -14.69
N ARG A 139 9.27 -8.09 -13.71
CA ARG A 139 8.15 -7.87 -12.81
C ARG A 139 7.87 -6.38 -12.73
N ASP A 140 6.61 -6.02 -12.58
CA ASP A 140 6.22 -4.62 -12.51
C ASP A 140 4.97 -4.43 -11.67
N PRO A 141 5.02 -3.54 -10.65
CA PRO A 141 3.89 -3.26 -9.76
C PRO A 141 2.70 -2.70 -10.52
N LEU A 142 2.97 -1.86 -11.51
CA LEU A 142 1.92 -1.18 -12.22
C LEU A 142 1.21 -2.15 -13.18
N ALA A 143 1.95 -3.14 -13.66
CA ALA A 143 1.38 -4.22 -14.45
C ALA A 143 0.47 -5.08 -13.57
N LEU A 144 1.01 -5.52 -12.43
CA LEU A 144 0.23 -6.18 -11.41
C LEU A 144 -1.00 -5.37 -11.09
N ILE A 145 -0.80 -4.07 -10.98
CA ILE A 145 -1.86 -3.15 -10.60
C ILE A 145 -3.12 -3.28 -11.44
N GLU A 146 -2.98 -3.30 -12.75
CA GLU A 146 -4.15 -3.47 -13.59
C GLU A 146 -4.76 -4.85 -13.38
N GLU A 147 -3.90 -5.82 -13.08
CA GLU A 147 -4.37 -7.14 -12.67
C GLU A 147 -5.16 -7.03 -11.35
N LEU A 148 -4.63 -6.23 -10.43
CA LEU A 148 -5.22 -6.10 -9.09
C LEU A 148 -6.58 -5.41 -9.17
N GLU A 149 -6.67 -4.36 -10.00
CA GLU A 149 -7.91 -3.64 -10.17
C GLU A 149 -8.99 -4.56 -10.73
N GLN A 150 -8.57 -5.55 -11.51
CA GLN A 150 -9.50 -6.55 -12.03
C GLN A 150 -9.95 -7.48 -10.90
N GLU A 151 -9.01 -7.86 -10.03
CA GLU A 151 -9.33 -8.76 -8.93
C GLU A 151 -10.00 -8.03 -7.77
N GLU A 152 -10.12 -6.71 -7.88
CA GLU A 152 -10.84 -5.94 -6.87
C GLU A 152 -12.32 -6.30 -6.91
N GLY A 153 -12.74 -6.85 -8.05
CA GLY A 153 -14.10 -7.28 -8.21
C GLY A 153 -14.36 -8.64 -7.57
N LEU A 154 -13.33 -9.49 -7.57
CA LEU A 154 -13.47 -10.84 -7.04
C LEU A 154 -13.24 -10.87 -5.53
N THR A 155 -13.41 -12.05 -4.94
CA THR A 155 -13.33 -12.29 -3.50
C THR A 155 -14.33 -11.48 -2.69
N LEU A 156 -14.74 -12.06 -1.56
CA LEU A 156 -15.84 -11.55 -0.73
C LEU A 156 -17.16 -11.70 -1.48
N ALA A 157 -17.15 -11.29 -2.74
CA ALA A 157 -18.24 -11.54 -3.66
C ALA A 157 -18.37 -13.03 -3.94
N GLN A 158 -17.24 -13.74 -3.83
CA GLN A 158 -17.18 -15.17 -4.09
C GLN A 158 -18.14 -15.95 -3.19
N LEU A 159 -19.13 -16.58 -3.81
CA LEU A 159 -20.11 -17.41 -3.12
C LEU A 159 -20.76 -16.68 -1.94
N VAL A 160 -21.09 -15.42 -2.13
CA VAL A 160 -21.78 -14.64 -1.10
C VAL A 160 -23.28 -14.72 -1.32
N GLN A 161 -23.69 -14.93 -2.57
CA GLN A 161 -25.10 -15.03 -2.90
C GLN A 161 -25.41 -16.36 -3.58
N LYS A 162 -24.44 -16.89 -4.32
CA LYS A 162 -24.62 -18.13 -5.04
C LYS A 162 -24.35 -19.33 -4.14
N ARG A 163 -25.08 -20.41 -4.37
CA ARG A 163 -24.92 -21.63 -3.59
C ARG A 163 -23.73 -22.45 -4.10
N SER A 1 9.28 -22.45 8.84
CA SER A 1 10.68 -22.16 8.47
C SER A 1 11.45 -21.57 9.65
N GLY A 2 10.91 -20.49 10.22
CA GLY A 2 11.58 -19.85 11.34
C GLY A 2 11.79 -18.37 11.08
N GLY A 3 12.94 -17.86 11.53
CA GLY A 3 13.24 -16.46 11.35
C GLY A 3 12.65 -15.61 12.43
N ARG A 4 12.39 -16.24 13.59
CA ARG A 4 11.76 -15.59 14.74
C ARG A 4 10.30 -15.26 14.41
N ALA A 5 9.36 -15.86 15.17
CA ALA A 5 7.92 -15.70 14.92
C ALA A 5 7.53 -16.33 13.58
N THR A 6 6.24 -16.52 13.36
CA THR A 6 5.76 -17.06 12.10
C THR A 6 4.86 -16.05 11.39
N GLN A 7 4.91 -16.03 10.07
CA GLN A 7 4.16 -15.05 9.30
C GLN A 7 2.78 -15.58 8.91
N SER A 8 1.81 -15.28 9.74
CA SER A 8 0.42 -15.53 9.42
C SER A 8 -0.04 -14.60 8.30
N PRO A 9 -1.17 -14.87 7.63
CA PRO A 9 -1.62 -14.08 6.48
C PRO A 9 -1.59 -12.57 6.74
N GLY A 10 -2.10 -12.15 7.88
CA GLY A 10 -2.08 -10.74 8.23
C GLY A 10 -0.68 -10.22 8.44
N ASP A 11 0.08 -10.89 9.30
CA ASP A 11 1.44 -10.50 9.63
C ASP A 11 2.33 -10.49 8.39
N SER A 12 2.21 -11.51 7.57
CA SER A 12 3.01 -11.61 6.35
C SER A 12 2.63 -10.52 5.37
N ARG A 13 1.33 -10.24 5.27
CA ARG A 13 0.86 -9.13 4.44
C ARG A 13 1.47 -7.83 4.94
N ARG A 14 1.40 -7.62 6.25
CA ARG A 14 1.94 -6.41 6.87
C ARG A 14 3.45 -6.34 6.71
N LEU A 15 4.10 -7.48 6.79
CA LEU A 15 5.55 -7.54 6.63
C LEU A 15 5.95 -7.28 5.19
N SER A 16 5.12 -7.71 4.25
CA SER A 16 5.34 -7.39 2.85
C SER A 16 5.06 -5.91 2.65
N ILE A 17 4.10 -5.40 3.41
CA ILE A 17 3.75 -4.00 3.40
C ILE A 17 4.91 -3.18 3.88
N GLN A 18 5.44 -3.55 5.02
CA GLN A 18 6.57 -2.87 5.61
C GLN A 18 7.79 -2.95 4.69
N ARG A 19 7.89 -4.04 3.95
CA ARG A 19 8.98 -4.24 3.00
C ARG A 19 8.83 -3.31 1.81
N ALA A 20 7.62 -3.27 1.23
CA ALA A 20 7.33 -2.36 0.13
C ALA A 20 7.39 -0.92 0.62
N ILE A 21 7.13 -0.75 1.89
CA ILE A 21 7.25 0.53 2.55
C ILE A 21 8.70 0.96 2.64
N GLN A 22 9.59 0.00 2.85
CA GLN A 22 11.01 0.28 2.82
C GLN A 22 11.40 0.74 1.44
N SER A 23 10.76 0.14 0.43
CA SER A 23 10.90 0.58 -0.93
C SER A 23 10.37 2.01 -1.07
N LEU A 24 9.11 2.21 -0.64
CA LEU A 24 8.45 3.53 -0.69
C LEU A 24 9.38 4.63 -0.24
N VAL A 25 9.90 4.49 0.96
CA VAL A 25 10.87 5.44 1.50
C VAL A 25 12.00 5.70 0.52
N HIS A 26 12.58 4.62 0.00
CA HIS A 26 13.71 4.74 -0.90
C HIS A 26 13.38 5.59 -2.12
N ALA A 27 12.34 5.23 -2.87
CA ALA A 27 12.02 5.95 -4.10
C ALA A 27 11.50 7.33 -3.81
N ALA A 28 11.08 7.53 -2.57
CA ALA A 28 10.60 8.83 -2.15
C ALA A 28 11.76 9.80 -2.00
N GLN A 29 12.83 9.35 -1.37
CA GLN A 29 13.97 10.20 -1.11
C GLN A 29 15.23 9.76 -1.86
N CYS A 30 15.08 8.94 -2.89
CA CYS A 30 16.22 8.64 -3.73
C CYS A 30 16.58 9.87 -4.55
N ARG A 31 17.61 10.57 -4.12
CA ARG A 31 18.01 11.82 -4.77
C ARG A 31 19.18 11.57 -5.71
N ASN A 32 19.44 10.30 -5.98
CA ASN A 32 20.51 9.91 -6.89
C ASN A 32 19.90 9.24 -8.13
N ALA A 33 19.85 10.01 -9.22
CA ALA A 33 19.29 9.51 -10.48
C ALA A 33 20.11 8.36 -11.03
N ASN A 34 21.41 8.40 -10.77
CA ASN A 34 22.33 7.36 -11.23
C ASN A 34 21.99 6.00 -10.63
N CYS A 35 21.39 6.00 -9.44
CA CYS A 35 20.97 4.75 -8.81
C CYS A 35 19.96 4.04 -9.71
N SER A 36 20.23 2.79 -10.00
CA SER A 36 19.43 2.04 -10.95
C SER A 36 19.08 0.69 -10.37
N LEU A 37 18.63 0.71 -9.12
CA LEU A 37 18.28 -0.50 -8.42
C LEU A 37 16.92 -1.03 -8.87
N PRO A 38 16.67 -2.32 -8.68
CA PRO A 38 15.45 -2.94 -9.18
C PRO A 38 14.20 -2.38 -8.52
N SER A 39 14.10 -2.55 -7.21
CA SER A 39 12.99 -2.02 -6.42
C SER A 39 12.80 -0.53 -6.68
N CYS A 40 13.93 0.16 -6.85
CA CYS A 40 13.91 1.60 -7.06
C CYS A 40 13.25 1.97 -8.38
N GLN A 41 13.63 1.27 -9.45
CA GLN A 41 13.08 1.55 -10.78
C GLN A 41 11.60 1.15 -10.82
N LYS A 42 11.29 0.02 -10.23
CA LYS A 42 9.91 -0.46 -10.16
C LYS A 42 9.05 0.52 -9.39
N MET A 43 9.56 1.02 -8.27
CA MET A 43 8.83 1.92 -7.43
C MET A 43 8.82 3.33 -8.01
N LYS A 44 9.86 3.73 -8.69
CA LYS A 44 9.85 5.03 -9.36
C LYS A 44 8.66 5.08 -10.31
N ARG A 45 8.35 3.93 -10.89
CA ARG A 45 7.19 3.77 -11.75
C ARG A 45 5.89 3.87 -10.93
N VAL A 46 5.86 3.20 -9.78
CA VAL A 46 4.68 3.16 -8.92
C VAL A 46 4.46 4.51 -8.22
N VAL A 47 5.54 5.16 -7.81
CA VAL A 47 5.48 6.47 -7.17
C VAL A 47 5.06 7.54 -8.17
N GLN A 48 5.65 7.50 -9.36
CA GLN A 48 5.31 8.47 -10.39
C GLN A 48 3.84 8.34 -10.77
N HIS A 49 3.29 7.13 -10.67
CA HIS A 49 1.85 6.94 -10.81
C HIS A 49 1.12 7.84 -9.82
N THR A 50 1.50 7.72 -8.54
CA THR A 50 0.78 8.40 -7.45
C THR A 50 0.62 9.90 -7.73
N LYS A 51 1.57 10.46 -8.47
CA LYS A 51 1.58 11.89 -8.72
C LYS A 51 0.83 12.24 -10.00
N GLY A 52 0.97 11.43 -11.04
CA GLY A 52 0.35 11.74 -12.31
C GLY A 52 -1.04 11.17 -12.40
N CYS A 53 -1.54 10.73 -11.27
CA CYS A 53 -2.85 10.11 -11.19
C CYS A 53 -3.97 11.13 -10.98
N LYS A 54 -5.20 10.70 -11.24
CA LYS A 54 -6.39 11.53 -10.99
C LYS A 54 -7.47 10.75 -10.24
N ARG A 55 -7.67 9.48 -10.60
CA ARG A 55 -8.58 8.58 -9.87
C ARG A 55 -7.94 8.13 -8.54
N LYS A 56 -6.88 8.84 -8.16
CA LYS A 56 -6.06 8.58 -6.97
C LYS A 56 -6.86 8.05 -5.78
N THR A 57 -7.67 8.89 -5.17
CA THR A 57 -8.38 8.49 -3.96
C THR A 57 -9.81 8.11 -4.26
N ASN A 58 -10.21 8.29 -5.52
CA ASN A 58 -11.53 7.84 -5.98
C ASN A 58 -11.64 6.33 -5.83
N GLY A 59 -10.53 5.63 -6.10
CA GLY A 59 -10.53 4.19 -5.95
C GLY A 59 -10.39 3.48 -7.28
N GLY A 60 -10.39 4.23 -8.36
CA GLY A 60 -10.27 3.64 -9.69
C GLY A 60 -8.94 2.96 -9.91
N CYS A 61 -7.92 3.42 -9.20
CA CYS A 61 -6.59 2.84 -9.29
C CYS A 61 -6.27 2.12 -7.99
N PRO A 62 -5.67 0.92 -8.07
CA PRO A 62 -5.24 0.18 -6.89
C PRO A 62 -4.01 0.84 -6.23
N ILE A 63 -3.17 1.49 -7.05
CA ILE A 63 -1.93 2.07 -6.57
C ILE A 63 -2.13 3.02 -5.42
N CYS A 64 -2.81 4.10 -5.69
CA CYS A 64 -2.96 5.15 -4.72
C CYS A 64 -3.56 4.65 -3.41
N LYS A 65 -4.46 3.68 -3.47
CA LYS A 65 -5.04 3.11 -2.25
C LYS A 65 -3.99 2.31 -1.47
N GLN A 66 -3.29 1.43 -2.17
CA GLN A 66 -2.24 0.63 -1.55
C GLN A 66 -1.04 1.52 -1.18
N LEU A 67 -0.92 2.63 -1.89
CA LEU A 67 0.18 3.57 -1.67
C LEU A 67 -0.12 4.50 -0.52
N ILE A 68 -1.38 4.91 -0.36
CA ILE A 68 -1.76 5.66 0.83
C ILE A 68 -1.76 4.73 2.01
N ALA A 69 -1.88 3.44 1.73
CA ALA A 69 -1.74 2.41 2.73
C ALA A 69 -0.29 2.29 3.16
N LEU A 70 0.59 2.04 2.17
CA LEU A 70 2.02 1.96 2.45
C LEU A 70 2.49 3.25 3.13
N ALA A 71 2.16 4.38 2.53
CA ALA A 71 2.56 5.67 3.06
C ALA A 71 2.01 5.93 4.47
N ALA A 72 0.80 5.44 4.76
CA ALA A 72 0.19 5.60 6.08
C ALA A 72 0.86 4.69 7.09
N TYR A 73 1.00 3.43 6.71
CA TYR A 73 1.71 2.46 7.53
C TYR A 73 3.13 2.95 7.78
N HIS A 74 3.76 3.38 6.70
CA HIS A 74 5.06 4.03 6.76
C HIS A 74 5.00 5.28 7.67
N ALA A 75 3.92 6.06 7.54
CA ALA A 75 3.73 7.28 8.32
C ALA A 75 3.71 6.99 9.81
N LYS A 76 3.14 5.85 10.17
CA LYS A 76 3.07 5.45 11.57
C LYS A 76 4.46 5.37 12.18
N HIS A 77 5.37 4.70 11.49
CA HIS A 77 6.75 4.63 11.95
C HIS A 77 7.61 5.63 11.19
N CYS A 78 7.01 6.77 10.86
CA CYS A 78 7.73 7.89 10.27
C CYS A 78 7.91 8.97 11.34
N GLN A 79 9.10 9.53 11.43
CA GLN A 79 9.42 10.44 12.53
C GLN A 79 9.35 11.92 12.12
N GLU A 80 9.20 12.18 10.84
CA GLU A 80 9.21 13.56 10.37
C GLU A 80 7.88 13.95 9.73
N ASN A 81 7.56 15.22 9.79
CA ASN A 81 6.34 15.76 9.21
C ASN A 81 6.65 16.40 7.86
N LYS A 82 7.94 16.60 7.59
CA LYS A 82 8.40 17.03 6.28
C LYS A 82 9.20 15.90 5.62
N CYS A 83 8.56 14.76 5.41
CA CYS A 83 9.25 13.59 4.89
C CYS A 83 9.19 13.55 3.35
N PRO A 84 9.93 12.63 2.72
CA PRO A 84 9.92 12.45 1.26
C PRO A 84 8.74 11.61 0.75
N VAL A 85 8.25 10.66 1.55
CA VAL A 85 7.22 9.74 1.09
C VAL A 85 5.94 10.47 0.75
N PRO A 86 5.46 10.29 -0.49
CA PRO A 86 4.39 11.11 -1.08
C PRO A 86 3.13 11.21 -0.21
N PHE A 87 2.41 10.10 -0.10
CA PHE A 87 1.12 10.11 0.59
C PHE A 87 1.28 10.21 2.10
N CYS A 88 2.51 10.15 2.60
CA CYS A 88 2.74 10.25 4.03
C CYS A 88 2.59 11.69 4.50
N LEU A 89 3.10 12.61 3.70
CA LEU A 89 2.88 14.03 3.92
C LEU A 89 1.39 14.32 3.83
N ASN A 90 0.78 13.72 2.82
CA ASN A 90 -0.66 13.74 2.64
C ASN A 90 -1.36 13.14 3.87
N ILE A 91 -0.74 12.14 4.46
CA ILE A 91 -1.27 11.45 5.64
C ILE A 91 -1.24 12.36 6.87
N LYS A 92 -0.15 13.09 7.05
CA LYS A 92 -0.03 14.03 8.15
C LYS A 92 -0.85 15.30 7.92
N GLN A 93 -0.76 15.85 6.72
CA GLN A 93 -1.41 17.12 6.41
C GLN A 93 -2.93 16.94 6.27
N LYS A 94 -3.35 15.75 5.87
CA LYS A 94 -4.77 15.48 5.69
C LYS A 94 -5.25 14.32 6.56
N GLY A 95 -4.64 13.15 6.37
CA GLY A 95 -5.10 11.96 7.07
C GLY A 95 -6.59 11.71 6.89
N SER A 96 -7.07 11.94 5.67
CA SER A 96 -8.49 11.80 5.37
C SER A 96 -8.69 11.00 4.10
N GLY A 97 -9.59 10.04 4.15
CA GLY A 97 -9.91 9.26 2.96
C GLY A 97 -10.87 10.00 2.06
N GLY A 98 -10.35 10.92 1.27
CA GLY A 98 -11.18 11.71 0.40
C GLY A 98 -11.63 10.93 -0.83
N SER A 99 -12.70 11.42 -1.46
CA SER A 99 -13.26 10.79 -2.66
C SER A 99 -13.81 9.40 -2.35
N GLY A 100 -14.23 9.21 -1.11
CA GLY A 100 -14.76 7.93 -0.68
C GLY A 100 -15.12 7.94 0.79
N GLY A 101 -15.67 6.85 1.26
CA GLY A 101 -16.03 6.74 2.67
C GLY A 101 -17.51 6.92 2.88
N SER A 102 -18.31 6.25 2.07
CA SER A 102 -19.75 6.28 2.20
C SER A 102 -20.28 4.90 2.55
N GLY A 103 -21.20 4.84 3.49
CA GLY A 103 -21.78 3.59 3.89
C GLY A 103 -22.94 3.78 4.84
N GLY A 104 -24.04 3.09 4.58
CA GLY A 104 -25.19 3.18 5.45
C GLY A 104 -26.34 3.94 4.82
N SER A 105 -27.46 4.01 5.50
CA SER A 105 -28.61 4.73 5.02
C SER A 105 -28.98 5.88 5.96
N GLY A 106 -28.73 5.68 7.25
CA GLY A 106 -29.00 6.74 8.21
C GLY A 106 -29.53 6.22 9.52
N GLY A 107 -30.12 5.02 9.50
CA GLY A 107 -30.66 4.43 10.71
C GLY A 107 -29.59 4.13 11.74
N SER A 108 -29.55 4.96 12.79
CA SER A 108 -28.57 4.82 13.86
C SER A 108 -27.15 5.03 13.31
N GLY A 109 -27.06 5.75 12.20
CA GLY A 109 -25.78 5.93 11.55
C GLY A 109 -25.41 4.69 10.76
N GLY A 110 -24.50 3.89 11.32
CA GLY A 110 -24.10 2.66 10.68
C GLY A 110 -23.30 2.89 9.43
N SER A 111 -22.09 3.41 9.58
CA SER A 111 -21.24 3.72 8.45
C SER A 111 -20.40 2.51 8.04
N SER A 112 -20.47 1.46 8.86
CA SER A 112 -19.75 0.22 8.62
C SER A 112 -18.24 0.42 8.63
N GLN A 113 -17.79 1.47 9.31
CA GLN A 113 -16.38 1.83 9.31
C GLN A 113 -15.63 1.03 10.37
N LYS A 114 -15.62 -0.28 10.18
CA LYS A 114 -14.99 -1.21 11.11
C LYS A 114 -14.96 -2.61 10.49
N VAL A 115 -16.14 -3.10 10.15
CA VAL A 115 -16.30 -4.43 9.55
C VAL A 115 -15.71 -4.46 8.14
N PHE A 116 -15.73 -3.31 7.49
CA PHE A 116 -15.30 -3.19 6.11
C PHE A 116 -13.79 -3.34 5.97
N VAL A 117 -13.29 -3.06 4.77
CA VAL A 117 -11.86 -3.09 4.50
C VAL A 117 -11.12 -2.11 5.42
N SER A 118 -9.97 -2.53 5.94
CA SER A 118 -9.18 -1.68 6.83
C SER A 118 -8.86 -0.35 6.16
N LYS A 119 -9.08 0.74 6.91
CA LYS A 119 -9.04 2.10 6.38
C LYS A 119 -7.72 2.41 5.70
N VAL A 120 -6.66 1.78 6.17
CA VAL A 120 -5.34 1.99 5.62
C VAL A 120 -5.10 1.05 4.44
N GLU A 121 -4.92 -0.22 4.76
CA GLU A 121 -4.67 -1.25 3.77
C GLU A 121 -5.95 -1.56 3.00
N ALA A 122 -6.15 -0.86 1.89
CA ALA A 122 -7.33 -1.06 1.05
C ALA A 122 -7.14 -2.24 0.12
N VAL A 123 -6.26 -2.08 -0.85
CA VAL A 123 -5.97 -3.11 -1.83
C VAL A 123 -4.47 -3.27 -2.03
N ILE A 124 -3.73 -3.30 -0.92
CA ILE A 124 -2.27 -3.43 -0.97
C ILE A 124 -1.83 -4.60 -1.86
N HIS A 125 -2.51 -5.73 -1.75
CA HIS A 125 -2.25 -6.90 -2.60
C HIS A 125 -0.76 -7.24 -2.65
N PRO A 126 -0.21 -7.82 -1.57
CA PRO A 126 1.22 -8.17 -1.40
C PRO A 126 1.94 -8.69 -2.64
N GLN A 127 1.25 -9.20 -3.63
CA GLN A 127 1.88 -9.54 -4.91
C GLN A 127 2.63 -8.32 -5.46
N PHE A 128 1.98 -7.16 -5.42
CA PHE A 128 2.60 -5.91 -5.87
C PHE A 128 3.85 -5.62 -5.04
N LEU A 129 3.73 -5.82 -3.73
CA LEU A 129 4.82 -5.56 -2.80
C LEU A 129 5.93 -6.57 -3.02
N ALA A 130 5.52 -7.81 -3.25
CA ALA A 130 6.45 -8.89 -3.53
C ALA A 130 7.26 -8.59 -4.79
N ASP A 131 6.61 -8.00 -5.78
CA ASP A 131 7.29 -7.69 -7.05
C ASP A 131 8.29 -6.55 -6.88
N LEU A 132 8.06 -5.68 -5.89
CA LEU A 132 9.03 -4.65 -5.56
C LEU A 132 10.23 -5.28 -4.89
N LEU A 133 9.99 -6.42 -4.26
CA LEU A 133 11.04 -7.15 -3.56
C LEU A 133 11.69 -8.19 -4.48
N SER A 134 11.14 -8.35 -5.67
CA SER A 134 11.65 -9.33 -6.63
C SER A 134 12.63 -8.68 -7.60
N PRO A 135 13.85 -9.23 -7.71
CA PRO A 135 14.87 -8.77 -8.65
C PRO A 135 14.41 -8.84 -10.12
N GLU A 136 13.48 -9.76 -10.39
CA GLU A 136 12.89 -9.92 -11.72
C GLU A 136 12.54 -8.56 -12.32
N LYS A 137 13.13 -8.25 -13.47
CA LYS A 137 12.97 -6.93 -14.07
C LYS A 137 11.72 -6.86 -14.95
N GLN A 138 11.17 -8.01 -15.32
CA GLN A 138 9.93 -8.03 -16.09
C GLN A 138 8.73 -8.21 -15.16
N ARG A 139 8.86 -7.66 -13.96
CA ARG A 139 7.87 -7.84 -12.91
C ARG A 139 7.52 -6.51 -12.29
N ASP A 140 6.84 -5.73 -13.08
CA ASP A 140 6.47 -4.38 -12.72
C ASP A 140 5.25 -4.37 -11.80
N PRO A 141 5.32 -3.56 -10.71
CA PRO A 141 4.19 -3.39 -9.77
C PRO A 141 2.95 -2.84 -10.48
N LEU A 142 3.17 -1.94 -11.42
CA LEU A 142 2.09 -1.23 -12.10
C LEU A 142 1.35 -2.17 -13.06
N ALA A 143 2.07 -3.16 -13.59
CA ALA A 143 1.47 -4.18 -14.44
C ALA A 143 0.52 -5.05 -13.62
N LEU A 144 1.04 -5.55 -12.49
CA LEU A 144 0.22 -6.22 -11.50
C LEU A 144 -0.99 -5.39 -11.15
N ILE A 145 -0.77 -4.10 -11.03
CA ILE A 145 -1.80 -3.17 -10.63
C ILE A 145 -3.05 -3.25 -11.48
N GLU A 146 -2.89 -3.22 -12.79
CA GLU A 146 -4.04 -3.35 -13.66
C GLU A 146 -4.71 -4.71 -13.44
N GLU A 147 -3.89 -5.73 -13.20
CA GLU A 147 -4.40 -7.04 -12.81
C GLU A 147 -5.18 -6.95 -11.49
N LEU A 148 -4.66 -6.14 -10.57
CA LEU A 148 -5.24 -6.05 -9.23
C LEU A 148 -6.58 -5.35 -9.27
N GLU A 149 -6.68 -4.28 -10.06
CA GLU A 149 -7.92 -3.53 -10.19
C GLU A 149 -9.02 -4.43 -10.75
N GLN A 150 -8.61 -5.42 -11.54
CA GLN A 150 -9.55 -6.42 -12.04
C GLN A 150 -9.95 -7.40 -10.94
N GLU A 151 -9.03 -7.67 -9.99
CA GLU A 151 -9.32 -8.59 -8.89
C GLU A 151 -9.95 -7.88 -7.70
N GLU A 152 -10.10 -6.56 -7.77
CA GLU A 152 -10.66 -5.82 -6.64
C GLU A 152 -12.10 -6.26 -6.37
N GLY A 153 -12.74 -6.83 -7.38
CA GLY A 153 -14.06 -7.40 -7.21
C GLY A 153 -14.02 -8.66 -6.36
N LEU A 154 -12.84 -9.28 -6.30
CA LEU A 154 -12.64 -10.46 -5.49
C LEU A 154 -11.80 -10.11 -4.26
N THR A 155 -11.72 -11.02 -3.29
CA THR A 155 -11.09 -10.78 -1.98
C THR A 155 -11.72 -9.59 -1.24
N LEU A 156 -11.74 -9.71 0.10
CA LEU A 156 -12.48 -8.80 0.98
C LEU A 156 -13.98 -8.99 0.76
N ALA A 157 -14.38 -8.99 -0.52
CA ALA A 157 -15.71 -9.36 -0.94
C ALA A 157 -15.97 -10.83 -0.65
N GLN A 158 -14.88 -11.59 -0.58
CA GLN A 158 -14.96 -13.02 -0.30
C GLN A 158 -15.62 -13.27 1.06
N LEU A 159 -16.75 -13.98 1.01
CA LEU A 159 -17.49 -14.34 2.21
C LEU A 159 -17.87 -13.11 3.05
N VAL A 160 -18.12 -11.99 2.39
CA VAL A 160 -18.56 -10.79 3.09
C VAL A 160 -20.08 -10.77 3.14
N GLN A 161 -20.69 -11.41 2.17
CA GLN A 161 -22.14 -11.55 2.14
C GLN A 161 -22.51 -12.98 2.51
N LYS A 162 -23.50 -13.11 3.37
CA LYS A 162 -23.89 -14.41 3.89
C LYS A 162 -25.30 -14.78 3.47
N ARG A 163 -25.86 -15.78 4.15
CA ARG A 163 -27.23 -16.28 3.90
C ARG A 163 -27.51 -16.47 2.41
N SER A 1 6.83 -8.84 19.85
CA SER A 1 7.45 -8.96 21.19
C SER A 1 6.82 -10.14 21.93
N GLY A 2 7.52 -10.68 22.91
CA GLY A 2 7.00 -11.78 23.68
C GLY A 2 7.88 -13.01 23.58
N GLY A 3 8.65 -13.09 22.51
CA GLY A 3 9.53 -14.21 22.31
C GLY A 3 9.12 -15.08 21.13
N ARG A 4 10.11 -15.61 20.43
CA ARG A 4 9.87 -16.49 19.26
C ARG A 4 8.93 -15.82 18.26
N ALA A 5 9.40 -14.75 17.66
CA ALA A 5 8.61 -14.01 16.68
C ALA A 5 8.49 -14.80 15.39
N THR A 6 7.25 -15.02 14.95
CA THR A 6 7.00 -15.78 13.74
C THR A 6 6.16 -14.96 12.76
N GLN A 7 6.39 -15.16 11.48
CA GLN A 7 5.69 -14.40 10.46
C GLN A 7 4.35 -15.03 10.14
N SER A 8 3.37 -14.77 11.01
CA SER A 8 2.01 -15.25 10.82
C SER A 8 1.38 -14.57 9.60
N PRO A 9 0.29 -15.15 9.05
CA PRO A 9 -0.32 -14.66 7.79
C PRO A 9 -0.53 -13.15 7.76
N GLY A 10 -1.10 -12.59 8.83
CA GLY A 10 -1.36 -11.17 8.88
C GLY A 10 -0.08 -10.36 9.03
N ASP A 11 0.74 -10.75 9.99
CA ASP A 11 1.99 -10.05 10.27
C ASP A 11 2.93 -10.10 9.07
N SER A 12 2.99 -11.25 8.44
CA SER A 12 3.84 -11.43 7.27
C SER A 12 3.35 -10.55 6.12
N ARG A 13 2.04 -10.44 5.99
CA ARG A 13 1.46 -9.58 4.95
C ARG A 13 1.78 -8.12 5.25
N ARG A 14 1.74 -7.77 6.52
CA ARG A 14 2.10 -6.42 6.96
C ARG A 14 3.59 -6.18 6.76
N LEU A 15 4.38 -7.22 6.95
CA LEU A 15 5.82 -7.14 6.77
C LEU A 15 6.19 -6.94 5.32
N SER A 16 5.43 -7.53 4.41
CA SER A 16 5.67 -7.32 2.98
C SER A 16 5.22 -5.91 2.61
N ILE A 17 4.21 -5.43 3.32
CA ILE A 17 3.78 -4.05 3.25
C ILE A 17 4.90 -3.15 3.71
N GLN A 18 5.47 -3.48 4.85
CA GLN A 18 6.57 -2.73 5.41
C GLN A 18 7.79 -2.79 4.50
N ARG A 19 7.94 -3.90 3.79
CA ARG A 19 9.03 -4.07 2.85
C ARG A 19 8.84 -3.17 1.62
N ALA A 20 7.64 -3.19 1.05
CA ALA A 20 7.31 -2.28 -0.03
C ALA A 20 7.35 -0.84 0.46
N ILE A 21 7.08 -0.68 1.74
CA ILE A 21 7.19 0.61 2.40
C ILE A 21 8.64 1.05 2.49
N GLN A 22 9.52 0.10 2.81
CA GLN A 22 10.95 0.38 2.83
C GLN A 22 11.39 0.81 1.43
N SER A 23 10.76 0.20 0.44
CA SER A 23 10.93 0.62 -0.94
C SER A 23 10.45 2.06 -1.07
N LEU A 24 9.18 2.28 -0.70
CA LEU A 24 8.52 3.60 -0.77
C LEU A 24 9.43 4.71 -0.28
N VAL A 25 9.89 4.59 0.97
CA VAL A 25 10.76 5.61 1.56
C VAL A 25 11.96 5.86 0.67
N HIS A 26 12.56 4.78 0.21
CA HIS A 26 13.77 4.88 -0.57
C HIS A 26 13.52 5.55 -1.91
N ALA A 27 12.53 5.07 -2.70
CA ALA A 27 12.29 5.65 -4.01
C ALA A 27 11.84 7.09 -3.87
N ALA A 28 11.33 7.40 -2.69
CA ALA A 28 10.89 8.75 -2.37
C ALA A 28 12.08 9.69 -2.26
N GLN A 29 13.23 9.16 -1.84
CA GLN A 29 14.46 9.93 -1.77
C GLN A 29 15.60 9.30 -2.58
N CYS A 30 15.23 8.49 -3.57
CA CYS A 30 16.20 7.89 -4.49
C CYS A 30 16.47 8.87 -5.62
N ARG A 31 17.44 9.75 -5.41
CA ARG A 31 17.83 10.72 -6.43
C ARG A 31 19.27 10.48 -6.85
N ASN A 32 19.81 9.38 -6.37
CA ASN A 32 21.17 8.98 -6.71
C ASN A 32 21.19 8.42 -8.13
N ALA A 33 21.95 9.06 -9.00
CA ALA A 33 22.05 8.66 -10.40
C ALA A 33 22.72 7.31 -10.53
N ASN A 34 23.62 7.02 -9.60
CA ASN A 34 24.34 5.76 -9.58
C ASN A 34 23.42 4.63 -9.13
N CYS A 35 22.25 5.01 -8.60
CA CYS A 35 21.27 4.03 -8.16
C CYS A 35 20.39 3.62 -9.33
N SER A 36 20.68 2.44 -9.88
CA SER A 36 19.94 1.93 -11.04
C SER A 36 19.35 0.58 -10.69
N LEU A 37 18.81 0.52 -9.49
CA LEU A 37 18.32 -0.72 -8.92
C LEU A 37 16.92 -1.08 -9.41
N PRO A 38 16.52 -2.36 -9.28
CA PRO A 38 15.23 -2.83 -9.76
C PRO A 38 14.08 -2.20 -9.01
N SER A 39 14.05 -2.38 -7.69
CA SER A 39 13.01 -1.80 -6.84
C SER A 39 12.96 -0.29 -7.05
N CYS A 40 14.13 0.31 -7.19
CA CYS A 40 14.25 1.73 -7.44
C CYS A 40 13.50 2.14 -8.70
N GLN A 41 13.73 1.41 -9.79
CA GLN A 41 13.09 1.72 -11.07
C GLN A 41 11.60 1.41 -11.01
N LYS A 42 11.29 0.23 -10.49
CA LYS A 42 9.92 -0.23 -10.38
C LYS A 42 9.08 0.74 -9.57
N MET A 43 9.62 1.17 -8.44
CA MET A 43 8.92 2.06 -7.56
C MET A 43 8.95 3.50 -8.07
N LYS A 44 9.96 3.87 -8.82
CA LYS A 44 9.95 5.19 -9.45
C LYS A 44 8.73 5.30 -10.36
N ARG A 45 8.38 4.16 -10.93
CA ARG A 45 7.21 4.05 -11.79
C ARG A 45 5.92 4.09 -10.95
N VAL A 46 5.95 3.38 -9.82
CA VAL A 46 4.79 3.29 -8.93
C VAL A 46 4.58 4.61 -8.17
N VAL A 47 5.66 5.24 -7.74
CA VAL A 47 5.61 6.51 -7.05
C VAL A 47 5.12 7.61 -8.01
N GLN A 48 5.63 7.58 -9.24
CA GLN A 48 5.22 8.55 -10.24
C GLN A 48 3.74 8.39 -10.57
N HIS A 49 3.22 7.17 -10.48
CA HIS A 49 1.78 6.95 -10.61
C HIS A 49 1.07 7.82 -9.60
N THR A 50 1.48 7.69 -8.33
CA THR A 50 0.79 8.37 -7.23
C THR A 50 0.66 9.87 -7.50
N LYS A 51 1.62 10.43 -8.22
CA LYS A 51 1.60 11.85 -8.53
C LYS A 51 0.84 12.16 -9.81
N GLY A 52 1.00 11.31 -10.82
CA GLY A 52 0.36 11.57 -12.10
C GLY A 52 -1.07 11.06 -12.13
N CYS A 53 -1.46 10.41 -11.05
CA CYS A 53 -2.78 9.84 -10.92
C CYS A 53 -3.84 10.93 -10.66
N LYS A 54 -5.06 10.71 -11.16
CA LYS A 54 -6.19 11.61 -10.88
C LYS A 54 -7.40 10.81 -10.34
N ARG A 55 -7.65 9.65 -10.92
CA ARG A 55 -8.57 8.62 -10.38
C ARG A 55 -8.14 8.12 -8.99
N LYS A 56 -7.26 8.88 -8.34
CA LYS A 56 -6.49 8.44 -7.19
C LYS A 56 -7.33 7.94 -6.01
N THR A 57 -7.97 8.86 -5.31
CA THR A 57 -8.62 8.52 -4.06
C THR A 57 -10.10 8.20 -4.28
N ASN A 58 -10.54 8.32 -5.52
CA ASN A 58 -11.92 7.97 -5.89
C ASN A 58 -12.10 6.45 -5.80
N GLY A 59 -10.99 5.73 -5.72
CA GLY A 59 -11.04 4.29 -5.56
C GLY A 59 -11.03 3.56 -6.88
N GLY A 60 -10.37 4.15 -7.87
CA GLY A 60 -10.29 3.51 -9.16
C GLY A 60 -9.09 2.61 -9.28
N CYS A 61 -7.93 3.20 -9.49
CA CYS A 61 -6.69 2.44 -9.62
C CYS A 61 -6.15 2.04 -8.24
N PRO A 62 -5.59 0.83 -8.17
CA PRO A 62 -5.11 0.21 -6.91
C PRO A 62 -3.89 0.91 -6.30
N ILE A 63 -3.00 1.45 -7.14
CA ILE A 63 -1.72 2.01 -6.65
C ILE A 63 -1.93 3.03 -5.57
N CYS A 64 -2.58 4.11 -5.93
CA CYS A 64 -2.85 5.21 -5.04
C CYS A 64 -3.44 4.73 -3.71
N LYS A 65 -4.34 3.76 -3.74
CA LYS A 65 -4.92 3.20 -2.51
C LYS A 65 -3.89 2.43 -1.70
N GLN A 66 -3.23 1.49 -2.35
CA GLN A 66 -2.21 0.69 -1.67
C GLN A 66 -1.01 1.57 -1.29
N LEU A 67 -0.84 2.67 -2.00
CA LEU A 67 0.24 3.59 -1.74
C LEU A 67 -0.09 4.52 -0.59
N ILE A 68 -1.37 4.89 -0.45
CA ILE A 68 -1.79 5.64 0.73
C ILE A 68 -1.88 4.68 1.91
N ALA A 69 -1.93 3.40 1.59
CA ALA A 69 -1.84 2.35 2.60
C ALA A 69 -0.39 2.20 3.05
N LEU A 70 0.50 1.98 2.08
CA LEU A 70 1.92 1.92 2.37
C LEU A 70 2.37 3.18 3.08
N ALA A 71 2.09 4.33 2.47
CA ALA A 71 2.49 5.62 3.03
C ALA A 71 1.93 5.83 4.44
N ALA A 72 0.72 5.32 4.71
CA ALA A 72 0.11 5.44 6.04
C ALA A 72 0.81 4.55 7.04
N TYR A 73 0.93 3.27 6.70
CA TYR A 73 1.69 2.32 7.50
C TYR A 73 3.11 2.84 7.72
N HIS A 74 3.68 3.31 6.62
CA HIS A 74 4.97 3.97 6.63
C HIS A 74 4.96 5.16 7.59
N ALA A 75 3.95 6.03 7.45
CA ALA A 75 3.84 7.24 8.27
C ALA A 75 3.80 6.91 9.75
N LYS A 76 3.24 5.74 10.08
CA LYS A 76 3.17 5.28 11.46
C LYS A 76 4.55 5.18 12.08
N HIS A 77 5.49 4.59 11.36
CA HIS A 77 6.86 4.53 11.87
C HIS A 77 7.72 5.67 11.30
N CYS A 78 7.11 6.85 11.19
CA CYS A 78 7.81 8.07 10.83
C CYS A 78 7.66 9.12 11.92
N GLN A 79 8.66 9.97 12.04
CA GLN A 79 8.56 11.13 12.89
C GLN A 79 8.91 12.38 12.09
N GLU A 80 8.74 12.30 10.78
CA GLU A 80 9.12 13.39 9.88
C GLU A 80 7.88 14.07 9.32
N ASN A 81 7.81 15.38 9.47
CA ASN A 81 6.68 16.16 8.96
C ASN A 81 6.99 16.71 7.58
N LYS A 82 8.23 16.51 7.13
CA LYS A 82 8.60 16.79 5.75
C LYS A 82 9.20 15.54 5.12
N CYS A 83 8.50 14.43 5.30
CA CYS A 83 8.96 13.13 4.86
C CYS A 83 9.00 13.07 3.32
N PRO A 84 9.96 12.32 2.75
CA PRO A 84 10.09 12.18 1.29
C PRO A 84 8.94 11.38 0.68
N VAL A 85 8.30 10.55 1.50
CA VAL A 85 7.22 9.71 1.04
C VAL A 85 5.97 10.53 0.70
N PRO A 86 5.50 10.43 -0.55
CA PRO A 86 4.44 11.30 -1.08
C PRO A 86 3.20 11.35 -0.20
N PHE A 87 2.52 10.21 -0.09
CA PHE A 87 1.25 10.14 0.62
C PHE A 87 1.44 10.20 2.14
N CYS A 88 2.68 10.16 2.61
CA CYS A 88 2.94 10.27 4.06
C CYS A 88 2.64 11.69 4.52
N LEU A 89 3.07 12.66 3.73
CA LEU A 89 2.71 14.04 3.95
C LEU A 89 1.19 14.21 3.89
N ASN A 90 0.62 13.65 2.83
CA ASN A 90 -0.84 13.63 2.66
C ASN A 90 -1.51 12.91 3.83
N ILE A 91 -0.79 11.98 4.45
CA ILE A 91 -1.29 11.22 5.59
C ILE A 91 -1.43 12.13 6.82
N LYS A 92 -0.44 12.97 7.05
CA LYS A 92 -0.50 13.89 8.18
C LYS A 92 -1.42 15.08 7.90
N GLN A 93 -1.44 15.53 6.66
CA GLN A 93 -2.23 16.70 6.31
C GLN A 93 -3.69 16.33 6.03
N LYS A 94 -3.91 15.11 5.57
CA LYS A 94 -5.27 14.63 5.29
C LYS A 94 -5.59 13.36 6.07
N GLY A 95 -4.78 12.34 5.88
CA GLY A 95 -5.01 11.07 6.53
C GLY A 95 -5.83 10.12 5.68
N SER A 96 -5.62 8.84 5.86
CA SER A 96 -6.41 7.82 5.20
C SER A 96 -7.55 7.37 6.11
N GLY A 97 -8.71 8.02 5.97
CA GLY A 97 -9.83 7.71 6.82
C GLY A 97 -10.02 8.77 7.88
N GLY A 98 -11.26 9.22 8.05
CA GLY A 98 -11.54 10.25 9.03
C GLY A 98 -11.63 9.71 10.44
N SER A 99 -10.55 9.11 10.90
CA SER A 99 -10.48 8.53 12.23
C SER A 99 -9.68 9.44 13.15
N GLY A 100 -10.34 10.43 13.72
CA GLY A 100 -9.71 11.30 14.69
C GLY A 100 -9.45 10.58 15.99
N GLY A 101 -10.31 9.62 16.30
CA GLY A 101 -10.13 8.82 17.51
C GLY A 101 -9.65 7.42 17.18
N SER A 102 -8.37 7.17 17.43
CA SER A 102 -7.79 5.87 17.16
C SER A 102 -7.94 4.96 18.38
N GLY A 103 -8.75 3.92 18.23
CA GLY A 103 -8.97 2.98 19.32
C GLY A 103 -9.78 3.60 20.45
N GLY A 104 -10.79 4.38 20.10
CA GLY A 104 -11.62 5.00 21.10
C GLY A 104 -12.97 4.33 21.24
N SER A 105 -13.70 4.26 20.13
CA SER A 105 -15.00 3.62 20.11
C SER A 105 -15.04 2.54 19.04
N GLY A 106 -14.12 2.60 18.10
CA GLY A 106 -14.06 1.62 17.03
C GLY A 106 -12.74 0.89 16.99
N GLY A 107 -12.80 -0.43 16.88
CA GLY A 107 -11.59 -1.24 16.84
C GLY A 107 -11.74 -2.55 17.58
N SER A 108 -12.63 -2.58 18.56
CA SER A 108 -12.85 -3.77 19.35
C SER A 108 -13.72 -4.79 18.58
N GLY A 109 -13.23 -6.02 18.51
CA GLY A 109 -13.96 -7.05 17.80
C GLY A 109 -13.57 -7.11 16.34
N GLY A 110 -12.84 -8.15 15.97
CA GLY A 110 -12.36 -8.27 14.60
C GLY A 110 -13.30 -9.08 13.73
N SER A 111 -14.59 -8.95 13.98
CA SER A 111 -15.59 -9.70 13.23
C SER A 111 -15.77 -9.09 11.84
N SER A 112 -15.92 -7.77 11.78
CA SER A 112 -16.17 -7.10 10.52
C SER A 112 -14.88 -6.53 9.93
N GLN A 113 -13.75 -6.99 10.45
CA GLN A 113 -12.44 -6.52 10.00
C GLN A 113 -12.06 -7.17 8.67
N LYS A 114 -12.87 -6.88 7.66
CA LYS A 114 -12.73 -7.50 6.34
C LYS A 114 -13.70 -6.83 5.35
N VAL A 115 -14.99 -6.89 5.68
CA VAL A 115 -16.05 -6.31 4.86
C VAL A 115 -16.07 -4.79 5.01
N PHE A 116 -15.70 -4.34 6.19
CA PHE A 116 -15.73 -2.93 6.53
C PHE A 116 -14.84 -2.11 5.58
N VAL A 117 -15.10 -0.82 5.50
CA VAL A 117 -14.24 0.08 4.76
C VAL A 117 -12.89 0.18 5.45
N SER A 118 -11.87 -0.38 4.82
CA SER A 118 -10.55 -0.43 5.41
C SER A 118 -9.92 0.96 5.47
N LYS A 119 -9.37 1.27 6.63
CA LYS A 119 -8.77 2.57 6.90
C LYS A 119 -7.44 2.75 6.16
N VAL A 120 -6.54 1.79 6.32
CA VAL A 120 -5.22 1.90 5.74
C VAL A 120 -5.07 0.99 4.52
N GLU A 121 -4.85 -0.30 4.79
CA GLU A 121 -4.61 -1.29 3.73
C GLU A 121 -5.88 -1.49 2.90
N ALA A 122 -5.94 -0.81 1.76
CA ALA A 122 -7.09 -0.92 0.86
C ALA A 122 -6.92 -2.10 -0.08
N VAL A 123 -6.01 -1.96 -1.03
CA VAL A 123 -5.72 -3.00 -2.01
C VAL A 123 -4.22 -3.19 -2.18
N ILE A 124 -3.52 -3.35 -1.05
CA ILE A 124 -2.07 -3.53 -1.05
C ILE A 124 -1.65 -4.70 -1.93
N HIS A 125 -2.34 -5.84 -1.78
CA HIS A 125 -2.12 -7.02 -2.63
C HIS A 125 -0.63 -7.39 -2.68
N PRO A 126 -0.11 -8.01 -1.60
CA PRO A 126 1.30 -8.43 -1.44
C PRO A 126 2.05 -8.86 -2.69
N GLN A 127 1.39 -9.37 -3.71
CA GLN A 127 2.06 -9.66 -4.97
C GLN A 127 2.76 -8.41 -5.50
N PHE A 128 2.12 -7.25 -5.33
CA PHE A 128 2.72 -5.97 -5.72
C PHE A 128 3.93 -5.69 -4.83
N LEU A 129 3.78 -5.91 -3.53
CA LEU A 129 4.88 -5.75 -2.58
C LEU A 129 6.04 -6.66 -3.01
N ALA A 130 5.70 -7.91 -3.25
CA ALA A 130 6.65 -8.92 -3.68
C ALA A 130 7.34 -8.52 -4.98
N ASP A 131 6.58 -7.90 -5.88
CA ASP A 131 7.08 -7.50 -7.19
C ASP A 131 8.23 -6.51 -7.03
N LEU A 132 8.08 -5.60 -6.07
CA LEU A 132 9.10 -4.58 -5.81
C LEU A 132 10.33 -5.20 -5.15
N LEU A 133 10.10 -6.25 -4.40
CA LEU A 133 11.17 -6.93 -3.68
C LEU A 133 11.89 -7.93 -4.59
N SER A 134 11.28 -8.20 -5.74
CA SER A 134 11.83 -9.14 -6.69
C SER A 134 12.95 -8.50 -7.52
N PRO A 135 14.13 -9.16 -7.59
CA PRO A 135 15.25 -8.68 -8.42
C PRO A 135 14.96 -8.78 -9.91
N GLU A 136 13.89 -9.50 -10.26
CA GLU A 136 13.47 -9.64 -11.65
C GLU A 136 13.12 -8.28 -12.24
N LYS A 137 13.74 -7.95 -13.36
CA LYS A 137 13.57 -6.65 -13.98
C LYS A 137 12.45 -6.65 -15.03
N GLN A 138 11.88 -7.83 -15.29
CA GLN A 138 10.77 -7.93 -16.23
C GLN A 138 9.44 -7.82 -15.52
N ARG A 139 9.49 -7.42 -14.25
CA ARG A 139 8.29 -7.26 -13.44
C ARG A 139 7.94 -5.78 -13.31
N ASP A 140 6.65 -5.48 -13.19
CA ASP A 140 6.16 -4.12 -13.02
C ASP A 140 5.02 -4.10 -12.02
N PRO A 141 5.12 -3.29 -10.94
CA PRO A 141 4.04 -3.14 -9.97
C PRO A 141 2.75 -2.65 -10.62
N LEU A 142 2.91 -1.77 -11.61
CA LEU A 142 1.77 -1.15 -12.27
C LEU A 142 1.06 -2.16 -13.19
N ALA A 143 1.78 -3.19 -13.65
CA ALA A 143 1.17 -4.25 -14.45
C ALA A 143 0.26 -5.10 -13.58
N LEU A 144 0.82 -5.57 -12.48
CA LEU A 144 0.04 -6.24 -11.44
C LEU A 144 -1.16 -5.41 -11.09
N ILE A 145 -0.94 -4.12 -10.98
CA ILE A 145 -1.95 -3.18 -10.57
C ILE A 145 -3.23 -3.26 -11.38
N GLU A 146 -3.12 -3.24 -12.70
CA GLU A 146 -4.30 -3.34 -13.52
C GLU A 146 -4.98 -4.71 -13.29
N GLU A 147 -4.15 -5.72 -13.05
CA GLU A 147 -4.67 -7.02 -12.63
C GLU A 147 -5.42 -6.90 -11.30
N LEU A 148 -4.83 -6.15 -10.37
CA LEU A 148 -5.36 -6.05 -9.02
C LEU A 148 -6.71 -5.34 -9.01
N GLU A 149 -6.82 -4.28 -9.79
CA GLU A 149 -8.09 -3.55 -9.89
C GLU A 149 -9.18 -4.44 -10.48
N GLN A 150 -8.78 -5.41 -11.30
CA GLN A 150 -9.72 -6.40 -11.81
C GLN A 150 -10.11 -7.40 -10.71
N GLU A 151 -9.23 -7.59 -9.74
CA GLU A 151 -9.50 -8.50 -8.63
C GLU A 151 -10.07 -7.75 -7.43
N GLU A 152 -10.19 -6.44 -7.55
CA GLU A 152 -10.73 -5.62 -6.47
C GLU A 152 -12.15 -6.07 -6.11
N GLY A 153 -12.82 -6.72 -7.06
CA GLY A 153 -14.15 -7.24 -6.82
C GLY A 153 -14.13 -8.63 -6.20
N LEU A 154 -12.95 -9.10 -5.84
CA LEU A 154 -12.81 -10.38 -5.18
C LEU A 154 -11.92 -10.23 -3.95
N THR A 155 -11.89 -11.27 -3.11
CA THR A 155 -11.19 -11.27 -1.81
C THR A 155 -11.62 -10.13 -0.89
N LEU A 156 -12.04 -10.51 0.33
CA LEU A 156 -12.74 -9.61 1.26
C LEU A 156 -14.10 -9.23 0.69
N ALA A 157 -14.10 -8.89 -0.59
CA ALA A 157 -15.30 -8.75 -1.39
C ALA A 157 -15.97 -10.11 -1.55
N GLN A 158 -15.18 -11.16 -1.39
CA GLN A 158 -15.65 -12.53 -1.51
C GLN A 158 -16.83 -12.81 -0.57
N LEU A 159 -17.97 -13.10 -1.17
CA LEU A 159 -19.18 -13.44 -0.45
C LEU A 159 -19.55 -12.38 0.59
N VAL A 160 -19.43 -11.12 0.20
CA VAL A 160 -19.81 -10.02 1.06
C VAL A 160 -21.31 -9.75 0.92
N GLN A 161 -21.82 -10.02 -0.26
CA GLN A 161 -23.24 -9.89 -0.54
C GLN A 161 -23.92 -11.23 -0.38
N LYS A 162 -25.13 -11.22 0.14
CA LYS A 162 -25.89 -12.44 0.35
C LYS A 162 -26.51 -12.86 -0.97
N ARG A 163 -27.02 -11.88 -1.68
CA ARG A 163 -27.52 -12.10 -3.03
C ARG A 163 -26.68 -11.34 -4.05
N SER A 1 10.36 -3.07 17.46
CA SER A 1 10.58 -2.23 18.65
C SER A 1 10.82 -3.10 19.89
N GLY A 2 9.99 -4.12 20.06
CA GLY A 2 10.13 -5.03 21.18
C GLY A 2 9.14 -6.18 21.11
N GLY A 3 9.33 -7.06 20.15
CA GLY A 3 8.44 -8.18 19.98
C GLY A 3 8.95 -9.20 18.98
N ARG A 4 8.67 -10.46 19.25
CA ARG A 4 9.05 -11.55 18.36
C ARG A 4 7.96 -12.62 18.39
N ALA A 5 6.84 -12.35 17.74
CA ALA A 5 5.72 -13.28 17.72
C ALA A 5 5.79 -14.20 16.52
N THR A 6 4.69 -14.92 16.29
CA THR A 6 4.61 -15.83 15.14
C THR A 6 4.35 -15.04 13.86
N GLN A 7 4.92 -15.49 12.76
CA GLN A 7 4.68 -14.85 11.47
C GLN A 7 3.35 -15.31 10.90
N SER A 8 2.29 -14.87 11.54
CA SER A 8 0.93 -15.21 11.11
C SER A 8 0.63 -14.53 9.77
N PRO A 9 -0.41 -14.97 9.04
CA PRO A 9 -0.64 -14.48 7.67
C PRO A 9 -0.79 -12.96 7.63
N GLY A 10 -1.42 -12.41 8.65
CA GLY A 10 -1.60 -10.97 8.71
C GLY A 10 -0.29 -10.25 8.90
N ASP A 11 0.43 -10.61 9.96
CA ASP A 11 1.70 -9.99 10.30
C ASP A 11 2.72 -10.15 9.17
N SER A 12 2.75 -11.33 8.57
CA SER A 12 3.69 -11.60 7.48
C SER A 12 3.35 -10.74 6.25
N ARG A 13 2.07 -10.52 6.01
CA ARG A 13 1.63 -9.66 4.91
C ARG A 13 1.90 -8.20 5.27
N ARG A 14 1.73 -7.85 6.54
CA ARG A 14 2.09 -6.52 7.03
C ARG A 14 3.57 -6.28 6.84
N LEU A 15 4.35 -7.33 7.06
CA LEU A 15 5.79 -7.26 6.91
C LEU A 15 6.18 -7.05 5.45
N SER A 16 5.38 -7.58 4.55
CA SER A 16 5.63 -7.37 3.12
C SER A 16 5.23 -5.95 2.75
N ILE A 17 4.20 -5.46 3.43
CA ILE A 17 3.79 -4.07 3.35
C ILE A 17 4.92 -3.19 3.83
N GLN A 18 5.48 -3.54 4.97
CA GLN A 18 6.59 -2.81 5.55
C GLN A 18 7.83 -2.89 4.65
N ARG A 19 7.94 -4.00 3.93
CA ARG A 19 9.04 -4.20 2.99
C ARG A 19 8.89 -3.24 1.80
N ALA A 20 7.71 -3.25 1.19
CA ALA A 20 7.40 -2.32 0.11
C ALA A 20 7.44 -0.88 0.61
N ILE A 21 7.12 -0.71 1.88
CA ILE A 21 7.21 0.58 2.55
C ILE A 21 8.65 1.04 2.62
N GLN A 22 9.57 0.11 2.86
CA GLN A 22 10.98 0.41 2.86
C GLN A 22 11.36 0.92 1.48
N SER A 23 10.78 0.27 0.46
CA SER A 23 10.92 0.72 -0.91
C SER A 23 10.40 2.14 -1.02
N LEU A 24 9.13 2.34 -0.62
CA LEU A 24 8.44 3.63 -0.68
C LEU A 24 9.34 4.78 -0.23
N VAL A 25 9.81 4.71 1.01
CA VAL A 25 10.68 5.75 1.57
C VAL A 25 11.86 6.01 0.65
N HIS A 26 12.46 4.93 0.17
CA HIS A 26 13.65 5.03 -0.63
C HIS A 26 13.37 5.68 -1.98
N ALA A 27 12.38 5.18 -2.75
CA ALA A 27 12.10 5.76 -4.06
C ALA A 27 11.62 7.18 -3.91
N ALA A 28 11.11 7.48 -2.73
CA ALA A 28 10.65 8.82 -2.42
C ALA A 28 11.81 9.79 -2.36
N GLN A 29 12.96 9.30 -1.93
CA GLN A 29 14.17 10.12 -1.89
C GLN A 29 15.31 9.51 -2.70
N CYS A 30 14.99 8.67 -3.66
CA CYS A 30 15.97 8.11 -4.57
C CYS A 30 16.17 9.12 -5.72
N ARG A 31 16.98 10.13 -5.46
CA ARG A 31 17.24 11.19 -6.43
C ARG A 31 18.60 11.00 -7.06
N ASN A 32 19.19 9.84 -6.82
CA ASN A 32 20.49 9.51 -7.34
C ASN A 32 20.35 8.77 -8.65
N ALA A 33 20.83 9.40 -9.73
CA ALA A 33 20.80 8.81 -11.06
C ALA A 33 21.59 7.52 -11.10
N ASN A 34 22.65 7.46 -10.31
CA ASN A 34 23.50 6.29 -10.24
C ASN A 34 22.77 5.13 -9.57
N CYS A 35 21.76 5.45 -8.78
CA CYS A 35 20.94 4.43 -8.14
C CYS A 35 19.81 4.04 -9.09
N SER A 36 19.99 2.93 -9.78
CA SER A 36 19.06 2.50 -10.81
C SER A 36 18.62 1.08 -10.50
N LEU A 37 18.53 0.82 -9.21
CA LEU A 37 18.18 -0.47 -8.67
C LEU A 37 16.80 -0.96 -9.12
N PRO A 38 16.52 -2.26 -8.98
CA PRO A 38 15.24 -2.82 -9.42
C PRO A 38 14.07 -2.24 -8.64
N SER A 39 14.15 -2.32 -7.31
CA SER A 39 13.13 -1.77 -6.43
C SER A 39 13.00 -0.26 -6.64
N CYS A 40 14.09 0.36 -7.10
CA CYS A 40 14.11 1.78 -7.34
C CYS A 40 13.33 2.12 -8.60
N GLN A 41 13.63 1.43 -9.69
CA GLN A 41 13.01 1.73 -10.97
C GLN A 41 11.54 1.32 -11.00
N LYS A 42 11.26 0.18 -10.37
CA LYS A 42 9.89 -0.31 -10.30
C LYS A 42 9.03 0.64 -9.49
N MET A 43 9.55 1.10 -8.36
CA MET A 43 8.82 1.98 -7.50
C MET A 43 8.84 3.41 -8.03
N LYS A 44 9.86 3.78 -8.78
CA LYS A 44 9.84 5.09 -9.45
C LYS A 44 8.62 5.15 -10.35
N ARG A 45 8.30 4.03 -10.96
CA ARG A 45 7.12 3.93 -11.81
C ARG A 45 5.85 4.01 -10.96
N VAL A 46 5.84 3.30 -9.82
CA VAL A 46 4.68 3.25 -8.94
C VAL A 46 4.47 4.59 -8.21
N VAL A 47 5.56 5.20 -7.78
CA VAL A 47 5.49 6.50 -7.10
C VAL A 47 5.08 7.59 -8.08
N GLN A 48 5.68 7.59 -9.25
CA GLN A 48 5.36 8.57 -10.27
C GLN A 48 3.92 8.41 -10.73
N HIS A 49 3.40 7.18 -10.65
CA HIS A 49 1.97 6.97 -10.85
C HIS A 49 1.19 7.87 -9.90
N THR A 50 1.54 7.80 -8.62
CA THR A 50 0.79 8.49 -7.56
C THR A 50 0.65 9.98 -7.88
N LYS A 51 1.64 10.54 -8.57
CA LYS A 51 1.67 11.97 -8.84
C LYS A 51 1.02 12.31 -10.17
N GLY A 52 1.12 11.40 -11.14
CA GLY A 52 0.54 11.65 -12.44
C GLY A 52 -0.85 11.07 -12.55
N CYS A 53 -1.39 10.72 -11.40
CA CYS A 53 -2.68 10.09 -11.34
C CYS A 53 -3.82 11.10 -11.16
N LYS A 54 -5.01 10.70 -11.62
CA LYS A 54 -6.22 11.51 -11.47
C LYS A 54 -7.23 10.76 -10.59
N ARG A 55 -7.45 9.48 -10.90
CA ARG A 55 -8.31 8.59 -10.11
C ARG A 55 -7.69 8.21 -8.76
N LYS A 56 -6.66 8.97 -8.38
CA LYS A 56 -5.85 8.73 -7.17
C LYS A 56 -6.67 8.23 -5.97
N THR A 57 -7.46 9.10 -5.37
CA THR A 57 -8.17 8.74 -4.16
C THR A 57 -9.63 8.40 -4.42
N ASN A 58 -10.05 8.54 -5.67
CA ASN A 58 -11.41 8.16 -6.04
C ASN A 58 -11.60 6.66 -5.88
N GLY A 59 -10.52 5.91 -6.10
CA GLY A 59 -10.56 4.48 -5.87
C GLY A 59 -10.43 3.65 -7.13
N GLY A 60 -10.23 4.33 -8.25
CA GLY A 60 -10.12 3.63 -9.52
C GLY A 60 -8.82 2.86 -9.64
N CYS A 61 -7.72 3.47 -9.20
CA CYS A 61 -6.42 2.86 -9.27
C CYS A 61 -6.10 2.19 -7.94
N PRO A 62 -5.64 0.93 -7.98
CA PRO A 62 -5.21 0.22 -6.78
C PRO A 62 -3.99 0.90 -6.16
N ILE A 63 -3.13 1.49 -7.01
CA ILE A 63 -1.88 2.09 -6.55
C ILE A 63 -2.10 3.06 -5.42
N CYS A 64 -2.76 4.15 -5.72
CA CYS A 64 -2.89 5.24 -4.77
C CYS A 64 -3.55 4.78 -3.47
N LYS A 65 -4.45 3.80 -3.53
CA LYS A 65 -5.07 3.28 -2.30
C LYS A 65 -4.05 2.48 -1.49
N GLN A 66 -3.35 1.60 -2.16
CA GLN A 66 -2.30 0.80 -1.50
C GLN A 66 -1.08 1.66 -1.20
N LEU A 67 -0.94 2.75 -1.94
CA LEU A 67 0.14 3.69 -1.76
C LEU A 67 -0.14 4.56 -0.55
N ILE A 68 -1.41 4.89 -0.33
CA ILE A 68 -1.81 5.58 0.89
C ILE A 68 -1.89 4.57 2.02
N ALA A 69 -1.91 3.29 1.65
CA ALA A 69 -1.82 2.21 2.61
C ALA A 69 -0.38 2.07 3.08
N LEU A 70 0.55 1.92 2.14
CA LEU A 70 1.96 1.86 2.45
C LEU A 70 2.38 3.14 3.16
N ALA A 71 2.08 4.28 2.57
CA ALA A 71 2.44 5.57 3.14
C ALA A 71 1.86 5.76 4.55
N ALA A 72 0.66 5.21 4.80
CA ALA A 72 0.04 5.31 6.13
C ALA A 72 0.76 4.42 7.13
N TYR A 73 0.87 3.14 6.79
CA TYR A 73 1.62 2.19 7.59
C TYR A 73 3.02 2.71 7.84
N HIS A 74 3.60 3.27 6.80
CA HIS A 74 4.89 3.93 6.86
C HIS A 74 4.83 5.17 7.77
N ALA A 75 3.80 6.01 7.58
CA ALA A 75 3.64 7.26 8.35
C ALA A 75 3.60 6.99 9.85
N LYS A 76 3.00 5.87 10.23
CA LYS A 76 2.96 5.47 11.63
C LYS A 76 4.36 5.19 12.15
N HIS A 77 5.16 4.56 11.29
CA HIS A 77 6.54 4.24 11.62
C HIS A 77 7.48 5.34 11.11
N CYS A 78 6.94 6.53 10.94
CA CYS A 78 7.70 7.66 10.40
C CYS A 78 7.71 8.81 11.41
N GLN A 79 8.83 9.50 11.48
CA GLN A 79 8.96 10.64 12.39
C GLN A 79 9.30 11.94 11.66
N GLU A 80 9.16 11.94 10.34
CA GLU A 80 9.52 13.12 9.55
C GLU A 80 8.30 13.93 9.15
N ASN A 81 8.32 15.22 9.46
CA ASN A 81 7.24 16.13 9.08
C ASN A 81 7.40 16.59 7.65
N LYS A 82 8.63 16.62 7.17
CA LYS A 82 8.88 16.95 5.76
C LYS A 82 9.33 15.69 5.04
N CYS A 83 8.53 14.65 5.17
CA CYS A 83 8.85 13.34 4.63
C CYS A 83 8.84 13.35 3.10
N PRO A 84 9.75 12.58 2.49
CA PRO A 84 9.79 12.38 1.04
C PRO A 84 8.63 11.51 0.54
N VAL A 85 8.12 10.65 1.42
CA VAL A 85 7.04 9.74 1.06
C VAL A 85 5.77 10.52 0.74
N PRO A 86 5.29 10.39 -0.50
CA PRO A 86 4.22 11.25 -1.05
C PRO A 86 3.00 11.32 -0.15
N PHE A 87 2.35 10.19 0.02
CA PHE A 87 1.09 10.14 0.74
C PHE A 87 1.29 10.18 2.25
N CYS A 88 2.53 10.15 2.71
CA CYS A 88 2.79 10.22 4.15
C CYS A 88 2.49 11.62 4.66
N LEU A 89 2.94 12.62 3.91
CA LEU A 89 2.58 13.99 4.18
C LEU A 89 1.07 14.16 4.09
N ASN A 90 0.54 13.68 2.98
CA ASN A 90 -0.90 13.61 2.75
C ASN A 90 -1.62 12.89 3.90
N ILE A 91 -1.01 11.83 4.40
CA ILE A 91 -1.58 11.05 5.49
C ILE A 91 -1.64 11.87 6.77
N LYS A 92 -0.59 12.63 6.97
CA LYS A 92 -0.32 13.23 8.26
C LYS A 92 -0.91 14.64 8.36
N GLN A 93 -1.10 15.31 7.23
CA GLN A 93 -1.76 16.61 7.21
C GLN A 93 -3.22 16.50 6.81
N LYS A 94 -3.54 15.48 6.04
CA LYS A 94 -4.88 15.34 5.46
C LYS A 94 -5.62 14.13 6.04
N GLY A 95 -5.00 12.96 5.99
CA GLY A 95 -5.63 11.74 6.44
C GLY A 95 -5.48 11.51 7.93
N SER A 96 -5.28 12.57 8.69
CA SER A 96 -5.11 12.46 10.13
C SER A 96 -6.42 12.84 10.83
N GLY A 97 -7.35 11.89 10.84
CA GLY A 97 -8.65 12.14 11.45
C GLY A 97 -8.59 12.13 12.95
N GLY A 98 -8.55 13.32 13.54
CA GLY A 98 -8.54 13.44 14.98
C GLY A 98 -7.19 13.07 15.58
N SER A 99 -7.19 12.81 16.88
CA SER A 99 -5.97 12.45 17.58
C SER A 99 -5.65 10.97 17.39
N GLY A 100 -6.64 10.22 16.96
CA GLY A 100 -6.45 8.80 16.71
C GLY A 100 -7.76 8.05 16.69
N GLY A 101 -7.68 6.72 16.70
CA GLY A 101 -8.87 5.90 16.69
C GLY A 101 -9.47 5.75 18.07
N SER A 102 -9.88 6.87 18.66
CA SER A 102 -10.46 6.87 19.98
C SER A 102 -11.91 6.38 19.94
N GLY A 103 -12.07 5.10 19.60
CA GLY A 103 -13.39 4.50 19.54
C GLY A 103 -13.39 3.11 20.09
N GLY A 104 -14.29 2.28 19.58
CA GLY A 104 -14.40 0.92 20.07
C GLY A 104 -15.34 0.81 21.26
N SER A 105 -16.56 1.29 21.06
CA SER A 105 -17.55 1.29 22.13
C SER A 105 -18.90 0.82 21.59
N GLY A 106 -18.86 -0.05 20.58
CA GLY A 106 -20.08 -0.55 19.99
C GLY A 106 -20.48 -1.90 20.54
N GLY A 107 -19.69 -2.42 21.47
CA GLY A 107 -19.99 -3.71 22.05
C GLY A 107 -19.47 -4.85 21.20
N SER A 108 -19.70 -6.08 21.65
CA SER A 108 -19.25 -7.25 20.93
C SER A 108 -20.11 -7.48 19.70
N GLY A 109 -19.58 -8.23 18.74
CA GLY A 109 -20.30 -8.48 17.51
C GLY A 109 -19.85 -7.56 16.40
N GLY A 110 -19.79 -6.27 16.71
CA GLY A 110 -19.31 -5.31 15.76
C GLY A 110 -17.92 -4.82 16.12
N SER A 111 -17.18 -5.65 16.83
CA SER A 111 -15.84 -5.31 17.26
C SER A 111 -14.79 -6.05 16.43
N SER A 112 -15.05 -6.14 15.13
CA SER A 112 -14.16 -6.85 14.22
C SER A 112 -13.24 -5.89 13.48
N GLN A 113 -13.07 -4.69 14.03
CA GLN A 113 -12.19 -3.69 13.43
C GLN A 113 -10.73 -4.08 13.60
N LYS A 114 -10.32 -5.08 12.82
CA LYS A 114 -8.99 -5.67 12.88
C LYS A 114 -8.88 -6.77 11.83
N VAL A 115 -9.84 -7.69 11.86
CA VAL A 115 -9.89 -8.81 10.94
C VAL A 115 -10.49 -8.41 9.59
N PHE A 116 -11.41 -7.45 9.66
CA PHE A 116 -12.11 -6.98 8.47
C PHE A 116 -11.19 -6.22 7.53
N VAL A 117 -11.75 -5.65 6.47
CA VAL A 117 -10.97 -4.85 5.53
C VAL A 117 -10.25 -3.72 6.27
N SER A 118 -8.94 -3.71 6.18
CA SER A 118 -8.12 -2.73 6.87
C SER A 118 -8.47 -1.31 6.44
N LYS A 119 -8.53 -0.42 7.43
CA LYS A 119 -8.75 1.00 7.18
C LYS A 119 -7.64 1.54 6.32
N VAL A 120 -6.44 1.03 6.58
CA VAL A 120 -5.24 1.47 5.91
C VAL A 120 -5.04 0.69 4.62
N GLU A 121 -4.92 -0.62 4.75
CA GLU A 121 -4.66 -1.49 3.63
C GLU A 121 -5.91 -1.66 2.77
N ALA A 122 -6.01 -0.87 1.70
CA ALA A 122 -7.15 -0.98 0.79
C ALA A 122 -6.95 -2.14 -0.18
N VAL A 123 -5.95 -1.99 -1.04
CA VAL A 123 -5.65 -2.99 -2.07
C VAL A 123 -4.15 -3.22 -2.19
N ILE A 124 -3.48 -3.36 -1.05
CA ILE A 124 -2.03 -3.56 -1.03
C ILE A 124 -1.61 -4.77 -1.88
N HIS A 125 -2.27 -5.90 -1.68
CA HIS A 125 -2.05 -7.09 -2.51
C HIS A 125 -0.57 -7.45 -2.57
N PRO A 126 -0.02 -8.05 -1.48
CA PRO A 126 1.40 -8.45 -1.34
C PRO A 126 2.14 -8.92 -2.59
N GLN A 127 1.43 -9.41 -3.60
CA GLN A 127 2.06 -9.70 -4.88
C GLN A 127 2.77 -8.45 -5.42
N PHE A 128 2.13 -7.30 -5.29
CA PHE A 128 2.73 -6.03 -5.69
C PHE A 128 3.97 -5.74 -4.83
N LEU A 129 3.83 -5.96 -3.54
CA LEU A 129 4.94 -5.78 -2.61
C LEU A 129 6.09 -6.68 -3.02
N ALA A 130 5.73 -7.93 -3.32
CA ALA A 130 6.68 -8.94 -3.73
C ALA A 130 7.42 -8.53 -5.00
N ASP A 131 6.71 -7.88 -5.91
CA ASP A 131 7.33 -7.43 -7.18
C ASP A 131 8.38 -6.36 -6.94
N LEU A 132 8.17 -5.53 -5.92
CA LEU A 132 9.13 -4.49 -5.59
C LEU A 132 10.32 -5.08 -4.87
N LEU A 133 10.12 -6.23 -4.26
CA LEU A 133 11.18 -6.91 -3.55
C LEU A 133 11.93 -7.87 -4.47
N SER A 134 11.28 -8.18 -5.60
CA SER A 134 11.80 -9.13 -6.56
C SER A 134 12.96 -8.53 -7.35
N PRO A 135 14.12 -9.22 -7.35
CA PRO A 135 15.29 -8.80 -8.14
C PRO A 135 15.04 -8.92 -9.64
N GLU A 136 13.96 -9.61 -10.01
CA GLU A 136 13.57 -9.75 -11.41
C GLU A 136 13.31 -8.39 -12.03
N LYS A 137 13.71 -8.22 -13.27
CA LYS A 137 13.45 -6.98 -13.99
C LYS A 137 12.20 -7.12 -14.83
N GLN A 138 11.80 -8.37 -15.09
CA GLN A 138 10.57 -8.65 -15.79
C GLN A 138 9.42 -8.64 -14.79
N ARG A 139 9.26 -7.50 -14.13
CA ARG A 139 8.32 -7.38 -13.03
C ARG A 139 7.93 -5.91 -12.87
N ASP A 140 6.63 -5.63 -12.84
CA ASP A 140 6.14 -4.29 -12.63
C ASP A 140 4.97 -4.28 -11.67
N PRO A 141 5.03 -3.43 -10.62
CA PRO A 141 3.91 -3.25 -9.69
C PRO A 141 2.67 -2.75 -10.39
N LEU A 142 2.87 -1.92 -11.42
CA LEU A 142 1.78 -1.27 -12.11
C LEU A 142 1.03 -2.27 -13.02
N ALA A 143 1.76 -3.28 -13.50
CA ALA A 143 1.14 -4.34 -14.30
C ALA A 143 0.18 -5.14 -13.44
N LEU A 144 0.70 -5.64 -12.33
CA LEU A 144 -0.11 -6.27 -11.30
C LEU A 144 -1.30 -5.39 -10.96
N ILE A 145 -1.04 -4.12 -10.81
CA ILE A 145 -2.03 -3.16 -10.38
C ILE A 145 -3.31 -3.19 -11.18
N GLU A 146 -3.20 -3.17 -12.51
CA GLU A 146 -4.39 -3.26 -13.33
C GLU A 146 -5.08 -4.59 -13.08
N GLU A 147 -4.28 -5.63 -12.91
CA GLU A 147 -4.80 -6.94 -12.52
C GLU A 147 -5.52 -6.86 -11.16
N LEU A 148 -4.95 -6.11 -10.23
CA LEU A 148 -5.44 -6.09 -8.86
C LEU A 148 -6.82 -5.45 -8.77
N GLU A 149 -7.03 -4.35 -9.49
CA GLU A 149 -8.34 -3.71 -9.51
C GLU A 149 -9.35 -4.64 -10.17
N GLN A 150 -8.88 -5.51 -11.07
CA GLN A 150 -9.73 -6.55 -11.64
C GLN A 150 -10.11 -7.58 -10.58
N GLU A 151 -9.13 -8.03 -9.80
CA GLU A 151 -9.38 -9.07 -8.80
C GLU A 151 -10.09 -8.52 -7.58
N GLU A 152 -10.12 -7.21 -7.43
CA GLU A 152 -10.85 -6.60 -6.34
C GLU A 152 -12.35 -6.74 -6.58
N GLY A 153 -12.68 -7.23 -7.78
CA GLY A 153 -14.05 -7.55 -8.10
C GLY A 153 -14.37 -9.01 -7.85
N LEU A 154 -13.36 -9.78 -7.42
CA LEU A 154 -13.56 -11.19 -7.14
C LEU A 154 -13.30 -11.49 -5.67
N THR A 155 -13.81 -12.64 -5.22
CA THR A 155 -13.76 -13.11 -3.83
C THR A 155 -14.40 -12.14 -2.85
N LEU A 156 -15.18 -12.72 -1.92
CA LEU A 156 -16.09 -11.97 -1.04
C LEU A 156 -17.21 -11.33 -1.86
N ALA A 157 -16.82 -10.67 -2.93
CA ALA A 157 -17.73 -10.21 -3.96
C ALA A 157 -18.43 -11.39 -4.62
N GLN A 158 -17.75 -12.55 -4.56
CA GLN A 158 -18.25 -13.79 -5.14
C GLN A 158 -19.70 -14.06 -4.72
N LEU A 159 -20.03 -13.73 -3.47
CA LEU A 159 -21.34 -13.97 -2.92
C LEU A 159 -21.39 -13.50 -1.47
N VAL A 160 -21.33 -12.19 -1.27
CA VAL A 160 -21.40 -11.61 0.06
C VAL A 160 -22.86 -11.47 0.49
N GLN A 161 -23.76 -11.47 -0.48
CA GLN A 161 -25.19 -11.43 -0.22
C GLN A 161 -25.64 -12.75 0.41
N LYS A 162 -26.65 -12.67 1.27
CA LYS A 162 -27.13 -13.85 1.97
C LYS A 162 -27.84 -14.79 1.00
N ARG A 163 -28.94 -14.30 0.43
CA ARG A 163 -29.69 -15.04 -0.56
C ARG A 163 -30.39 -14.08 -1.51
#